data_2J5T
#
_entry.id   2J5T
#
_cell.length_a   96.302
_cell.length_b   124.108
_cell.length_c   144.927
_cell.angle_alpha   90.00
_cell.angle_beta   93.96
_cell.angle_gamma   90.00
#
_symmetry.space_group_name_H-M   'P 1 21 1'
#
loop_
_entity.id
_entity.type
_entity.pdbx_description
1 polymer 'GLUTAMATE 5-KINASE'
2 non-polymer 'GLUTAMIC ACID'
3 non-polymer 'SULFATE ION'
4 non-polymer 'CHLORIDE ION'
5 non-polymer 'MAGNESIUM ION'
6 water water
#
_entity_poly.entity_id   1
_entity_poly.type   'polypeptide(L)'
_entity_poly.pdbx_seq_one_letter_code
;MSDSQTLVVKLGTSVLTGGSRRLNRAHIVELVRQCAQLHAAGHRIVIVTSGAIAAGREHLGYPELPATIASKQLLAAVGQ
SRLIQLWEQLFSIYGIHVGQMLLTRADMEDRERFLNARDTLRALLDNNVVPVINENDAVATAEIKVGDNDNLSALAAILA
GADKLLLLTDQKGLYTADPRSNPQAELIKDVYGIDDALRAIAGDSVSGLGTGGMSTKLQAADVACRAGIDTIIAAGSKPG
VIGDVMEGISVGTLFHAQATPLENRKRWIFGAPPAGEITVDEGATAAILERGSSLLPKGIKSVTGNFSRGEVIRICNLEG
RDIAHGVSRYNSDALRRIAGHHSQEIDAILGYEYGPVAVHRDDMITR
;
_entity_poly.pdbx_strand_id   A,B,C,D,E,F,G,H
#
# COMPACT_ATOMS: atom_id res chain seq x y z
N ASP A 3 -29.64 -46.62 48.00
CA ASP A 3 -28.71 -45.75 47.22
C ASP A 3 -29.49 -44.70 46.44
N SER A 4 -30.21 -45.12 45.40
CA SER A 4 -31.00 -44.22 44.57
C SER A 4 -32.11 -43.56 45.37
N GLN A 5 -32.41 -42.31 45.04
CA GLN A 5 -33.39 -41.49 45.76
C GLN A 5 -34.27 -40.71 44.79
N THR A 6 -35.42 -40.25 45.27
CA THR A 6 -36.36 -39.44 44.47
C THR A 6 -36.45 -38.04 45.06
N LEU A 7 -36.08 -37.04 44.26
CA LEU A 7 -36.02 -35.66 44.72
C LEU A 7 -36.87 -34.76 43.84
N VAL A 8 -37.82 -34.06 44.45
CA VAL A 8 -38.61 -33.05 43.76
C VAL A 8 -37.92 -31.70 43.95
N VAL A 9 -37.66 -31.03 42.83
CA VAL A 9 -37.07 -29.72 42.86
C VAL A 9 -38.11 -28.72 42.38
N LYS A 10 -38.40 -27.72 43.21
CA LYS A 10 -39.30 -26.63 42.84
C LYS A 10 -38.53 -25.36 42.51
N LEU A 11 -38.82 -24.79 41.35
CA LEU A 11 -38.11 -23.59 40.92
C LEU A 11 -39.07 -22.42 40.81
N GLY A 12 -38.86 -21.43 41.67
CA GLY A 12 -39.67 -20.24 41.62
C GLY A 12 -39.27 -19.35 40.47
N THR A 13 -40.13 -18.40 40.17
CA THR A 13 -39.92 -17.43 39.07
C THR A 13 -38.67 -16.59 39.24
N SER A 14 -38.38 -16.17 40.47
CA SER A 14 -37.19 -15.38 40.76
C SER A 14 -35.90 -16.10 40.34
N VAL A 15 -35.83 -17.39 40.69
CA VAL A 15 -34.67 -18.20 40.34
C VAL A 15 -34.54 -18.39 38.83
N LEU A 16 -35.67 -18.65 38.16
CA LEU A 16 -35.73 -18.90 36.72
C LEU A 16 -35.44 -17.66 35.89
N THR A 17 -35.72 -16.48 36.45
CA THR A 17 -35.44 -15.23 35.75
C THR A 17 -34.16 -14.57 36.26
N GLY A 18 -33.62 -15.09 37.36
CA GLY A 18 -32.56 -14.40 38.07
C GLY A 18 -32.99 -13.07 38.67
N GLY A 19 -34.27 -12.93 38.98
CA GLY A 19 -34.83 -11.69 39.54
C GLY A 19 -35.17 -10.65 38.50
N SER A 20 -35.57 -11.10 37.31
CA SER A 20 -35.89 -10.19 36.22
C SER A 20 -37.19 -10.58 35.52
N ARG A 21 -37.51 -9.86 34.46
CA ARG A 21 -38.76 -10.09 33.73
C ARG A 21 -38.58 -11.02 32.51
N ARG A 22 -37.35 -11.54 32.32
CA ARG A 22 -37.00 -12.46 31.22
C ARG A 22 -36.36 -13.75 31.79
N LEU A 23 -36.86 -14.91 31.37
CA LEU A 23 -36.23 -16.20 31.74
C LEU A 23 -34.73 -16.22 31.44
N ASN A 24 -33.91 -16.60 32.41
CA ASN A 24 -32.46 -16.58 32.28
C ASN A 24 -31.87 -17.96 32.03
N ARG A 25 -31.49 -18.22 30.77
CA ARG A 25 -31.17 -19.60 30.34
C ARG A 25 -29.81 -20.09 30.84
N ALA A 26 -28.97 -19.16 31.27
CA ALA A 26 -27.73 -19.52 31.94
C ALA A 26 -27.99 -20.10 33.35
N HIS A 27 -28.79 -19.41 34.16
CA HIS A 27 -29.13 -19.93 35.49
C HIS A 27 -29.84 -21.28 35.40
N ILE A 28 -30.78 -21.38 34.46
CA ILE A 28 -31.57 -22.59 34.32
C ILE A 28 -30.69 -23.75 33.87
N VAL A 29 -29.88 -23.54 32.83
CA VAL A 29 -28.98 -24.61 32.34
C VAL A 29 -28.06 -25.15 33.44
N GLU A 30 -27.66 -24.30 34.39
CA GLU A 30 -26.80 -24.73 35.49
C GLU A 30 -27.53 -25.63 36.49
N LEU A 31 -28.81 -25.36 36.72
CA LEU A 31 -29.60 -26.21 37.60
C LEU A 31 -29.95 -27.50 36.89
N VAL A 32 -30.12 -27.43 35.57
CA VAL A 32 -30.38 -28.64 34.78
C VAL A 32 -29.18 -29.59 34.83
N ARG A 33 -28.00 -29.02 34.66
CA ARG A 33 -26.74 -29.75 34.77
C ARG A 33 -26.66 -30.57 36.06
N GLN A 34 -27.01 -29.93 37.18
CA GLN A 34 -27.01 -30.57 38.49
C GLN A 34 -28.02 -31.73 38.56
N CYS A 35 -29.18 -31.57 37.93
CA CYS A 35 -30.17 -32.65 37.88
C CYS A 35 -29.70 -33.83 37.03
N ALA A 36 -29.12 -33.53 35.87
CA ALA A 36 -28.49 -34.53 35.00
C ALA A 36 -27.37 -35.30 35.71
N GLN A 37 -26.52 -34.58 36.44
CA GLN A 37 -25.48 -35.18 37.27
C GLN A 37 -26.08 -36.27 38.17
N LEU A 38 -27.15 -35.94 38.86
CA LEU A 38 -27.83 -36.91 39.74
C LEU A 38 -28.57 -37.96 38.93
N HIS A 39 -29.27 -37.51 37.89
CA HIS A 39 -30.01 -38.40 36.99
C HIS A 39 -29.11 -39.50 36.45
N ALA A 40 -27.90 -39.15 36.03
CA ALA A 40 -26.92 -40.10 35.53
C ALA A 40 -26.42 -41.04 36.63
N ALA A 41 -26.41 -40.56 37.87
CA ALA A 41 -26.00 -41.39 39.01
C ALA A 41 -27.10 -42.38 39.45
N GLY A 42 -28.25 -42.35 38.80
CA GLY A 42 -29.35 -43.26 39.14
C GLY A 42 -30.45 -42.67 40.01
N HIS A 43 -30.42 -41.35 40.23
CA HIS A 43 -31.46 -40.69 41.02
C HIS A 43 -32.62 -40.27 40.14
N ARG A 44 -33.76 -39.98 40.80
CA ARG A 44 -35.01 -39.70 40.11
C ARG A 44 -35.41 -38.26 40.41
N ILE A 45 -35.44 -37.45 39.37
CA ILE A 45 -35.62 -36.03 39.52
C ILE A 45 -36.98 -35.62 39.01
N VAL A 46 -37.68 -34.84 39.81
CA VAL A 46 -38.99 -34.31 39.44
C VAL A 46 -38.93 -32.80 39.52
N ILE A 47 -39.09 -32.14 38.38
CA ILE A 47 -39.12 -30.67 38.32
C ILE A 47 -40.54 -30.13 38.48
N VAL A 48 -40.69 -29.12 39.34
CA VAL A 48 -41.91 -28.32 39.41
C VAL A 48 -41.54 -26.89 39.05
N THR A 49 -42.05 -26.41 37.92
CA THR A 49 -41.62 -25.12 37.38
C THR A 49 -42.69 -24.05 37.43
N SER A 50 -42.23 -22.82 37.62
CA SER A 50 -43.06 -21.64 37.61
C SER A 50 -42.67 -20.82 36.37
N GLY A 51 -43.05 -19.55 36.35
CA GLY A 51 -42.57 -18.63 35.34
C GLY A 51 -43.24 -18.82 34.00
N ALA A 52 -44.36 -19.52 33.96
CA ALA A 52 -45.09 -19.71 32.71
C ALA A 52 -45.71 -18.39 32.27
N ILE A 53 -46.44 -17.75 33.17
CA ILE A 53 -47.03 -16.43 32.90
C ILE A 53 -45.94 -15.44 32.58
N ALA A 54 -44.87 -15.47 33.37
CA ALA A 54 -43.69 -14.65 33.09
C ALA A 54 -43.19 -14.83 31.65
N ALA A 55 -42.98 -16.08 31.24
CA ALA A 55 -42.50 -16.42 29.90
C ALA A 55 -43.49 -15.94 28.82
N GLY A 56 -44.78 -16.03 29.12
CA GLY A 56 -45.83 -15.57 28.21
C GLY A 56 -45.68 -14.09 27.92
N ARG A 57 -45.52 -13.29 28.97
CA ARG A 57 -45.36 -11.83 28.82
C ARG A 57 -44.20 -11.53 27.89
N GLU A 58 -43.07 -12.18 28.15
CA GLU A 58 -41.85 -11.90 27.40
C GLU A 58 -41.96 -12.24 25.91
N HIS A 59 -42.49 -13.42 25.61
CA HIS A 59 -42.56 -13.89 24.23
C HIS A 59 -43.64 -13.10 23.45
N LEU A 60 -44.62 -12.57 24.18
CA LEU A 60 -45.65 -11.67 23.61
C LEU A 60 -45.24 -10.19 23.67
N GLY A 61 -43.99 -9.90 23.99
CA GLY A 61 -43.51 -8.52 24.04
C GLY A 61 -44.27 -7.61 24.99
N TYR A 62 -44.59 -8.13 26.17
CA TYR A 62 -45.13 -7.33 27.27
C TYR A 62 -46.33 -6.45 26.89
N PRO A 63 -47.44 -7.10 26.49
CA PRO A 63 -48.58 -6.36 25.99
C PRO A 63 -49.46 -5.83 27.12
N GLU A 64 -50.34 -4.89 26.76
CA GLU A 64 -51.40 -4.39 27.65
C GLU A 64 -52.59 -5.34 27.53
N LEU A 65 -53.04 -5.87 28.66
CA LEU A 65 -54.21 -6.76 28.67
C LEU A 65 -55.09 -6.43 29.87
N PRO A 66 -56.43 -6.52 29.70
CA PRO A 66 -57.33 -6.27 30.82
C PRO A 66 -57.00 -7.07 32.08
N ALA A 67 -57.38 -6.54 33.23
CA ALA A 67 -57.15 -7.20 34.51
C ALA A 67 -58.25 -8.22 34.80
N THR A 68 -58.12 -9.41 34.23
CA THR A 68 -59.15 -10.45 34.34
C THR A 68 -58.47 -11.79 34.48
N ILE A 69 -59.20 -12.78 34.98
CA ILE A 69 -58.71 -14.15 35.07
C ILE A 69 -58.18 -14.59 33.70
N ALA A 70 -58.94 -14.27 32.64
CA ALA A 70 -58.63 -14.71 31.28
C ALA A 70 -57.30 -14.19 30.72
N SER A 71 -56.89 -13.00 31.15
CA SER A 71 -55.60 -12.45 30.70
C SER A 71 -54.39 -13.22 31.25
N LYS A 72 -54.46 -13.63 32.52
CA LYS A 72 -53.44 -14.51 33.10
C LYS A 72 -53.41 -15.85 32.37
N GLN A 73 -54.58 -16.37 32.04
CA GLN A 73 -54.71 -17.72 31.45
C GLN A 73 -54.15 -17.75 30.02
N LEU A 74 -54.38 -16.67 29.27
CA LEU A 74 -53.84 -16.58 27.92
C LEU A 74 -52.32 -16.50 27.99
N LEU A 75 -51.79 -15.78 28.97
CA LEU A 75 -50.34 -15.68 29.15
C LEU A 75 -49.74 -17.02 29.55
N ALA A 76 -50.47 -17.78 30.36
CA ALA A 76 -50.03 -19.11 30.76
C ALA A 76 -50.07 -20.09 29.58
N ALA A 77 -51.10 -19.98 28.76
CA ALA A 77 -51.22 -20.82 27.57
C ALA A 77 -50.01 -20.62 26.67
N VAL A 78 -49.73 -19.36 26.31
CA VAL A 78 -48.55 -19.00 25.52
C VAL A 78 -47.25 -19.32 26.27
N GLY A 79 -47.26 -19.02 27.56
CA GLY A 79 -46.07 -19.19 28.39
C GLY A 79 -45.69 -20.63 28.66
N GLN A 80 -46.67 -21.46 29.01
CA GLN A 80 -46.41 -22.86 29.31
C GLN A 80 -45.78 -23.56 28.12
N SER A 81 -46.24 -23.20 26.91
CA SER A 81 -45.65 -23.68 25.64
C SER A 81 -44.16 -23.35 25.53
N ARG A 82 -43.81 -22.14 25.92
CA ARG A 82 -42.43 -21.65 25.80
C ARG A 82 -41.54 -22.26 26.87
N LEU A 83 -42.05 -22.32 28.10
CA LEU A 83 -41.39 -23.04 29.18
C LEU A 83 -40.98 -24.45 28.78
N ILE A 84 -41.94 -25.25 28.36
CA ILE A 84 -41.71 -26.67 28.17
C ILE A 84 -40.70 -26.87 27.03
N GLN A 85 -40.78 -26.04 26.01
CA GLN A 85 -39.78 -26.02 24.95
C GLN A 85 -38.37 -25.81 25.56
N LEU A 86 -38.25 -24.83 26.47
CA LEU A 86 -36.98 -24.55 27.16
C LEU A 86 -36.47 -25.76 27.93
N TRP A 87 -37.33 -26.34 28.76
CA TRP A 87 -36.94 -27.47 29.58
C TRP A 87 -36.52 -28.66 28.73
N GLU A 88 -37.35 -29.02 27.74
CA GLU A 88 -37.08 -30.16 26.88
C GLU A 88 -35.76 -29.99 26.17
N GLN A 89 -35.49 -28.76 25.73
CA GLN A 89 -34.25 -28.44 25.03
C GLN A 89 -33.02 -28.48 25.94
N LEU A 90 -33.05 -27.79 27.07
CA LEU A 90 -31.92 -27.80 28.00
C LEU A 90 -31.61 -29.19 28.56
N PHE A 91 -32.63 -29.96 28.89
CA PHE A 91 -32.39 -31.34 29.31
C PHE A 91 -31.92 -32.26 28.17
N SER A 92 -32.15 -31.87 26.92
CA SER A 92 -31.69 -32.67 25.79
C SER A 92 -30.19 -32.49 25.59
N ILE A 93 -29.64 -31.40 26.12
CA ILE A 93 -28.19 -31.21 26.11
C ILE A 93 -27.52 -32.38 26.82
N TYR A 94 -28.17 -32.89 27.86
CA TYR A 94 -27.64 -33.99 28.68
C TYR A 94 -28.25 -35.35 28.30
N GLY A 95 -28.89 -35.41 27.13
CA GLY A 95 -29.53 -36.63 26.69
C GLY A 95 -30.59 -37.14 27.66
N ILE A 96 -31.26 -36.23 28.35
CA ILE A 96 -32.39 -36.59 29.21
C ILE A 96 -33.70 -36.08 28.59
N HIS A 97 -34.76 -36.89 28.69
CA HIS A 97 -36.07 -36.55 28.14
C HIS A 97 -36.92 -35.95 29.23
N VAL A 98 -37.95 -35.21 28.82
CA VAL A 98 -38.89 -34.63 29.77
C VAL A 98 -40.33 -34.96 29.40
N GLY A 99 -41.21 -34.97 30.41
CA GLY A 99 -42.64 -35.15 30.20
C GLY A 99 -43.44 -34.01 30.82
N GLN A 100 -44.40 -33.45 30.08
CA GLN A 100 -45.22 -32.37 30.60
C GLN A 100 -46.46 -32.91 31.32
N MET A 101 -46.54 -32.64 32.63
CA MET A 101 -47.73 -32.84 33.43
C MET A 101 -48.25 -31.49 33.98
N LEU A 102 -49.44 -31.11 33.54
CA LEU A 102 -50.16 -29.96 34.08
C LEU A 102 -51.28 -30.46 34.94
N LEU A 103 -51.35 -30.04 36.20
CA LEU A 103 -52.47 -30.48 37.04
C LEU A 103 -53.02 -29.46 38.02
N THR A 104 -54.19 -29.77 38.55
CA THR A 104 -54.86 -28.95 39.53
C THR A 104 -55.40 -29.83 40.64
N ARG A 105 -56.01 -29.21 41.64
CA ARG A 105 -56.65 -29.96 42.72
C ARG A 105 -57.71 -30.90 42.19
N ALA A 106 -58.38 -30.53 41.09
CA ALA A 106 -59.40 -31.39 40.49
C ALA A 106 -58.89 -32.78 40.12
N ASP A 107 -57.61 -32.86 39.74
CA ASP A 107 -57.00 -34.14 39.40
C ASP A 107 -56.69 -34.98 40.63
N MET A 108 -56.83 -34.41 41.82
CA MET A 108 -56.60 -35.12 43.07
C MET A 108 -57.86 -35.14 43.97
N GLU A 109 -59.04 -35.16 43.35
CA GLU A 109 -60.28 -35.09 44.11
C GLU A 109 -60.78 -36.47 44.52
N ASP A 110 -60.61 -37.50 43.69
CA ASP A 110 -60.83 -38.89 44.10
C ASP A 110 -59.49 -39.51 44.44
N ARG A 111 -59.53 -40.57 45.23
CA ARG A 111 -58.43 -41.52 45.29
C ARG A 111 -58.02 -41.92 43.87
N GLU A 112 -59.01 -42.35 43.08
CA GLU A 112 -58.80 -42.89 41.72
C GLU A 112 -58.07 -41.92 40.77
N ARG A 113 -58.40 -40.64 40.83
CA ARG A 113 -57.71 -39.64 40.03
C ARG A 113 -56.33 -39.27 40.58
N PHE A 114 -56.19 -39.30 41.89
CA PHE A 114 -54.88 -39.13 42.55
C PHE A 114 -53.96 -40.26 42.12
N LEU A 115 -54.46 -41.48 42.20
CA LEU A 115 -53.66 -42.65 41.86
C LEU A 115 -53.32 -42.70 40.38
N ASN A 116 -54.19 -42.16 39.54
CA ASN A 116 -53.91 -42.09 38.11
C ASN A 116 -52.71 -41.20 37.83
N ALA A 117 -52.74 -40.02 38.44
CA ALA A 117 -51.62 -39.07 38.43
C ALA A 117 -50.33 -39.69 38.98
N ARG A 118 -50.44 -40.45 40.07
CA ARG A 118 -49.27 -41.11 40.68
C ARG A 118 -48.60 -42.08 39.71
N ASP A 119 -49.40 -43.00 39.13
CA ASP A 119 -48.89 -44.03 38.23
C ASP A 119 -48.18 -43.42 37.03
N THR A 120 -48.76 -42.35 36.49
CA THR A 120 -48.14 -41.65 35.38
C THR A 120 -46.76 -41.13 35.80
N LEU A 121 -46.73 -40.33 36.86
CA LEU A 121 -45.51 -39.75 37.40
C LEU A 121 -44.47 -40.82 37.67
N ARG A 122 -44.88 -41.94 38.26
CA ARG A 122 -43.97 -43.05 38.53
C ARG A 122 -43.47 -43.66 37.24
N ALA A 123 -44.41 -43.88 36.31
CA ALA A 123 -44.11 -44.51 35.04
C ALA A 123 -43.04 -43.74 34.28
N LEU A 124 -43.16 -42.42 34.25
CA LEU A 124 -42.14 -41.57 33.64
C LEU A 124 -40.77 -41.83 34.27
N LEU A 125 -40.68 -41.57 35.58
CA LEU A 125 -39.45 -41.79 36.35
C LEU A 125 -38.90 -43.22 36.16
N ASP A 126 -39.78 -44.22 36.15
CA ASP A 126 -39.39 -45.62 35.88
C ASP A 126 -38.73 -45.83 34.52
N ASN A 127 -38.95 -44.88 33.61
CA ASN A 127 -38.40 -44.92 32.26
C ASN A 127 -37.42 -43.78 32.03
N ASN A 128 -36.78 -43.34 33.12
CA ASN A 128 -35.75 -42.31 33.05
C ASN A 128 -36.15 -41.01 32.35
N VAL A 129 -37.41 -40.62 32.52
CA VAL A 129 -37.89 -39.35 31.98
C VAL A 129 -38.13 -38.43 33.15
N VAL A 130 -37.64 -37.21 33.06
CA VAL A 130 -37.85 -36.20 34.10
C VAL A 130 -39.21 -35.50 33.91
N PRO A 131 -40.17 -35.74 34.81
CA PRO A 131 -41.41 -35.02 34.71
C PRO A 131 -41.21 -33.53 34.98
N VAL A 132 -41.79 -32.69 34.14
CA VAL A 132 -41.85 -31.27 34.39
C VAL A 132 -43.29 -30.93 34.73
N ILE A 133 -43.51 -30.52 35.99
CA ILE A 133 -44.86 -30.28 36.52
C ILE A 133 -45.16 -28.78 36.63
N ASN A 134 -46.42 -28.43 36.38
CA ASN A 134 -46.88 -27.08 36.57
C ASN A 134 -48.39 -27.11 36.82
N GLU A 135 -48.88 -26.06 37.46
CA GLU A 135 -50.31 -25.87 37.58
C GLU A 135 -50.86 -25.68 36.16
N ASN A 136 -51.98 -26.33 35.85
CA ASN A 136 -52.67 -26.08 34.58
C ASN A 136 -53.38 -24.70 34.60
N ASP A 137 -52.59 -23.63 34.55
CA ASP A 137 -53.10 -22.25 34.66
C ASP A 137 -54.04 -21.84 33.53
N ALA A 138 -53.84 -22.41 32.35
CA ALA A 138 -54.62 -22.07 31.15
C ALA A 138 -56.06 -22.61 31.18
N VAL A 139 -56.27 -23.76 31.81
CA VAL A 139 -57.59 -24.42 31.82
C VAL A 139 -58.01 -24.77 33.24
N ALA A 140 -58.27 -23.76 34.05
CA ALA A 140 -58.68 -23.99 35.43
C ALA A 140 -59.26 -22.73 36.04
N THR A 141 -60.38 -22.92 36.74
CA THR A 141 -61.02 -21.88 37.50
C THR A 141 -60.18 -21.65 38.75
N ALA A 142 -60.53 -20.62 39.51
CA ALA A 142 -59.85 -20.35 40.75
C ALA A 142 -60.08 -21.49 41.72
N GLU A 143 -61.32 -21.99 41.77
CA GLU A 143 -61.75 -22.97 42.78
C GLU A 143 -60.94 -24.28 42.77
N ILE A 144 -60.59 -24.75 41.57
CA ILE A 144 -59.90 -26.04 41.43
C ILE A 144 -58.39 -25.93 41.43
N LYS A 145 -57.87 -24.71 41.48
CA LYS A 145 -56.44 -24.48 41.48
C LYS A 145 -55.82 -24.79 42.85
N VAL A 146 -54.54 -25.11 42.84
CA VAL A 146 -53.75 -25.30 44.07
C VAL A 146 -53.44 -23.96 44.72
N GLY A 147 -53.24 -22.95 43.90
CA GLY A 147 -52.97 -21.61 44.40
C GLY A 147 -51.57 -21.19 44.07
N ASP A 148 -50.60 -22.03 44.42
CA ASP A 148 -49.19 -21.79 44.13
C ASP A 148 -48.42 -23.08 43.94
N ASN A 149 -47.26 -22.97 43.30
CA ASN A 149 -46.42 -24.11 42.99
C ASN A 149 -45.67 -24.66 44.22
N ASP A 150 -45.56 -23.85 45.27
CA ASP A 150 -44.97 -24.35 46.53
C ASP A 150 -45.80 -25.52 47.04
N ASN A 151 -47.09 -25.29 47.30
CA ASN A 151 -48.00 -26.37 47.68
C ASN A 151 -48.11 -27.44 46.59
N LEU A 152 -48.07 -27.04 45.32
CA LEU A 152 -48.08 -28.03 44.24
C LEU A 152 -46.90 -28.99 44.38
N SER A 153 -45.71 -28.43 44.61
CA SER A 153 -44.50 -29.26 44.72
C SER A 153 -44.58 -30.26 45.87
N ALA A 154 -45.25 -29.87 46.96
CA ALA A 154 -45.43 -30.77 48.10
C ALA A 154 -46.38 -31.89 47.71
N LEU A 155 -47.38 -31.60 46.89
CA LEU A 155 -48.27 -32.63 46.35
C LEU A 155 -47.57 -33.52 45.33
N ALA A 156 -46.74 -32.93 44.47
CA ALA A 156 -45.90 -33.70 43.54
C ALA A 156 -44.90 -34.63 44.28
N ALA A 157 -44.42 -34.19 45.44
CA ALA A 157 -43.55 -35.00 46.27
C ALA A 157 -44.30 -36.19 46.82
N ILE A 158 -45.55 -35.95 47.20
CA ILE A 158 -46.42 -37.01 47.68
C ILE A 158 -46.75 -37.98 46.54
N LEU A 159 -47.07 -37.45 45.37
CA LEU A 159 -47.34 -38.28 44.19
C LEU A 159 -46.11 -39.11 43.79
N ALA A 160 -44.94 -38.47 43.80
CA ALA A 160 -43.69 -39.08 43.32
C ALA A 160 -43.05 -40.05 44.30
N GLY A 161 -43.52 -40.02 45.56
CA GLY A 161 -42.91 -40.82 46.62
C GLY A 161 -41.52 -40.29 46.95
N ALA A 162 -41.40 -38.97 47.04
CA ALA A 162 -40.09 -38.35 47.18
C ALA A 162 -39.49 -38.61 48.53
N ASP A 163 -38.17 -38.59 48.57
CA ASP A 163 -37.41 -38.65 49.81
C ASP A 163 -37.14 -37.25 50.31
N LYS A 164 -36.88 -36.32 49.40
CA LYS A 164 -36.67 -34.92 49.76
C LYS A 164 -37.41 -34.00 48.81
N LEU A 165 -37.79 -32.84 49.32
CA LEU A 165 -38.35 -31.77 48.52
C LEU A 165 -37.49 -30.51 48.65
N LEU A 166 -37.05 -29.98 47.52
CA LEU A 166 -36.15 -28.82 47.48
C LEU A 166 -36.82 -27.57 46.91
N LEU A 167 -37.06 -26.57 47.75
CA LEU A 167 -37.69 -25.32 47.29
C LEU A 167 -36.60 -24.30 47.02
N LEU A 168 -36.22 -24.13 45.75
CA LEU A 168 -35.20 -23.15 45.38
C LEU A 168 -35.84 -21.77 45.26
N THR A 169 -35.17 -20.77 45.83
CA THR A 169 -35.76 -19.44 45.97
C THR A 169 -34.70 -18.32 46.00
N ASP A 170 -35.18 -17.08 46.18
CA ASP A 170 -34.36 -15.87 46.04
C ASP A 170 -33.50 -15.52 47.26
N GLN A 171 -33.45 -16.42 48.24
CA GLN A 171 -32.67 -16.19 49.45
C GLN A 171 -32.26 -17.52 50.13
N LYS A 172 -31.39 -17.40 51.14
CA LYS A 172 -30.62 -18.53 51.66
C LYS A 172 -31.49 -19.56 52.37
N GLY A 173 -32.63 -19.11 52.87
CA GLY A 173 -33.60 -19.98 53.52
C GLY A 173 -34.51 -19.21 54.44
N LEU A 174 -34.99 -19.87 55.49
CA LEU A 174 -35.88 -19.28 56.48
C LEU A 174 -35.06 -18.54 57.53
N TYR A 175 -35.37 -17.26 57.76
CA TYR A 175 -34.63 -16.42 58.72
C TYR A 175 -35.44 -16.12 59.96
N THR A 176 -34.74 -15.72 61.01
CA THR A 176 -35.35 -15.37 62.29
C THR A 176 -36.08 -14.03 62.21
N ALA A 177 -35.47 -13.06 61.56
CA ALA A 177 -36.11 -11.78 61.26
C ALA A 177 -35.92 -11.53 59.77
N ASP A 178 -36.45 -10.42 59.25
CA ASP A 178 -36.13 -10.09 57.85
C ASP A 178 -34.68 -9.59 57.79
N PRO A 179 -33.82 -10.28 57.04
CA PRO A 179 -32.40 -9.94 57.05
C PRO A 179 -32.10 -8.62 56.36
N ARG A 180 -32.99 -8.23 55.45
CA ARG A 180 -32.86 -6.97 54.72
C ARG A 180 -33.00 -5.76 55.66
N SER A 181 -33.98 -5.80 56.57
CA SER A 181 -34.21 -4.70 57.52
C SER A 181 -33.42 -4.82 58.84
N ASN A 182 -33.23 -6.04 59.32
CA ASN A 182 -32.56 -6.31 60.61
C ASN A 182 -31.23 -7.01 60.35
N PRO A 183 -30.12 -6.41 60.82
CA PRO A 183 -28.82 -7.07 60.64
C PRO A 183 -28.62 -8.28 61.55
N GLN A 184 -29.29 -8.29 62.71
CA GLN A 184 -29.19 -9.39 63.65
C GLN A 184 -30.00 -10.62 63.21
N ALA A 185 -30.71 -10.52 62.08
CA ALA A 185 -31.43 -11.66 61.53
C ALA A 185 -30.45 -12.77 61.19
N GLU A 186 -30.90 -14.02 61.33
CA GLU A 186 -30.04 -15.18 61.27
C GLU A 186 -30.75 -16.33 60.56
N LEU A 187 -30.04 -16.98 59.63
CA LEU A 187 -30.59 -18.14 58.94
C LEU A 187 -30.85 -19.22 59.95
N ILE A 188 -32.00 -19.87 59.82
CA ILE A 188 -32.37 -21.02 60.67
C ILE A 188 -31.95 -22.30 59.97
N LYS A 189 -31.04 -23.05 60.60
CA LYS A 189 -30.49 -24.25 59.99
C LYS A 189 -31.48 -25.39 59.93
N ASP A 190 -32.10 -25.70 61.06
CA ASP A 190 -33.03 -26.83 61.13
C ASP A 190 -34.35 -26.47 61.80
N VAL A 191 -35.44 -27.02 61.29
CA VAL A 191 -36.76 -26.87 61.88
C VAL A 191 -37.34 -28.27 62.13
N TYR A 192 -37.82 -28.50 63.35
CA TYR A 192 -38.36 -29.82 63.71
C TYR A 192 -39.85 -29.67 63.96
N GLY A 193 -40.59 -29.53 62.88
CA GLY A 193 -42.03 -29.28 62.95
C GLY A 193 -42.36 -27.78 62.89
N ILE A 194 -43.25 -27.43 61.95
CA ILE A 194 -43.55 -26.04 61.57
C ILE A 194 -43.74 -25.00 62.71
N ASP A 195 -44.23 -25.45 63.86
CA ASP A 195 -44.32 -24.55 65.04
C ASP A 195 -42.96 -24.23 65.66
N ASP A 196 -42.05 -25.21 65.63
CA ASP A 196 -40.63 -25.03 66.02
C ASP A 196 -39.96 -23.94 65.19
N ALA A 197 -40.73 -23.33 64.28
CA ALA A 197 -40.19 -22.44 63.24
C ALA A 197 -40.89 -21.10 63.32
N LEU A 198 -42.22 -21.15 63.39
CA LEU A 198 -42.99 -20.01 63.85
C LEU A 198 -42.75 -19.86 65.34
N ARG A 199 -41.49 -19.69 65.68
CA ARG A 199 -41.06 -19.11 66.94
C ARG A 199 -40.62 -17.67 66.75
N ALA A 200 -39.76 -17.49 65.72
CA ALA A 200 -39.28 -16.17 65.32
C ALA A 200 -39.75 -15.79 63.90
N ILE A 201 -39.66 -16.69 62.93
CA ILE A 201 -39.98 -16.50 61.52
N GLY A 212 -46.19 -13.60 53.31
CA GLY A 212 -45.16 -12.57 53.22
C GLY A 212 -43.89 -13.09 52.58
N GLY A 213 -44.03 -13.61 51.35
CA GLY A 213 -42.96 -14.37 50.66
C GLY A 213 -42.94 -15.84 51.09
N MET A 214 -42.86 -16.04 52.41
CA MET A 214 -42.47 -17.30 53.01
C MET A 214 -43.70 -18.12 53.46
N SER A 215 -44.89 -17.54 53.37
CA SER A 215 -46.11 -18.20 53.84
C SER A 215 -46.38 -19.55 53.17
N THR A 216 -46.48 -19.55 51.85
CA THR A 216 -46.81 -20.77 51.11
C THR A 216 -45.69 -21.79 51.14
N LYS A 217 -44.48 -21.36 51.44
CA LYS A 217 -43.38 -22.31 51.63
C LYS A 217 -43.53 -23.11 52.92
N LEU A 218 -43.94 -22.43 53.99
CA LEU A 218 -44.12 -23.11 55.27
C LEU A 218 -45.30 -24.09 55.22
N GLN A 219 -46.35 -23.70 54.52
CA GLN A 219 -47.51 -24.59 54.26
C GLN A 219 -47.09 -25.86 53.51
N ALA A 220 -46.22 -25.68 52.53
CA ALA A 220 -45.69 -26.79 51.73
C ALA A 220 -44.84 -27.70 52.57
N ALA A 221 -44.00 -27.07 53.40
CA ALA A 221 -43.11 -27.79 54.30
C ALA A 221 -43.94 -28.52 55.35
N ASP A 222 -45.05 -27.94 55.78
CA ASP A 222 -45.93 -28.64 56.73
C ASP A 222 -46.51 -29.92 56.12
N VAL A 223 -47.07 -29.80 54.92
CA VAL A 223 -47.69 -30.92 54.21
C VAL A 223 -46.72 -32.03 53.96
N ALA A 224 -45.59 -31.69 53.34
CA ALA A 224 -44.59 -32.66 52.98
C ALA A 224 -44.03 -33.40 54.20
N CYS A 225 -43.75 -32.65 55.27
CA CYS A 225 -43.20 -33.24 56.50
C CYS A 225 -44.17 -34.20 57.15
N ARG A 226 -45.43 -33.80 57.18
CA ARG A 226 -46.47 -34.65 57.71
C ARG A 226 -46.59 -35.93 56.89
N ALA A 227 -46.26 -35.85 55.61
CA ALA A 227 -46.21 -37.02 54.73
C ALA A 227 -44.86 -37.74 54.78
N GLY A 228 -44.00 -37.32 55.70
CA GLY A 228 -42.72 -37.98 55.88
C GLY A 228 -41.61 -37.59 54.92
N ILE A 229 -41.76 -36.47 54.24
CA ILE A 229 -40.79 -36.01 53.26
C ILE A 229 -40.00 -34.86 53.86
N ASP A 230 -38.68 -34.99 54.00
CA ASP A 230 -37.85 -33.86 54.46
C ASP A 230 -38.01 -32.76 53.43
N THR A 231 -37.99 -31.51 53.85
CA THR A 231 -38.10 -30.44 52.86
C THR A 231 -37.12 -29.31 53.20
N ILE A 232 -36.47 -28.80 52.15
CA ILE A 232 -35.40 -27.83 52.29
C ILE A 232 -35.71 -26.57 51.51
N ILE A 233 -35.48 -25.42 52.14
CA ILE A 233 -35.60 -24.14 51.45
C ILE A 233 -34.20 -23.62 51.30
N ALA A 234 -33.79 -23.30 50.09
CA ALA A 234 -32.44 -22.81 49.83
C ALA A 234 -32.40 -21.85 48.64
N ALA A 235 -31.24 -21.26 48.39
CA ALA A 235 -31.06 -20.32 47.31
C ALA A 235 -30.65 -21.06 46.05
N GLY A 236 -31.41 -20.85 44.98
CA GLY A 236 -31.13 -21.50 43.69
C GLY A 236 -29.77 -21.16 43.10
N SER A 237 -29.31 -19.92 43.31
CA SER A 237 -28.01 -19.50 42.79
C SER A 237 -26.84 -20.08 43.57
N LYS A 238 -27.11 -20.84 44.63
CA LYS A 238 -26.05 -21.46 45.41
C LYS A 238 -25.40 -22.59 44.62
N PRO A 239 -24.06 -22.49 44.40
CA PRO A 239 -23.31 -23.49 43.61
C PRO A 239 -23.42 -24.90 44.16
N GLY A 240 -23.78 -25.85 43.30
CA GLY A 240 -23.88 -27.25 43.68
C GLY A 240 -24.95 -27.58 44.71
N VAL A 241 -25.94 -26.69 44.86
CA VAL A 241 -26.97 -26.84 45.90
C VAL A 241 -27.73 -28.15 45.83
N ILE A 242 -28.15 -28.54 44.62
CA ILE A 242 -29.06 -29.67 44.42
C ILE A 242 -28.37 -30.98 44.79
N GLY A 243 -27.08 -31.09 44.44
CA GLY A 243 -26.30 -32.27 44.79
C GLY A 243 -26.14 -32.41 46.29
N ASP A 244 -25.72 -31.32 46.93
CA ASP A 244 -25.48 -31.28 48.39
C ASP A 244 -26.73 -31.61 49.21
N VAL A 245 -27.88 -31.11 48.77
CA VAL A 245 -29.15 -31.51 49.37
C VAL A 245 -29.38 -33.01 49.24
N MET A 246 -29.04 -33.60 48.10
CA MET A 246 -29.21 -35.06 47.94
C MET A 246 -28.39 -35.82 48.98
N GLU A 247 -27.17 -35.34 49.23
CA GLU A 247 -26.26 -35.95 50.21
C GLU A 247 -26.53 -35.59 51.68
N GLY A 248 -27.63 -34.90 51.96
CA GLY A 248 -27.95 -34.47 53.32
C GLY A 248 -27.00 -33.45 53.93
N ILE A 249 -26.27 -32.72 53.09
CA ILE A 249 -25.38 -31.65 53.54
C ILE A 249 -26.15 -30.36 53.79
N SER A 250 -25.96 -29.74 54.96
CA SER A 250 -26.67 -28.51 55.33
C SER A 250 -26.40 -27.46 54.29
N VAL A 251 -27.47 -26.84 53.80
CA VAL A 251 -27.35 -25.96 52.65
C VAL A 251 -28.24 -24.71 52.72
N GLY A 252 -29.38 -24.82 53.42
CA GLY A 252 -30.25 -23.68 53.72
C GLY A 252 -30.99 -23.99 55.02
N THR A 253 -32.30 -24.14 54.93
CA THR A 253 -33.11 -24.49 56.09
C THR A 253 -33.73 -25.84 55.83
N LEU A 254 -33.40 -26.82 56.67
CA LEU A 254 -33.95 -28.17 56.56
C LEU A 254 -35.13 -28.35 57.50
N PHE A 255 -36.30 -28.66 56.93
CA PHE A 255 -37.49 -28.94 57.71
C PHE A 255 -37.52 -30.45 57.87
N HIS A 256 -37.25 -30.93 59.08
CA HIS A 256 -37.04 -32.35 59.29
C HIS A 256 -38.43 -32.98 59.26
N ALA A 257 -38.57 -34.09 58.55
CA ALA A 257 -39.86 -34.75 58.39
C ALA A 257 -40.35 -35.35 59.69
N GLN A 258 -41.64 -35.64 59.71
CA GLN A 258 -42.31 -36.19 60.87
C GLN A 258 -41.91 -37.66 61.09
N ALA A 259 -41.47 -37.95 62.31
CA ALA A 259 -40.90 -39.25 62.69
C ALA A 259 -41.80 -40.38 62.28
N THR A 260 -43.05 -40.31 62.70
CA THR A 260 -44.05 -41.30 62.32
C THR A 260 -45.12 -40.61 61.47
N PRO A 261 -44.93 -40.61 60.15
CA PRO A 261 -45.72 -39.82 59.22
C PRO A 261 -47.15 -40.28 59.06
N LEU A 262 -47.97 -39.38 58.53
CA LEU A 262 -49.38 -39.60 58.33
C LEU A 262 -49.61 -40.69 57.28
N GLU A 263 -50.54 -41.62 57.55
CA GLU A 263 -50.78 -42.81 56.72
C GLU A 263 -50.87 -42.48 55.24
N ASN A 264 -50.02 -43.13 54.46
CA ASN A 264 -50.04 -43.01 52.99
C ASN A 264 -51.48 -43.13 52.44
N ARG A 265 -52.14 -44.18 52.91
CA ARG A 265 -53.55 -44.47 52.66
C ARG A 265 -54.47 -43.22 52.54
N LYS A 266 -54.14 -42.11 53.20
CA LYS A 266 -54.95 -40.89 53.15
C LYS A 266 -54.19 -39.56 52.90
N ARG A 267 -52.97 -39.66 52.37
CA ARG A 267 -52.18 -38.49 51.99
C ARG A 267 -52.74 -37.76 50.77
N TRP A 268 -53.56 -38.47 49.99
CA TRP A 268 -54.14 -37.89 48.79
C TRP A 268 -55.08 -36.75 49.12
N ILE A 269 -55.62 -36.78 50.33
CA ILE A 269 -56.63 -35.79 50.79
C ILE A 269 -56.06 -34.38 50.92
N PHE A 270 -54.74 -34.29 51.12
CA PHE A 270 -54.02 -33.00 51.08
C PHE A 270 -54.28 -32.27 49.77
N GLY A 271 -54.40 -33.02 48.68
CA GLY A 271 -54.51 -32.44 47.35
C GLY A 271 -55.93 -32.14 46.90
N ALA A 272 -56.93 -32.74 47.54
CA ALA A 272 -58.31 -32.58 47.08
C ALA A 272 -58.81 -31.15 47.28
N PRO A 273 -59.73 -30.69 46.43
CA PRO A 273 -60.40 -29.43 46.70
C PRO A 273 -61.73 -29.71 47.36
N PRO A 274 -62.00 -29.07 48.52
CA PRO A 274 -63.28 -29.30 49.21
C PRO A 274 -64.50 -29.15 48.29
N ALA A 275 -65.45 -30.08 48.43
CA ALA A 275 -66.69 -30.11 47.65
C ALA A 275 -67.79 -29.34 48.35
N GLY A 276 -67.58 -29.08 49.62
CA GLY A 276 -68.52 -28.32 50.45
C GLY A 276 -67.95 -28.21 51.85
N GLU A 277 -68.70 -27.56 52.74
CA GLU A 277 -68.27 -27.43 54.14
C GLU A 277 -69.33 -27.84 55.18
N ILE A 278 -68.85 -28.13 56.38
CA ILE A 278 -69.67 -28.52 57.50
C ILE A 278 -69.20 -27.73 58.71
N THR A 279 -70.11 -27.02 59.36
CA THR A 279 -69.80 -26.32 60.60
C THR A 279 -70.13 -27.24 61.76
N VAL A 280 -69.42 -27.08 62.87
CA VAL A 280 -69.39 -28.10 63.91
C VAL A 280 -69.27 -27.52 65.34
N ASP A 281 -69.82 -28.28 66.29
CA ASP A 281 -69.80 -28.00 67.75
C ASP A 281 -68.44 -27.68 68.33
N GLU A 282 -68.45 -27.11 69.54
CA GLU A 282 -67.24 -27.08 70.34
C GLU A 282 -66.85 -28.51 70.68
N GLY A 283 -67.81 -29.29 71.17
CA GLY A 283 -67.54 -30.67 71.57
C GLY A 283 -67.05 -31.56 70.46
N ALA A 284 -67.53 -31.30 69.25
CA ALA A 284 -67.11 -32.02 68.06
C ALA A 284 -65.74 -31.52 67.60
N THR A 285 -65.54 -30.20 67.65
CA THR A 285 -64.23 -29.64 67.35
C THR A 285 -63.19 -30.18 68.33
N ALA A 286 -63.59 -30.31 69.59
CA ALA A 286 -62.68 -30.82 70.61
C ALA A 286 -62.31 -32.26 70.31
N ALA A 287 -63.31 -33.05 69.91
CA ALA A 287 -63.12 -34.46 69.67
C ALA A 287 -62.18 -34.68 68.49
N ILE A 288 -62.36 -33.91 67.42
CA ILE A 288 -61.48 -34.02 66.25
C ILE A 288 -60.05 -33.60 66.61
N LEU A 289 -59.90 -32.40 67.17
CA LEU A 289 -58.58 -31.84 67.47
C LEU A 289 -57.88 -32.40 68.73
N GLU A 290 -58.61 -32.62 69.83
CA GLU A 290 -57.98 -33.16 71.06
C GLU A 290 -57.70 -34.67 71.00
N ARG A 291 -58.57 -35.43 70.33
CA ARG A 291 -58.52 -36.89 70.40
C ARG A 291 -58.52 -37.59 69.04
N GLY A 292 -58.53 -36.83 67.95
CA GLY A 292 -58.50 -37.40 66.60
C GLY A 292 -59.70 -38.28 66.31
N SER A 293 -60.83 -37.96 66.94
CA SER A 293 -62.04 -38.76 66.79
C SER A 293 -62.73 -38.57 65.44
N SER A 294 -63.67 -39.44 65.16
CA SER A 294 -64.57 -39.28 64.04
C SER A 294 -65.62 -38.23 64.36
N LEU A 295 -66.05 -37.50 63.33
CA LEU A 295 -67.17 -36.60 63.46
C LEU A 295 -68.50 -37.37 63.42
N LEU A 296 -69.30 -37.20 64.47
CA LEU A 296 -70.67 -37.73 64.52
C LEU A 296 -71.65 -36.61 64.20
N PRO A 297 -72.80 -36.96 63.58
CA PRO A 297 -73.77 -35.92 63.16
C PRO A 297 -74.35 -35.10 64.32
N LYS A 298 -74.30 -35.65 65.53
CA LYS A 298 -74.63 -34.93 66.77
C LYS A 298 -74.14 -33.50 66.70
N GLY A 299 -72.84 -33.34 66.49
CA GLY A 299 -72.17 -32.05 66.59
C GLY A 299 -72.25 -31.13 65.39
N ILE A 300 -72.84 -31.60 64.28
CA ILE A 300 -72.99 -30.79 63.07
C ILE A 300 -73.98 -29.62 63.26
N LYS A 301 -73.57 -28.42 62.84
CA LYS A 301 -74.37 -27.20 63.03
C LYS A 301 -74.91 -26.58 61.74
N SER A 302 -74.25 -26.83 60.62
CA SER A 302 -74.74 -26.42 59.31
C SER A 302 -73.94 -27.12 58.22
N VAL A 303 -74.52 -27.19 57.02
CA VAL A 303 -73.90 -27.90 55.91
C VAL A 303 -74.09 -27.05 54.68
N THR A 304 -72.99 -26.71 54.02
CA THR A 304 -73.04 -25.80 52.88
C THR A 304 -72.55 -26.46 51.61
N GLY A 305 -73.26 -26.19 50.52
CA GLY A 305 -72.95 -26.76 49.22
C GLY A 305 -73.75 -28.02 48.97
N ASN A 306 -73.74 -28.47 47.72
CA ASN A 306 -74.34 -29.73 47.32
C ASN A 306 -73.25 -30.72 46.99
N PHE A 307 -73.13 -31.78 47.78
CA PHE A 307 -72.06 -32.75 47.58
C PHE A 307 -72.52 -34.16 47.91
N SER A 308 -71.88 -35.16 47.30
CA SER A 308 -72.29 -36.54 47.43
C SER A 308 -71.44 -37.22 48.49
N ARG A 309 -71.86 -38.43 48.89
CA ARG A 309 -71.03 -39.24 49.75
C ARG A 309 -69.79 -39.63 48.97
N GLY A 310 -68.67 -39.72 49.67
CA GLY A 310 -67.40 -40.04 49.04
C GLY A 310 -66.60 -38.80 48.67
N GLU A 311 -67.25 -37.64 48.55
CA GLU A 311 -66.52 -36.40 48.25
C GLU A 311 -65.77 -35.92 49.49
N VAL A 312 -64.70 -35.17 49.26
CA VAL A 312 -63.94 -34.55 50.34
C VAL A 312 -64.68 -33.27 50.76
N ILE A 313 -64.63 -32.94 52.05
CA ILE A 313 -65.26 -31.70 52.55
C ILE A 313 -64.41 -30.96 53.56
N ARG A 314 -64.73 -29.70 53.77
CA ARG A 314 -64.14 -28.93 54.87
C ARG A 314 -64.97 -29.12 56.14
N ILE A 315 -64.32 -29.08 57.28
CA ILE A 315 -65.00 -29.04 58.56
C ILE A 315 -64.56 -27.75 59.25
N CYS A 316 -65.49 -26.84 59.47
CA CYS A 316 -65.19 -25.59 60.14
C CYS A 316 -65.76 -25.66 61.56
N ASN A 317 -65.13 -24.93 62.47
CA ASN A 317 -65.66 -24.76 63.83
C ASN A 317 -66.55 -23.52 63.81
N LEU A 318 -67.15 -23.18 64.94
CA LEU A 318 -68.17 -22.13 64.92
C LEU A 318 -67.61 -20.73 64.74
N GLU A 319 -66.30 -20.56 64.81
CA GLU A 319 -65.66 -19.29 64.50
C GLU A 319 -65.18 -19.24 63.05
N GLY A 320 -65.67 -20.13 62.21
CA GLY A 320 -65.24 -20.18 60.81
C GLY A 320 -63.82 -20.65 60.56
N ARG A 321 -63.19 -21.27 61.54
CA ARG A 321 -61.81 -21.71 61.42
C ARG A 321 -61.82 -23.09 60.82
N ASP A 322 -61.10 -23.30 59.72
CA ASP A 322 -60.99 -24.63 59.10
C ASP A 322 -60.19 -25.60 59.98
N ILE A 323 -60.84 -26.66 60.45
CA ILE A 323 -60.20 -27.60 61.39
C ILE A 323 -59.80 -28.96 60.80
N ALA A 324 -60.49 -29.42 59.76
CA ALA A 324 -60.10 -30.65 59.06
C ALA A 324 -60.77 -30.74 57.69
N HIS A 325 -60.16 -31.55 56.82
CA HIS A 325 -60.73 -31.93 55.52
C HIS A 325 -60.93 -33.44 55.61
N GLY A 326 -62.00 -33.95 55.01
CA GLY A 326 -62.27 -35.40 55.08
C GLY A 326 -63.39 -35.89 54.18
N VAL A 327 -63.43 -37.22 53.99
CA VAL A 327 -64.40 -37.86 53.11
C VAL A 327 -65.75 -37.99 53.83
N SER A 328 -66.79 -37.51 53.15
CA SER A 328 -68.13 -37.46 53.75
C SER A 328 -68.90 -38.73 53.46
N ARG A 329 -69.35 -39.38 54.52
CA ARG A 329 -70.10 -40.64 54.42
C ARG A 329 -71.51 -40.52 53.86
N TYR A 330 -72.11 -39.35 54.02
CA TYR A 330 -73.46 -39.06 53.52
C TYR A 330 -73.42 -37.90 52.54
N ASN A 331 -74.48 -37.72 51.76
CA ASN A 331 -74.57 -36.56 50.86
C ASN A 331 -74.98 -35.33 51.65
N SER A 332 -74.95 -34.16 51.01
CA SER A 332 -75.23 -32.91 51.70
C SER A 332 -76.67 -32.83 52.24
N ASP A 333 -77.62 -33.30 51.44
CA ASP A 333 -79.04 -33.21 51.84
C ASP A 333 -79.30 -34.05 53.10
N ALA A 334 -78.73 -35.26 53.11
CA ALA A 334 -78.91 -36.18 54.21
C ALA A 334 -78.24 -35.69 55.47
N LEU A 335 -77.09 -35.05 55.34
CA LEU A 335 -76.38 -34.56 56.52
C LEU A 335 -77.23 -33.57 57.30
N ARG A 336 -77.77 -32.58 56.59
CA ARG A 336 -78.75 -31.63 57.15
C ARG A 336 -79.86 -32.31 57.97
N ARG A 337 -80.35 -33.45 57.50
CA ARG A 337 -81.46 -34.15 58.15
C ARG A 337 -81.07 -34.97 59.37
N ILE A 338 -79.85 -35.52 59.36
CA ILE A 338 -79.36 -36.27 60.54
C ILE A 338 -78.52 -35.41 61.46
N ALA A 339 -78.21 -34.20 61.02
CA ALA A 339 -77.49 -33.23 61.86
C ALA A 339 -78.24 -33.07 63.16
N GLY A 340 -77.48 -33.07 64.26
CA GLY A 340 -78.06 -32.88 65.58
C GLY A 340 -78.65 -34.12 66.21
N HIS A 341 -78.71 -35.21 65.46
CA HIS A 341 -79.33 -36.44 65.95
C HIS A 341 -78.28 -37.45 66.38
N HIS A 342 -78.72 -38.46 67.13
CA HIS A 342 -77.87 -39.57 67.56
C HIS A 342 -77.74 -40.57 66.41
N SER A 343 -76.68 -41.38 66.44
CA SER A 343 -76.40 -42.30 65.35
C SER A 343 -77.49 -43.35 65.14
N GLN A 344 -78.10 -43.83 66.22
CA GLN A 344 -79.18 -44.82 66.12
C GLN A 344 -80.36 -44.29 65.30
N GLU A 345 -80.57 -42.97 65.31
CA GLU A 345 -81.69 -42.35 64.61
C GLU A 345 -81.55 -42.35 63.08
N ILE A 346 -80.33 -42.50 62.59
CA ILE A 346 -80.03 -42.27 61.17
C ILE A 346 -80.97 -43.06 60.24
N ASP A 347 -81.05 -44.37 60.48
CA ASP A 347 -81.85 -45.26 59.64
C ASP A 347 -83.32 -44.85 59.60
N ALA A 348 -83.89 -44.57 60.77
CA ALA A 348 -85.25 -44.03 60.84
C ALA A 348 -85.39 -42.74 60.04
N ILE A 349 -84.39 -41.86 60.10
CA ILE A 349 -84.48 -40.55 59.45
C ILE A 349 -84.39 -40.64 57.92
N LEU A 350 -83.34 -41.29 57.43
CA LEU A 350 -83.02 -41.26 55.99
C LEU A 350 -83.61 -42.42 55.22
N GLY A 351 -83.94 -43.51 55.93
CA GLY A 351 -84.40 -44.74 55.29
C GLY A 351 -83.26 -45.67 54.94
N TYR A 352 -82.04 -45.14 54.98
CA TYR A 352 -80.81 -45.91 54.74
C TYR A 352 -79.82 -45.55 55.83
N GLU A 353 -78.64 -46.16 55.77
CA GLU A 353 -77.61 -45.92 56.77
C GLU A 353 -76.22 -46.41 56.32
N TYR A 354 -75.23 -45.52 56.38
CA TYR A 354 -73.84 -45.83 55.99
C TYR A 354 -72.89 -45.70 57.18
N GLY A 355 -73.27 -46.25 58.32
CA GLY A 355 -72.46 -46.17 59.53
C GLY A 355 -72.87 -45.01 60.41
N PRO A 356 -72.33 -44.96 61.63
CA PRO A 356 -72.77 -44.01 62.64
C PRO A 356 -72.10 -42.65 62.55
N VAL A 357 -71.23 -42.50 61.56
CA VAL A 357 -70.26 -41.43 61.53
C VAL A 357 -70.38 -40.68 60.21
N ALA A 358 -70.40 -39.36 60.31
CA ALA A 358 -70.50 -38.46 59.15
C ALA A 358 -69.17 -38.37 58.40
N VAL A 359 -68.10 -38.07 59.13
CA VAL A 359 -66.76 -38.15 58.59
C VAL A 359 -65.92 -39.05 59.49
N HIS A 360 -65.32 -40.08 58.91
CA HIS A 360 -64.52 -41.04 59.67
C HIS A 360 -63.09 -40.56 59.77
N ARG A 361 -62.44 -40.83 60.90
CA ARG A 361 -61.10 -40.31 61.19
C ARG A 361 -60.02 -40.89 60.28
N ASP A 362 -60.25 -42.09 59.79
CA ASP A 362 -59.37 -42.74 58.82
C ASP A 362 -59.46 -42.17 57.42
N ASP A 363 -60.38 -41.23 57.20
CA ASP A 363 -60.52 -40.51 55.93
C ASP A 363 -60.49 -39.01 56.19
N MET A 364 -59.72 -38.63 57.22
CA MET A 364 -59.64 -37.24 57.68
C MET A 364 -58.18 -36.85 57.86
N ILE A 365 -57.85 -35.64 57.43
CA ILE A 365 -56.57 -35.03 57.75
C ILE A 365 -56.87 -33.81 58.58
N THR A 366 -56.27 -33.78 59.76
CA THR A 366 -56.57 -32.78 60.75
C THR A 366 -55.85 -31.47 60.46
N ARG A 367 -56.19 -30.45 61.24
CA ARG A 367 -55.56 -29.10 61.22
C ARG A 367 -56.18 -28.23 60.17
N ASP B 3 -67.21 -10.17 7.97
CA ASP B 3 -65.88 -10.34 7.30
C ASP B 3 -65.02 -11.40 8.04
N SER B 4 -64.44 -11.01 9.16
CA SER B 4 -63.57 -11.89 9.94
C SER B 4 -64.39 -13.09 10.41
N GLN B 5 -63.80 -14.27 10.33
CA GLN B 5 -64.47 -15.52 10.68
C GLN B 5 -63.60 -16.35 11.60
N THR B 6 -64.23 -17.15 12.46
CA THR B 6 -63.52 -18.09 13.31
C THR B 6 -63.72 -19.51 12.79
N LEU B 7 -62.59 -20.14 12.48
CA LEU B 7 -62.54 -21.53 12.04
C LEU B 7 -61.77 -22.37 13.06
N VAL B 8 -62.33 -23.52 13.42
CA VAL B 8 -61.61 -24.54 14.15
C VAL B 8 -61.14 -25.56 13.13
N VAL B 9 -59.86 -25.93 13.18
CA VAL B 9 -59.32 -26.97 12.30
C VAL B 9 -58.82 -28.14 13.13
N LYS B 10 -59.43 -29.30 12.93
CA LYS B 10 -59.04 -30.53 13.59
C LYS B 10 -58.10 -31.32 12.68
N LEU B 11 -56.93 -31.72 13.22
CA LEU B 11 -55.96 -32.51 12.47
C LEU B 11 -55.65 -33.84 13.17
N GLY B 12 -56.12 -34.93 12.59
CA GLY B 12 -55.89 -36.26 13.17
C GLY B 12 -54.52 -36.81 12.87
N THR B 13 -54.14 -37.86 13.60
CA THR B 13 -52.80 -38.45 13.50
C THR B 13 -52.43 -38.88 12.08
N SER B 14 -53.39 -39.37 11.31
CA SER B 14 -53.13 -39.80 9.94
C SER B 14 -52.78 -38.63 9.04
N VAL B 15 -53.46 -37.51 9.21
CA VAL B 15 -53.12 -36.29 8.46
C VAL B 15 -51.68 -35.87 8.79
N LEU B 16 -51.38 -35.83 10.08
CA LEU B 16 -50.10 -35.33 10.59
C LEU B 16 -48.92 -36.21 10.20
N THR B 17 -49.13 -37.53 10.24
CA THR B 17 -48.08 -38.47 9.88
C THR B 17 -48.04 -38.70 8.37
N GLY B 18 -49.08 -38.26 7.68
CA GLY B 18 -49.24 -38.55 6.26
C GLY B 18 -49.43 -40.04 6.04
N GLY B 19 -50.18 -40.67 6.93
CA GLY B 19 -50.40 -42.12 6.88
C GLY B 19 -49.16 -42.97 7.17
N SER B 20 -48.14 -42.34 7.74
CA SER B 20 -46.91 -43.03 8.15
C SER B 20 -47.01 -43.29 9.64
N ARG B 21 -45.86 -43.34 10.31
CA ARG B 21 -45.80 -43.67 11.75
C ARG B 21 -45.20 -42.50 12.55
N ARG B 22 -44.37 -41.70 11.88
CA ARG B 22 -43.70 -40.53 12.45
C ARG B 22 -44.45 -39.26 11.98
N LEU B 23 -44.40 -38.22 12.80
CA LEU B 23 -45.00 -36.94 12.41
C LEU B 23 -44.24 -36.43 11.20
N ASN B 24 -45.00 -35.96 10.21
CA ASN B 24 -44.46 -35.48 8.93
C ASN B 24 -44.45 -33.95 8.91
N ARG B 25 -43.29 -33.34 9.17
CA ARG B 25 -43.19 -31.89 9.31
C ARG B 25 -43.39 -31.13 7.99
N ALA B 26 -43.16 -31.81 6.87
CA ALA B 26 -43.43 -31.24 5.55
C ALA B 26 -44.93 -31.08 5.33
N HIS B 27 -45.69 -32.11 5.72
CA HIS B 27 -47.15 -32.07 5.64
C HIS B 27 -47.71 -31.00 6.54
N ILE B 28 -47.27 -31.01 7.80
CA ILE B 28 -47.79 -30.08 8.80
C ILE B 28 -47.51 -28.62 8.41
N VAL B 29 -46.31 -28.31 7.94
CA VAL B 29 -45.96 -26.92 7.63
C VAL B 29 -46.82 -26.34 6.49
N GLU B 30 -47.22 -27.19 5.54
CA GLU B 30 -48.12 -26.75 4.46
C GLU B 30 -49.50 -26.33 5.00
N LEU B 31 -49.98 -27.00 6.04
CA LEU B 31 -51.24 -26.63 6.67
C LEU B 31 -51.09 -25.36 7.53
N VAL B 32 -49.97 -25.28 8.24
CA VAL B 32 -49.63 -24.09 9.02
C VAL B 32 -49.64 -22.87 8.10
N ARG B 33 -49.01 -23.03 6.95
CA ARG B 33 -48.96 -21.97 5.94
C ARG B 33 -50.34 -21.49 5.53
N GLN B 34 -51.19 -22.44 5.14
CA GLN B 34 -52.58 -22.14 4.79
C GLN B 34 -53.29 -21.36 5.90
N CYS B 35 -53.08 -21.77 7.15
CA CYS B 35 -53.67 -21.10 8.31
C CYS B 35 -53.13 -19.68 8.48
N ALA B 36 -51.82 -19.53 8.39
CA ALA B 36 -51.18 -18.23 8.51
C ALA B 36 -51.77 -17.23 7.53
N GLN B 37 -52.09 -17.73 6.34
CA GLN B 37 -52.66 -16.92 5.26
C GLN B 37 -54.00 -16.28 5.68
N LEU B 38 -54.82 -17.07 6.37
CA LEU B 38 -56.10 -16.59 6.89
C LEU B 38 -55.91 -15.64 8.08
N HIS B 39 -55.05 -16.04 9.01
CA HIS B 39 -54.66 -15.20 10.17
C HIS B 39 -54.23 -13.79 9.73
N ALA B 40 -53.38 -13.73 8.71
CA ALA B 40 -52.87 -12.45 8.24
C ALA B 40 -53.96 -11.64 7.54
N ALA B 41 -55.05 -12.31 7.14
CA ALA B 41 -56.20 -11.62 6.54
C ALA B 41 -57.24 -11.21 7.58
N GLY B 42 -56.97 -11.46 8.86
CA GLY B 42 -57.87 -11.08 9.94
C GLY B 42 -58.76 -12.18 10.49
N HIS B 43 -58.62 -13.40 9.99
CA HIS B 43 -59.43 -14.52 10.49
C HIS B 43 -58.84 -15.09 11.78
N ARG B 44 -59.66 -15.89 12.46
CA ARG B 44 -59.36 -16.37 13.79
C ARG B 44 -59.27 -17.89 13.73
N ILE B 45 -58.04 -18.40 13.80
CA ILE B 45 -57.76 -19.81 13.62
C ILE B 45 -57.55 -20.48 14.97
N VAL B 46 -58.12 -21.67 15.10
CA VAL B 46 -57.97 -22.52 16.28
C VAL B 46 -57.54 -23.90 15.81
N ILE B 47 -56.43 -24.40 16.36
CA ILE B 47 -55.96 -25.75 16.02
C ILE B 47 -56.38 -26.77 17.08
N VAL B 48 -56.86 -27.92 16.61
CA VAL B 48 -57.15 -29.05 17.47
C VAL B 48 -56.30 -30.22 16.99
N THR B 49 -55.23 -30.50 17.73
CA THR B 49 -54.18 -31.40 17.28
C THR B 49 -54.25 -32.78 17.93
N SER B 50 -53.93 -33.80 17.16
CA SER B 50 -53.68 -35.13 17.70
C SER B 50 -52.17 -35.39 17.63
N GLY B 51 -51.77 -36.66 17.68
CA GLY B 51 -50.38 -37.03 17.43
C GLY B 51 -49.46 -36.86 18.62
N ALA B 52 -50.03 -36.60 19.80
CA ALA B 52 -49.25 -36.50 21.03
C ALA B 52 -48.58 -37.84 21.35
N ILE B 53 -49.36 -38.91 21.35
CA ILE B 53 -48.83 -40.23 21.69
C ILE B 53 -47.90 -40.74 20.58
N ALA B 54 -48.16 -40.33 19.33
CA ALA B 54 -47.30 -40.73 18.22
C ALA B 54 -45.92 -40.11 18.33
N ALA B 55 -45.90 -38.79 18.55
CA ALA B 55 -44.69 -38.03 18.77
C ALA B 55 -43.92 -38.54 19.99
N GLY B 56 -44.65 -39.01 20.99
CA GLY B 56 -44.05 -39.60 22.18
C GLY B 56 -43.26 -40.88 21.95
N ARG B 57 -43.80 -41.83 21.16
CA ARG B 57 -43.06 -43.06 20.85
C ARG B 57 -41.83 -42.76 19.97
N GLU B 58 -42.03 -41.90 18.98
CA GLU B 58 -40.94 -41.48 18.08
C GLU B 58 -39.77 -40.97 18.91
N HIS B 59 -40.01 -39.91 19.68
CA HIS B 59 -38.99 -39.29 20.52
C HIS B 59 -38.32 -40.24 21.50
N LEU B 60 -39.07 -41.19 22.04
CA LEU B 60 -38.52 -42.14 23.01
C LEU B 60 -37.89 -43.36 22.35
N GLY B 61 -38.03 -43.48 21.03
CA GLY B 61 -37.39 -44.56 20.29
C GLY B 61 -38.15 -45.87 20.32
N TYR B 62 -39.47 -45.77 20.22
CA TYR B 62 -40.38 -46.91 20.18
C TYR B 62 -39.98 -47.92 21.25
N PRO B 63 -40.13 -47.51 22.52
CA PRO B 63 -39.72 -48.32 23.67
C PRO B 63 -40.75 -49.35 24.10
N GLU B 64 -40.27 -50.47 24.61
CA GLU B 64 -41.14 -51.56 25.03
C GLU B 64 -41.74 -51.22 26.41
N LEU B 65 -43.06 -51.02 26.45
CA LEU B 65 -43.77 -50.64 27.65
C LEU B 65 -44.92 -51.60 27.96
N PRO B 66 -45.28 -51.74 29.24
CA PRO B 66 -46.48 -52.53 29.56
C PRO B 66 -47.74 -51.91 28.96
N ALA B 67 -48.69 -52.76 28.58
CA ALA B 67 -49.94 -52.31 27.99
C ALA B 67 -50.86 -51.87 29.12
N THR B 68 -50.72 -50.61 29.53
CA THR B 68 -51.47 -50.05 30.64
C THR B 68 -51.76 -48.57 30.39
N ILE B 69 -52.66 -48.00 31.19
CA ILE B 69 -53.07 -46.61 30.96
C ILE B 69 -51.90 -45.67 31.23
N ALA B 70 -51.04 -46.04 32.17
CA ALA B 70 -49.89 -45.21 32.54
C ALA B 70 -48.90 -45.12 31.40
N SER B 71 -48.77 -46.20 30.63
CA SER B 71 -47.89 -46.21 29.50
C SER B 71 -48.39 -45.28 28.41
N LYS B 72 -49.68 -45.30 28.14
CA LYS B 72 -50.30 -44.33 27.21
C LYS B 72 -50.16 -42.89 27.69
N GLN B 73 -50.19 -42.70 29.01
CA GLN B 73 -50.09 -41.36 29.59
C GLN B 73 -48.65 -40.83 29.62
N LEU B 74 -47.67 -41.72 29.80
CA LEU B 74 -46.27 -41.30 29.78
C LEU B 74 -45.84 -40.88 28.36
N LEU B 75 -46.27 -41.62 27.35
CA LEU B 75 -45.99 -41.27 25.95
C LEU B 75 -46.62 -39.93 25.61
N ALA B 76 -47.83 -39.71 26.08
CA ALA B 76 -48.51 -38.42 25.91
C ALA B 76 -47.78 -37.26 26.60
N ALA B 77 -47.26 -37.52 27.81
CA ALA B 77 -46.53 -36.50 28.59
C ALA B 77 -45.32 -35.99 27.83
N VAL B 78 -44.54 -36.94 27.31
CA VAL B 78 -43.34 -36.66 26.47
C VAL B 78 -43.82 -36.11 25.12
N GLY B 79 -44.85 -36.74 24.59
CA GLY B 79 -45.32 -36.45 23.25
C GLY B 79 -45.97 -35.11 23.05
N GLN B 80 -46.71 -34.64 24.06
CA GLN B 80 -47.39 -33.35 23.99
C GLN B 80 -46.37 -32.22 24.05
N SER B 81 -45.29 -32.47 24.78
CA SER B 81 -44.14 -31.56 24.86
C SER B 81 -43.45 -31.43 23.50
N ARG B 82 -43.18 -32.57 22.89
CA ARG B 82 -42.66 -32.63 21.52
C ARG B 82 -43.62 -32.01 20.49
N LEU B 83 -44.92 -32.15 20.74
CA LEU B 83 -45.98 -31.78 19.80
C LEU B 83 -46.27 -30.30 19.78
N ILE B 84 -46.33 -29.70 20.97
CA ILE B 84 -46.52 -28.25 21.12
C ILE B 84 -45.30 -27.47 20.64
N GLN B 85 -44.14 -28.10 20.77
CA GLN B 85 -42.87 -27.50 20.31
C GLN B 85 -42.81 -27.41 18.78
N LEU B 86 -43.33 -28.45 18.15
CA LEU B 86 -43.48 -28.49 16.71
C LEU B 86 -44.40 -27.36 16.27
N TRP B 87 -45.60 -27.30 16.87
CA TRP B 87 -46.59 -26.30 16.46
C TRP B 87 -46.10 -24.86 16.63
N GLU B 88 -45.43 -24.59 17.75
CA GLU B 88 -44.87 -23.26 18.06
C GLU B 88 -43.83 -22.86 17.01
N GLN B 89 -42.90 -23.78 16.73
CA GLN B 89 -41.80 -23.54 15.80
C GLN B 89 -42.27 -23.29 14.36
N LEU B 90 -43.16 -24.17 13.88
CA LEU B 90 -43.70 -24.02 12.55
C LEU B 90 -44.51 -22.74 12.37
N PHE B 91 -45.19 -22.28 13.42
CA PHE B 91 -46.00 -21.06 13.33
C PHE B 91 -45.17 -19.78 13.45
N SER B 92 -44.03 -19.84 14.14
CA SER B 92 -43.16 -18.67 14.28
C SER B 92 -42.55 -18.26 12.94
N ILE B 93 -42.35 -19.24 12.05
CA ILE B 93 -41.93 -18.98 10.66
C ILE B 93 -42.79 -17.89 10.03
N TYR B 94 -44.09 -17.96 10.31
CA TYR B 94 -45.04 -16.96 9.82
C TYR B 94 -45.34 -15.92 10.90
N GLY B 95 -44.41 -15.76 11.84
CA GLY B 95 -44.56 -14.81 12.94
C GLY B 95 -45.90 -14.86 13.64
N ILE B 96 -46.33 -16.08 13.98
CA ILE B 96 -47.60 -16.30 14.67
C ILE B 96 -47.35 -17.11 15.94
N HIS B 97 -47.96 -16.65 17.04
CA HIS B 97 -47.82 -17.30 18.34
C HIS B 97 -48.88 -18.33 18.56
N VAL B 98 -48.57 -19.29 19.42
CA VAL B 98 -49.53 -20.29 19.84
C VAL B 98 -49.67 -20.27 21.34
N GLY B 99 -50.81 -20.73 21.83
CA GLY B 99 -51.02 -20.97 23.24
C GLY B 99 -51.48 -22.40 23.40
N GLN B 100 -50.93 -23.12 24.38
CA GLN B 100 -51.33 -24.50 24.66
C GLN B 100 -52.52 -24.60 25.62
N MET B 101 -53.62 -25.19 25.17
CA MET B 101 -54.77 -25.46 26.05
C MET B 101 -55.03 -26.96 26.06
N LEU B 102 -54.82 -27.57 27.22
CA LEU B 102 -55.07 -28.99 27.42
C LEU B 102 -56.30 -29.14 28.29
N LEU B 103 -57.30 -29.88 27.81
CA LEU B 103 -58.54 -30.06 28.57
C LEU B 103 -59.19 -31.42 28.43
N THR B 104 -60.10 -31.71 29.35
CA THR B 104 -60.92 -32.92 29.38
C THR B 104 -62.36 -32.51 29.61
N ARG B 105 -63.26 -33.48 29.64
CA ARG B 105 -64.65 -33.18 29.97
C ARG B 105 -64.79 -32.54 31.36
N ALA B 106 -63.90 -32.90 32.29
CA ALA B 106 -64.00 -32.35 33.65
C ALA B 106 -63.91 -30.83 33.67
N ASP B 107 -63.35 -30.25 32.61
CA ASP B 107 -63.23 -28.81 32.53
C ASP B 107 -64.49 -28.18 31.95
N MET B 108 -65.46 -29.02 31.60
CA MET B 108 -66.77 -28.53 31.15
C MET B 108 -67.93 -29.19 31.90
N GLU B 109 -67.69 -29.54 33.17
CA GLU B 109 -68.72 -30.18 34.01
C GLU B 109 -69.63 -29.16 34.71
N ASP B 110 -69.12 -27.96 34.98
CA ASP B 110 -69.93 -26.81 35.38
C ASP B 110 -70.14 -25.89 34.21
N ARG B 111 -71.13 -25.04 34.34
CA ARG B 111 -71.21 -23.80 33.59
C ARG B 111 -69.98 -22.93 33.85
N GLU B 112 -69.67 -22.72 35.14
CA GLU B 112 -68.51 -21.90 35.56
C GLU B 112 -67.21 -22.28 34.81
N ARG B 113 -66.88 -23.57 34.86
CA ARG B 113 -65.65 -24.09 34.26
C ARG B 113 -65.66 -24.03 32.73
N PHE B 114 -66.77 -24.41 32.12
CA PHE B 114 -66.97 -24.26 30.67
C PHE B 114 -66.79 -22.80 30.20
N LEU B 115 -67.42 -21.86 30.90
CA LEU B 115 -67.30 -20.44 30.55
C LEU B 115 -65.89 -19.88 30.81
N ASN B 116 -65.17 -20.47 31.77
CA ASN B 116 -63.76 -20.10 32.02
C ASN B 116 -62.90 -20.40 30.80
N ALA B 117 -62.96 -21.65 30.35
CA ALA B 117 -62.27 -22.09 29.14
C ALA B 117 -62.63 -21.21 27.95
N ARG B 118 -63.92 -20.96 27.79
CA ARG B 118 -64.42 -20.09 26.72
C ARG B 118 -63.75 -18.72 26.76
N ASP B 119 -63.72 -18.12 27.93
CA ASP B 119 -63.14 -16.78 28.09
C ASP B 119 -61.65 -16.78 27.78
N THR B 120 -60.97 -17.87 28.11
CA THR B 120 -59.54 -18.01 27.82
C THR B 120 -59.30 -18.15 26.32
N LEU B 121 -60.09 -19.02 25.69
CA LEU B 121 -59.98 -19.28 24.26
C LEU B 121 -60.17 -17.98 23.47
N ARG B 122 -61.28 -17.29 23.74
CA ARG B 122 -61.57 -16.01 23.07
C ARG B 122 -60.47 -14.97 23.32
N ALA B 123 -60.00 -14.86 24.57
CA ALA B 123 -58.90 -13.93 24.92
C ALA B 123 -57.67 -14.14 24.02
N LEU B 124 -57.29 -15.42 23.83
CA LEU B 124 -56.21 -15.75 22.91
C LEU B 124 -56.51 -15.20 21.52
N LEU B 125 -57.67 -15.57 20.96
CA LEU B 125 -58.08 -15.13 19.62
C LEU B 125 -58.11 -13.61 19.49
N ASP B 126 -58.55 -12.92 20.54
CA ASP B 126 -58.58 -11.46 20.57
C ASP B 126 -57.18 -10.84 20.42
N ASN B 127 -56.16 -11.48 21.00
CA ASN B 127 -54.77 -11.01 20.88
C ASN B 127 -53.98 -11.72 19.77
N ASN B 128 -54.70 -12.30 18.83
CA ASN B 128 -54.14 -12.92 17.62
C ASN B 128 -53.28 -14.14 17.82
N VAL B 129 -53.45 -14.82 18.95
CA VAL B 129 -52.71 -16.04 19.25
C VAL B 129 -53.52 -17.25 18.76
N VAL B 130 -52.85 -18.16 18.08
CA VAL B 130 -53.51 -19.40 17.64
C VAL B 130 -53.53 -20.41 18.79
N PRO B 131 -54.73 -20.71 19.34
CA PRO B 131 -54.82 -21.76 20.33
C PRO B 131 -54.66 -23.15 19.73
N VAL B 132 -53.68 -23.88 20.25
CA VAL B 132 -53.48 -25.27 19.93
C VAL B 132 -54.09 -26.08 21.05
N ILE B 133 -55.23 -26.70 20.78
CA ILE B 133 -56.00 -27.44 21.79
C ILE B 133 -55.85 -28.95 21.62
N ASN B 134 -55.77 -29.65 22.75
CA ASN B 134 -55.69 -31.11 22.76
C ASN B 134 -56.27 -31.66 24.08
N GLU B 135 -56.66 -32.92 24.05
CA GLU B 135 -57.04 -33.64 25.26
C GLU B 135 -55.82 -33.71 26.19
N ASN B 136 -56.04 -33.49 27.48
CA ASN B 136 -54.97 -33.62 28.48
C ASN B 136 -54.78 -35.10 28.78
N ASP B 137 -54.10 -35.78 27.85
CA ASP B 137 -53.88 -37.23 27.93
C ASP B 137 -53.05 -37.60 29.15
N ALA B 138 -52.00 -36.82 29.40
CA ALA B 138 -51.03 -37.14 30.45
C ALA B 138 -51.67 -37.24 31.84
N VAL B 139 -52.66 -36.39 32.10
CA VAL B 139 -53.27 -36.30 33.43
C VAL B 139 -54.78 -36.40 33.31
N ALA B 140 -55.30 -37.63 33.25
CA ALA B 140 -56.74 -37.85 33.12
C ALA B 140 -57.14 -39.33 33.27
N THR B 141 -58.16 -39.58 34.08
CA THR B 141 -58.77 -40.89 34.15
C THR B 141 -59.71 -41.05 32.96
N ALA B 142 -59.97 -42.30 32.59
CA ALA B 142 -60.85 -42.63 31.46
C ALA B 142 -62.22 -41.95 31.56
N GLU B 143 -62.76 -41.85 32.77
CA GLU B 143 -64.10 -41.31 32.99
C GLU B 143 -64.25 -39.85 32.53
N ILE B 144 -63.20 -39.05 32.65
CA ILE B 144 -63.28 -37.61 32.28
C ILE B 144 -62.76 -37.29 30.88
N LYS B 145 -62.17 -38.28 30.21
CA LYS B 145 -61.71 -38.11 28.83
C LYS B 145 -62.86 -37.95 27.83
N VAL B 146 -62.68 -37.05 26.87
CA VAL B 146 -63.61 -36.89 25.76
C VAL B 146 -63.58 -38.12 24.85
N GLY B 147 -62.40 -38.74 24.74
CA GLY B 147 -62.25 -39.99 23.98
C GLY B 147 -61.64 -39.79 22.60
N ASP B 148 -61.94 -38.65 21.99
CA ASP B 148 -61.43 -38.35 20.66
C ASP B 148 -61.45 -36.83 20.36
N ASN B 149 -60.53 -36.42 19.49
CA ASN B 149 -60.38 -35.02 19.13
C ASN B 149 -61.41 -34.54 18.09
N ASP B 150 -62.15 -35.48 17.50
CA ASP B 150 -63.27 -35.13 16.63
C ASP B 150 -64.35 -34.50 17.50
N ASN B 151 -64.76 -35.22 18.54
CA ASN B 151 -65.66 -34.65 19.54
C ASN B 151 -65.07 -33.40 20.21
N LEU B 152 -63.79 -33.45 20.56
CA LEU B 152 -63.13 -32.32 21.22
C LEU B 152 -63.17 -31.05 20.39
N SER B 153 -63.00 -31.19 19.08
CA SER B 153 -62.99 -30.04 18.17
C SER B 153 -64.37 -29.39 18.11
N ALA B 154 -65.41 -30.21 18.07
CA ALA B 154 -66.80 -29.72 18.14
C ALA B 154 -67.01 -28.89 19.40
N LEU B 155 -66.52 -29.40 20.53
CA LEU B 155 -66.60 -28.68 21.80
C LEU B 155 -65.76 -27.42 21.73
N ALA B 156 -64.60 -27.49 21.08
CA ALA B 156 -63.74 -26.32 20.91
C ALA B 156 -64.44 -25.25 20.09
N ALA B 157 -65.19 -25.71 19.08
CA ALA B 157 -65.98 -24.82 18.23
C ALA B 157 -67.02 -24.04 19.02
N ILE B 158 -67.78 -24.73 19.85
CA ILE B 158 -68.77 -24.08 20.71
C ILE B 158 -68.06 -23.10 21.66
N LEU B 159 -67.01 -23.56 22.32
CA LEU B 159 -66.20 -22.71 23.19
C LEU B 159 -65.65 -21.48 22.49
N ALA B 160 -65.35 -21.61 21.21
CA ALA B 160 -64.68 -20.54 20.47
C ALA B 160 -65.63 -19.69 19.65
N GLY B 161 -66.94 -19.96 19.70
CA GLY B 161 -67.90 -19.24 18.84
C GLY B 161 -67.47 -19.32 17.38
N ALA B 162 -67.31 -20.55 16.91
CA ALA B 162 -66.78 -20.80 15.57
C ALA B 162 -67.90 -20.72 14.55
N ASP B 163 -67.55 -20.21 13.37
CA ASP B 163 -68.46 -20.19 12.24
C ASP B 163 -68.38 -21.51 11.51
N LYS B 164 -67.16 -22.03 11.37
CA LYS B 164 -66.93 -23.32 10.71
C LYS B 164 -66.06 -24.25 11.55
N LEU B 165 -66.33 -25.55 11.45
CA LEU B 165 -65.44 -26.57 11.99
C LEU B 165 -64.95 -27.44 10.84
N LEU B 166 -63.63 -27.61 10.74
CA LEU B 166 -63.04 -28.34 9.63
C LEU B 166 -62.33 -29.58 10.13
N LEU B 167 -62.91 -30.74 9.86
CA LEU B 167 -62.29 -32.02 10.20
C LEU B 167 -61.48 -32.59 9.04
N LEU B 168 -60.17 -32.35 9.05
CA LEU B 168 -59.27 -32.91 8.02
C LEU B 168 -58.95 -34.37 8.32
N THR B 169 -59.00 -35.20 7.28
CA THR B 169 -58.88 -36.64 7.42
C THR B 169 -58.12 -37.25 6.23
N ASP B 170 -57.93 -38.58 6.26
CA ASP B 170 -57.11 -39.29 5.28
C ASP B 170 -57.85 -39.71 4.01
N GLN B 171 -59.12 -39.32 3.88
CA GLN B 171 -59.92 -39.56 2.65
C GLN B 171 -60.77 -38.35 2.25
N LYS B 172 -61.31 -38.40 1.03
CA LYS B 172 -61.96 -37.23 0.40
C LYS B 172 -63.17 -36.68 1.19
N GLY B 173 -63.86 -37.56 1.92
CA GLY B 173 -65.00 -37.16 2.76
C GLY B 173 -65.96 -38.31 3.05
N LEU B 174 -67.21 -37.98 3.34
CA LEU B 174 -68.22 -38.98 3.64
C LEU B 174 -68.90 -39.43 2.34
N TYR B 175 -68.57 -40.64 1.90
CA TYR B 175 -69.17 -41.25 0.70
C TYR B 175 -70.46 -41.97 1.07
N THR B 176 -71.20 -42.43 0.06
CA THR B 176 -72.48 -43.13 0.27
C THR B 176 -72.24 -44.52 0.89
N ALA B 177 -71.98 -45.52 0.05
CA ALA B 177 -71.62 -46.84 0.56
C ALA B 177 -70.11 -46.83 0.84
N ASP B 178 -69.32 -46.99 -0.23
CA ASP B 178 -67.85 -46.94 -0.14
C ASP B 178 -67.30 -46.88 -1.58
N PRO B 179 -66.26 -46.04 -1.81
CA PRO B 179 -65.65 -45.95 -3.16
C PRO B 179 -64.89 -47.22 -3.56
N ARG B 180 -64.25 -47.85 -2.55
CA ARG B 180 -63.57 -49.14 -2.72
C ARG B 180 -64.56 -50.29 -2.98
N SER B 181 -65.50 -50.52 -2.05
CA SER B 181 -66.48 -51.62 -2.18
C SER B 181 -67.36 -51.45 -3.41
N ASN B 182 -68.30 -50.50 -3.36
CA ASN B 182 -69.15 -50.21 -4.51
C ASN B 182 -68.40 -49.27 -5.48
N PRO B 183 -68.24 -49.69 -6.75
CA PRO B 183 -67.31 -49.00 -7.63
C PRO B 183 -67.80 -47.64 -8.19
N GLN B 184 -69.00 -47.19 -7.78
CA GLN B 184 -69.50 -45.85 -8.15
C GLN B 184 -69.71 -44.94 -6.93
N ALA B 185 -70.26 -45.51 -5.84
CA ALA B 185 -70.48 -44.80 -4.57
C ALA B 185 -69.85 -43.40 -4.51
N GLU B 186 -70.66 -42.36 -4.75
CA GLU B 186 -70.19 -40.97 -4.88
C GLU B 186 -69.90 -40.28 -3.54
N LEU B 187 -69.25 -39.12 -3.63
CA LEU B 187 -68.99 -38.23 -2.50
C LEU B 187 -70.23 -37.40 -2.15
N ILE B 188 -70.65 -37.43 -0.89
CA ILE B 188 -71.81 -36.66 -0.44
C ILE B 188 -71.41 -35.21 -0.19
N LYS B 189 -71.77 -34.33 -1.13
CA LYS B 189 -71.38 -32.91 -1.07
C LYS B 189 -72.00 -32.15 0.10
N ASP B 190 -73.28 -32.41 0.37
CA ASP B 190 -74.06 -31.68 1.39
C ASP B 190 -74.88 -32.64 2.27
N VAL B 191 -75.07 -32.27 3.52
CA VAL B 191 -75.92 -33.03 4.43
C VAL B 191 -76.82 -32.06 5.18
N TYR B 192 -78.06 -32.49 5.44
CA TYR B 192 -79.05 -31.68 6.16
C TYR B 192 -79.58 -32.44 7.37
N GLY B 193 -78.87 -32.30 8.49
CA GLY B 193 -79.16 -33.02 9.71
C GLY B 193 -78.62 -34.43 9.64
N ILE B 194 -77.88 -34.84 10.66
CA ILE B 194 -77.43 -36.21 10.74
C ILE B 194 -78.64 -37.01 11.23
N ASP B 195 -79.02 -38.00 10.44
CA ASP B 195 -80.11 -38.91 10.79
C ASP B 195 -79.56 -40.34 10.91
N ASP B 196 -80.35 -41.24 11.49
CA ASP B 196 -79.92 -42.63 11.70
C ASP B 196 -79.53 -43.36 10.38
N ALA B 197 -80.27 -43.10 9.30
CA ALA B 197 -79.91 -43.65 7.99
C ALA B 197 -78.53 -43.14 7.52
N LEU B 198 -78.17 -41.94 7.98
CA LEU B 198 -76.83 -41.38 7.71
C LEU B 198 -75.77 -41.92 8.69
N ARG B 199 -76.19 -42.21 9.92
CA ARG B 199 -75.35 -42.89 10.93
C ARG B 199 -75.13 -44.39 10.61
N ALA B 200 -75.86 -44.92 9.63
CA ALA B 200 -75.63 -46.27 9.10
C ALA B 200 -74.28 -46.41 8.40
N ILE B 201 -73.74 -45.28 7.93
CA ILE B 201 -72.43 -45.22 7.28
C ILE B 201 -71.37 -44.70 8.27
N MET B 214 -64.81 -42.00 11.18
CA MET B 214 -65.99 -41.47 10.48
C MET B 214 -67.26 -41.55 11.34
N SER B 215 -67.36 -42.59 12.15
CA SER B 215 -68.45 -42.71 13.12
C SER B 215 -68.39 -41.55 14.13
N THR B 216 -67.19 -41.29 14.66
CA THR B 216 -66.96 -40.19 15.60
C THR B 216 -67.05 -38.82 14.93
N LYS B 217 -66.68 -38.75 13.66
CA LYS B 217 -66.75 -37.50 12.90
C LYS B 217 -68.19 -37.04 12.70
N LEU B 218 -69.12 -37.98 12.59
CA LEU B 218 -70.55 -37.67 12.49
C LEU B 218 -71.10 -37.14 13.81
N GLN B 219 -70.74 -37.75 14.93
CA GLN B 219 -71.11 -37.22 16.24
C GLN B 219 -70.65 -35.78 16.38
N ALA B 220 -69.41 -35.53 16.00
CA ALA B 220 -68.81 -34.22 16.14
C ALA B 220 -69.53 -33.21 15.26
N ALA B 221 -69.84 -33.63 14.04
CA ALA B 221 -70.62 -32.82 13.12
C ALA B 221 -72.00 -32.52 13.71
N ASP B 222 -72.66 -33.58 14.19
CA ASP B 222 -73.97 -33.46 14.82
C ASP B 222 -73.96 -32.43 15.94
N VAL B 223 -73.01 -32.54 16.85
CA VAL B 223 -72.90 -31.61 17.96
C VAL B 223 -72.65 -30.18 17.45
N ALA B 224 -71.68 -30.02 16.57
CA ALA B 224 -71.39 -28.69 16.00
C ALA B 224 -72.60 -28.08 15.28
N CYS B 225 -73.29 -28.87 14.47
CA CYS B 225 -74.46 -28.41 13.72
C CYS B 225 -75.63 -27.96 14.61
N ARG B 226 -75.81 -28.63 15.75
CA ARG B 226 -76.90 -28.34 16.68
C ARG B 226 -76.65 -27.06 17.47
N ALA B 227 -75.37 -26.74 17.64
CA ALA B 227 -74.97 -25.45 18.21
C ALA B 227 -74.89 -24.36 17.13
N GLY B 228 -75.24 -24.72 15.90
CA GLY B 228 -75.27 -23.80 14.78
C GLY B 228 -73.88 -23.48 14.27
N ILE B 229 -73.15 -24.52 13.85
CA ILE B 229 -71.81 -24.36 13.29
C ILE B 229 -71.65 -25.25 12.06
N ASP B 230 -71.52 -24.63 10.89
CA ASP B 230 -71.20 -25.35 9.64
C ASP B 230 -69.93 -26.19 9.83
N THR B 231 -70.00 -27.48 9.54
CA THR B 231 -68.86 -28.38 9.77
C THR B 231 -68.54 -29.23 8.52
N ILE B 232 -67.26 -29.36 8.22
CA ILE B 232 -66.80 -29.94 6.95
C ILE B 232 -65.82 -31.07 7.18
N ILE B 233 -66.06 -32.21 6.54
CA ILE B 233 -65.08 -33.29 6.50
C ILE B 233 -64.40 -33.29 5.14
N ALA B 234 -63.08 -33.08 5.14
CA ALA B 234 -62.28 -32.95 3.92
C ALA B 234 -60.96 -33.69 4.07
N ALA B 235 -60.25 -33.86 2.97
CA ALA B 235 -58.94 -34.50 2.99
C ALA B 235 -57.85 -33.46 3.22
N GLY B 236 -56.99 -33.73 4.20
CA GLY B 236 -55.90 -32.82 4.57
C GLY B 236 -54.89 -32.54 3.45
N SER B 237 -54.75 -33.49 2.52
CA SER B 237 -53.80 -33.36 1.41
C SER B 237 -54.41 -32.72 0.16
N LYS B 238 -55.67 -32.31 0.22
CA LYS B 238 -56.23 -31.54 -0.89
C LYS B 238 -55.59 -30.15 -0.86
N PRO B 239 -54.93 -29.75 -1.95
CA PRO B 239 -54.28 -28.45 -1.94
C PRO B 239 -55.27 -27.32 -1.73
N GLY B 240 -54.89 -26.35 -0.91
CA GLY B 240 -55.72 -25.18 -0.64
C GLY B 240 -57.02 -25.44 0.12
N VAL B 241 -57.12 -26.61 0.74
CA VAL B 241 -58.38 -27.03 1.38
C VAL B 241 -58.87 -26.02 2.42
N ILE B 242 -57.99 -25.57 3.32
CA ILE B 242 -58.39 -24.73 4.43
C ILE B 242 -58.93 -23.39 3.92
N GLY B 243 -58.19 -22.78 3.00
CA GLY B 243 -58.59 -21.49 2.41
C GLY B 243 -59.90 -21.58 1.68
N ASP B 244 -60.10 -22.68 0.96
CA ASP B 244 -61.36 -22.96 0.26
C ASP B 244 -62.55 -22.99 1.22
N VAL B 245 -62.44 -23.82 2.25
CA VAL B 245 -63.50 -23.97 3.24
C VAL B 245 -63.91 -22.62 3.81
N MET B 246 -62.93 -21.72 3.99
CA MET B 246 -63.21 -20.40 4.50
C MET B 246 -64.03 -19.57 3.50
N GLU B 247 -63.74 -19.71 2.21
CA GLU B 247 -64.52 -19.03 1.17
C GLU B 247 -65.89 -19.68 0.92
N GLY B 248 -66.17 -20.80 1.57
CA GLY B 248 -67.40 -21.57 1.33
C GLY B 248 -67.38 -22.33 0.03
N ILE B 249 -66.20 -22.51 -0.54
CA ILE B 249 -66.04 -23.29 -1.76
C ILE B 249 -66.24 -24.77 -1.44
N SER B 250 -67.08 -25.45 -2.23
CA SER B 250 -67.30 -26.88 -2.05
C SER B 250 -65.99 -27.63 -2.23
N VAL B 251 -65.57 -28.33 -1.17
CA VAL B 251 -64.26 -28.96 -1.12
C VAL B 251 -64.34 -30.43 -0.65
N GLY B 252 -65.38 -30.78 0.11
CA GLY B 252 -65.61 -32.16 0.55
C GLY B 252 -67.07 -32.46 0.88
N THR B 253 -67.33 -32.86 2.12
CA THR B 253 -68.69 -33.05 2.65
C THR B 253 -69.01 -31.90 3.59
N LEU B 254 -70.09 -31.17 3.31
CA LEU B 254 -70.55 -30.08 4.17
C LEU B 254 -71.81 -30.48 4.95
N PHE B 255 -71.68 -30.53 6.26
CA PHE B 255 -72.83 -30.69 7.13
C PHE B 255 -73.33 -29.29 7.48
N HIS B 256 -74.53 -28.96 7.00
CA HIS B 256 -75.11 -27.63 7.20
C HIS B 256 -75.55 -27.43 8.65
N ALA B 257 -75.37 -26.21 9.15
CA ALA B 257 -75.75 -25.89 10.53
C ALA B 257 -77.26 -25.87 10.64
N GLN B 258 -77.74 -26.28 11.80
CA GLN B 258 -79.18 -26.34 12.09
C GLN B 258 -79.83 -24.98 11.97
N ALA B 259 -80.94 -24.94 11.24
CA ALA B 259 -81.67 -23.69 10.96
C ALA B 259 -81.80 -22.84 12.22
N THR B 260 -82.36 -23.44 13.25
CA THR B 260 -82.56 -22.78 14.53
C THR B 260 -81.73 -23.51 15.60
N PRO B 261 -80.50 -23.01 15.88
CA PRO B 261 -79.59 -23.81 16.70
C PRO B 261 -80.02 -23.91 18.15
N LEU B 262 -79.40 -24.82 18.88
CA LEU B 262 -79.74 -25.06 20.29
C LEU B 262 -79.34 -23.89 21.20
N GLU B 263 -80.28 -23.48 22.05
CA GLU B 263 -80.10 -22.35 22.98
C GLU B 263 -78.66 -22.24 23.50
N ASN B 264 -77.98 -21.14 23.19
CA ASN B 264 -76.64 -20.90 23.74
C ASN B 264 -76.64 -21.12 25.25
N ARG B 265 -77.72 -20.67 25.88
CA ARG B 265 -78.02 -20.88 27.30
C ARG B 265 -77.55 -22.24 27.83
N LYS B 266 -77.66 -23.30 27.03
CA LYS B 266 -77.36 -24.66 27.52
C LYS B 266 -76.41 -25.51 26.65
N ARG B 267 -75.61 -24.88 25.80
CA ARG B 267 -74.63 -25.61 24.96
C ARG B 267 -73.51 -26.29 25.76
N TRP B 268 -73.20 -25.79 26.96
CA TRP B 268 -72.13 -26.36 27.81
C TRP B 268 -72.35 -27.85 28.15
N ILE B 269 -73.61 -28.26 28.21
CA ILE B 269 -73.97 -29.62 28.59
C ILE B 269 -73.37 -30.67 27.64
N PHE B 270 -73.13 -30.27 26.39
CA PHE B 270 -72.47 -31.13 25.42
C PHE B 270 -71.11 -31.67 25.88
N GLY B 271 -70.42 -30.93 26.74
CA GLY B 271 -69.07 -31.27 27.18
C GLY B 271 -68.95 -31.87 28.58
N ALA B 272 -70.03 -31.84 29.35
CA ALA B 272 -69.99 -32.39 30.71
C ALA B 272 -69.96 -33.91 30.70
N PRO B 273 -69.12 -34.53 31.56
CA PRO B 273 -69.16 -35.97 31.67
C PRO B 273 -70.30 -36.34 32.61
N PRO B 274 -71.10 -37.34 32.23
CA PRO B 274 -72.20 -37.66 33.12
C PRO B 274 -71.68 -38.27 34.42
N ALA B 275 -72.28 -37.85 35.53
CA ALA B 275 -71.89 -38.30 36.87
C ALA B 275 -72.54 -39.64 37.23
N GLY B 276 -73.57 -40.01 36.50
CA GLY B 276 -74.31 -41.22 36.77
C GLY B 276 -75.35 -41.44 35.69
N GLU B 277 -76.26 -42.37 35.95
CA GLU B 277 -77.25 -42.70 34.93
C GLU B 277 -78.58 -43.04 35.55
N ILE B 278 -79.63 -42.76 34.77
CA ILE B 278 -81.00 -43.00 35.16
C ILE B 278 -81.62 -43.85 34.05
N THR B 279 -82.31 -44.91 34.46
CA THR B 279 -83.15 -45.68 33.54
C THR B 279 -84.55 -45.13 33.71
N VAL B 280 -85.25 -44.95 32.58
CA VAL B 280 -86.50 -44.20 32.56
C VAL B 280 -87.61 -44.98 31.85
N ASP B 281 -88.85 -44.74 32.26
CA ASP B 281 -90.06 -45.35 31.65
C ASP B 281 -90.07 -45.30 30.13
N GLU B 282 -90.89 -46.15 29.54
CA GLU B 282 -91.21 -46.06 28.12
C GLU B 282 -92.13 -44.86 27.88
N GLY B 283 -92.99 -44.59 28.86
CA GLY B 283 -93.86 -43.40 28.85
C GLY B 283 -93.11 -42.08 29.02
N ALA B 284 -92.02 -42.10 29.78
CA ALA B 284 -91.20 -40.89 30.04
C ALA B 284 -90.10 -40.69 28.97
N THR B 285 -89.65 -41.80 28.38
CA THR B 285 -88.81 -41.80 27.19
C THR B 285 -89.53 -41.06 26.04
N ALA B 286 -90.83 -41.33 25.91
CA ALA B 286 -91.67 -40.64 24.94
C ALA B 286 -91.74 -39.15 25.25
N ALA B 287 -92.11 -38.82 26.50
CA ALA B 287 -92.26 -37.43 26.94
C ALA B 287 -91.03 -36.56 26.70
N ILE B 288 -89.85 -37.12 26.93
CA ILE B 288 -88.59 -36.39 26.74
C ILE B 288 -88.30 -36.15 25.25
N LEU B 289 -88.40 -37.22 24.46
CA LEU B 289 -88.04 -37.18 23.04
C LEU B 289 -89.14 -36.52 22.18
N GLU B 290 -90.37 -36.98 22.32
CA GLU B 290 -91.48 -36.52 21.48
C GLU B 290 -91.90 -35.09 21.80
N ARG B 291 -92.31 -34.84 23.04
CA ARG B 291 -92.87 -33.54 23.44
C ARG B 291 -91.88 -32.59 24.14
N GLY B 292 -90.62 -33.01 24.27
CA GLY B 292 -89.59 -32.18 24.92
C GLY B 292 -89.89 -31.79 26.36
N SER B 293 -90.48 -32.72 27.12
CA SER B 293 -90.90 -32.46 28.51
C SER B 293 -89.83 -32.80 29.57
N SER B 294 -89.97 -32.16 30.74
CA SER B 294 -89.09 -32.41 31.89
C SER B 294 -89.32 -33.80 32.47
N LEU B 295 -88.25 -34.46 32.91
CA LEU B 295 -88.37 -35.78 33.53
C LEU B 295 -88.93 -35.63 34.94
N LEU B 296 -90.03 -36.34 35.21
CA LEU B 296 -90.61 -36.44 36.53
C LEU B 296 -90.25 -37.79 37.14
N PRO B 297 -90.03 -37.82 38.46
CA PRO B 297 -89.62 -39.05 39.15
C PRO B 297 -90.58 -40.21 38.87
N LYS B 298 -91.87 -39.89 38.89
CA LYS B 298 -92.94 -40.75 38.35
C LYS B 298 -92.44 -41.86 37.41
N GLY B 299 -91.62 -41.48 36.42
CA GLY B 299 -91.18 -42.39 35.37
C GLY B 299 -89.81 -43.00 35.51
N ILE B 300 -89.05 -42.60 36.53
CA ILE B 300 -87.72 -43.17 36.76
C ILE B 300 -87.83 -44.64 37.21
N LYS B 301 -86.98 -45.50 36.65
CA LYS B 301 -86.94 -46.93 37.00
C LYS B 301 -85.71 -47.34 37.82
N SER B 302 -84.55 -46.76 37.54
CA SER B 302 -83.36 -47.06 38.33
C SER B 302 -82.27 -46.00 38.18
N VAL B 303 -81.49 -45.82 39.24
CA VAL B 303 -80.46 -44.79 39.34
C VAL B 303 -79.13 -45.47 39.63
N THR B 304 -78.04 -44.87 39.16
CA THR B 304 -76.71 -45.47 39.23
C THR B 304 -75.65 -44.41 39.55
N GLY B 305 -74.83 -44.68 40.56
CA GLY B 305 -73.67 -43.82 40.90
C GLY B 305 -73.98 -42.81 41.98
N ASN B 306 -72.96 -42.30 42.66
CA ASN B 306 -73.17 -41.21 43.62
C ASN B 306 -73.08 -39.90 42.85
N PHE B 307 -74.12 -39.07 42.93
CA PHE B 307 -74.01 -37.71 42.38
C PHE B 307 -74.93 -36.77 43.12
N SER B 308 -74.52 -35.51 43.19
CA SER B 308 -75.28 -34.49 43.88
C SER B 308 -76.28 -33.87 42.94
N ARG B 309 -77.18 -33.06 43.49
CA ARG B 309 -77.95 -32.15 42.66
C ARG B 309 -76.95 -31.17 42.04
N GLY B 310 -77.23 -30.76 40.81
CA GLY B 310 -76.38 -29.80 40.10
C GLY B 310 -75.49 -30.45 39.07
N GLU B 311 -75.18 -31.72 39.26
CA GLU B 311 -74.31 -32.45 38.34
C GLU B 311 -75.11 -33.00 37.16
N VAL B 312 -74.43 -33.10 36.01
CA VAL B 312 -75.06 -33.62 34.79
C VAL B 312 -75.08 -35.14 34.84
N ILE B 313 -76.14 -35.72 34.30
CA ILE B 313 -76.34 -37.16 34.34
C ILE B 313 -76.82 -37.69 32.98
N ARG B 314 -76.81 -39.02 32.86
CA ARG B 314 -77.28 -39.70 31.66
C ARG B 314 -78.71 -40.16 31.88
N ILE B 315 -79.46 -40.24 30.80
CA ILE B 315 -80.80 -40.79 30.87
C ILE B 315 -80.89 -41.86 29.81
N CYS B 316 -81.20 -43.08 30.24
CA CYS B 316 -81.33 -44.23 29.36
C CYS B 316 -82.77 -44.70 29.23
N ASN B 317 -83.13 -45.14 28.03
CA ASN B 317 -84.40 -45.87 27.79
C ASN B 317 -84.24 -47.31 28.31
N LEU B 318 -85.34 -48.06 28.43
CA LEU B 318 -85.27 -49.44 28.97
C LEU B 318 -84.40 -50.41 28.12
N GLU B 319 -84.06 -50.01 26.88
CA GLU B 319 -83.06 -50.73 26.06
C GLU B 319 -81.61 -50.60 26.53
N GLY B 320 -81.33 -49.57 27.34
CA GLY B 320 -79.96 -49.25 27.75
C GLY B 320 -79.31 -48.17 26.88
N ARG B 321 -80.15 -47.51 26.07
CA ARG B 321 -79.70 -46.51 25.11
C ARG B 321 -79.80 -45.08 25.66
N ASP B 322 -78.73 -44.31 25.44
CA ASP B 322 -78.63 -42.91 25.86
C ASP B 322 -79.58 -42.01 25.06
N ILE B 323 -80.63 -41.51 25.73
CA ILE B 323 -81.61 -40.63 25.10
C ILE B 323 -81.43 -39.15 25.46
N ALA B 324 -80.73 -38.86 26.56
CA ALA B 324 -80.58 -37.47 27.03
C ALA B 324 -79.54 -37.32 28.13
N HIS B 325 -78.96 -36.13 28.17
CA HIS B 325 -78.04 -35.70 29.22
C HIS B 325 -78.65 -34.45 29.86
N GLY B 326 -78.70 -34.38 31.19
CA GLY B 326 -79.32 -33.23 31.86
C GLY B 326 -78.87 -32.97 33.27
N VAL B 327 -79.16 -31.76 33.78
CA VAL B 327 -78.76 -31.38 35.14
C VAL B 327 -79.74 -31.90 36.15
N SER B 328 -79.27 -32.79 37.02
CA SER B 328 -80.10 -33.44 38.02
C SER B 328 -80.50 -32.48 39.12
N ARG B 329 -81.80 -32.33 39.35
CA ARG B 329 -82.30 -31.48 40.43
C ARG B 329 -82.09 -32.10 41.82
N TYR B 330 -82.08 -33.44 41.90
CA TYR B 330 -81.89 -34.16 43.20
C TYR B 330 -80.63 -35.05 43.20
N ASN B 331 -80.04 -35.23 44.37
CA ASN B 331 -78.89 -36.12 44.49
C ASN B 331 -79.33 -37.56 44.26
N SER B 332 -78.36 -38.44 44.07
CA SER B 332 -78.62 -39.81 43.66
C SER B 332 -79.45 -40.60 44.68
N ASP B 333 -79.10 -40.47 45.95
CA ASP B 333 -79.86 -41.15 47.03
C ASP B 333 -81.33 -40.68 47.09
N ALA B 334 -81.54 -39.38 46.91
CA ALA B 334 -82.89 -38.84 46.88
C ALA B 334 -83.67 -39.53 45.78
N LEU B 335 -83.15 -39.48 44.56
CA LEU B 335 -83.85 -40.03 43.41
C LEU B 335 -84.31 -41.46 43.59
N ARG B 336 -83.48 -42.31 44.19
CA ARG B 336 -83.90 -43.70 44.45
C ARG B 336 -85.09 -43.76 45.38
N ARG B 337 -85.15 -42.83 46.33
CA ARG B 337 -86.26 -42.81 47.28
C ARG B 337 -87.55 -42.26 46.65
N ILE B 338 -87.44 -41.26 45.79
CA ILE B 338 -88.63 -40.72 45.10
C ILE B 338 -88.88 -41.33 43.72
N ALA B 339 -88.06 -42.29 43.30
CA ALA B 339 -88.29 -42.94 41.99
C ALA B 339 -89.62 -43.68 41.99
N GLY B 340 -90.41 -43.45 40.95
CA GLY B 340 -91.72 -44.09 40.82
C GLY B 340 -92.76 -43.54 41.78
N HIS B 341 -92.68 -42.25 42.09
CA HIS B 341 -93.68 -41.60 42.92
C HIS B 341 -94.21 -40.34 42.25
N HIS B 342 -95.31 -39.82 42.76
CA HIS B 342 -95.85 -38.55 42.28
C HIS B 342 -95.08 -37.38 42.90
N SER B 343 -95.17 -36.21 42.27
CA SER B 343 -94.40 -35.03 42.67
C SER B 343 -94.72 -34.51 44.07
N GLN B 344 -96.01 -34.50 44.44
CA GLN B 344 -96.43 -34.06 45.77
C GLN B 344 -95.98 -35.00 46.88
N GLU B 345 -95.59 -36.23 46.53
CA GLU B 345 -95.05 -37.20 47.51
C GLU B 345 -93.63 -36.84 48.00
N ILE B 346 -92.92 -36.02 47.23
CA ILE B 346 -91.49 -35.74 47.46
C ILE B 346 -91.17 -35.30 48.89
N ASP B 347 -91.77 -34.19 49.34
CA ASP B 347 -91.44 -33.60 50.67
C ASP B 347 -91.74 -34.56 51.81
N ALA B 348 -92.82 -35.31 51.69
CA ALA B 348 -93.17 -36.33 52.68
C ALA B 348 -92.11 -37.42 52.72
N ILE B 349 -91.59 -37.79 51.56
CA ILE B 349 -90.59 -38.84 51.45
C ILE B 349 -89.19 -38.39 51.92
N LEU B 350 -88.78 -37.19 51.54
CA LEU B 350 -87.39 -36.78 51.78
C LEU B 350 -87.25 -35.93 53.03
N GLY B 351 -88.26 -35.11 53.31
CA GLY B 351 -88.15 -34.08 54.33
C GLY B 351 -87.62 -32.77 53.76
N TYR B 352 -87.44 -32.74 52.44
CA TYR B 352 -87.08 -31.52 51.71
C TYR B 352 -87.62 -31.64 50.29
N GLU B 353 -87.40 -30.60 49.48
CA GLU B 353 -88.03 -30.48 48.16
C GLU B 353 -87.23 -29.55 47.23
N TYR B 354 -87.06 -29.94 45.98
CA TYR B 354 -86.43 -29.10 44.96
C TYR B 354 -87.29 -29.04 43.70
N GLY B 355 -88.57 -28.74 43.90
CA GLY B 355 -89.55 -28.75 42.84
C GLY B 355 -90.02 -30.15 42.48
N PRO B 356 -91.04 -30.23 41.61
CA PRO B 356 -91.64 -31.48 41.20
C PRO B 356 -90.82 -32.27 40.18
N VAL B 357 -89.78 -31.64 39.64
CA VAL B 357 -89.03 -32.18 38.50
C VAL B 357 -87.67 -32.75 38.93
N ALA B 358 -87.34 -33.91 38.33
CA ALA B 358 -86.04 -34.56 38.52
C ALA B 358 -84.98 -33.94 37.61
N VAL B 359 -85.33 -33.70 36.36
CA VAL B 359 -84.45 -33.01 35.41
C VAL B 359 -85.27 -32.07 34.54
N HIS B 360 -85.00 -30.77 34.62
CA HIS B 360 -85.77 -29.78 33.88
C HIS B 360 -85.32 -29.73 32.42
N ARG B 361 -86.28 -29.61 31.52
CA ARG B 361 -86.01 -29.52 30.08
C ARG B 361 -85.12 -28.32 29.70
N ASP B 362 -85.13 -27.28 30.52
CA ASP B 362 -84.25 -26.13 30.32
C ASP B 362 -82.76 -26.43 30.58
N ASP B 363 -82.49 -27.51 31.33
CA ASP B 363 -81.13 -27.98 31.61
C ASP B 363 -80.93 -29.39 31.06
N MET B 364 -81.51 -29.66 29.90
CA MET B 364 -81.47 -30.99 29.27
C MET B 364 -81.07 -30.86 27.80
N ILE B 365 -80.32 -31.84 27.31
CA ILE B 365 -80.06 -32.01 25.87
C ILE B 365 -80.52 -33.40 25.41
N THR B 366 -81.38 -33.40 24.40
CA THR B 366 -81.99 -34.63 23.84
C THR B 366 -81.04 -35.36 22.89
N ARG B 367 -81.37 -36.63 22.59
CA ARG B 367 -80.50 -37.54 21.83
C ARG B 367 -79.33 -37.99 22.70
N ASP C 3 -33.74 -38.74 -17.63
CA ASP C 3 -34.47 -39.07 -16.37
C ASP C 3 -34.18 -38.02 -15.29
N SER C 4 -33.02 -38.16 -14.63
CA SER C 4 -32.71 -37.44 -13.39
C SER C 4 -31.62 -36.39 -13.54
N GLN C 5 -32.02 -35.12 -13.62
CA GLN C 5 -31.12 -33.98 -13.88
C GLN C 5 -30.52 -33.32 -12.63
N THR C 6 -29.55 -32.43 -12.86
CA THR C 6 -28.92 -31.60 -11.83
C THR C 6 -29.26 -30.12 -12.04
N LEU C 7 -29.71 -29.47 -10.97
CA LEU C 7 -30.10 -28.05 -11.04
C LEU C 7 -29.37 -27.20 -10.00
N VAL C 8 -29.04 -25.97 -10.38
CA VAL C 8 -28.40 -25.02 -9.46
C VAL C 8 -29.34 -23.82 -9.30
N VAL C 9 -29.97 -23.73 -8.14
CA VAL C 9 -30.87 -22.62 -7.83
C VAL C 9 -30.07 -21.56 -7.09
N LYS C 10 -29.93 -20.39 -7.71
CA LYS C 10 -29.29 -19.24 -7.07
C LYS C 10 -30.36 -18.26 -6.57
N LEU C 11 -30.34 -18.01 -5.26
CA LEU C 11 -31.25 -17.05 -4.64
C LEU C 11 -30.50 -15.80 -4.16
N GLY C 12 -30.84 -14.65 -4.73
CA GLY C 12 -30.25 -13.37 -4.31
C GLY C 12 -30.82 -12.87 -2.99
N THR C 13 -30.11 -11.93 -2.37
CA THR C 13 -30.57 -11.30 -1.13
C THR C 13 -32.02 -10.81 -1.19
N SER C 14 -32.40 -10.16 -2.30
CA SER C 14 -33.76 -9.63 -2.45
C SER C 14 -34.84 -10.70 -2.29
N VAL C 15 -34.61 -11.87 -2.90
CA VAL C 15 -35.56 -13.01 -2.87
C VAL C 15 -35.67 -13.60 -1.47
N LEU C 16 -34.53 -13.74 -0.81
CA LEU C 16 -34.48 -14.26 0.55
C LEU C 16 -35.15 -13.33 1.55
N THR C 17 -35.07 -12.02 1.31
CA THR C 17 -35.62 -11.03 2.25
C THR C 17 -37.01 -10.56 1.87
N GLY C 18 -37.58 -11.13 0.82
CA GLY C 18 -38.89 -10.70 0.32
C GLY C 18 -38.95 -9.21 -0.01
N GLY C 19 -37.77 -8.60 -0.24
CA GLY C 19 -37.66 -7.17 -0.52
C GLY C 19 -37.27 -6.32 0.67
N SER C 20 -37.20 -6.93 1.85
CA SER C 20 -37.01 -6.21 3.10
C SER C 20 -35.54 -6.26 3.55
N ARG C 21 -35.29 -5.94 4.81
CA ARG C 21 -33.95 -6.04 5.41
C ARG C 21 -33.82 -7.19 6.43
N ARG C 22 -34.87 -8.00 6.55
CA ARG C 22 -34.83 -9.21 7.37
C ARG C 22 -35.03 -10.40 6.43
N LEU C 23 -34.51 -11.57 6.79
CA LEU C 23 -34.72 -12.77 5.98
C LEU C 23 -36.12 -13.33 6.19
N ASN C 24 -36.88 -13.48 5.11
CA ASN C 24 -38.25 -14.00 5.20
C ASN C 24 -38.31 -15.52 5.13
N ARG C 25 -38.40 -16.18 6.29
CA ARG C 25 -38.35 -17.64 6.37
C ARG C 25 -39.56 -18.32 5.72
N ALA C 26 -40.66 -17.59 5.60
CA ALA C 26 -41.84 -18.06 4.88
C ALA C 26 -41.57 -18.13 3.38
N HIS C 27 -40.95 -17.10 2.84
CA HIS C 27 -40.60 -17.08 1.43
C HIS C 27 -39.54 -18.13 1.14
N ILE C 28 -38.60 -18.31 2.06
CA ILE C 28 -37.52 -19.27 1.85
C ILE C 28 -37.99 -20.72 1.99
N VAL C 29 -38.83 -21.00 2.99
CA VAL C 29 -39.34 -22.37 3.17
C VAL C 29 -40.20 -22.81 1.98
N GLU C 30 -40.78 -21.82 1.30
CA GLU C 30 -41.59 -22.10 0.13
C GLU C 30 -40.69 -22.66 -0.99
N LEU C 31 -39.53 -22.06 -1.16
CA LEU C 31 -38.58 -22.50 -2.18
C LEU C 31 -37.83 -23.78 -1.78
N VAL C 32 -37.50 -23.91 -0.49
CA VAL C 32 -36.92 -25.16 0.02
C VAL C 32 -37.82 -26.33 -0.36
N ARG C 33 -39.12 -26.16 -0.14
CA ARG C 33 -40.14 -27.17 -0.43
C ARG C 33 -40.20 -27.57 -1.89
N GLN C 34 -40.06 -26.58 -2.78
CA GLN C 34 -40.02 -26.82 -4.22
C GLN C 34 -38.78 -27.64 -4.61
N CYS C 35 -37.66 -27.42 -3.94
CA CYS C 35 -36.44 -28.22 -4.15
C CYS C 35 -36.57 -29.66 -3.63
N ALA C 36 -37.06 -29.79 -2.40
CA ALA C 36 -37.27 -31.09 -1.79
C ALA C 36 -38.17 -31.97 -2.64
N GLN C 37 -39.11 -31.35 -3.35
CA GLN C 37 -40.05 -32.08 -4.23
C GLN C 37 -39.30 -32.74 -5.40
N LEU C 38 -38.32 -32.02 -5.93
CA LEU C 38 -37.44 -32.56 -6.96
C LEU C 38 -36.44 -33.56 -6.39
N HIS C 39 -35.87 -33.24 -5.23
CA HIS C 39 -34.87 -34.07 -4.55
C HIS C 39 -35.45 -35.45 -4.29
N ALA C 40 -36.69 -35.47 -3.79
CA ALA C 40 -37.45 -36.68 -3.55
C ALA C 40 -37.73 -37.43 -4.85
N ALA C 41 -37.88 -36.67 -5.94
CA ALA C 41 -38.10 -37.22 -7.29
C ALA C 41 -36.82 -37.70 -8.01
N GLY C 42 -35.69 -37.75 -7.28
CA GLY C 42 -34.44 -38.27 -7.80
C GLY C 42 -33.45 -37.23 -8.28
N HIS C 43 -33.85 -35.96 -8.30
CA HIS C 43 -33.02 -34.93 -8.91
C HIS C 43 -31.96 -34.47 -7.92
N ARG C 44 -30.99 -33.72 -8.45
CA ARG C 44 -29.84 -33.26 -7.69
C ARG C 44 -29.88 -31.75 -7.64
N ILE C 45 -29.93 -31.20 -6.44
CA ILE C 45 -30.13 -29.78 -6.23
C ILE C 45 -28.90 -29.15 -5.59
N VAL C 46 -28.48 -28.01 -6.14
CA VAL C 46 -27.40 -27.22 -5.55
C VAL C 46 -27.99 -25.85 -5.23
N ILE C 47 -27.68 -25.35 -4.04
CA ILE C 47 -28.13 -24.02 -3.62
C ILE C 47 -26.95 -23.07 -3.57
N VAL C 48 -27.11 -21.92 -4.20
CA VAL C 48 -26.17 -20.83 -4.07
C VAL C 48 -26.91 -19.67 -3.41
N THR C 49 -26.51 -19.35 -2.19
CA THR C 49 -27.26 -18.40 -1.37
C THR C 49 -26.51 -17.10 -1.10
N SER C 50 -27.20 -15.97 -1.25
CA SER C 50 -26.70 -14.67 -0.80
C SER C 50 -27.22 -14.43 0.61
N GLY C 51 -27.21 -13.16 1.03
CA GLY C 51 -27.88 -12.76 2.28
C GLY C 51 -27.15 -13.08 3.57
N ALA C 52 -25.83 -13.26 3.49
CA ALA C 52 -25.05 -13.52 4.69
C ALA C 52 -24.85 -12.23 5.49
N ILE C 53 -24.57 -11.14 4.81
CA ILE C 53 -24.39 -9.83 5.44
C ILE C 53 -25.74 -9.33 5.96
N ALA C 54 -26.80 -9.58 5.19
CA ALA C 54 -28.19 -9.29 5.59
C ALA C 54 -28.52 -9.91 6.94
N ALA C 55 -28.18 -11.19 7.06
CA ALA C 55 -28.36 -11.98 8.28
C ALA C 55 -27.51 -11.49 9.46
N GLY C 56 -26.29 -11.05 9.16
CA GLY C 56 -25.41 -10.49 10.20
C GLY C 56 -25.97 -9.23 10.83
N ARG C 57 -26.38 -8.28 9.98
CA ARG C 57 -26.96 -7.02 10.44
C ARG C 57 -28.15 -7.25 11.35
N GLU C 58 -29.06 -8.13 10.92
CA GLU C 58 -30.24 -8.47 11.70
C GLU C 58 -29.83 -9.09 13.03
N HIS C 59 -29.12 -10.21 12.97
CA HIS C 59 -28.69 -10.93 14.18
C HIS C 59 -27.92 -10.05 15.15
N LEU C 60 -27.17 -9.07 14.65
CA LEU C 60 -26.42 -8.15 15.53
C LEU C 60 -27.24 -6.96 15.97
N GLY C 61 -28.49 -6.87 15.50
CA GLY C 61 -29.37 -5.80 15.91
C GLY C 61 -29.06 -4.50 15.23
N TYR C 62 -28.71 -4.59 13.93
CA TYR C 62 -28.34 -3.44 13.08
C TYR C 62 -27.43 -2.45 13.82
N PRO C 63 -26.14 -2.82 14.00
CA PRO C 63 -25.14 -1.97 14.64
C PRO C 63 -24.51 -0.96 13.69
N GLU C 64 -24.14 0.22 14.21
CA GLU C 64 -23.38 1.20 13.42
C GLU C 64 -21.95 0.69 13.39
N LEU C 65 -21.47 0.36 12.20
CA LEU C 65 -20.08 -0.05 11.99
C LEU C 65 -19.45 0.87 10.97
N PRO C 66 -18.14 1.19 11.14
CA PRO C 66 -17.44 1.95 10.12
C PRO C 66 -17.50 1.31 8.72
N ALA C 67 -17.53 2.15 7.69
CA ALA C 67 -17.57 1.70 6.30
C ALA C 67 -16.21 1.19 5.81
N THR C 68 -15.83 -0.01 6.25
CA THR C 68 -14.57 -0.65 5.89
C THR C 68 -14.82 -2.10 5.49
N ILE C 69 -13.78 -2.77 5.03
CA ILE C 69 -13.89 -4.16 4.57
C ILE C 69 -13.99 -5.14 5.76
N ALA C 70 -13.34 -4.82 6.87
CA ALA C 70 -13.44 -5.64 8.06
C ALA C 70 -14.87 -5.66 8.62
N SER C 71 -15.60 -4.57 8.42
CA SER C 71 -16.98 -4.49 8.87
C SER C 71 -17.84 -5.46 8.07
N LYS C 72 -17.75 -5.39 6.74
CA LYS C 72 -18.46 -6.32 5.85
C LYS C 72 -18.09 -7.78 6.11
N GLN C 73 -16.84 -8.03 6.48
CA GLN C 73 -16.38 -9.39 6.71
C GLN C 73 -16.87 -9.94 8.05
N LEU C 74 -16.86 -9.09 9.09
CA LEU C 74 -17.35 -9.51 10.40
C LEU C 74 -18.84 -9.82 10.34
N LEU C 75 -19.61 -9.00 9.63
CA LEU C 75 -21.04 -9.29 9.39
C LEU C 75 -21.24 -10.61 8.65
N ALA C 76 -20.39 -10.89 7.68
CA ALA C 76 -20.44 -12.13 6.92
C ALA C 76 -20.07 -13.35 7.79
N ALA C 77 -19.15 -13.18 8.75
CA ALA C 77 -18.79 -14.27 9.67
C ALA C 77 -20.00 -14.66 10.54
N VAL C 78 -20.61 -13.64 11.15
CA VAL C 78 -21.79 -13.81 11.99
C VAL C 78 -22.94 -14.33 11.14
N GLY C 79 -23.15 -13.66 10.01
CA GLY C 79 -24.27 -13.97 9.13
C GLY C 79 -24.20 -15.32 8.44
N GLN C 80 -23.00 -15.72 8.01
CA GLN C 80 -22.83 -17.02 7.34
C GLN C 80 -23.16 -18.17 8.28
N SER C 81 -22.87 -17.99 9.57
CA SER C 81 -23.28 -18.92 10.62
C SER C 81 -24.82 -18.97 10.75
N ARG C 82 -25.45 -17.80 10.72
CA ARG C 82 -26.91 -17.71 10.82
C ARG C 82 -27.57 -18.33 9.60
N LEU C 83 -27.04 -18.02 8.43
CA LEU C 83 -27.64 -18.44 7.17
C LEU C 83 -27.71 -19.96 7.06
N ILE C 84 -26.60 -20.61 7.40
CA ILE C 84 -26.46 -22.05 7.24
C ILE C 84 -27.30 -22.85 8.25
N GLN C 85 -27.52 -22.29 9.44
CA GLN C 85 -28.54 -22.82 10.36
C GLN C 85 -29.88 -22.91 9.64
N LEU C 86 -30.27 -21.76 9.11
CA LEU C 86 -31.55 -21.59 8.44
C LEU C 86 -31.75 -22.69 7.42
N TRP C 87 -30.85 -22.74 6.44
CA TRP C 87 -30.94 -23.72 5.35
C TRP C 87 -31.01 -25.15 5.85
N GLU C 88 -30.19 -25.46 6.85
CA GLU C 88 -30.14 -26.80 7.44
C GLU C 88 -31.47 -27.15 8.12
N GLN C 89 -31.97 -26.22 8.94
CA GLN C 89 -33.20 -26.42 9.68
C GLN C 89 -34.42 -26.55 8.75
N LEU C 90 -34.55 -25.63 7.81
CA LEU C 90 -35.66 -25.65 6.86
C LEU C 90 -35.60 -26.87 5.99
N PHE C 91 -34.41 -27.30 5.59
CA PHE C 91 -34.27 -28.51 4.74
C PHE C 91 -34.55 -29.78 5.51
N SER C 92 -34.32 -29.76 6.82
CA SER C 92 -34.54 -30.93 7.66
C SER C 92 -36.03 -31.15 7.86
N ILE C 93 -36.83 -30.13 7.60
CA ILE C 93 -38.29 -30.25 7.58
C ILE C 93 -38.70 -31.28 6.52
N TYR C 94 -37.87 -31.41 5.50
CA TYR C 94 -38.12 -32.36 4.42
C TYR C 94 -37.14 -33.54 4.48
N GLY C 95 -36.47 -33.70 5.63
CA GLY C 95 -35.51 -34.77 5.86
C GLY C 95 -34.36 -34.78 4.88
N ILE C 96 -33.84 -33.60 4.55
CA ILE C 96 -32.76 -33.44 3.60
C ILE C 96 -31.59 -32.78 4.32
N HIS C 97 -30.39 -33.32 4.07
CA HIS C 97 -29.17 -32.80 4.67
C HIS C 97 -28.52 -31.78 3.77
N VAL C 98 -27.78 -30.86 4.38
CA VAL C 98 -27.03 -29.86 3.67
C VAL C 98 -25.55 -29.90 4.06
N GLY C 99 -24.68 -29.53 3.13
CA GLY C 99 -23.26 -29.33 3.41
C GLY C 99 -22.85 -27.92 2.98
N GLN C 100 -22.04 -27.26 3.80
CA GLN C 100 -21.59 -25.89 3.52
C GLN C 100 -20.27 -25.88 2.74
N MET C 101 -20.28 -25.24 1.57
CA MET C 101 -19.07 -25.00 0.79
C MET C 101 -18.87 -23.51 0.58
N LEU C 102 -17.77 -22.97 1.13
CA LEU C 102 -17.42 -21.56 0.93
C LEU C 102 -16.16 -21.43 0.08
N LEU C 103 -16.27 -20.75 -1.05
CA LEU C 103 -15.15 -20.64 -1.98
C LEU C 103 -15.00 -19.29 -2.63
N THR C 104 -13.80 -19.08 -3.18
CA THR C 104 -13.39 -17.86 -3.84
C THR C 104 -12.72 -18.26 -5.17
N ARG C 105 -12.36 -17.28 -5.98
CA ARG C 105 -11.60 -17.56 -7.21
C ARG C 105 -10.29 -18.28 -6.91
N ALA C 106 -9.68 -17.98 -5.76
CA ALA C 106 -8.44 -18.64 -5.33
C ALA C 106 -8.56 -20.16 -5.32
N ASP C 107 -9.77 -20.67 -5.11
CA ASP C 107 -10.02 -22.11 -5.12
C ASP C 107 -10.17 -22.68 -6.53
N MET C 108 -10.14 -21.81 -7.54
CA MET C 108 -10.25 -22.26 -8.92
C MET C 108 -9.13 -21.64 -9.77
N GLU C 109 -7.97 -21.45 -9.15
CA GLU C 109 -6.80 -20.86 -9.82
C GLU C 109 -5.91 -21.92 -10.44
N ASP C 110 -6.00 -23.15 -9.94
CA ASP C 110 -5.33 -24.32 -10.55
C ASP C 110 -6.39 -25.23 -11.13
N ARG C 111 -5.99 -26.08 -12.07
CA ARG C 111 -6.76 -27.27 -12.43
C ARG C 111 -6.96 -28.13 -11.16
N GLU C 112 -5.89 -28.26 -10.39
CA GLU C 112 -5.86 -29.13 -9.20
C GLU C 112 -6.93 -28.75 -8.18
N ARG C 113 -6.89 -27.49 -7.72
CA ARG C 113 -7.86 -26.96 -6.76
C ARG C 113 -9.30 -26.94 -7.28
N PHE C 114 -9.47 -26.65 -8.57
CA PHE C 114 -10.80 -26.71 -9.21
C PHE C 114 -11.38 -28.13 -9.19
N LEU C 115 -10.58 -29.13 -9.56
CA LEU C 115 -11.06 -30.51 -9.57
C LEU C 115 -11.40 -31.00 -8.17
N ASN C 116 -10.61 -30.59 -7.18
CA ASN C 116 -10.88 -30.87 -5.77
C ASN C 116 -12.28 -30.37 -5.39
N ALA C 117 -12.57 -29.12 -5.75
CA ALA C 117 -13.89 -28.54 -5.50
C ALA C 117 -14.96 -29.42 -6.16
N ARG C 118 -14.79 -29.63 -7.46
CA ARG C 118 -15.72 -30.43 -8.24
C ARG C 118 -15.98 -31.79 -7.61
N ASP C 119 -14.90 -32.48 -7.26
CA ASP C 119 -15.03 -33.82 -6.69
C ASP C 119 -15.86 -33.82 -5.39
N THR C 120 -15.63 -32.82 -4.54
CA THR C 120 -16.41 -32.66 -3.29
C THR C 120 -17.89 -32.40 -3.57
N LEU C 121 -18.15 -31.41 -4.42
CA LEU C 121 -19.51 -31.08 -4.84
C LEU C 121 -20.23 -32.29 -5.49
N ARG C 122 -19.50 -33.08 -6.28
CA ARG C 122 -20.06 -34.30 -6.87
C ARG C 122 -20.31 -35.38 -5.81
N ALA C 123 -19.41 -35.45 -4.82
CA ALA C 123 -19.54 -36.43 -3.74
C ALA C 123 -20.76 -36.18 -2.87
N LEU C 124 -20.98 -34.92 -2.48
CA LEU C 124 -22.17 -34.54 -1.72
C LEU C 124 -23.43 -35.03 -2.44
N LEU C 125 -23.57 -34.60 -3.70
CA LEU C 125 -24.77 -34.87 -4.51
C LEU C 125 -25.04 -36.35 -4.66
N ASP C 126 -23.96 -37.11 -4.89
CA ASP C 126 -24.00 -38.56 -4.98
C ASP C 126 -24.56 -39.24 -3.72
N ASN C 127 -24.40 -38.58 -2.57
CA ASN C 127 -24.93 -39.09 -1.32
C ASN C 127 -26.19 -38.33 -0.86
N ASN C 128 -26.91 -37.76 -1.83
CA ASN C 128 -28.19 -37.08 -1.61
C ASN C 128 -28.14 -35.83 -0.71
N VAL C 129 -27.00 -35.17 -0.68
CA VAL C 129 -26.79 -33.99 0.17
C VAL C 129 -26.86 -32.70 -0.67
N VAL C 130 -27.70 -31.75 -0.26
CA VAL C 130 -27.78 -30.46 -0.95
C VAL C 130 -26.63 -29.53 -0.54
N PRO C 131 -25.69 -29.25 -1.47
CA PRO C 131 -24.69 -28.26 -1.15
C PRO C 131 -25.30 -26.86 -1.07
N VAL C 132 -25.07 -26.18 0.03
CA VAL C 132 -25.41 -24.77 0.15
C VAL C 132 -24.15 -23.93 -0.03
N ILE C 133 -24.00 -23.31 -1.21
CA ILE C 133 -22.76 -22.62 -1.59
C ILE C 133 -22.87 -21.09 -1.40
N ASN C 134 -21.78 -20.46 -0.96
CA ASN C 134 -21.70 -18.99 -0.88
C ASN C 134 -20.26 -18.57 -1.09
N GLU C 135 -20.06 -17.31 -1.42
CA GLU C 135 -18.73 -16.73 -1.49
C GLU C 135 -18.15 -16.52 -0.08
N ASN C 136 -16.94 -17.02 0.17
CA ASN C 136 -16.33 -16.91 1.48
C ASN C 136 -15.98 -15.45 1.76
N ASP C 137 -17.00 -14.70 2.20
CA ASP C 137 -16.91 -13.26 2.47
C ASP C 137 -16.14 -12.97 3.75
N ALA C 138 -16.23 -13.87 4.72
CA ALA C 138 -15.56 -13.67 6.01
C ALA C 138 -14.06 -13.65 5.86
N VAL C 139 -13.53 -14.51 4.98
CA VAL C 139 -12.08 -14.69 4.80
C VAL C 139 -11.69 -14.59 3.31
N ALA C 140 -11.48 -13.37 2.83
CA ALA C 140 -11.08 -13.18 1.42
C ALA C 140 -10.73 -11.72 1.09
N THR C 141 -9.54 -11.51 0.52
CA THR C 141 -9.17 -10.18 0.01
C THR C 141 -9.93 -9.94 -1.28
N ALA C 142 -10.15 -8.68 -1.62
CA ALA C 142 -10.95 -8.35 -2.78
C ALA C 142 -10.43 -9.04 -4.04
N GLU C 143 -9.10 -9.18 -4.16
CA GLU C 143 -8.47 -9.75 -5.36
C GLU C 143 -8.83 -11.22 -5.68
N ILE C 144 -9.30 -11.96 -4.68
CA ILE C 144 -9.64 -13.37 -4.89
C ILE C 144 -11.15 -13.64 -4.90
N LYS C 145 -11.95 -12.64 -4.56
CA LYS C 145 -13.42 -12.80 -4.61
C LYS C 145 -13.98 -12.90 -6.04
N VAL C 146 -15.03 -13.69 -6.20
CA VAL C 146 -15.75 -13.80 -7.48
C VAL C 146 -16.44 -12.47 -7.82
N GLY C 147 -16.97 -11.81 -6.79
CA GLY C 147 -17.58 -10.49 -6.91
C GLY C 147 -19.05 -10.50 -6.55
N ASP C 148 -19.73 -11.58 -6.91
CA ASP C 148 -21.16 -11.70 -6.71
C ASP C 148 -21.59 -13.16 -6.92
N ASN C 149 -22.69 -13.53 -6.31
CA ASN C 149 -23.15 -14.90 -6.36
C ASN C 149 -23.70 -15.33 -7.74
N ASP C 150 -24.02 -14.38 -8.62
CA ASP C 150 -24.48 -14.72 -9.97
C ASP C 150 -23.35 -15.42 -10.72
N ASN C 151 -22.18 -14.78 -10.77
CA ASN C 151 -21.00 -15.38 -11.39
C ASN C 151 -20.54 -16.67 -10.69
N LEU C 152 -20.64 -16.68 -9.37
CA LEU C 152 -20.32 -17.86 -8.56
C LEU C 152 -21.24 -19.04 -8.87
N SER C 153 -22.50 -18.75 -9.14
CA SER C 153 -23.48 -19.82 -9.41
C SER C 153 -23.20 -20.52 -10.76
N ALA C 154 -22.71 -19.75 -11.74
CA ALA C 154 -22.28 -20.30 -13.02
C ALA C 154 -21.14 -21.31 -12.82
N LEU C 155 -20.19 -20.93 -11.97
CA LEU C 155 -19.06 -21.77 -11.65
C LEU C 155 -19.49 -23.00 -10.85
N ALA C 156 -20.49 -22.82 -9.99
CA ALA C 156 -21.05 -23.94 -9.24
C ALA C 156 -21.75 -24.89 -10.20
N ALA C 157 -22.45 -24.31 -11.17
CA ALA C 157 -23.11 -25.07 -12.24
C ALA C 157 -22.10 -25.90 -13.03
N ILE C 158 -20.94 -25.31 -13.29
CA ILE C 158 -19.84 -26.01 -13.95
C ILE C 158 -19.28 -27.09 -13.04
N LEU C 159 -18.95 -26.73 -11.79
CA LEU C 159 -18.42 -27.69 -10.81
C LEU C 159 -19.35 -28.89 -10.58
N ALA C 160 -20.64 -28.62 -10.46
CA ALA C 160 -21.63 -29.66 -10.19
C ALA C 160 -21.98 -30.49 -11.43
N GLY C 161 -21.60 -30.01 -12.60
CA GLY C 161 -21.95 -30.68 -13.86
C GLY C 161 -23.45 -30.56 -14.12
N ALA C 162 -23.97 -29.34 -14.01
CA ALA C 162 -25.41 -29.11 -14.00
C ALA C 162 -26.05 -29.12 -15.38
N ASP C 163 -27.35 -29.40 -15.41
CA ASP C 163 -28.17 -29.38 -16.61
C ASP C 163 -28.81 -28.01 -16.80
N LYS C 164 -29.27 -27.42 -15.68
CA LYS C 164 -29.87 -26.09 -15.69
C LYS C 164 -29.39 -25.21 -14.54
N LEU C 165 -29.27 -23.92 -14.81
CA LEU C 165 -28.93 -22.92 -13.81
C LEU C 165 -30.11 -21.97 -13.68
N LEU C 166 -30.57 -21.74 -12.46
CA LEU C 166 -31.74 -20.89 -12.22
C LEU C 166 -31.39 -19.74 -11.30
N LEU C 167 -31.40 -18.54 -11.86
CA LEU C 167 -31.09 -17.30 -11.13
C LEU C 167 -32.39 -16.62 -10.70
N LEU C 168 -32.91 -17.00 -9.54
CA LEU C 168 -34.12 -16.38 -9.00
C LEU C 168 -33.81 -14.96 -8.57
N THR C 169 -34.65 -14.04 -9.01
CA THR C 169 -34.46 -12.63 -8.69
C THR C 169 -35.81 -12.01 -8.38
N ASP C 170 -35.87 -10.70 -8.16
CA ASP C 170 -37.15 -10.03 -7.82
C ASP C 170 -37.84 -9.35 -9.01
N GLN C 171 -37.72 -9.95 -10.20
CA GLN C 171 -38.59 -9.62 -11.31
C GLN C 171 -38.67 -10.72 -12.37
N LYS C 172 -39.70 -10.62 -13.21
CA LYS C 172 -40.11 -11.67 -14.16
C LYS C 172 -38.92 -12.25 -14.95
N GLY C 173 -37.99 -11.38 -15.31
CA GLY C 173 -36.76 -11.82 -15.96
C GLY C 173 -36.07 -10.65 -16.64
N LEU C 174 -35.38 -10.94 -17.74
CA LEU C 174 -34.66 -9.92 -18.50
C LEU C 174 -35.61 -9.24 -19.49
N TYR C 175 -35.75 -7.91 -19.38
CA TYR C 175 -36.63 -7.13 -20.26
C TYR C 175 -35.84 -6.42 -21.35
N THR C 176 -36.55 -5.92 -22.36
CA THR C 176 -35.94 -5.17 -23.47
C THR C 176 -35.36 -3.83 -23.00
N ALA C 177 -35.79 -3.40 -21.82
CA ALA C 177 -35.32 -2.18 -21.19
C ALA C 177 -35.66 -2.31 -19.72
N ASP C 178 -35.22 -1.34 -18.93
CA ASP C 178 -35.49 -1.40 -17.49
C ASP C 178 -36.99 -1.21 -17.22
N PRO C 179 -37.64 -2.20 -16.60
CA PRO C 179 -39.09 -2.18 -16.39
C PRO C 179 -39.58 -1.18 -15.32
N ARG C 180 -38.77 -0.94 -14.29
CA ARG C 180 -39.07 0.07 -13.26
C ARG C 180 -39.02 1.49 -13.81
N SER C 181 -38.31 1.69 -14.94
CA SER C 181 -38.20 2.98 -15.60
C SER C 181 -39.07 3.04 -16.85
N ASN C 182 -39.72 1.95 -17.25
CA ASN C 182 -40.46 1.86 -18.54
C ASN C 182 -41.67 0.91 -18.48
N PRO C 183 -42.84 1.43 -18.82
CA PRO C 183 -44.04 0.61 -19.01
C PRO C 183 -44.30 0.31 -20.50
N GLN C 184 -43.26 0.44 -21.34
CA GLN C 184 -43.32 0.10 -22.75
C GLN C 184 -42.26 -0.93 -23.13
N ALA C 185 -41.86 -1.76 -22.16
CA ALA C 185 -40.72 -2.69 -22.29
C ALA C 185 -41.17 -4.13 -22.07
N GLU C 186 -41.15 -4.95 -23.12
CA GLU C 186 -41.61 -6.34 -23.04
C GLU C 186 -40.62 -7.26 -22.32
N LEU C 187 -41.10 -8.40 -21.85
CA LEU C 187 -40.23 -9.49 -21.37
C LEU C 187 -39.54 -10.16 -22.56
N ILE C 188 -38.36 -10.71 -22.32
CA ILE C 188 -37.65 -11.51 -23.30
C ILE C 188 -37.77 -12.99 -22.95
N LYS C 189 -38.47 -13.75 -23.78
CA LYS C 189 -38.72 -15.16 -23.54
C LYS C 189 -37.44 -15.99 -23.72
N ASP C 190 -36.77 -15.84 -24.86
CA ASP C 190 -35.60 -16.67 -25.17
C ASP C 190 -34.41 -15.86 -25.63
N VAL C 191 -33.20 -16.37 -25.33
CA VAL C 191 -31.96 -15.70 -25.70
C VAL C 191 -30.96 -16.73 -26.23
N TYR C 192 -30.54 -16.55 -27.47
CA TYR C 192 -29.66 -17.49 -28.15
C TYR C 192 -28.28 -16.87 -28.32
N GLY C 193 -27.51 -16.89 -27.24
CA GLY C 193 -26.17 -16.28 -27.23
C GLY C 193 -26.21 -14.81 -26.85
N ILE C 194 -25.44 -14.45 -25.83
CA ILE C 194 -25.30 -13.06 -25.40
C ILE C 194 -24.26 -12.34 -26.28
N ASP C 195 -24.64 -11.18 -26.81
CA ASP C 195 -23.74 -10.31 -27.57
C ASP C 195 -23.80 -8.91 -27.01
N ASP C 196 -22.85 -8.07 -27.39
CA ASP C 196 -22.72 -6.70 -26.85
C ASP C 196 -24.01 -5.88 -26.89
N ALA C 197 -24.85 -6.13 -27.89
CA ALA C 197 -26.15 -5.49 -28.02
C ALA C 197 -27.10 -5.86 -26.88
N LEU C 198 -27.09 -7.11 -26.45
CA LEU C 198 -27.90 -7.56 -25.32
C LEU C 198 -27.35 -7.04 -23.98
N ARG C 199 -26.03 -6.92 -23.89
CA ARG C 199 -25.35 -6.38 -22.70
C ARG C 199 -25.80 -4.96 -22.38
N ALA C 200 -26.03 -4.16 -23.43
CA ALA C 200 -26.61 -2.83 -23.29
C ALA C 200 -28.02 -2.90 -22.73
N ILE C 201 -28.86 -3.74 -23.35
CA ILE C 201 -30.25 -3.91 -22.93
C ILE C 201 -30.38 -4.36 -21.46
N ALA C 202 -29.35 -5.02 -20.93
CA ALA C 202 -29.20 -5.17 -19.49
C ALA C 202 -28.44 -3.95 -18.97
N GLY C 212 -25.64 -0.58 -14.21
CA GLY C 212 -26.60 -1.64 -14.51
C GLY C 212 -26.36 -2.88 -13.66
N GLY C 213 -27.45 -3.42 -13.11
CA GLY C 213 -27.35 -4.50 -12.10
C GLY C 213 -27.55 -5.89 -12.70
N MET C 214 -28.57 -6.03 -13.55
CA MET C 214 -28.85 -7.24 -14.37
C MET C 214 -27.61 -7.65 -15.22
N SER C 215 -26.63 -6.75 -15.28
CA SER C 215 -25.30 -6.97 -15.85
C SER C 215 -24.58 -8.24 -15.37
N THR C 216 -24.63 -8.53 -14.07
CA THR C 216 -24.01 -9.76 -13.54
C THR C 216 -24.78 -11.05 -13.91
N LYS C 217 -26.09 -10.94 -14.11
CA LYS C 217 -26.88 -12.08 -14.54
C LYS C 217 -26.54 -12.48 -15.98
N LEU C 218 -26.25 -11.51 -16.83
CA LEU C 218 -25.80 -11.80 -18.21
C LEU C 218 -24.40 -12.40 -18.24
N GLN C 219 -23.53 -11.91 -17.37
CA GLN C 219 -22.19 -12.48 -17.24
C GLN C 219 -22.25 -13.94 -16.79
N ALA C 220 -23.12 -14.22 -15.83
CA ALA C 220 -23.29 -15.59 -15.35
C ALA C 220 -23.88 -16.48 -16.43
N ALA C 221 -24.92 -15.98 -17.08
CA ALA C 221 -25.60 -16.71 -18.14
C ALA C 221 -24.61 -17.03 -19.26
N ASP C 222 -23.77 -16.05 -19.59
CA ASP C 222 -22.82 -16.24 -20.64
C ASP C 222 -21.87 -17.37 -20.30
N VAL C 223 -21.17 -17.25 -19.18
CA VAL C 223 -20.23 -18.29 -18.72
C VAL C 223 -20.86 -19.66 -18.76
N ALA C 224 -22.06 -19.77 -18.18
CA ALA C 224 -22.76 -21.04 -17.99
C ALA C 224 -23.26 -21.69 -19.29
N CYS C 225 -23.65 -20.86 -20.26
CA CYS C 225 -24.08 -21.32 -21.58
C CYS C 225 -22.92 -21.81 -22.42
N ARG C 226 -21.78 -21.15 -22.30
CA ARG C 226 -20.58 -21.57 -23.00
C ARG C 226 -20.11 -22.95 -22.52
N ALA C 227 -20.42 -23.25 -21.25
CA ALA C 227 -20.18 -24.57 -20.67
C ALA C 227 -21.33 -25.56 -20.94
N GLY C 228 -22.28 -25.18 -21.79
CA GLY C 228 -23.41 -26.05 -22.18
C GLY C 228 -24.55 -26.16 -21.18
N ILE C 229 -24.67 -25.17 -20.29
CA ILE C 229 -25.71 -25.19 -19.24
C ILE C 229 -26.78 -24.13 -19.53
N ASP C 230 -28.02 -24.57 -19.70
CA ASP C 230 -29.18 -23.66 -19.86
C ASP C 230 -29.37 -22.91 -18.57
N THR C 231 -29.45 -21.59 -18.69
CA THR C 231 -29.58 -20.71 -17.53
C THR C 231 -30.83 -19.86 -17.71
N ILE C 232 -31.54 -19.65 -16.59
CA ILE C 232 -32.84 -18.99 -16.56
C ILE C 232 -32.84 -17.85 -15.52
N ILE C 233 -33.45 -16.73 -15.89
CA ILE C 233 -33.76 -15.66 -14.94
C ILE C 233 -35.27 -15.61 -14.73
N ALA C 234 -35.72 -15.93 -13.53
CA ALA C 234 -37.13 -15.93 -13.19
C ALA C 234 -37.35 -15.27 -11.83
N ALA C 235 -38.61 -15.07 -11.47
CA ALA C 235 -38.96 -14.43 -10.21
C ALA C 235 -39.19 -15.50 -9.13
N GLY C 236 -38.53 -15.34 -7.99
CA GLY C 236 -38.61 -16.33 -6.92
C GLY C 236 -40.00 -16.45 -6.33
N SER C 237 -40.70 -15.33 -6.31
CA SER C 237 -42.07 -15.26 -5.81
C SER C 237 -43.03 -16.02 -6.71
N LYS C 238 -42.68 -16.20 -7.98
CA LYS C 238 -43.56 -16.90 -8.91
C LYS C 238 -43.80 -18.33 -8.45
N PRO C 239 -45.07 -18.72 -8.26
CA PRO C 239 -45.37 -20.06 -7.73
C PRO C 239 -44.97 -21.23 -8.64
N GLY C 240 -44.33 -22.23 -8.05
CA GLY C 240 -43.92 -23.43 -8.76
C GLY C 240 -42.83 -23.18 -9.79
N VAL C 241 -42.13 -22.06 -9.66
CA VAL C 241 -41.13 -21.65 -10.64
C VAL C 241 -39.98 -22.64 -10.74
N ILE C 242 -39.54 -23.19 -9.60
CA ILE C 242 -38.45 -24.16 -9.61
C ILE C 242 -38.86 -25.43 -10.36
N GLY C 243 -40.07 -25.91 -10.10
CA GLY C 243 -40.55 -27.12 -10.74
C GLY C 243 -40.73 -26.93 -12.23
N ASP C 244 -41.27 -25.79 -12.61
CA ASP C 244 -41.54 -25.46 -14.02
C ASP C 244 -40.24 -25.38 -14.82
N VAL C 245 -39.19 -24.87 -14.18
CA VAL C 245 -37.89 -24.75 -14.81
C VAL C 245 -37.30 -26.11 -15.08
N MET C 246 -37.47 -27.04 -14.14
CA MET C 246 -36.95 -28.40 -14.30
C MET C 246 -37.65 -29.12 -15.46
N GLU C 247 -38.96 -28.87 -15.60
CA GLU C 247 -39.73 -29.39 -16.74
C GLU C 247 -39.44 -28.69 -18.06
N GLY C 248 -38.73 -27.57 -18.03
CA GLY C 248 -38.51 -26.79 -19.23
C GLY C 248 -39.73 -25.99 -19.65
N ILE C 249 -40.67 -25.78 -18.74
CA ILE C 249 -41.82 -24.92 -19.00
C ILE C 249 -41.32 -23.47 -19.01
N SER C 250 -41.72 -22.68 -20.00
CA SER C 250 -41.30 -21.27 -20.09
C SER C 250 -41.83 -20.48 -18.91
N VAL C 251 -40.91 -19.87 -18.17
CA VAL C 251 -41.26 -19.29 -16.87
C VAL C 251 -40.73 -17.85 -16.71
N GLY C 252 -39.52 -17.56 -17.21
CA GLY C 252 -38.98 -16.20 -17.24
C GLY C 252 -38.26 -15.89 -18.54
N THR C 253 -36.92 -15.83 -18.49
CA THR C 253 -36.07 -15.68 -19.67
C THR C 253 -35.17 -16.90 -19.78
N LEU C 254 -35.19 -17.60 -20.92
CA LEU C 254 -34.32 -18.76 -21.11
C LEU C 254 -33.14 -18.41 -22.02
N PHE C 255 -31.96 -18.39 -21.40
CA PHE C 255 -30.69 -18.32 -22.13
C PHE C 255 -30.35 -19.73 -22.55
N HIS C 256 -30.20 -19.94 -23.85
CA HIS C 256 -30.02 -21.27 -24.42
C HIS C 256 -28.57 -21.67 -24.44
N ALA C 257 -28.31 -22.95 -24.19
CA ALA C 257 -26.94 -23.46 -24.14
C ALA C 257 -26.31 -23.54 -25.51
N GLN C 258 -25.04 -23.14 -25.55
CA GLN C 258 -24.27 -23.14 -26.77
C GLN C 258 -24.37 -24.49 -27.45
N ALA C 259 -24.87 -24.46 -28.68
CA ALA C 259 -25.04 -25.65 -29.52
C ALA C 259 -23.96 -26.70 -29.29
N THR C 260 -22.71 -26.24 -29.37
CA THR C 260 -21.54 -27.09 -29.11
C THR C 260 -20.65 -26.35 -28.08
N PRO C 261 -20.71 -26.81 -26.80
CA PRO C 261 -20.15 -26.06 -25.69
C PRO C 261 -18.63 -26.13 -25.55
N LEU C 262 -18.04 -25.13 -24.89
CA LEU C 262 -16.59 -25.01 -24.68
C LEU C 262 -16.01 -26.24 -24.00
N GLU C 263 -14.85 -26.70 -24.47
CA GLU C 263 -14.23 -27.96 -24.00
C GLU C 263 -14.25 -28.10 -22.50
N ASN C 264 -14.68 -29.25 -22.01
CA ASN C 264 -14.63 -29.51 -20.57
C ASN C 264 -13.20 -29.41 -20.05
N ARG C 265 -12.28 -29.90 -20.87
CA ARG C 265 -10.83 -29.81 -20.66
C ARG C 265 -10.35 -28.46 -20.10
N LYS C 266 -11.03 -27.36 -20.41
CA LYS C 266 -10.58 -26.03 -20.00
C LYS C 266 -11.67 -25.08 -19.47
N ARG C 267 -12.74 -25.63 -18.91
CA ARG C 267 -13.80 -24.82 -18.29
C ARG C 267 -13.34 -24.18 -16.96
N TRP C 268 -12.38 -24.80 -16.31
CA TRP C 268 -11.86 -24.27 -15.04
C TRP C 268 -11.33 -22.84 -15.17
N ILE C 269 -10.84 -22.48 -16.35
CA ILE C 269 -10.27 -21.14 -16.58
C ILE C 269 -11.28 -20.02 -16.32
N PHE C 270 -12.57 -20.33 -16.46
CA PHE C 270 -13.64 -19.39 -16.08
C PHE C 270 -13.55 -18.89 -14.64
N GLY C 271 -13.16 -19.76 -13.71
CA GLY C 271 -13.15 -19.46 -12.27
C GLY C 271 -11.83 -18.98 -11.69
N ALA C 272 -10.77 -18.98 -12.51
CA ALA C 272 -9.45 -18.52 -12.07
C ALA C 272 -9.37 -16.99 -11.94
N PRO C 273 -8.63 -16.49 -10.92
CA PRO C 273 -8.39 -15.07 -10.76
C PRO C 273 -7.06 -14.67 -11.42
N PRO C 274 -7.09 -13.76 -12.42
CA PRO C 274 -5.89 -13.37 -13.16
C PRO C 274 -4.74 -12.86 -12.29
N ALA C 275 -3.59 -13.54 -12.39
CA ALA C 275 -2.42 -13.24 -11.59
C ALA C 275 -1.75 -11.95 -12.03
N GLY C 276 -1.78 -11.69 -13.34
CA GLY C 276 -1.26 -10.44 -13.91
C GLY C 276 -2.00 -10.15 -15.21
N GLU C 277 -1.58 -9.13 -15.95
CA GLU C 277 -2.16 -8.89 -17.27
C GLU C 277 -1.12 -8.57 -18.34
N ILE C 278 -1.49 -8.81 -19.59
CA ILE C 278 -0.60 -8.62 -20.74
C ILE C 278 -1.29 -7.72 -21.74
N THR C 279 -0.73 -6.54 -22.01
CA THR C 279 -1.27 -5.68 -23.05
C THR C 279 -0.76 -6.21 -24.39
N VAL C 280 -1.69 -6.43 -25.32
CA VAL C 280 -1.40 -7.15 -26.56
C VAL C 280 -1.65 -6.29 -27.79
N ASP C 281 -0.98 -6.64 -28.88
CA ASP C 281 -1.02 -5.91 -30.14
C ASP C 281 -2.42 -5.73 -30.74
N GLU C 282 -2.48 -4.95 -31.82
CA GLU C 282 -3.68 -4.85 -32.65
C GLU C 282 -3.88 -6.15 -33.44
N GLY C 283 -2.82 -6.59 -34.10
CA GLY C 283 -2.82 -7.83 -34.90
C GLY C 283 -3.03 -9.09 -34.08
N ALA C 284 -2.34 -9.19 -32.95
CA ALA C 284 -2.48 -10.35 -32.05
C ALA C 284 -3.89 -10.46 -31.46
N THR C 285 -4.51 -9.31 -31.19
CA THR C 285 -5.91 -9.27 -30.75
C THR C 285 -6.80 -9.91 -31.81
N ALA C 286 -6.51 -9.61 -33.07
CA ALA C 286 -7.23 -10.19 -34.22
C ALA C 286 -7.00 -11.70 -34.30
N ALA C 287 -5.73 -12.10 -34.23
CA ALA C 287 -5.34 -13.51 -34.25
C ALA C 287 -6.02 -14.33 -33.16
N ILE C 288 -6.16 -13.73 -31.97
CA ILE C 288 -6.81 -14.41 -30.83
C ILE C 288 -8.33 -14.49 -31.02
N LEU C 289 -8.96 -13.35 -31.27
CA LEU C 289 -10.42 -13.23 -31.29
C LEU C 289 -11.07 -13.74 -32.59
N GLU C 290 -10.47 -13.44 -33.73
CA GLU C 290 -11.03 -13.91 -35.01
C GLU C 290 -10.59 -15.34 -35.35
N ARG C 291 -9.29 -15.60 -35.35
CA ARG C 291 -8.75 -16.86 -35.86
C ARG C 291 -8.42 -17.91 -34.78
N GLY C 292 -8.76 -17.62 -33.52
CA GLY C 292 -8.52 -18.53 -32.39
C GLY C 292 -7.08 -19.04 -32.30
N SER C 293 -6.12 -18.13 -32.43
CA SER C 293 -4.69 -18.50 -32.42
C SER C 293 -4.11 -18.51 -31.00
N SER C 294 -2.87 -18.99 -30.89
CA SER C 294 -2.09 -18.92 -29.64
C SER C 294 -1.29 -17.63 -29.62
N LEU C 295 -1.20 -17.00 -28.45
CA LEU C 295 -0.48 -15.72 -28.30
C LEU C 295 1.04 -15.91 -28.33
N LEU C 296 1.69 -15.34 -29.35
CA LEU C 296 3.14 -15.32 -29.44
C LEU C 296 3.67 -14.07 -28.74
N PRO C 297 4.92 -14.11 -28.22
CA PRO C 297 5.55 -12.92 -27.62
C PRO C 297 5.68 -11.75 -28.60
N LYS C 298 5.92 -12.08 -29.87
CA LYS C 298 5.80 -11.16 -31.01
C LYS C 298 4.78 -10.03 -30.76
N GLY C 299 3.55 -10.40 -30.41
CA GLY C 299 2.45 -9.45 -30.26
C GLY C 299 2.30 -8.81 -28.89
N ILE C 300 3.12 -9.21 -27.92
CA ILE C 300 3.01 -8.68 -26.55
C ILE C 300 3.65 -7.28 -26.47
N LYS C 301 2.90 -6.34 -25.91
CA LYS C 301 3.31 -4.93 -25.83
C LYS C 301 3.84 -4.56 -24.45
N SER C 302 3.10 -4.92 -23.40
CA SER C 302 3.56 -4.71 -22.02
C SER C 302 2.98 -5.75 -21.08
N VAL C 303 3.67 -6.00 -19.98
CA VAL C 303 3.29 -7.01 -18.99
C VAL C 303 3.14 -6.36 -17.61
N THR C 304 2.15 -6.80 -16.84
CA THR C 304 1.84 -6.21 -15.52
C THR C 304 1.75 -7.26 -14.39
N GLY C 305 2.46 -6.99 -13.29
CA GLY C 305 2.46 -7.83 -12.10
C GLY C 305 3.52 -8.91 -12.14
N ASN C 306 3.83 -9.48 -10.97
CA ASN C 306 4.65 -10.68 -10.89
C ASN C 306 3.77 -11.90 -11.06
N PHE C 307 4.19 -12.82 -11.93
CA PHE C 307 3.56 -14.14 -12.00
C PHE C 307 4.52 -15.20 -12.51
N SER C 308 4.20 -16.46 -12.24
CA SER C 308 5.04 -17.59 -12.60
C SER C 308 4.42 -18.27 -13.82
N ARG C 309 5.17 -19.21 -14.41
CA ARG C 309 4.60 -20.01 -15.49
C ARG C 309 3.54 -20.93 -14.90
N GLY C 310 2.50 -21.19 -15.67
CA GLY C 310 1.38 -22.02 -15.20
C GLY C 310 0.24 -21.24 -14.56
N GLU C 311 0.48 -19.98 -14.19
CA GLU C 311 -0.57 -19.12 -13.63
C GLU C 311 -1.47 -18.55 -14.73
N VAL C 312 -2.74 -18.32 -14.41
CA VAL C 312 -3.69 -17.69 -15.33
C VAL C 312 -3.52 -16.16 -15.27
N ILE C 313 -3.51 -15.52 -16.44
CA ILE C 313 -3.34 -14.07 -16.57
C ILE C 313 -4.43 -13.49 -17.46
N ARG C 314 -4.47 -12.16 -17.53
CA ARG C 314 -5.42 -11.46 -18.41
C ARG C 314 -4.73 -10.85 -19.65
N ILE C 315 -5.35 -11.03 -20.82
CA ILE C 315 -4.86 -10.47 -22.06
C ILE C 315 -5.76 -9.28 -22.41
N CYS C 316 -5.16 -8.11 -22.63
CA CYS C 316 -5.90 -6.89 -22.95
C CYS C 316 -5.53 -6.41 -24.34
N ASN C 317 -6.49 -5.83 -25.06
CA ASN C 317 -6.21 -5.17 -26.34
C ASN C 317 -5.72 -3.74 -26.06
N LEU C 318 -5.23 -3.04 -27.07
CA LEU C 318 -4.63 -1.72 -26.87
C LEU C 318 -5.57 -0.64 -26.27
N GLU C 319 -6.87 -0.91 -26.21
CA GLU C 319 -7.82 -0.03 -25.49
C GLU C 319 -7.74 -0.16 -23.98
N GLY C 320 -7.68 -1.40 -23.50
CA GLY C 320 -7.80 -1.70 -22.07
C GLY C 320 -8.96 -2.64 -21.75
N ARG C 321 -9.38 -3.40 -22.76
CA ARG C 321 -10.49 -4.34 -22.67
C ARG C 321 -9.98 -5.77 -22.44
N ASP C 322 -10.71 -6.56 -21.67
CA ASP C 322 -10.34 -7.95 -21.40
C ASP C 322 -10.78 -8.83 -22.56
N ILE C 323 -9.83 -9.25 -23.41
CA ILE C 323 -10.12 -10.10 -24.57
C ILE C 323 -9.96 -11.60 -24.31
N ALA C 324 -9.14 -11.97 -23.33
CA ALA C 324 -8.95 -13.39 -23.02
C ALA C 324 -8.34 -13.63 -21.66
N HIS C 325 -8.59 -14.82 -21.13
CA HIS C 325 -7.94 -15.33 -19.93
C HIS C 325 -7.17 -16.61 -20.32
N GLY C 326 -5.95 -16.75 -19.84
CA GLY C 326 -5.12 -17.87 -20.24
C GLY C 326 -3.92 -18.18 -19.36
N VAL C 327 -3.50 -19.44 -19.40
CA VAL C 327 -2.37 -19.95 -18.60
C VAL C 327 -1.05 -19.56 -19.23
N SER C 328 -0.25 -18.77 -18.51
CA SER C 328 1.03 -18.28 -19.01
C SER C 328 2.11 -19.38 -19.06
N ARG C 329 2.84 -19.44 -20.18
CA ARG C 329 3.92 -20.43 -20.38
C ARG C 329 5.24 -19.97 -19.78
N TYR C 330 5.47 -18.66 -19.75
CA TYR C 330 6.68 -18.11 -19.15
C TYR C 330 6.29 -17.22 -17.98
N ASN C 331 7.27 -16.87 -17.16
CA ASN C 331 7.06 -15.95 -16.03
C ASN C 331 7.13 -14.48 -16.47
N SER C 332 6.76 -13.56 -15.58
CA SER C 332 6.61 -12.13 -15.94
C SER C 332 7.94 -11.46 -16.28
N ASP C 333 8.95 -11.69 -15.42
CA ASP C 333 10.30 -11.14 -15.63
C ASP C 333 10.85 -11.55 -17.02
N ALA C 334 10.46 -12.74 -17.47
CA ALA C 334 10.82 -13.27 -18.79
C ALA C 334 9.98 -12.65 -19.91
N LEU C 335 8.66 -12.68 -19.77
CA LEU C 335 7.75 -12.18 -20.80
C LEU C 335 8.06 -10.74 -21.22
N ARG C 336 8.56 -9.94 -20.28
CA ARG C 336 9.06 -8.60 -20.61
C ARG C 336 10.32 -8.69 -21.45
N ARG C 337 11.22 -9.61 -21.12
CA ARG C 337 12.50 -9.77 -21.84
C ARG C 337 12.31 -10.24 -23.29
N ILE C 338 11.37 -11.16 -23.49
CA ILE C 338 11.09 -11.69 -24.85
C ILE C 338 9.94 -10.98 -25.59
N ALA C 339 9.23 -10.08 -24.92
CA ALA C 339 8.15 -9.33 -25.58
C ALA C 339 8.69 -8.61 -26.81
N GLY C 340 7.91 -8.66 -27.89
CA GLY C 340 8.27 -8.00 -29.13
C GLY C 340 9.20 -8.76 -30.06
N HIS C 341 9.78 -9.87 -29.59
CA HIS C 341 10.76 -10.63 -30.36
C HIS C 341 10.15 -11.89 -31.00
N HIS C 342 10.84 -12.45 -31.99
CA HIS C 342 10.41 -13.70 -32.65
C HIS C 342 10.67 -14.90 -31.72
N SER C 343 10.07 -16.05 -32.06
CA SER C 343 10.11 -17.24 -31.20
C SER C 343 11.48 -17.95 -31.15
N GLN C 344 12.15 -18.05 -32.30
CA GLN C 344 13.50 -18.63 -32.35
C GLN C 344 14.49 -17.96 -31.40
N GLU C 345 14.17 -16.74 -30.97
CA GLU C 345 15.09 -15.91 -30.19
C GLU C 345 15.04 -16.17 -28.68
N ILE C 346 14.08 -16.97 -28.22
CA ILE C 346 13.81 -17.14 -26.78
C ILE C 346 15.00 -17.73 -26.01
N ASP C 347 15.50 -18.88 -26.45
CA ASP C 347 16.59 -19.57 -25.73
C ASP C 347 17.82 -18.67 -25.62
N ALA C 348 18.09 -17.89 -26.66
CA ALA C 348 19.25 -16.98 -26.70
C ALA C 348 19.13 -15.82 -25.70
N ILE C 349 17.92 -15.28 -25.58
CA ILE C 349 17.65 -14.21 -24.62
C ILE C 349 17.70 -14.77 -23.20
N LEU C 350 16.75 -15.64 -22.87
CA LEU C 350 16.53 -16.12 -21.50
C LEU C 350 17.61 -17.10 -21.04
N GLY C 351 17.99 -18.03 -21.91
CA GLY C 351 18.85 -19.15 -21.54
C GLY C 351 18.06 -20.45 -21.45
N TYR C 352 16.72 -20.32 -21.39
CA TYR C 352 15.82 -21.46 -21.37
C TYR C 352 14.69 -21.26 -22.37
N GLU C 353 13.87 -22.29 -22.53
CA GLU C 353 12.78 -22.29 -23.47
C GLU C 353 11.56 -22.93 -22.81
N TYR C 354 10.38 -22.64 -23.34
CA TYR C 354 9.15 -23.31 -22.95
C TYR C 354 8.20 -23.32 -24.14
N GLY C 355 8.72 -23.73 -25.29
CA GLY C 355 7.98 -23.68 -26.55
C GLY C 355 7.95 -22.27 -27.13
N PRO C 356 7.40 -22.12 -28.35
CA PRO C 356 7.39 -20.84 -29.04
C PRO C 356 6.35 -19.86 -28.50
N VAL C 357 5.34 -20.41 -27.82
CA VAL C 357 4.11 -19.71 -27.52
C VAL C 357 4.13 -19.14 -26.09
N ALA C 358 3.62 -17.92 -25.94
CA ALA C 358 3.45 -17.30 -24.61
C ALA C 358 2.21 -17.85 -23.91
N VAL C 359 1.07 -17.79 -24.59
CA VAL C 359 -0.16 -18.43 -24.10
C VAL C 359 -0.73 -19.30 -25.22
N HIS C 360 -0.79 -20.61 -24.98
CA HIS C 360 -1.36 -21.55 -25.94
C HIS C 360 -2.88 -21.41 -25.91
N ARG C 361 -3.50 -21.68 -27.05
CA ARG C 361 -4.97 -21.55 -27.23
C ARG C 361 -5.75 -22.70 -26.61
N ASP C 362 -5.05 -23.74 -26.14
CA ASP C 362 -5.68 -24.85 -25.46
C ASP C 362 -5.75 -24.64 -23.93
N ASP C 363 -5.11 -23.57 -23.46
CA ASP C 363 -5.23 -23.09 -22.06
C ASP C 363 -5.72 -21.63 -22.01
N MET C 364 -6.65 -21.29 -22.89
CA MET C 364 -7.14 -19.93 -23.00
C MET C 364 -8.65 -19.95 -23.15
N ILE C 365 -9.31 -18.97 -22.55
CA ILE C 365 -10.72 -18.72 -22.81
C ILE C 365 -10.84 -17.28 -23.29
N THR C 366 -11.49 -17.16 -24.44
CA THR C 366 -11.57 -15.91 -25.20
C THR C 366 -12.75 -15.04 -24.73
N ARG C 367 -12.79 -13.81 -25.25
CA ARG C 367 -13.86 -12.83 -24.99
C ARG C 367 -13.56 -11.99 -23.77
N ASP D 3 -5.17 -5.65 32.33
CA ASP D 3 -6.43 -6.25 32.85
C ASP D 3 -7.02 -7.28 31.89
N SER D 4 -7.42 -6.80 30.71
CA SER D 4 -8.10 -7.63 29.71
C SER D 4 -7.11 -8.34 28.81
N GLN D 5 -7.35 -9.63 28.55
CA GLN D 5 -6.45 -10.46 27.76
C GLN D 5 -7.17 -11.13 26.61
N THR D 6 -6.39 -11.53 25.61
CA THR D 6 -6.91 -12.31 24.47
C THR D 6 -6.42 -13.76 24.58
N LEU D 7 -7.36 -14.70 24.71
CA LEU D 7 -7.04 -16.12 24.80
C LEU D 7 -7.62 -16.88 23.63
N VAL D 8 -6.81 -17.74 23.02
CA VAL D 8 -7.27 -18.67 22.01
C VAL D 8 -7.39 -20.03 22.68
N VAL D 9 -8.57 -20.64 22.62
CA VAL D 9 -8.78 -21.99 23.13
C VAL D 9 -8.93 -22.96 21.96
N LYS D 10 -8.08 -23.99 21.96
CA LYS D 10 -8.16 -25.02 20.94
C LYS D 10 -8.80 -26.27 21.52
N LEU D 11 -9.88 -26.72 20.90
CA LEU D 11 -10.60 -27.91 21.34
C LEU D 11 -10.54 -29.03 20.28
N GLY D 12 -9.76 -30.06 20.57
CA GLY D 12 -9.64 -31.19 19.66
C GLY D 12 -10.85 -32.11 19.71
N THR D 13 -11.00 -32.90 18.67
CA THR D 13 -12.15 -33.75 18.48
C THR D 13 -12.48 -34.59 19.71
N SER D 14 -11.48 -35.20 20.32
CA SER D 14 -11.72 -36.06 21.48
C SER D 14 -12.32 -35.30 22.67
N VAL D 15 -11.90 -34.04 22.85
CA VAL D 15 -12.49 -33.18 23.88
C VAL D 15 -13.98 -32.95 23.58
N LEU D 16 -14.28 -32.61 22.33
CA LEU D 16 -15.64 -32.30 21.90
C LEU D 16 -16.58 -33.48 21.94
N THR D 17 -16.03 -34.67 21.68
CA THR D 17 -16.79 -35.91 21.71
C THR D 17 -16.74 -36.62 23.07
N GLY D 18 -15.81 -36.20 23.93
CA GLY D 18 -15.54 -36.92 25.17
C GLY D 18 -14.96 -38.29 24.87
N GLY D 19 -14.16 -38.37 23.81
CA GLY D 19 -13.55 -39.62 23.39
C GLY D 19 -14.51 -40.64 22.82
N SER D 20 -15.64 -40.17 22.30
CA SER D 20 -16.63 -41.03 21.65
C SER D 20 -16.63 -40.68 20.17
N ARG D 21 -17.58 -41.22 19.42
CA ARG D 21 -17.73 -40.91 17.98
C ARG D 21 -18.91 -39.97 17.71
N ARG D 22 -19.45 -39.40 18.78
CA ARG D 22 -20.59 -38.47 18.76
C ARG D 22 -20.20 -37.18 19.51
N LEU D 23 -20.54 -36.02 18.95
CA LEU D 23 -20.31 -34.75 19.65
C LEU D 23 -21.08 -34.74 20.97
N ASN D 24 -20.44 -34.25 22.00
CA ASN D 24 -20.96 -34.33 23.37
C ASN D 24 -21.28 -32.93 23.86
N ARG D 25 -22.54 -32.56 23.76
CA ARG D 25 -22.96 -31.19 24.04
C ARG D 25 -22.85 -30.81 25.53
N ALA D 26 -22.88 -31.79 26.43
CA ALA D 26 -22.71 -31.53 27.85
C ALA D 26 -21.27 -31.09 28.13
N HIS D 27 -20.34 -31.83 27.55
CA HIS D 27 -18.92 -31.47 27.61
C HIS D 27 -18.67 -30.09 27.03
N ILE D 28 -19.26 -29.82 25.87
CA ILE D 28 -18.98 -28.56 25.18
C ILE D 28 -19.62 -27.37 25.89
N VAL D 29 -20.87 -27.50 26.32
CA VAL D 29 -21.56 -26.38 26.97
C VAL D 29 -20.88 -25.96 28.28
N GLU D 30 -20.30 -26.94 28.96
CA GLU D 30 -19.49 -26.71 30.13
C GLU D 30 -18.30 -25.79 29.80
N LEU D 31 -17.66 -25.99 28.65
CA LEU D 31 -16.53 -25.16 28.23
C LEU D 31 -16.95 -23.78 27.67
N VAL D 32 -18.12 -23.72 27.04
CA VAL D 32 -18.72 -22.46 26.62
C VAL D 32 -18.99 -21.59 27.85
N ARG D 33 -19.60 -22.19 28.86
CA ARG D 33 -19.83 -21.53 30.13
C ARG D 33 -18.59 -20.82 30.62
N GLN D 34 -17.48 -21.55 30.68
CA GLN D 34 -16.21 -21.01 31.15
C GLN D 34 -15.73 -19.84 30.28
N CYS D 35 -15.91 -19.95 28.97
CA CYS D 35 -15.58 -18.87 28.04
C CYS D 35 -16.51 -17.66 28.19
N ALA D 36 -17.81 -17.89 28.31
CA ALA D 36 -18.75 -16.81 28.53
C ALA D 36 -18.36 -16.01 29.77
N GLN D 37 -17.96 -16.71 30.81
CA GLN D 37 -17.52 -16.10 32.06
C GLN D 37 -16.39 -15.11 31.79
N LEU D 38 -15.39 -15.57 31.05
CA LEU D 38 -14.27 -14.69 30.66
C LEU D 38 -14.71 -13.55 29.75
N HIS D 39 -15.64 -13.84 28.84
CA HIS D 39 -16.18 -12.85 27.90
C HIS D 39 -16.99 -11.77 28.62
N ALA D 40 -17.70 -12.15 29.68
CA ALA D 40 -18.43 -11.18 30.51
C ALA D 40 -17.48 -10.26 31.28
N ALA D 41 -16.31 -10.80 31.65
CA ALA D 41 -15.30 -10.08 32.41
C ALA D 41 -14.41 -9.22 31.52
N GLY D 42 -14.68 -9.21 30.21
CA GLY D 42 -14.01 -8.31 29.29
C GLY D 42 -12.82 -8.88 28.54
N HIS D 43 -12.60 -10.19 28.69
CA HIS D 43 -11.50 -10.89 27.99
C HIS D 43 -11.97 -11.28 26.61
N ARG D 44 -11.03 -11.39 25.68
CA ARG D 44 -11.37 -11.62 24.29
C ARG D 44 -11.06 -13.07 24.00
N ILE D 45 -12.08 -13.85 23.69
CA ILE D 45 -11.93 -15.29 23.50
C ILE D 45 -12.04 -15.66 22.03
N VAL D 46 -11.16 -16.56 21.61
CA VAL D 46 -11.16 -17.13 20.27
C VAL D 46 -11.25 -18.65 20.41
N ILE D 47 -12.15 -19.24 19.65
CA ILE D 47 -12.30 -20.68 19.64
C ILE D 47 -11.66 -21.21 18.36
N VAL D 48 -10.89 -22.27 18.48
CA VAL D 48 -10.46 -22.98 17.30
C VAL D 48 -11.03 -24.35 17.52
N THR D 49 -12.03 -24.70 16.71
CA THR D 49 -12.76 -25.94 16.90
C THR D 49 -12.35 -27.01 15.90
N SER D 50 -12.29 -28.25 16.36
CA SER D 50 -12.20 -29.40 15.47
C SER D 50 -13.59 -30.05 15.43
N GLY D 51 -13.66 -31.32 15.06
CA GLY D 51 -14.90 -32.10 15.16
C GLY D 51 -15.83 -32.01 13.96
N ALA D 52 -15.39 -31.33 12.90
CA ALA D 52 -16.21 -31.11 11.70
C ALA D 52 -16.48 -32.39 10.95
N ILE D 53 -15.44 -33.19 10.71
CA ILE D 53 -15.62 -34.47 10.04
C ILE D 53 -16.43 -35.47 10.89
N ALA D 54 -16.12 -35.51 12.18
CA ALA D 54 -16.84 -36.34 13.17
C ALA D 54 -18.31 -35.95 13.29
N ALA D 55 -18.59 -34.64 13.25
CA ALA D 55 -19.95 -34.12 13.24
C ALA D 55 -20.72 -34.63 12.02
N GLY D 56 -20.02 -34.69 10.88
CA GLY D 56 -20.58 -35.17 9.63
C GLY D 56 -21.00 -36.65 9.66
N ARG D 57 -20.10 -37.53 10.13
CA ARG D 57 -20.43 -38.97 10.18
C ARG D 57 -21.67 -39.20 11.04
N GLU D 58 -21.61 -38.65 12.25
CA GLU D 58 -22.73 -38.64 13.20
C GLU D 58 -24.04 -38.18 12.53
N HIS D 59 -24.01 -37.05 11.84
CA HIS D 59 -25.22 -36.50 11.24
C HIS D 59 -25.77 -37.35 10.08
N LEU D 60 -24.87 -37.90 9.28
CA LEU D 60 -25.25 -38.70 8.11
C LEU D 60 -25.49 -40.18 8.44
N GLY D 61 -25.36 -40.54 9.71
CA GLY D 61 -25.62 -41.91 10.15
C GLY D 61 -24.50 -42.88 9.86
N TYR D 62 -23.26 -42.39 9.93
CA TYR D 62 -22.07 -43.21 9.73
C TYR D 62 -22.13 -43.99 8.42
N PRO D 63 -22.11 -43.28 7.28
CA PRO D 63 -22.21 -43.94 5.98
C PRO D 63 -20.93 -44.65 5.58
N GLU D 64 -21.06 -45.58 4.63
CA GLU D 64 -19.91 -46.20 3.95
C GLU D 64 -19.59 -45.36 2.71
N LEU D 65 -18.37 -44.83 2.68
CA LEU D 65 -17.92 -43.93 1.61
C LEU D 65 -16.54 -44.36 1.19
N PRO D 66 -16.18 -44.16 -0.10
CA PRO D 66 -14.83 -44.55 -0.52
C PRO D 66 -13.77 -43.82 0.30
N ALA D 67 -12.62 -44.46 0.52
CA ALA D 67 -11.52 -43.83 1.27
C ALA D 67 -10.73 -42.87 0.35
N THR D 68 -11.37 -41.74 0.04
CA THR D 68 -10.81 -40.74 -0.86
C THR D 68 -10.79 -39.39 -0.16
N ILE D 69 -10.14 -38.43 -0.78
CA ILE D 69 -10.03 -37.08 -0.22
C ILE D 69 -11.41 -36.44 -0.18
N ALA D 70 -12.22 -36.71 -1.20
CA ALA D 70 -13.56 -36.14 -1.36
C ALA D 70 -14.58 -36.67 -0.37
N SER D 71 -14.39 -37.88 0.12
CA SER D 71 -15.28 -38.42 1.16
C SER D 71 -15.07 -37.67 2.49
N LYS D 72 -13.81 -37.33 2.79
CA LYS D 72 -13.49 -36.53 3.98
C LYS D 72 -14.10 -35.13 3.86
N GLN D 73 -14.09 -34.60 2.64
CA GLN D 73 -14.55 -33.24 2.39
C GLN D 73 -16.07 -33.11 2.40
N LEU D 74 -16.77 -34.16 1.97
CA LEU D 74 -18.23 -34.12 2.02
C LEU D 74 -18.71 -34.15 3.49
N LEU D 75 -18.13 -35.06 4.28
CA LEU D 75 -18.36 -35.11 5.73
C LEU D 75 -18.03 -33.78 6.42
N ALA D 76 -17.00 -33.08 5.94
CA ALA D 76 -16.57 -31.79 6.49
C ALA D 76 -17.56 -30.67 6.19
N ALA D 77 -18.11 -30.68 4.98
CA ALA D 77 -19.17 -29.75 4.60
C ALA D 77 -20.42 -29.95 5.47
N VAL D 78 -20.88 -31.20 5.54
CA VAL D 78 -22.09 -31.53 6.31
C VAL D 78 -21.86 -31.25 7.79
N GLY D 79 -20.71 -31.67 8.28
CA GLY D 79 -20.39 -31.55 9.68
C GLY D 79 -20.02 -30.17 10.17
N GLN D 80 -19.53 -29.30 9.29
CA GLN D 80 -19.18 -27.93 9.69
C GLN D 80 -20.45 -27.12 9.88
N SER D 81 -21.44 -27.37 9.02
CA SER D 81 -22.78 -26.79 9.14
C SER D 81 -23.37 -27.07 10.54
N ARG D 82 -23.36 -28.35 10.91
CA ARG D 82 -23.75 -28.78 12.25
C ARG D 82 -22.95 -28.09 13.36
N LEU D 83 -21.63 -28.12 13.25
CA LEU D 83 -20.74 -27.54 14.28
C LEU D 83 -21.06 -26.10 14.61
N ILE D 84 -21.14 -25.28 13.59
CA ILE D 84 -21.30 -23.87 13.77
C ILE D 84 -22.68 -23.56 14.38
N GLN D 85 -23.69 -24.37 14.03
CA GLN D 85 -24.99 -24.40 14.74
C GLN D 85 -24.77 -24.55 16.24
N LEU D 86 -24.12 -25.66 16.58
CA LEU D 86 -23.91 -26.06 17.96
C LEU D 86 -23.28 -24.94 18.75
N TRP D 87 -22.16 -24.41 18.24
CA TRP D 87 -21.45 -23.30 18.89
C TRP D 87 -22.37 -22.10 19.05
N GLU D 88 -23.00 -21.70 17.95
CA GLU D 88 -23.88 -20.55 17.95
C GLU D 88 -24.94 -20.73 19.02
N GLN D 89 -25.60 -21.88 19.00
CA GLN D 89 -26.72 -22.09 19.89
C GLN D 89 -26.29 -22.10 21.34
N LEU D 90 -25.14 -22.70 21.61
CA LEU D 90 -24.68 -22.82 22.98
C LEU D 90 -24.20 -21.50 23.52
N PHE D 91 -23.46 -20.75 22.72
CA PHE D 91 -23.02 -19.41 23.16
C PHE D 91 -24.20 -18.47 23.36
N SER D 92 -25.32 -18.74 22.68
CA SER D 92 -26.49 -17.88 22.78
C SER D 92 -27.16 -18.00 24.15
N ILE D 93 -27.07 -19.20 24.76
CA ILE D 93 -27.50 -19.41 26.14
C ILE D 93 -26.91 -18.35 27.05
N TYR D 94 -25.67 -17.95 26.76
CA TYR D 94 -25.00 -16.92 27.53
C TYR D 94 -25.06 -15.56 26.86
N GLY D 95 -25.91 -15.43 25.85
CA GLY D 95 -26.10 -14.15 25.12
C GLY D 95 -24.89 -13.67 24.33
N ILE D 96 -24.08 -14.62 23.83
CA ILE D 96 -22.88 -14.31 23.09
C ILE D 96 -23.04 -14.71 21.62
N HIS D 97 -22.55 -13.82 20.73
CA HIS D 97 -22.59 -14.05 19.30
C HIS D 97 -21.27 -14.67 18.82
N VAL D 98 -21.40 -15.52 17.79
CA VAL D 98 -20.25 -16.16 17.16
C VAL D 98 -20.20 -15.80 15.70
N GLY D 99 -18.99 -15.63 15.18
CA GLY D 99 -18.73 -15.43 13.76
C GLY D 99 -17.85 -16.56 13.31
N GLN D 100 -18.15 -17.11 12.13
CA GLN D 100 -17.43 -18.27 11.58
C GLN D 100 -16.35 -17.80 10.64
N MET D 101 -15.16 -18.37 10.77
CA MET D 101 -14.03 -18.09 9.88
C MET D 101 -13.37 -19.40 9.46
N LEU D 102 -13.42 -19.70 8.16
CA LEU D 102 -12.75 -20.91 7.64
C LEU D 102 -11.54 -20.52 6.83
N LEU D 103 -10.36 -21.03 7.19
CA LEU D 103 -9.15 -20.72 6.43
C LEU D 103 -8.13 -21.84 6.26
N THR D 104 -7.20 -21.58 5.35
CA THR D 104 -6.09 -22.48 5.05
C THR D 104 -4.82 -21.61 4.92
N ARG D 105 -3.68 -22.25 4.69
CA ARG D 105 -2.43 -21.52 4.54
C ARG D 105 -2.47 -20.55 3.37
N ALA D 106 -3.27 -20.87 2.36
CA ALA D 106 -3.46 -19.99 1.20
C ALA D 106 -3.90 -18.60 1.62
N ASP D 107 -4.73 -18.52 2.66
CA ASP D 107 -5.16 -17.23 3.21
C ASP D 107 -4.05 -16.46 3.93
N MET D 108 -2.87 -17.06 4.03
CA MET D 108 -1.75 -16.46 4.72
C MET D 108 -0.48 -16.49 3.88
N GLU D 109 -0.65 -16.57 2.56
CA GLU D 109 0.49 -16.64 1.62
C GLU D 109 1.09 -15.27 1.30
N ASP D 110 0.27 -14.22 1.38
CA ASP D 110 0.71 -12.83 1.32
C ASP D 110 0.75 -12.21 2.70
N ARG D 111 1.50 -11.12 2.80
CA ARG D 111 1.29 -10.14 3.86
C ARG D 111 -0.15 -9.57 3.76
N GLU D 112 -0.59 -9.25 2.54
CA GLU D 112 -1.93 -8.68 2.30
C GLU D 112 -3.09 -9.54 2.83
N ARG D 113 -3.11 -10.80 2.43
CA ARG D 113 -4.16 -11.74 2.83
C ARG D 113 -4.03 -12.14 4.30
N PHE D 114 -2.81 -12.10 4.82
CA PHE D 114 -2.59 -12.34 6.24
C PHE D 114 -3.17 -11.17 7.04
N LEU D 115 -2.86 -9.94 6.63
CA LEU D 115 -3.39 -8.77 7.31
C LEU D 115 -4.93 -8.68 7.23
N ASN D 116 -5.51 -9.20 6.14
CA ASN D 116 -6.96 -9.27 5.97
C ASN D 116 -7.60 -10.19 7.02
N ALA D 117 -7.09 -11.41 7.11
CA ALA D 117 -7.57 -12.37 8.11
C ALA D 117 -7.46 -11.81 9.52
N ARG D 118 -6.36 -11.12 9.78
CA ARG D 118 -6.14 -10.44 11.07
C ARG D 118 -7.19 -9.36 11.35
N ASP D 119 -7.37 -8.40 10.44
CA ASP D 119 -8.32 -7.29 10.65
C ASP D 119 -9.74 -7.77 10.96
N THR D 120 -10.16 -8.86 10.31
CA THR D 120 -11.49 -9.44 10.50
C THR D 120 -11.62 -10.05 11.89
N LEU D 121 -10.61 -10.83 12.25
CA LEU D 121 -10.53 -11.43 13.58
C LEU D 121 -10.53 -10.31 14.67
N ARG D 122 -9.70 -9.28 14.50
CA ARG D 122 -9.68 -8.16 15.45
C ARG D 122 -11.05 -7.47 15.53
N ALA D 123 -11.71 -7.32 14.39
CA ALA D 123 -13.00 -6.60 14.30
C ALA D 123 -14.13 -7.33 14.98
N LEU D 124 -14.13 -8.67 14.89
CA LEU D 124 -15.10 -9.49 15.61
C LEU D 124 -14.91 -9.26 17.10
N LEU D 125 -13.66 -9.33 17.54
CA LEU D 125 -13.33 -9.22 18.96
C LEU D 125 -13.69 -7.83 19.46
N ASP D 126 -13.39 -6.79 18.68
CA ASP D 126 -13.74 -5.41 19.04
C ASP D 126 -15.25 -5.19 19.19
N ASN D 127 -16.05 -6.03 18.54
CA ASN D 127 -17.52 -5.98 18.68
C ASN D 127 -18.08 -7.10 19.57
N ASN D 128 -17.21 -7.64 20.43
CA ASN D 128 -17.56 -8.70 21.39
C ASN D 128 -18.13 -9.98 20.79
N VAL D 129 -17.85 -10.21 19.51
CA VAL D 129 -18.21 -11.45 18.85
C VAL D 129 -17.09 -12.44 19.05
N VAL D 130 -17.43 -13.68 19.34
CA VAL D 130 -16.46 -14.74 19.47
C VAL D 130 -16.22 -15.35 18.09
N PRO D 131 -14.97 -15.27 17.58
CA PRO D 131 -14.64 -16.01 16.36
C PRO D 131 -14.53 -17.51 16.61
N VAL D 132 -15.22 -18.30 15.78
CA VAL D 132 -15.06 -19.74 15.78
C VAL D 132 -14.28 -20.11 14.53
N ILE D 133 -13.01 -20.46 14.71
CA ILE D 133 -12.11 -20.73 13.59
C ILE D 133 -11.94 -22.23 13.33
N ASN D 134 -11.88 -22.57 12.05
CA ASN D 134 -11.60 -23.96 11.62
C ASN D 134 -10.83 -23.95 10.29
N GLU D 135 -10.21 -25.09 9.96
CA GLU D 135 -9.65 -25.31 8.64
C GLU D 135 -10.81 -25.48 7.65
N ASN D 136 -10.69 -24.91 6.45
CA ASN D 136 -11.74 -25.07 5.41
C ASN D 136 -11.58 -26.41 4.70
N ASP D 137 -11.89 -27.47 5.44
CA ASP D 137 -11.68 -28.86 4.99
C ASP D 137 -12.59 -29.23 3.84
N ALA D 138 -13.73 -28.55 3.71
CA ALA D 138 -14.68 -28.81 2.62
C ALA D 138 -14.20 -28.34 1.26
N VAL D 139 -13.34 -27.32 1.22
CA VAL D 139 -12.86 -26.72 -0.03
C VAL D 139 -11.37 -26.47 0.08
N ALA D 140 -10.57 -27.50 -0.10
CA ALA D 140 -9.13 -27.32 -0.01
C ALA D 140 -8.42 -28.57 -0.48
N THR D 141 -7.33 -28.40 -1.21
CA THR D 141 -6.42 -29.49 -1.51
C THR D 141 -5.47 -29.61 -0.36
N ALA D 142 -4.73 -30.71 -0.33
CA ALA D 142 -3.76 -31.00 0.74
C ALA D 142 -2.62 -29.99 0.79
N GLU D 143 -2.36 -29.32 -0.33
CA GLU D 143 -1.18 -28.48 -0.47
C GLU D 143 -1.28 -27.16 0.28
N ILE D 144 -2.48 -26.57 0.26
CA ILE D 144 -2.74 -25.28 0.87
C ILE D 144 -3.23 -25.41 2.30
N LYS D 145 -3.46 -26.64 2.75
CA LYS D 145 -3.92 -26.88 4.13
C LYS D 145 -2.81 -26.71 5.18
N VAL D 146 -3.24 -26.32 6.38
CA VAL D 146 -2.35 -26.24 7.54
C VAL D 146 -2.03 -27.64 8.05
N GLY D 147 -3.01 -28.54 8.02
CA GLY D 147 -2.78 -29.95 8.33
C GLY D 147 -3.39 -30.40 9.64
N ASP D 148 -3.33 -29.53 10.64
CA ASP D 148 -3.95 -29.79 11.95
C ASP D 148 -4.30 -28.47 12.68
N ASN D 149 -5.27 -28.54 13.58
CA ASN D 149 -5.80 -27.34 14.22
C ASN D 149 -4.92 -26.82 15.36
N ASP D 150 -3.98 -27.64 15.84
CA ASP D 150 -3.01 -27.17 16.82
C ASP D 150 -2.13 -26.10 16.16
N ASN D 151 -1.62 -26.43 14.97
CA ASN D 151 -0.85 -25.48 14.16
C ASN D 151 -1.73 -24.30 13.68
N LEU D 152 -3.00 -24.57 13.38
CA LEU D 152 -3.96 -23.52 13.02
C LEU D 152 -4.23 -22.56 14.19
N SER D 153 -4.28 -23.10 15.39
CA SER D 153 -4.53 -22.31 16.58
C SER D 153 -3.34 -21.39 16.93
N ALA D 154 -2.13 -21.85 16.61
CA ALA D 154 -0.93 -21.03 16.79
C ALA D 154 -0.99 -19.85 15.83
N LEU D 155 -1.35 -20.15 14.59
CA LEU D 155 -1.55 -19.14 13.56
C LEU D 155 -2.72 -18.23 13.90
N ALA D 156 -3.75 -18.76 14.57
CA ALA D 156 -4.87 -17.92 15.04
C ALA D 156 -4.41 -16.95 16.14
N ALA D 157 -3.67 -17.50 17.12
CA ALA D 157 -3.14 -16.73 18.25
C ALA D 157 -2.26 -15.59 17.79
N ILE D 158 -1.52 -15.84 16.71
CA ILE D 158 -0.74 -14.80 16.05
C ILE D 158 -1.68 -13.76 15.46
N LEU D 159 -2.64 -14.21 14.64
CA LEU D 159 -3.62 -13.31 13.97
C LEU D 159 -4.47 -12.50 14.96
N ALA D 160 -4.76 -13.07 16.12
CA ALA D 160 -5.57 -12.39 17.14
C ALA D 160 -4.72 -11.47 18.00
N GLY D 161 -3.41 -11.72 18.02
CA GLY D 161 -2.53 -11.04 18.95
C GLY D 161 -2.80 -11.54 20.35
N ALA D 162 -2.85 -12.87 20.47
CA ALA D 162 -3.23 -13.50 21.73
C ALA D 162 -2.12 -13.38 22.75
N ASP D 163 -2.53 -13.34 24.01
CA ASP D 163 -1.61 -13.28 25.13
C ASP D 163 -1.23 -14.69 25.55
N LYS D 164 -2.20 -15.60 25.50
CA LYS D 164 -2.01 -17.02 25.81
C LYS D 164 -2.66 -17.87 24.73
N LEU D 165 -2.20 -19.13 24.63
CA LEU D 165 -2.80 -20.15 23.78
C LEU D 165 -3.04 -21.40 24.63
N LEU D 166 -4.27 -21.91 24.60
CA LEU D 166 -4.64 -23.07 25.39
C LEU D 166 -5.07 -24.23 24.51
N LEU D 167 -4.32 -25.32 24.59
CA LEU D 167 -4.62 -26.50 23.81
C LEU D 167 -5.28 -27.48 24.73
N LEU D 168 -6.58 -27.65 24.59
CA LEU D 168 -7.29 -28.62 25.40
C LEU D 168 -7.22 -30.00 24.76
N THR D 169 -6.87 -31.01 25.55
CA THR D 169 -6.70 -32.36 25.02
C THR D 169 -7.35 -33.43 25.87
N ASP D 170 -7.31 -34.66 25.36
CA ASP D 170 -7.81 -35.87 26.05
C ASP D 170 -6.96 -36.40 27.21
N GLN D 171 -5.79 -35.80 27.48
CA GLN D 171 -4.93 -36.22 28.60
C GLN D 171 -4.24 -35.03 29.29
N LYS D 172 -3.79 -35.24 30.54
CA LYS D 172 -3.28 -34.15 31.40
C LYS D 172 -2.22 -33.27 30.70
N GLY D 173 -1.37 -33.90 29.89
CA GLY D 173 -0.53 -33.20 28.91
C GLY D 173 0.98 -33.16 29.14
N LEU D 174 1.68 -34.14 28.57
CA LEU D 174 3.15 -34.14 28.46
C LEU D 174 3.88 -34.49 29.77
N TYR D 175 4.23 -35.77 29.89
CA TYR D 175 4.80 -36.34 31.12
C TYR D 175 6.32 -36.52 31.03
N THR D 176 6.96 -36.65 32.18
CA THR D 176 8.41 -36.81 32.27
C THR D 176 8.86 -38.23 31.92
N ALA D 177 7.91 -39.16 31.92
CA ALA D 177 8.18 -40.54 31.56
C ALA D 177 6.85 -41.19 31.28
N ASP D 178 6.86 -42.43 30.81
CA ASP D 178 5.61 -43.13 30.59
C ASP D 178 5.01 -43.41 31.97
N PRO D 179 3.77 -42.95 32.21
CA PRO D 179 3.10 -43.28 33.46
C PRO D 179 2.97 -44.78 33.77
N ARG D 180 2.74 -45.61 32.74
CA ARG D 180 2.65 -47.07 32.92
C ARG D 180 4.00 -47.72 33.23
N SER D 181 5.05 -47.22 32.59
CA SER D 181 6.40 -47.75 32.78
C SER D 181 7.08 -47.19 34.04
N ASN D 182 6.65 -46.00 34.49
CA ASN D 182 7.25 -45.33 35.64
C ASN D 182 6.19 -44.76 36.60
N PRO D 183 6.10 -45.29 37.84
CA PRO D 183 5.10 -44.78 38.79
C PRO D 183 5.39 -43.34 39.29
N GLN D 184 6.66 -42.93 39.24
CA GLN D 184 7.07 -41.58 39.60
C GLN D 184 7.02 -40.61 38.42
N ALA D 185 6.52 -41.08 37.28
CA ALA D 185 6.31 -40.18 36.15
C ALA D 185 5.32 -39.09 36.55
N GLU D 186 5.75 -37.85 36.34
CA GLU D 186 4.98 -36.67 36.70
C GLU D 186 4.72 -35.81 35.49
N LEU D 187 3.70 -35.00 35.59
CA LEU D 187 3.37 -34.03 34.57
C LEU D 187 4.51 -33.00 34.50
N ILE D 188 4.96 -32.66 33.29
CA ILE D 188 5.97 -31.61 33.10
C ILE D 188 5.30 -30.25 33.23
N LYS D 189 5.63 -29.54 34.29
CA LYS D 189 4.95 -28.29 34.66
C LYS D 189 5.35 -27.14 33.75
N ASP D 190 6.66 -26.97 33.56
CA ASP D 190 7.22 -25.83 32.83
C ASP D 190 8.18 -26.26 31.74
N VAL D 191 8.10 -25.57 30.61
CA VAL D 191 9.03 -25.77 29.51
C VAL D 191 9.54 -24.41 29.06
N TYR D 192 10.87 -24.29 29.04
CA TYR D 192 11.55 -23.11 28.55
C TYR D 192 12.22 -23.50 27.24
N GLY D 193 11.46 -23.40 26.16
CA GLY D 193 11.94 -23.70 24.81
C GLY D 193 11.92 -25.19 24.49
N ILE D 194 11.31 -25.52 23.36
CA ILE D 194 11.22 -26.90 22.91
C ILE D 194 12.52 -27.25 22.19
N ASP D 195 13.14 -28.37 22.55
CA ASP D 195 14.37 -28.86 21.89
C ASP D 195 14.24 -30.32 21.46
N ASP D 196 15.32 -30.90 20.95
CA ASP D 196 15.35 -32.30 20.53
C ASP D 196 15.13 -33.26 21.68
N ALA D 197 15.85 -33.01 22.78
CA ALA D 197 15.75 -33.83 23.96
C ALA D 197 14.29 -33.96 24.42
N LEU D 198 13.58 -32.84 24.48
CA LEU D 198 12.17 -32.83 24.88
C LEU D 198 11.28 -33.66 23.96
N ARG D 199 11.43 -33.44 22.66
CA ARG D 199 10.72 -34.26 21.68
C ARG D 199 10.92 -35.75 21.94
N ALA D 200 12.13 -36.12 22.35
CA ALA D 200 12.46 -37.50 22.64
C ALA D 200 11.74 -37.98 23.91
N ILE D 201 11.69 -37.13 24.92
CA ILE D 201 10.92 -37.42 26.11
C ILE D 201 9.45 -37.57 25.73
N ALA D 202 8.90 -36.60 25.02
CA ALA D 202 7.50 -36.65 24.62
C ALA D 202 7.17 -37.96 23.91
N GLY D 203 8.10 -38.41 23.07
CA GLY D 203 7.91 -39.61 22.27
C GLY D 203 8.02 -40.90 23.05
N ASP D 204 8.97 -40.94 23.98
CA ASP D 204 9.18 -42.15 24.79
C ASP D 204 8.10 -42.31 25.86
N SER D 205 7.38 -41.21 26.13
CA SER D 205 6.31 -41.15 27.13
C SER D 205 5.01 -41.75 26.66
N VAL D 206 4.78 -41.78 25.35
CA VAL D 206 3.68 -42.55 24.78
C VAL D 206 4.25 -43.81 24.18
N SER D 207 3.63 -44.95 24.47
CA SER D 207 4.08 -46.24 23.94
C SER D 207 3.43 -46.55 22.59
N GLY D 208 4.01 -47.51 21.88
CA GLY D 208 3.58 -47.85 20.54
C GLY D 208 4.16 -46.90 19.51
N LEU D 209 3.47 -46.77 18.38
CA LEU D 209 3.95 -45.93 17.28
C LEU D 209 3.76 -44.47 17.66
N GLY D 210 4.58 -44.05 18.64
CA GLY D 210 4.55 -42.72 19.31
C GLY D 210 3.73 -41.63 18.68
N THR D 211 3.15 -40.77 19.51
CA THR D 211 2.08 -39.89 19.04
C THR D 211 2.56 -38.77 18.10
N GLY D 212 2.49 -39.08 16.80
CA GLY D 212 2.25 -38.09 15.78
C GLY D 212 0.83 -37.73 16.16
N GLY D 213 0.69 -36.60 16.88
CA GLY D 213 -0.54 -36.25 17.65
C GLY D 213 -0.23 -35.93 19.11
N MET D 214 0.37 -34.75 19.31
CA MET D 214 1.17 -34.30 20.49
C MET D 214 2.51 -33.82 19.94
N SER D 215 2.98 -34.50 18.90
CA SER D 215 4.05 -34.01 18.05
C SER D 215 3.63 -32.67 17.44
N THR D 216 2.38 -32.61 17.01
CA THR D 216 1.79 -31.40 16.40
C THR D 216 1.55 -30.30 17.42
N LYS D 217 1.15 -30.68 18.63
CA LYS D 217 0.98 -29.73 19.73
C LYS D 217 2.30 -29.06 20.06
N LEU D 218 3.40 -29.81 20.02
CA LEU D 218 4.72 -29.24 20.28
C LEU D 218 5.18 -28.28 19.16
N GLN D 219 4.84 -28.59 17.91
CA GLN D 219 5.11 -27.68 16.81
C GLN D 219 4.33 -26.39 16.99
N ALA D 220 3.05 -26.51 17.38
CA ALA D 220 2.20 -25.36 17.68
C ALA D 220 2.77 -24.50 18.80
N ALA D 221 3.27 -25.17 19.84
CA ALA D 221 3.84 -24.48 20.97
C ALA D 221 5.15 -23.79 20.64
N ASP D 222 5.92 -24.36 19.71
CA ASP D 222 7.17 -23.75 19.27
C ASP D 222 6.84 -22.46 18.54
N VAL D 223 5.92 -22.56 17.57
CA VAL D 223 5.47 -21.42 16.77
C VAL D 223 4.96 -20.27 17.65
N ALA D 224 4.07 -20.60 18.58
CA ALA D 224 3.48 -19.63 19.50
C ALA D 224 4.54 -19.01 20.39
N CYS D 225 5.36 -19.85 21.03
CA CYS D 225 6.41 -19.38 21.94
C CYS D 225 7.40 -18.43 21.27
N ARG D 226 7.80 -18.78 20.05
CA ARG D 226 8.70 -17.93 19.28
C ARG D 226 8.04 -16.59 18.95
N ALA D 227 6.73 -16.62 18.77
CA ALA D 227 5.97 -15.39 18.50
C ALA D 227 5.60 -14.60 19.76
N GLY D 228 6.14 -15.02 20.91
CA GLY D 228 5.90 -14.29 22.17
C GLY D 228 4.59 -14.62 22.85
N ILE D 229 4.01 -15.78 22.54
CA ILE D 229 2.74 -16.20 23.10
C ILE D 229 2.96 -17.41 24.00
N ASP D 230 2.66 -17.29 25.30
CA ASP D 230 2.65 -18.43 26.21
C ASP D 230 1.65 -19.43 25.74
N THR D 231 1.97 -20.71 25.81
CA THR D 231 1.03 -21.70 25.36
C THR D 231 0.98 -22.84 26.37
N ILE D 232 -0.21 -23.39 26.58
CA ILE D 232 -0.47 -24.36 27.64
C ILE D 232 -1.17 -25.57 27.08
N ILE D 233 -0.67 -26.76 27.44
CA ILE D 233 -1.37 -28.02 27.17
C ILE D 233 -2.03 -28.49 28.46
N ALA D 234 -3.35 -28.73 28.40
CA ALA D 234 -4.10 -29.18 29.56
C ALA D 234 -5.29 -30.08 29.16
N ALA D 235 -5.83 -30.79 30.15
CA ALA D 235 -6.99 -31.67 29.98
C ALA D 235 -8.28 -30.88 29.94
N GLY D 236 -9.02 -31.01 28.84
CA GLY D 236 -10.28 -30.31 28.66
C GLY D 236 -11.29 -30.61 29.76
N SER D 237 -11.27 -31.84 30.25
CA SER D 237 -12.19 -32.28 31.29
C SER D 237 -11.75 -31.87 32.70
N LYS D 238 -10.71 -31.05 32.81
CA LYS D 238 -10.33 -30.53 34.12
C LYS D 238 -11.28 -29.41 34.50
N PRO D 239 -11.90 -29.49 35.68
CA PRO D 239 -12.77 -28.41 36.15
C PRO D 239 -12.06 -27.05 36.26
N GLY D 240 -12.71 -26.01 35.74
CA GLY D 240 -12.22 -24.64 35.88
C GLY D 240 -10.98 -24.31 35.08
N VAL D 241 -10.61 -25.19 34.14
CA VAL D 241 -9.33 -25.10 33.48
C VAL D 241 -9.17 -23.76 32.77
N ILE D 242 -10.15 -23.35 31.97
CA ILE D 242 -10.00 -22.16 31.12
C ILE D 242 -9.76 -20.90 31.96
N GLY D 243 -10.53 -20.73 33.04
CA GLY D 243 -10.32 -19.65 34.00
C GLY D 243 -8.94 -19.73 34.60
N ASP D 244 -8.61 -20.89 35.16
CA ASP D 244 -7.29 -21.13 35.80
C ASP D 244 -6.11 -20.84 34.86
N VAL D 245 -6.30 -21.04 33.57
CA VAL D 245 -5.25 -20.75 32.61
C VAL D 245 -5.10 -19.24 32.44
N MET D 246 -6.22 -18.53 32.41
CA MET D 246 -6.22 -17.08 32.27
C MET D 246 -5.56 -16.43 33.49
N GLU D 247 -5.87 -16.93 34.69
CA GLU D 247 -5.25 -16.46 35.95
C GLU D 247 -3.74 -16.75 36.10
N GLY D 248 -3.18 -17.59 35.24
CA GLY D 248 -1.78 -18.01 35.38
C GLY D 248 -1.56 -19.17 36.35
N ILE D 249 -2.64 -19.81 36.79
CA ILE D 249 -2.57 -20.96 37.70
C ILE D 249 -2.06 -22.18 36.94
N SER D 250 -1.18 -22.96 37.58
CA SER D 250 -0.60 -24.13 36.95
C SER D 250 -1.61 -25.25 36.89
N VAL D 251 -2.00 -25.60 35.67
CA VAL D 251 -3.12 -26.49 35.44
C VAL D 251 -2.70 -27.71 34.59
N GLY D 252 -1.71 -27.52 33.71
CA GLY D 252 -1.11 -28.61 32.93
C GLY D 252 0.38 -28.36 32.70
N THR D 253 0.75 -28.08 31.45
CA THR D 253 2.14 -27.79 31.07
C THR D 253 2.23 -26.43 30.40
N LEU D 254 3.06 -25.54 30.95
CA LEU D 254 3.18 -24.19 30.44
C LEU D 254 4.45 -24.04 29.65
N PHE D 255 4.29 -23.89 28.33
CA PHE D 255 5.40 -23.63 27.44
C PHE D 255 5.59 -22.12 27.42
N HIS D 256 6.64 -21.65 28.07
CA HIS D 256 6.86 -20.21 28.21
C HIS D 256 7.19 -19.52 26.87
N ALA D 257 6.64 -18.33 26.66
CA ALA D 257 6.97 -17.52 25.49
C ALA D 257 8.46 -17.16 25.47
N GLN D 258 8.95 -16.81 24.30
CA GLN D 258 10.36 -16.56 24.12
C GLN D 258 10.78 -15.25 24.78
N ALA D 259 11.93 -15.30 25.45
CA ALA D 259 12.54 -14.15 26.13
C ALA D 259 12.40 -12.90 25.27
N THR D 260 12.92 -12.99 24.05
CA THR D 260 12.80 -11.92 23.08
C THR D 260 12.20 -12.55 21.81
N PRO D 261 10.89 -12.33 21.58
CA PRO D 261 10.21 -13.09 20.54
C PRO D 261 10.65 -12.69 19.14
N LEU D 262 10.33 -13.54 18.17
CA LEU D 262 10.61 -13.28 16.75
C LEU D 262 9.87 -12.04 16.27
N GLU D 263 10.54 -11.19 15.49
CA GLU D 263 9.97 -9.91 15.04
C GLU D 263 8.56 -10.07 14.48
N ASN D 264 7.64 -9.23 14.97
CA ASN D 264 6.25 -9.26 14.47
C ASN D 264 6.25 -9.03 12.96
N ARG D 265 6.99 -8.01 12.54
CA ARG D 265 7.43 -7.81 11.15
C ARG D 265 7.34 -9.03 10.20
N LYS D 266 7.78 -10.21 10.66
CA LYS D 266 7.77 -11.42 9.84
C LYS D 266 7.07 -12.66 10.44
N ARG D 267 6.24 -12.46 11.45
CA ARG D 267 5.50 -13.57 12.07
C ARG D 267 4.51 -14.27 11.12
N TRP D 268 4.01 -13.55 10.12
CA TRP D 268 3.09 -14.13 9.13
C TRP D 268 3.69 -15.27 8.30
N ILE D 269 5.01 -15.29 8.15
CA ILE D 269 5.71 -16.33 7.39
C ILE D 269 5.40 -17.72 7.92
N PHE D 270 5.17 -17.82 9.24
CA PHE D 270 4.68 -19.06 9.86
C PHE D 270 3.49 -19.60 9.12
N GLY D 271 2.57 -18.71 8.77
CA GLY D 271 1.33 -19.09 8.12
C GLY D 271 1.37 -19.40 6.63
N ALA D 272 2.44 -19.03 5.93
CA ALA D 272 2.46 -19.19 4.47
C ALA D 272 2.78 -20.63 4.07
N PRO D 273 2.26 -21.09 2.91
CA PRO D 273 2.62 -22.38 2.36
C PRO D 273 3.72 -22.19 1.29
N PRO D 274 4.89 -22.83 1.49
CA PRO D 274 5.99 -22.58 0.55
C PRO D 274 5.57 -22.80 -0.91
N ALA D 275 6.04 -21.91 -1.79
CA ALA D 275 5.65 -21.92 -3.21
C ALA D 275 6.70 -22.62 -4.05
N GLY D 276 7.36 -23.62 -3.48
CA GLY D 276 8.52 -24.26 -4.08
C GLY D 276 9.66 -24.35 -3.08
N GLU D 277 10.76 -24.98 -3.49
CA GLU D 277 11.89 -25.20 -2.59
C GLU D 277 13.24 -24.87 -3.23
N ILE D 278 14.27 -24.86 -2.38
CA ILE D 278 15.63 -24.59 -2.78
C ILE D 278 16.54 -25.50 -1.97
N THR D 279 17.34 -26.31 -2.63
CA THR D 279 18.31 -27.11 -1.91
C THR D 279 19.61 -26.32 -1.81
N VAL D 280 20.24 -26.40 -0.64
CA VAL D 280 21.30 -25.47 -0.27
C VAL D 280 22.55 -26.20 0.24
N ASP D 281 23.69 -25.56 0.01
CA ASP D 281 25.04 -26.03 0.40
C ASP D 281 25.17 -26.56 1.82
N GLU D 282 26.36 -27.09 2.10
CA GLU D 282 26.75 -27.40 3.46
C GLU D 282 27.10 -26.09 4.17
N GLY D 283 27.84 -25.24 3.48
CA GLY D 283 28.27 -23.95 4.02
C GLY D 283 27.17 -22.92 4.18
N ALA D 284 26.17 -23.00 3.32
CA ALA D 284 25.07 -22.06 3.32
C ALA D 284 24.06 -22.46 4.38
N THR D 285 23.96 -23.76 4.63
CA THR D 285 23.17 -24.28 5.74
C THR D 285 23.74 -23.74 7.05
N ALA D 286 25.06 -23.85 7.22
CA ALA D 286 25.71 -23.31 8.41
C ALA D 286 25.42 -21.82 8.58
N ALA D 287 25.55 -21.07 7.48
CA ALA D 287 25.36 -19.62 7.50
C ALA D 287 23.95 -19.26 7.91
N ILE D 288 22.98 -19.96 7.34
CA ILE D 288 21.57 -19.68 7.62
C ILE D 288 21.22 -19.95 9.08
N LEU D 289 21.69 -21.09 9.58
CA LEU D 289 21.29 -21.60 10.89
C LEU D 289 22.18 -21.14 12.05
N GLU D 290 23.49 -21.22 11.87
CA GLU D 290 24.44 -20.86 12.94
C GLU D 290 24.70 -19.36 13.11
N ARG D 291 24.66 -18.61 12.01
CA ARG D 291 25.01 -17.19 12.06
C ARG D 291 23.90 -16.25 11.56
N GLY D 292 22.69 -16.77 11.37
CA GLY D 292 21.56 -15.97 10.89
C GLY D 292 21.87 -15.11 9.68
N SER D 293 22.65 -15.68 8.75
CA SER D 293 23.03 -14.98 7.53
C SER D 293 21.93 -15.08 6.49
N SER D 294 22.04 -14.27 5.44
CA SER D 294 21.13 -14.37 4.31
C SER D 294 21.65 -15.41 3.33
N LEU D 295 20.74 -16.02 2.59
CA LEU D 295 21.13 -16.98 1.57
C LEU D 295 21.64 -16.24 0.34
N LEU D 296 22.79 -16.68 -0.16
CA LEU D 296 23.33 -16.14 -1.38
C LEU D 296 23.13 -17.15 -2.50
N PRO D 297 23.08 -16.67 -3.75
CA PRO D 297 22.90 -17.60 -4.85
C PRO D 297 24.08 -18.58 -4.94
N LYS D 298 25.29 -18.08 -4.60
CA LYS D 298 26.49 -18.90 -4.38
C LYS D 298 26.20 -20.33 -3.90
N GLY D 299 25.47 -20.44 -2.78
CA GLY D 299 25.25 -21.72 -2.10
C GLY D 299 24.03 -22.54 -2.52
N ILE D 300 23.23 -22.02 -3.43
CA ILE D 300 22.04 -22.73 -3.92
C ILE D 300 22.43 -23.88 -4.87
N LYS D 301 22.11 -25.12 -4.49
CA LYS D 301 22.44 -26.31 -5.29
C LYS D 301 21.35 -26.70 -6.28
N SER D 302 20.08 -26.48 -5.94
CA SER D 302 18.98 -26.81 -6.85
C SER D 302 17.66 -26.11 -6.48
N VAL D 303 16.86 -25.81 -7.50
CA VAL D 303 15.59 -25.09 -7.36
C VAL D 303 14.40 -25.88 -7.93
N THR D 304 13.31 -25.90 -7.18
CA THR D 304 12.11 -26.68 -7.52
C THR D 304 10.84 -25.81 -7.61
N GLY D 305 10.08 -26.03 -8.67
CA GLY D 305 8.77 -25.39 -8.84
C GLY D 305 8.84 -24.10 -9.61
N ASN D 306 7.67 -23.51 -9.87
CA ASN D 306 7.58 -22.23 -10.55
C ASN D 306 7.03 -21.18 -9.59
N PHE D 307 7.85 -20.18 -9.27
CA PHE D 307 7.43 -19.15 -8.34
C PHE D 307 8.06 -17.79 -8.64
N SER D 308 7.50 -16.75 -8.06
CA SER D 308 7.85 -15.37 -8.36
C SER D 308 8.52 -14.69 -7.19
N ARG D 309 9.19 -13.58 -7.49
CA ARG D 309 9.74 -12.75 -6.43
C ARG D 309 8.59 -12.28 -5.54
N GLY D 310 8.88 -12.16 -4.24
CA GLY D 310 7.87 -11.83 -3.26
C GLY D 310 7.23 -13.06 -2.61
N GLU D 311 7.16 -14.17 -3.34
CA GLU D 311 6.55 -15.40 -2.81
C GLU D 311 7.44 -16.05 -1.73
N VAL D 312 6.85 -16.83 -0.83
CA VAL D 312 7.57 -17.59 0.21
C VAL D 312 7.94 -18.99 -0.31
N ILE D 313 9.13 -19.47 0.08
CA ILE D 313 9.63 -20.79 -0.36
C ILE D 313 10.36 -21.54 0.76
N ARG D 314 10.55 -22.84 0.55
CA ARG D 314 11.25 -23.70 1.50
C ARG D 314 12.73 -23.76 1.15
N ILE D 315 13.59 -23.75 2.16
CA ILE D 315 15.01 -23.98 1.96
C ILE D 315 15.37 -25.35 2.52
N CYS D 316 15.77 -26.24 1.63
CA CYS D 316 16.17 -27.59 2.01
C CYS D 316 17.70 -27.69 2.12
N ASN D 317 18.16 -28.50 3.08
CA ASN D 317 19.57 -28.89 3.15
C ASN D 317 19.77 -30.18 2.35
N LEU D 318 21.03 -30.53 2.08
CA LEU D 318 21.33 -31.63 1.15
C LEU D 318 20.69 -32.97 1.56
N GLU D 319 20.56 -33.21 2.86
CA GLU D 319 19.90 -34.42 3.36
C GLU D 319 18.41 -34.50 3.00
N GLY D 320 17.78 -33.36 2.72
CA GLY D 320 16.34 -33.31 2.42
C GLY D 320 15.51 -32.62 3.48
N ARG D 321 16.19 -32.15 4.54
CA ARG D 321 15.52 -31.51 5.67
C ARG D 321 15.23 -30.04 5.42
N ASP D 322 13.97 -29.68 5.69
CA ASP D 322 13.45 -28.31 5.60
C ASP D 322 14.04 -27.45 6.71
N ILE D 323 15.08 -26.67 6.38
CA ILE D 323 15.78 -25.84 7.39
C ILE D 323 15.25 -24.43 7.56
N ALA D 324 14.48 -23.92 6.59
CA ALA D 324 13.96 -22.56 6.68
C ALA D 324 12.90 -22.26 5.64
N HIS D 325 12.09 -21.25 5.94
CA HIS D 325 11.07 -20.72 5.04
C HIS D 325 11.37 -19.24 4.89
N GLY D 326 11.26 -18.69 3.69
CA GLY D 326 11.51 -17.27 3.47
C GLY D 326 11.07 -16.69 2.15
N VAL D 327 11.08 -15.36 2.05
CA VAL D 327 10.61 -14.66 0.85
C VAL D 327 11.70 -14.63 -0.21
N SER D 328 11.37 -15.18 -1.38
CA SER D 328 12.31 -15.22 -2.52
C SER D 328 12.43 -13.86 -3.21
N ARG D 329 13.67 -13.37 -3.34
CA ARG D 329 13.97 -12.08 -4.00
C ARG D 329 13.93 -12.15 -5.52
N TYR D 330 14.12 -13.34 -6.07
CA TYR D 330 14.03 -13.57 -7.51
C TYR D 330 13.01 -14.63 -7.84
N ASN D 331 12.63 -14.68 -9.10
CA ASN D 331 11.78 -15.76 -9.59
C ASN D 331 12.58 -17.03 -9.77
N SER D 332 11.87 -18.16 -9.80
CA SER D 332 12.50 -19.48 -9.84
C SER D 332 13.42 -19.67 -11.04
N ASP D 333 12.97 -19.21 -12.21
CA ASP D 333 13.75 -19.32 -13.44
C ASP D 333 15.06 -18.53 -13.31
N ALA D 334 14.99 -17.40 -12.60
CA ALA D 334 16.14 -16.54 -12.36
C ALA D 334 17.10 -17.13 -11.33
N LEU D 335 16.59 -17.81 -10.31
CA LEU D 335 17.44 -18.46 -9.31
C LEU D 335 18.25 -19.61 -9.89
N ARG D 336 17.68 -20.32 -10.86
CA ARG D 336 18.39 -21.39 -11.56
C ARG D 336 19.59 -20.85 -12.32
N ARG D 337 19.38 -19.72 -12.97
CA ARG D 337 20.43 -19.12 -13.79
C ARG D 337 21.55 -18.48 -12.96
N ILE D 338 21.23 -18.04 -11.75
CA ILE D 338 22.26 -17.45 -10.87
C ILE D 338 22.74 -18.40 -9.78
N ALA D 339 22.11 -19.57 -9.67
CA ALA D 339 22.58 -20.59 -8.73
C ALA D 339 24.04 -20.97 -9.02
N GLY D 340 24.87 -20.94 -7.98
CA GLY D 340 26.28 -21.28 -8.11
C GLY D 340 27.18 -20.12 -8.46
N HIS D 341 26.60 -18.94 -8.71
CA HIS D 341 27.37 -17.77 -9.10
C HIS D 341 27.42 -16.73 -7.98
N HIS D 342 28.46 -15.89 -8.04
CA HIS D 342 28.67 -14.85 -7.06
C HIS D 342 27.75 -13.68 -7.33
N SER D 343 27.69 -12.77 -6.38
CA SER D 343 26.72 -11.70 -6.43
C SER D 343 27.01 -10.65 -7.49
N GLN D 344 28.27 -10.48 -7.92
CA GLN D 344 28.57 -9.53 -9.00
C GLN D 344 28.13 -10.03 -10.38
N GLU D 345 27.86 -11.34 -10.49
CA GLU D 345 27.53 -11.95 -11.78
C GLU D 345 26.04 -11.91 -12.08
N ILE D 346 25.22 -11.52 -11.11
CA ILE D 346 23.76 -11.59 -11.26
C ILE D 346 23.27 -10.77 -12.46
N ASP D 347 23.71 -9.51 -12.56
CA ASP D 347 23.23 -8.63 -13.63
C ASP D 347 23.69 -9.07 -15.03
N ALA D 348 24.94 -9.53 -15.13
CA ALA D 348 25.47 -10.07 -16.38
C ALA D 348 24.71 -11.33 -16.83
N ILE D 349 24.22 -12.11 -15.85
CA ILE D 349 23.51 -13.35 -16.15
C ILE D 349 22.07 -13.09 -16.54
N LEU D 350 21.33 -12.41 -15.66
CA LEU D 350 19.90 -12.19 -15.86
C LEU D 350 19.56 -10.98 -16.74
N GLY D 351 20.46 -10.00 -16.76
CA GLY D 351 20.18 -8.73 -17.42
C GLY D 351 19.66 -7.70 -16.43
N TYR D 352 18.86 -8.16 -15.46
CA TYR D 352 18.34 -7.34 -14.37
C TYR D 352 18.95 -7.75 -13.03
N GLU D 353 18.41 -7.23 -11.94
CA GLU D 353 18.99 -7.43 -10.61
C GLU D 353 17.99 -7.05 -9.51
N TYR D 354 18.18 -7.58 -8.31
CA TYR D 354 17.37 -7.27 -7.13
C TYR D 354 18.20 -7.47 -5.87
N GLY D 355 19.37 -6.83 -5.83
CA GLY D 355 20.32 -7.01 -4.72
C GLY D 355 21.13 -8.29 -4.83
N PRO D 356 22.00 -8.58 -3.83
CA PRO D 356 22.96 -9.67 -3.87
C PRO D 356 22.49 -10.99 -3.25
N VAL D 357 21.24 -11.00 -2.77
CA VAL D 357 20.73 -12.01 -1.85
C VAL D 357 19.52 -12.76 -2.42
N ALA D 358 19.58 -14.10 -2.39
CA ALA D 358 18.48 -14.94 -2.84
C ALA D 358 17.29 -14.86 -1.86
N VAL D 359 17.56 -15.05 -0.57
CA VAL D 359 16.56 -14.88 0.49
C VAL D 359 17.18 -14.12 1.66
N HIS D 360 16.59 -12.98 2.03
CA HIS D 360 17.15 -12.14 3.09
C HIS D 360 16.78 -12.61 4.48
N ARG D 361 17.70 -12.43 5.44
CA ARG D 361 17.52 -12.95 6.82
C ARG D 361 16.36 -12.32 7.57
N ASP D 362 15.97 -11.12 7.16
CA ASP D 362 14.84 -10.39 7.73
C ASP D 362 13.51 -10.80 7.08
N ASP D 363 13.56 -11.67 6.09
CA ASP D 363 12.36 -12.26 5.47
C ASP D 363 12.41 -13.78 5.53
N MET D 364 12.93 -14.31 6.63
CA MET D 364 13.24 -15.73 6.77
C MET D 364 12.94 -16.21 8.17
N ILE D 365 12.29 -17.36 8.28
CA ILE D 365 12.12 -18.00 9.59
C ILE D 365 12.88 -19.32 9.59
N THR D 366 13.80 -19.43 10.53
CA THR D 366 14.76 -20.52 10.57
C THR D 366 14.11 -21.79 11.18
N ARG D 367 14.87 -22.88 11.23
CA ARG D 367 14.39 -24.17 11.74
C ARG D 367 13.47 -24.86 10.75
N ASP E 3 62.21 41.95 -0.72
CA ASP E 3 60.95 41.24 -0.37
C ASP E 3 60.37 40.49 -1.57
N SER E 4 59.89 41.22 -2.56
CA SER E 4 59.23 40.62 -3.72
C SER E 4 60.24 39.95 -4.68
N GLN E 5 60.17 38.64 -4.79
CA GLN E 5 60.98 37.89 -5.73
C GLN E 5 60.18 37.45 -6.97
N THR E 6 60.92 37.18 -8.06
CA THR E 6 60.36 36.64 -9.29
C THR E 6 60.85 35.21 -9.45
N LEU E 7 59.91 34.31 -9.74
CA LEU E 7 60.17 32.87 -9.78
C LEU E 7 59.60 32.23 -11.06
N VAL E 8 60.34 31.28 -11.62
CA VAL E 8 59.90 30.57 -12.82
C VAL E 8 59.77 29.11 -12.46
N VAL E 9 58.58 28.57 -12.64
CA VAL E 9 58.28 27.17 -12.33
C VAL E 9 58.13 26.40 -13.63
N LYS E 10 58.96 25.38 -13.81
CA LYS E 10 58.88 24.49 -14.98
C LYS E 10 58.18 23.19 -14.60
N LEU E 11 57.06 22.92 -15.27
CA LEU E 11 56.29 21.70 -15.03
C LEU E 11 56.37 20.87 -16.26
N GLY E 12 57.05 19.73 -16.17
CA GLY E 12 57.12 18.77 -17.26
C GLY E 12 55.90 17.89 -17.29
N THR E 13 55.72 17.17 -18.40
CA THR E 13 54.50 16.44 -18.69
C THR E 13 54.14 15.43 -17.61
N SER E 14 55.14 14.71 -17.11
CA SER E 14 54.87 13.70 -16.11
C SER E 14 54.32 14.32 -14.82
N VAL E 15 54.80 15.51 -14.46
CA VAL E 15 54.26 16.21 -13.30
C VAL E 15 52.77 16.51 -13.53
N LEU E 16 52.47 17.09 -14.70
CA LEU E 16 51.11 17.48 -15.07
C LEU E 16 50.15 16.31 -15.24
N THR E 17 50.68 15.12 -15.53
CA THR E 17 49.86 13.92 -15.68
C THR E 17 49.92 13.02 -14.46
N GLY E 18 50.87 13.27 -13.57
CA GLY E 18 51.17 12.35 -12.49
C GLY E 18 51.62 11.02 -13.09
N GLY E 19 52.53 11.10 -14.04
CA GLY E 19 53.06 9.90 -14.72
C GLY E 19 52.04 9.07 -15.46
N SER E 20 50.88 9.65 -15.79
CA SER E 20 49.85 8.95 -16.56
C SER E 20 49.90 9.45 -18.00
N ARG E 21 48.87 9.10 -18.77
CA ARG E 21 48.72 9.62 -20.13
C ARG E 21 47.60 10.67 -20.23
N ARG E 22 46.86 10.86 -19.14
CA ARG E 22 45.81 11.88 -19.07
C ARG E 22 46.34 13.02 -18.19
N LEU E 23 45.87 14.23 -18.42
CA LEU E 23 46.26 15.37 -17.58
C LEU E 23 45.55 15.26 -16.24
N ASN E 24 46.26 15.56 -15.15
CA ASN E 24 45.74 15.37 -13.81
C ASN E 24 45.39 16.68 -13.17
N ARG E 25 44.12 17.03 -13.21
CA ARG E 25 43.67 18.36 -12.79
C ARG E 25 43.79 18.59 -11.27
N ALA E 26 43.70 17.51 -10.50
CA ALA E 26 43.91 17.56 -9.06
C ALA E 26 45.37 17.91 -8.73
N HIS E 27 46.30 17.25 -9.41
CA HIS E 27 47.74 17.52 -9.23
C HIS E 27 48.10 18.95 -9.66
N ILE E 28 47.51 19.38 -10.77
CA ILE E 28 47.82 20.69 -11.33
C ILE E 28 47.27 21.78 -10.43
N VAL E 29 46.02 21.66 -10.01
CA VAL E 29 45.39 22.67 -9.17
C VAL E 29 46.18 22.83 -7.88
N GLU E 30 46.69 21.71 -7.37
CA GLU E 30 47.44 21.66 -6.13
C GLU E 30 48.76 22.43 -6.25
N LEU E 31 49.24 22.61 -7.47
CA LEU E 31 50.43 23.44 -7.76
C LEU E 31 50.04 24.88 -8.06
N VAL E 32 48.90 25.07 -8.74
CA VAL E 32 48.36 26.41 -8.99
C VAL E 32 48.10 27.11 -7.66
N ARG E 33 47.54 26.35 -6.74
CA ARG E 33 47.27 26.81 -5.40
C ARG E 33 48.51 27.41 -4.74
N GLN E 34 49.64 26.68 -4.81
CA GLN E 34 50.88 27.14 -4.21
C GLN E 34 51.33 28.47 -4.78
N CYS E 35 51.27 28.57 -6.11
CA CYS E 35 51.60 29.80 -6.81
C CYS E 35 50.68 30.93 -6.44
N ALA E 36 49.38 30.64 -6.41
CA ALA E 36 48.38 31.66 -6.07
C ALA E 36 48.68 32.27 -4.71
N GLN E 37 49.09 31.40 -3.78
CA GLN E 37 49.52 31.83 -2.46
C GLN E 37 50.68 32.84 -2.51
N LEU E 38 51.67 32.56 -3.35
CA LEU E 38 52.84 33.44 -3.53
C LEU E 38 52.49 34.71 -4.28
N HIS E 39 51.64 34.57 -5.30
CA HIS E 39 51.15 35.69 -6.06
C HIS E 39 50.43 36.66 -5.13
N ALA E 40 49.59 36.11 -4.25
CA ALA E 40 48.85 36.93 -3.26
C ALA E 40 49.78 37.78 -2.41
N ALA E 41 50.92 37.19 -2.05
CA ALA E 41 51.93 37.84 -1.24
C ALA E 41 52.76 38.83 -2.05
N GLY E 42 52.48 38.96 -3.33
CA GLY E 42 53.15 39.96 -4.16
C GLY E 42 54.43 39.45 -4.80
N HIS E 43 54.57 38.13 -4.93
CA HIS E 43 55.64 37.55 -5.74
C HIS E 43 55.18 37.45 -7.18
N ARG E 44 56.16 37.38 -8.07
CA ARG E 44 55.92 37.31 -9.50
C ARG E 44 56.19 35.87 -9.95
N ILE E 45 55.13 35.20 -10.40
CA ILE E 45 55.23 33.82 -10.80
C ILE E 45 55.15 33.73 -12.31
N VAL E 46 56.09 32.99 -12.89
CA VAL E 46 56.04 32.66 -14.31
C VAL E 46 55.94 31.14 -14.43
N ILE E 47 54.94 30.68 -15.17
CA ILE E 47 54.79 29.25 -15.46
C ILE E 47 55.40 28.97 -16.82
N VAL E 48 56.15 27.88 -16.91
CA VAL E 48 56.58 27.30 -18.19
C VAL E 48 56.03 25.90 -18.17
N THR E 49 55.18 25.56 -19.11
CA THR E 49 54.47 24.27 -19.06
C THR E 49 54.74 23.37 -20.25
N SER E 50 54.60 22.08 -20.01
CA SER E 50 54.66 21.07 -21.06
C SER E 50 53.27 20.43 -21.18
N GLY E 51 53.21 19.18 -21.64
CA GLY E 51 51.95 18.42 -21.69
C GLY E 51 51.03 18.77 -22.85
N ALA E 52 51.47 19.66 -23.73
CA ALA E 52 50.65 20.12 -24.83
C ALA E 52 50.32 18.96 -25.76
N ILE E 53 51.35 18.25 -26.22
CA ILE E 53 51.16 17.09 -27.10
C ILE E 53 50.44 15.95 -26.38
N ALA E 54 50.63 15.86 -25.07
CA ALA E 54 49.92 14.88 -24.25
C ALA E 54 48.40 15.17 -24.20
N ALA E 55 48.09 16.45 -23.94
CA ALA E 55 46.72 16.93 -23.96
C ALA E 55 46.05 16.69 -25.31
N GLY E 56 46.77 16.95 -26.39
CA GLY E 56 46.29 16.72 -27.74
C GLY E 56 45.88 15.27 -28.03
N ARG E 57 46.64 14.29 -27.56
CA ARG E 57 46.27 12.87 -27.76
C ARG E 57 45.02 12.51 -26.98
N GLU E 58 45.02 12.84 -25.70
CA GLU E 58 43.90 12.55 -24.80
C GLU E 58 42.59 13.11 -25.32
N HIS E 59 42.61 14.38 -25.70
CA HIS E 59 41.43 15.10 -26.20
C HIS E 59 40.98 14.66 -27.61
N LEU E 60 41.89 14.09 -28.39
CA LEU E 60 41.56 13.51 -29.69
C LEU E 60 41.25 12.03 -29.60
N GLY E 61 41.34 11.46 -28.40
CA GLY E 61 41.06 10.03 -28.20
C GLY E 61 42.16 9.09 -28.66
N TYR E 62 43.41 9.53 -28.53
CA TYR E 62 44.58 8.67 -28.81
C TYR E 62 44.53 8.07 -30.21
N PRO E 63 44.55 8.94 -31.23
CA PRO E 63 44.35 8.52 -32.60
C PRO E 63 45.60 7.94 -33.24
N GLU E 64 45.40 7.19 -34.32
CA GLU E 64 46.47 6.62 -35.12
C GLU E 64 46.87 7.66 -36.15
N LEU E 65 48.10 8.17 -36.05
CA LEU E 65 48.60 9.21 -36.96
C LEU E 65 49.97 8.84 -37.52
N PRO E 66 50.28 9.29 -38.74
CA PRO E 66 51.62 9.06 -39.28
C PRO E 66 52.71 9.63 -38.37
N ALA E 67 53.81 8.89 -38.21
CA ALA E 67 54.94 9.34 -37.38
C ALA E 67 55.72 10.39 -38.16
N THR E 68 55.29 11.63 -38.02
CA THR E 68 55.80 12.74 -38.83
C THR E 68 55.82 14.00 -38.00
N ILE E 69 56.44 15.03 -38.55
CA ILE E 69 56.64 16.31 -37.85
C ILE E 69 55.29 17.02 -37.74
N ALA E 70 54.48 16.92 -38.79
CA ALA E 70 53.15 17.53 -38.84
C ALA E 70 52.15 16.85 -37.93
N SER E 71 52.35 15.57 -37.62
CA SER E 71 51.47 14.89 -36.67
C SER E 71 51.69 15.41 -35.25
N LYS E 72 52.95 15.64 -34.88
CA LYS E 72 53.31 16.16 -33.55
C LYS E 72 52.93 17.64 -33.38
N GLN E 73 52.78 18.35 -34.50
CA GLN E 73 52.34 19.73 -34.48
C GLN E 73 50.80 19.82 -34.46
N LEU E 74 50.13 18.88 -35.13
CA LEU E 74 48.67 18.76 -35.10
C LEU E 74 48.19 18.50 -33.70
N LEU E 75 48.89 17.63 -32.98
CA LEU E 75 48.57 17.36 -31.59
C LEU E 75 48.84 18.58 -30.72
N ALA E 76 49.97 19.25 -30.95
CA ALA E 76 50.32 20.45 -30.16
C ALA E 76 49.38 21.62 -30.42
N ALA E 77 48.79 21.71 -31.61
CA ALA E 77 47.78 22.71 -31.89
C ALA E 77 46.51 22.46 -31.07
N VAL E 78 46.00 21.23 -31.13
CA VAL E 78 44.84 20.80 -30.33
C VAL E 78 45.13 20.81 -28.83
N GLY E 79 46.29 20.28 -28.46
CA GLY E 79 46.69 20.16 -27.08
C GLY E 79 46.98 21.49 -26.41
N GLN E 80 47.65 22.39 -27.11
CA GLN E 80 47.95 23.72 -26.54
C GLN E 80 46.64 24.47 -26.21
N SER E 81 45.61 24.30 -27.02
CA SER E 81 44.30 24.89 -26.73
C SER E 81 43.71 24.33 -25.41
N ARG E 82 43.71 23.00 -25.24
CA ARG E 82 43.33 22.36 -23.98
C ARG E 82 44.14 22.87 -22.78
N LEU E 83 45.46 22.97 -22.95
CA LEU E 83 46.37 23.34 -21.85
C LEU E 83 46.12 24.71 -21.25
N ILE E 84 46.04 25.69 -22.14
CA ILE E 84 45.90 27.08 -21.72
C ILE E 84 44.50 27.32 -21.10
N GLN E 85 43.49 26.64 -21.63
CA GLN E 85 42.15 26.61 -21.03
C GLN E 85 42.23 26.12 -19.59
N LEU E 86 42.89 24.99 -19.40
CA LEU E 86 43.09 24.38 -18.08
C LEU E 86 43.76 25.33 -17.12
N TRP E 87 44.90 25.88 -17.51
CA TRP E 87 45.65 26.82 -16.67
C TRP E 87 44.84 28.08 -16.31
N GLU E 88 44.12 28.64 -17.27
CA GLU E 88 43.29 29.84 -17.04
C GLU E 88 42.18 29.52 -16.06
N GLN E 89 41.52 28.40 -16.31
CA GLN E 89 40.40 27.98 -15.49
C GLN E 89 40.84 27.82 -14.05
N LEU E 90 41.94 27.13 -13.83
CA LEU E 90 42.40 26.84 -12.49
C LEU E 90 42.96 28.07 -11.75
N PHE E 91 43.57 28.98 -12.51
CA PHE E 91 44.08 30.23 -11.97
C PHE E 91 42.98 31.24 -11.67
N SER E 92 41.92 31.26 -12.48
CA SER E 92 40.80 32.17 -12.24
C SER E 92 39.96 31.74 -11.02
N ILE E 93 40.10 30.49 -10.57
CA ILE E 93 39.54 30.06 -9.28
C ILE E 93 40.12 30.93 -8.17
N TYR E 94 41.40 31.28 -8.32
CA TYR E 94 42.07 32.21 -7.38
C TYR E 94 42.05 33.66 -7.87
N GLY E 95 41.31 33.94 -8.94
CA GLY E 95 41.19 35.30 -9.44
C GLY E 95 42.49 35.89 -9.93
N ILE E 96 43.34 35.03 -10.49
CA ILE E 96 44.59 35.43 -11.11
C ILE E 96 44.49 35.13 -12.60
N HIS E 97 44.82 36.12 -13.42
CA HIS E 97 44.77 35.97 -14.86
C HIS E 97 46.06 35.31 -15.37
N VAL E 98 45.98 34.79 -16.59
CA VAL E 98 47.12 34.18 -17.27
C VAL E 98 47.29 34.75 -18.68
N GLY E 99 48.55 34.87 -19.11
CA GLY E 99 48.89 35.36 -20.45
C GLY E 99 49.71 34.32 -21.19
N GLN E 100 49.18 33.86 -22.32
CA GLN E 100 49.86 32.84 -23.11
C GLN E 100 51.00 33.48 -23.91
N MET E 101 52.17 32.84 -23.85
CA MET E 101 53.29 33.23 -24.68
C MET E 101 53.88 31.95 -25.25
N LEU E 102 53.75 31.79 -26.57
CA LEU E 102 54.40 30.73 -27.29
C LEU E 102 55.60 31.29 -28.01
N LEU E 103 56.74 30.61 -27.90
CA LEU E 103 57.96 31.09 -28.51
C LEU E 103 58.94 29.98 -28.90
N THR E 104 60.00 30.38 -29.60
CA THR E 104 61.05 29.48 -30.10
C THR E 104 62.40 30.18 -30.04
N ARG E 105 63.46 29.56 -30.53
CA ARG E 105 64.75 30.26 -30.62
C ARG E 105 64.72 31.36 -31.67
N ALA E 106 63.83 31.26 -32.65
CA ALA E 106 63.68 32.29 -33.68
C ALA E 106 63.31 33.63 -33.06
N ASP E 107 62.57 33.57 -31.94
CA ASP E 107 62.16 34.75 -31.18
C ASP E 107 63.29 35.39 -30.38
N MET E 108 64.42 34.70 -30.28
CA MET E 108 65.56 35.21 -29.53
C MET E 108 66.81 35.25 -30.40
N GLU E 109 66.62 35.51 -31.70
CA GLU E 109 67.72 35.47 -32.68
C GLU E 109 68.37 36.85 -32.91
N ASP E 110 67.59 37.93 -32.74
CA ASP E 110 68.14 39.28 -32.62
C ASP E 110 68.21 39.63 -31.15
N ARG E 111 68.96 40.67 -30.84
CA ARG E 111 68.80 41.37 -29.56
C ARG E 111 67.40 41.97 -29.49
N GLU E 112 66.97 42.54 -30.60
CA GLU E 112 65.72 43.31 -30.70
C GLU E 112 64.49 42.44 -30.39
N ARG E 113 64.44 41.24 -30.95
CA ARG E 113 63.35 40.30 -30.70
C ARG E 113 63.41 39.74 -29.30
N PHE E 114 64.62 39.51 -28.79
CA PHE E 114 64.82 39.08 -27.41
C PHE E 114 64.26 40.09 -26.40
N LEU E 115 64.63 41.35 -26.55
CA LEU E 115 64.11 42.44 -25.69
C LEU E 115 62.58 42.66 -25.79
N ASN E 116 62.01 42.34 -26.95
CA ASN E 116 60.56 42.37 -27.15
C ASN E 116 59.83 41.32 -26.34
N ALA E 117 60.35 40.10 -26.34
CA ALA E 117 59.79 39.02 -25.55
C ALA E 117 59.94 39.34 -24.07
N ARG E 118 61.12 39.80 -23.70
CA ARG E 118 61.42 40.23 -22.34
C ARG E 118 60.44 41.29 -21.85
N ASP E 119 60.28 42.38 -22.61
CA ASP E 119 59.39 43.49 -22.22
C ASP E 119 57.94 43.03 -22.02
N THR E 120 57.41 42.27 -22.98
CA THR E 120 56.05 41.73 -22.89
C THR E 120 55.87 40.95 -21.59
N LEU E 121 56.83 40.07 -21.32
CA LEU E 121 56.82 39.25 -20.11
C LEU E 121 56.88 40.12 -18.83
N ARG E 122 57.76 41.10 -18.81
CA ARG E 122 57.85 42.01 -17.68
C ARG E 122 56.51 42.74 -17.47
N ALA E 123 55.93 43.24 -18.57
CA ALA E 123 54.65 43.96 -18.56
C ALA E 123 53.50 43.10 -18.02
N LEU E 124 53.53 41.81 -18.29
CA LEU E 124 52.53 40.90 -17.76
C LEU E 124 52.68 40.81 -16.25
N LEU E 125 53.90 40.57 -15.80
CA LEU E 125 54.20 40.54 -14.35
C LEU E 125 53.86 41.87 -13.67
N ASP E 126 54.24 42.98 -14.29
CA ASP E 126 53.93 44.34 -13.79
C ASP E 126 52.46 44.57 -13.46
N ASN E 127 51.57 43.91 -14.21
CA ASN E 127 50.13 44.02 -14.02
C ASN E 127 49.54 42.75 -13.43
N ASN E 128 50.36 42.05 -12.66
CA ASN E 128 49.95 40.88 -11.86
C ASN E 128 49.35 39.70 -12.62
N VAL E 129 49.65 39.63 -13.92
CA VAL E 129 49.27 38.50 -14.75
C VAL E 129 50.39 37.43 -14.70
N VAL E 130 49.98 36.17 -14.56
CA VAL E 130 50.91 35.06 -14.63
C VAL E 130 51.09 34.61 -16.08
N PRO E 131 52.31 34.77 -16.64
CA PRO E 131 52.54 34.30 -18.00
C PRO E 131 52.65 32.77 -18.03
N VAL E 132 52.03 32.15 -19.04
CA VAL E 132 52.10 30.69 -19.20
C VAL E 132 52.80 30.43 -20.50
N ILE E 133 54.10 30.15 -20.39
CA ILE E 133 55.02 30.02 -21.52
C ILE E 133 55.15 28.56 -21.94
N ASN E 134 55.26 28.34 -23.24
CA ASN E 134 55.52 27.03 -23.80
C ASN E 134 56.20 27.26 -25.15
N GLU E 135 56.90 26.22 -25.62
CA GLU E 135 57.44 26.21 -26.97
C GLU E 135 56.27 26.37 -27.95
N ASN E 136 56.45 27.11 -29.02
CA ASN E 136 55.43 27.13 -30.06
C ASN E 136 55.61 25.88 -30.91
N ASP E 137 55.25 24.72 -30.34
CA ASP E 137 55.38 23.42 -31.03
C ASP E 137 54.50 23.33 -32.27
N ALA E 138 53.36 24.02 -32.26
CA ALA E 138 52.36 23.93 -33.33
C ALA E 138 52.81 24.56 -34.65
N VAL E 139 53.67 25.58 -34.57
CA VAL E 139 54.17 26.28 -35.76
C VAL E 139 55.67 26.50 -35.64
N ALA E 140 56.48 25.48 -35.95
CA ALA E 140 57.93 25.63 -35.87
C ALA E 140 58.63 24.47 -36.53
N THR E 141 59.68 24.78 -37.28
CA THR E 141 60.59 23.75 -37.76
C THR E 141 61.51 23.31 -36.63
N ALA E 142 62.17 22.17 -36.82
CA ALA E 142 63.07 21.65 -35.82
C ALA E 142 64.18 22.65 -35.52
N GLU E 143 64.77 23.25 -36.56
CA GLU E 143 65.93 24.14 -36.40
C GLU E 143 65.74 25.26 -35.39
N ILE E 144 64.52 25.77 -35.31
CA ILE E 144 64.24 26.95 -34.50
C ILE E 144 63.66 26.62 -33.13
N LYS E 145 63.30 25.36 -32.93
CA LYS E 145 62.83 24.89 -31.61
C LYS E 145 63.99 24.91 -30.61
N VAL E 146 63.65 25.11 -29.35
CA VAL E 146 64.60 24.95 -28.24
C VAL E 146 64.79 23.47 -28.00
N GLY E 147 63.73 22.69 -28.27
CA GLY E 147 63.82 21.24 -28.27
C GLY E 147 63.51 20.60 -26.92
N ASP E 148 63.51 21.41 -25.86
CA ASP E 148 63.07 20.96 -24.53
C ASP E 148 62.80 22.11 -23.54
N ASN E 149 61.66 22.02 -22.88
CA ASN E 149 61.18 23.06 -21.97
C ASN E 149 62.07 23.29 -20.74
N ASP E 150 63.02 22.39 -20.46
CA ASP E 150 64.01 22.65 -19.42
C ASP E 150 64.86 23.86 -19.81
N ASN E 151 65.48 23.79 -21.00
CA ASN E 151 66.29 24.89 -21.49
C ASN E 151 65.46 26.14 -21.81
N LEU E 152 64.23 25.93 -22.28
CA LEU E 152 63.24 27.00 -22.44
C LEU E 152 63.04 27.74 -21.12
N SER E 153 62.92 27.00 -20.02
CA SER E 153 62.66 27.61 -18.71
C SER E 153 63.86 28.43 -18.22
N ALA E 154 65.07 27.98 -18.59
CA ALA E 154 66.27 28.79 -18.34
C ALA E 154 66.20 30.11 -19.10
N LEU E 155 65.78 30.04 -20.36
CA LEU E 155 65.65 31.22 -21.23
C LEU E 155 64.55 32.14 -20.77
N ALA E 156 63.42 31.58 -20.38
CA ALA E 156 62.32 32.35 -19.81
C ALA E 156 62.78 33.07 -18.55
N ALA E 157 63.65 32.44 -17.76
CA ALA E 157 64.08 33.01 -16.51
C ALA E 157 64.94 34.23 -16.75
N ILE E 158 65.70 34.20 -17.84
CA ILE E 158 66.48 35.35 -18.27
C ILE E 158 65.52 36.42 -18.74
N LEU E 159 64.54 36.05 -19.55
CA LEU E 159 63.54 37.03 -20.01
C LEU E 159 62.80 37.71 -18.85
N ALA E 160 62.50 36.97 -17.79
CA ALA E 160 61.72 37.51 -16.69
C ALA E 160 62.56 38.20 -15.60
N GLY E 161 63.88 38.12 -15.72
CA GLY E 161 64.76 38.60 -14.67
C GLY E 161 64.56 37.85 -13.36
N ALA E 162 64.34 36.54 -13.47
CA ALA E 162 64.01 35.72 -12.33
C ALA E 162 65.14 35.69 -11.30
N ASP E 163 64.76 35.59 -10.02
CA ASP E 163 65.72 35.37 -8.92
C ASP E 163 65.95 33.87 -8.71
N LYS E 164 64.94 33.07 -9.05
CA LYS E 164 65.04 31.62 -8.98
C LYS E 164 64.34 30.96 -10.15
N LEU E 165 64.84 29.79 -10.54
CA LEU E 165 64.19 28.93 -11.51
C LEU E 165 63.96 27.58 -10.85
N LEU E 166 62.72 27.10 -10.88
CA LEU E 166 62.36 25.84 -10.23
C LEU E 166 61.94 24.78 -11.26
N LEU E 167 62.70 23.68 -11.33
CA LEU E 167 62.41 22.62 -12.26
C LEU E 167 61.76 21.47 -11.52
N LEU E 168 60.44 21.36 -11.63
CA LEU E 168 59.72 20.31 -10.96
C LEU E 168 59.74 19.03 -11.80
N THR E 169 60.18 17.95 -11.16
CA THR E 169 60.38 16.65 -11.79
C THR E 169 59.59 15.58 -11.05
N ASP E 170 59.64 14.34 -11.52
CA ASP E 170 59.01 13.21 -10.84
C ASP E 170 59.86 12.71 -9.70
N GLN E 171 61.12 12.36 -10.01
CA GLN E 171 62.01 11.79 -9.00
C GLN E 171 62.50 12.93 -8.13
N LYS E 172 62.95 12.59 -6.92
CA LYS E 172 63.31 13.61 -5.89
C LYS E 172 64.46 14.52 -6.39
N GLY E 173 65.26 13.99 -7.32
CA GLY E 173 66.16 14.79 -8.14
C GLY E 173 67.60 14.84 -7.65
N LEU E 174 68.48 14.14 -8.35
CA LEU E 174 69.94 14.34 -8.28
C LEU E 174 70.56 13.87 -6.95
N TYR E 175 70.88 12.58 -6.90
CA TYR E 175 71.34 11.93 -5.67
C TYR E 175 72.88 11.84 -5.59
N THR E 176 73.41 11.73 -4.36
CA THR E 176 74.85 11.57 -4.11
C THR E 176 75.36 10.15 -4.39
N ALA E 177 74.41 9.22 -4.48
CA ALA E 177 74.68 7.85 -4.89
C ALA E 177 73.35 7.26 -5.35
N ASP E 178 73.35 6.01 -5.79
CA ASP E 178 72.10 5.33 -6.09
C ASP E 178 71.46 4.99 -4.73
N PRO E 179 70.22 5.46 -4.50
CA PRO E 179 69.52 5.14 -3.25
C PRO E 179 69.40 3.65 -3.00
N ARG E 180 69.32 2.87 -4.08
CA ARG E 180 69.25 1.41 -4.02
C ARG E 180 70.61 0.81 -3.65
N SER E 181 71.67 1.28 -4.30
CA SER E 181 73.03 0.74 -4.08
C SER E 181 73.65 1.19 -2.77
N ASN E 182 73.20 2.33 -2.25
CA ASN E 182 73.82 2.97 -1.08
C ASN E 182 72.74 3.46 -0.08
N PRO E 183 72.73 2.90 1.14
CA PRO E 183 71.69 3.24 2.13
C PRO E 183 71.81 4.66 2.68
N GLN E 184 73.05 5.11 2.88
CA GLN E 184 73.36 6.50 3.18
C GLN E 184 73.45 7.27 1.84
N ALA E 185 72.43 7.14 1.00
CA ALA E 185 72.37 7.88 -0.26
C ALA E 185 71.30 8.95 -0.16
N GLU E 186 71.71 10.17 -0.51
CA GLU E 186 70.94 11.36 -0.19
C GLU E 186 70.93 12.30 -1.37
N LEU E 187 69.95 13.19 -1.37
CA LEU E 187 69.92 14.28 -2.34
C LEU E 187 71.20 15.11 -2.26
N ILE E 188 71.78 15.41 -3.42
CA ILE E 188 72.81 16.44 -3.48
C ILE E 188 72.09 17.75 -3.20
N LYS E 189 72.47 18.40 -2.11
CA LYS E 189 71.75 19.56 -1.57
C LYS E 189 72.16 20.86 -2.25
N ASP E 190 73.46 20.99 -2.50
CA ASP E 190 74.05 22.23 -3.02
C ASP E 190 75.07 21.93 -4.11
N VAL E 191 74.99 22.63 -5.23
CA VAL E 191 75.95 22.49 -6.32
C VAL E 191 76.50 23.88 -6.61
N TYR E 192 77.81 23.97 -6.82
CA TYR E 192 78.46 25.22 -7.18
C TYR E 192 79.15 25.05 -8.53
N GLY E 193 78.36 25.19 -9.59
CA GLY E 193 78.83 24.97 -10.95
C GLY E 193 78.70 23.52 -11.39
N ILE E 194 78.19 23.30 -12.60
CA ILE E 194 78.08 21.96 -13.17
C ILE E 194 79.43 21.67 -13.82
N ASP E 195 79.85 20.40 -13.75
CA ASP E 195 81.10 19.96 -14.36
C ASP E 195 81.10 18.44 -14.60
N ASP E 196 82.17 17.96 -15.23
CA ASP E 196 82.26 16.56 -15.67
C ASP E 196 82.11 15.57 -14.53
N ALA E 197 82.65 15.91 -13.36
CA ALA E 197 82.53 15.06 -12.19
C ALA E 197 81.09 14.98 -11.69
N LEU E 198 80.43 16.13 -11.56
CA LEU E 198 79.03 16.16 -11.12
C LEU E 198 78.14 15.41 -12.12
N ARG E 199 78.37 15.66 -13.41
CA ARG E 199 77.70 14.89 -14.45
C ARG E 199 77.90 13.38 -14.26
N ALA E 200 79.11 12.95 -13.91
CA ALA E 200 79.37 11.52 -13.67
C ALA E 200 78.62 11.01 -12.44
N ILE E 201 78.40 11.89 -11.47
CA ILE E 201 77.68 11.53 -10.25
C ILE E 201 76.21 11.43 -10.56
N ALA E 202 75.69 12.36 -11.34
CA ALA E 202 74.31 12.27 -11.81
C ALA E 202 74.05 10.98 -12.58
N GLY E 203 75.00 10.61 -13.44
CA GLY E 203 74.89 9.40 -14.27
C GLY E 203 75.00 8.09 -13.51
N ASP E 204 75.91 8.02 -12.54
CA ASP E 204 76.12 6.78 -11.79
C ASP E 204 75.08 6.59 -10.69
N SER E 205 74.36 7.66 -10.35
CA SER E 205 73.31 7.62 -9.34
C SER E 205 72.06 6.92 -9.82
N VAL E 206 71.67 7.24 -11.05
CA VAL E 206 70.62 6.50 -11.75
C VAL E 206 71.22 5.21 -12.35
N SER E 207 70.50 4.10 -12.21
CA SER E 207 70.84 2.89 -12.95
C SER E 207 70.02 2.86 -14.24
N GLY E 208 70.62 2.30 -15.30
CA GLY E 208 70.02 2.33 -16.64
C GLY E 208 70.80 3.20 -17.59
N LEU E 209 70.18 4.28 -18.07
CA LEU E 209 70.86 5.17 -19.02
C LEU E 209 70.67 6.67 -18.74
N GLY E 210 71.16 7.13 -17.58
CA GLY E 210 71.48 8.54 -17.32
C GLY E 210 70.32 9.50 -17.10
N THR E 211 69.21 9.24 -17.77
CA THR E 211 68.09 10.18 -17.85
C THR E 211 68.42 11.32 -18.84
N GLY E 212 67.91 11.20 -20.06
CA GLY E 212 67.65 12.38 -20.90
C GLY E 212 66.42 13.09 -20.31
N GLY E 213 66.65 13.84 -19.24
CA GLY E 213 65.59 14.26 -18.31
C GLY E 213 66.12 14.62 -16.92
N MET E 214 67.36 14.23 -16.63
CA MET E 214 68.21 14.93 -15.65
C MET E 214 69.32 15.68 -16.43
N SER E 215 69.69 15.15 -17.60
CA SER E 215 70.69 15.72 -18.49
C SER E 215 70.33 17.10 -19.06
N THR E 216 69.10 17.23 -19.57
CA THR E 216 68.56 18.51 -20.00
C THR E 216 68.39 19.46 -18.82
N LYS E 217 68.11 18.91 -17.65
CA LYS E 217 67.94 19.71 -16.45
C LYS E 217 69.27 20.26 -15.92
N LEU E 218 70.35 19.50 -16.11
CA LEU E 218 71.68 20.01 -15.78
C LEU E 218 72.14 21.06 -16.77
N GLN E 219 71.78 20.89 -18.04
CA GLN E 219 71.99 21.92 -19.07
C GLN E 219 71.28 23.23 -18.73
N ALA E 220 70.00 23.14 -18.37
CA ALA E 220 69.20 24.30 -17.95
C ALA E 220 69.85 25.04 -16.78
N ALA E 221 70.28 24.26 -15.79
CA ALA E 221 70.87 24.81 -14.58
C ALA E 221 72.19 25.49 -14.88
N ASP E 222 72.92 24.96 -15.86
CA ASP E 222 74.17 25.57 -16.31
C ASP E 222 73.87 26.95 -16.91
N VAL E 223 72.98 26.99 -17.89
CA VAL E 223 72.59 28.24 -18.54
C VAL E 223 72.12 29.31 -17.55
N ALA E 224 71.10 28.98 -16.77
CA ALA E 224 70.50 29.92 -15.83
C ALA E 224 71.47 30.36 -14.72
N CYS E 225 72.33 29.43 -14.27
CA CYS E 225 73.26 29.78 -13.20
C CYS E 225 74.30 30.75 -13.70
N ARG E 226 74.70 30.59 -14.95
CA ARG E 226 75.65 31.50 -15.57
C ARG E 226 75.06 32.90 -15.73
N ALA E 227 73.74 32.96 -15.92
CA ALA E 227 73.03 34.22 -16.06
C ALA E 227 72.74 34.92 -14.71
N GLY E 228 73.21 34.32 -13.61
CA GLY E 228 73.06 34.89 -12.27
C GLY E 228 71.81 34.43 -11.55
N ILE E 229 71.25 33.29 -11.94
CA ILE E 229 69.97 32.81 -11.42
C ILE E 229 70.16 31.50 -10.67
N ASP E 230 69.86 31.49 -9.38
CA ASP E 230 69.74 30.26 -8.60
C ASP E 230 68.70 29.38 -9.25
N THR E 231 69.00 28.10 -9.44
CA THR E 231 68.03 27.16 -10.00
C THR E 231 67.98 25.89 -9.15
N ILE E 232 66.79 25.31 -9.01
CA ILE E 232 66.51 24.21 -8.09
C ILE E 232 65.79 23.09 -8.80
N ILE E 233 66.22 21.85 -8.53
CA ILE E 233 65.50 20.68 -9.00
C ILE E 233 64.82 19.99 -7.80
N ALA E 234 63.50 19.79 -7.91
CA ALA E 234 62.71 19.26 -6.82
C ALA E 234 61.51 18.47 -7.32
N ALA E 235 61.03 17.55 -6.49
CA ALA E 235 59.88 16.73 -6.82
C ALA E 235 58.61 17.58 -6.89
N GLY E 236 57.89 17.44 -8.00
CA GLY E 236 56.63 18.16 -8.18
C GLY E 236 55.54 17.73 -7.22
N SER E 237 55.53 16.45 -6.87
CA SER E 237 54.52 15.91 -5.96
C SER E 237 54.82 16.23 -4.48
N LYS E 238 55.95 16.87 -4.20
CA LYS E 238 56.30 17.22 -2.82
C LYS E 238 55.45 18.38 -2.34
N PRO E 239 54.70 18.18 -1.23
CA PRO E 239 53.81 19.23 -0.73
C PRO E 239 54.55 20.48 -0.22
N GLY E 240 54.07 21.65 -0.61
CA GLY E 240 54.63 22.92 -0.19
C GLY E 240 55.92 23.30 -0.91
N VAL E 241 56.25 22.57 -1.98
CA VAL E 241 57.56 22.69 -2.60
C VAL E 241 57.86 24.10 -3.14
N ILE E 242 56.87 24.74 -3.74
CA ILE E 242 57.08 26.04 -4.42
C ILE E 242 57.32 27.14 -3.38
N GLY E 243 56.49 27.17 -2.34
CA GLY E 243 56.67 28.08 -1.23
C GLY E 243 58.02 27.90 -0.57
N ASP E 244 58.37 26.65 -0.30
CA ASP E 244 59.62 26.30 0.38
C ASP E 244 60.84 26.76 -0.37
N VAL E 245 60.80 26.60 -1.69
CA VAL E 245 61.87 27.07 -2.55
C VAL E 245 62.04 28.58 -2.44
N MET E 246 60.91 29.30 -2.48
CA MET E 246 60.93 30.77 -2.42
C MET E 246 61.54 31.30 -1.11
N GLU E 247 61.34 30.58 -0.01
CA GLU E 247 61.96 30.93 1.28
C GLU E 247 63.43 30.49 1.39
N GLY E 248 63.92 29.77 0.38
CA GLY E 248 65.24 29.19 0.44
C GLY E 248 65.32 28.06 1.46
N ILE E 249 64.30 27.20 1.49
CA ILE E 249 64.34 26.00 2.32
C ILE E 249 64.95 24.90 1.48
N SER E 250 65.84 24.11 2.08
CA SER E 250 66.49 23.02 1.38
C SER E 250 65.49 21.91 1.14
N VAL E 251 65.04 21.82 -0.10
CA VAL E 251 63.91 20.97 -0.44
C VAL E 251 64.24 20.02 -1.59
N GLY E 252 65.26 20.34 -2.39
CA GLY E 252 65.77 19.43 -3.40
C GLY E 252 67.26 19.61 -3.60
N THR E 253 67.64 19.91 -4.84
CA THR E 253 69.00 20.28 -5.17
C THR E 253 69.05 21.77 -5.55
N LEU E 254 69.82 22.55 -4.81
CA LEU E 254 70.02 23.96 -5.14
C LEU E 254 71.32 24.15 -5.94
N PHE E 255 71.16 24.47 -7.22
CA PHE E 255 72.28 24.86 -8.07
C PHE E 255 72.46 26.34 -7.83
N HIS E 256 73.60 26.72 -7.27
CA HIS E 256 73.85 28.11 -6.89
C HIS E 256 74.25 28.95 -8.08
N ALA E 257 73.82 30.21 -8.09
CA ALA E 257 74.12 31.10 -9.21
C ALA E 257 75.57 31.41 -9.23
N GLN E 258 76.04 31.85 -10.39
CA GLN E 258 77.47 32.10 -10.61
C GLN E 258 77.89 33.36 -9.88
N ALA E 259 78.97 33.21 -9.10
CA ALA E 259 79.50 34.26 -8.24
C ALA E 259 79.57 35.61 -8.96
N THR E 260 80.21 35.58 -10.14
CA THR E 260 80.34 36.77 -10.99
C THR E 260 79.69 36.42 -12.34
N PRO E 261 78.38 36.65 -12.48
CA PRO E 261 77.63 36.07 -13.58
C PRO E 261 78.01 36.65 -14.93
N LEU E 262 77.68 35.92 -16.00
CA LEU E 262 77.95 36.36 -17.36
C LEU E 262 77.22 37.67 -17.63
N GLU E 263 77.87 38.61 -18.30
CA GLU E 263 77.33 39.97 -18.48
C GLU E 263 75.93 39.98 -19.07
N ASN E 264 75.03 40.75 -18.47
CA ASN E 264 73.66 40.91 -18.98
C ASN E 264 73.62 41.22 -20.48
N ARG E 265 74.45 42.19 -20.86
CA ARG E 265 74.72 42.55 -22.26
C ARG E 265 74.62 41.39 -23.27
N LYS E 266 75.10 40.20 -22.90
CA LYS E 266 75.17 39.11 -23.86
C LYS E 266 74.46 37.81 -23.44
N ARG E 267 73.48 37.91 -22.54
CA ARG E 267 72.71 36.73 -22.12
C ARG E 267 71.73 36.24 -23.17
N TRP E 268 71.27 37.13 -24.04
CA TRP E 268 70.34 36.73 -25.11
C TRP E 268 70.92 35.62 -26.00
N ILE E 269 72.24 35.64 -26.19
CA ILE E 269 72.93 34.69 -27.09
C ILE E 269 72.67 33.22 -26.67
N PHE E 270 72.32 33.00 -25.39
CA PHE E 270 71.89 31.69 -24.94
C PHE E 270 70.67 31.18 -25.67
N GLY E 271 69.86 32.10 -26.20
CA GLY E 271 68.59 31.75 -26.83
C GLY E 271 68.58 31.70 -28.34
N ALA E 272 69.63 32.21 -28.97
CA ALA E 272 69.62 32.27 -30.43
C ALA E 272 69.81 30.87 -31.04
N PRO E 273 69.24 30.63 -32.23
CA PRO E 273 69.54 29.42 -32.97
C PRO E 273 70.68 29.70 -33.96
N PRO E 274 71.82 28.96 -33.85
CA PRO E 274 72.93 29.15 -34.77
C PRO E 274 72.53 29.24 -36.26
N ALA E 275 72.86 30.39 -36.88
CA ALA E 275 72.57 30.66 -38.28
C ALA E 275 73.49 29.88 -39.20
N GLY E 276 74.63 29.47 -38.67
CA GLY E 276 75.62 28.75 -39.45
C GLY E 276 76.67 28.27 -38.50
N GLU E 277 77.77 27.77 -39.05
CA GLU E 277 78.87 27.41 -38.19
C GLU E 277 80.23 27.51 -38.85
N ILE E 278 81.22 27.69 -37.98
CA ILE E 278 82.61 27.78 -38.32
C ILE E 278 83.33 26.58 -37.68
N THR E 279 84.30 26.03 -38.40
CA THR E 279 85.25 25.10 -37.82
C THR E 279 86.57 25.86 -37.65
N VAL E 280 87.26 25.57 -36.55
CA VAL E 280 88.31 26.45 -36.05
C VAL E 280 89.57 25.68 -35.61
N ASP E 281 90.71 26.38 -35.68
CA ASP E 281 92.05 25.89 -35.27
C ASP E 281 92.13 25.23 -33.91
N GLU E 282 93.20 24.47 -33.73
CA GLU E 282 93.61 23.98 -32.42
C GLU E 282 94.11 25.16 -31.58
N GLY E 283 94.85 26.07 -32.20
CA GLY E 283 95.35 27.26 -31.54
C GLY E 283 94.27 28.28 -31.19
N ALA E 284 93.25 28.36 -32.06
CA ALA E 284 92.12 29.27 -31.85
C ALA E 284 91.19 28.72 -30.79
N THR E 285 90.90 27.42 -30.89
CA THR E 285 90.12 26.73 -29.86
C THR E 285 90.67 27.05 -28.47
N ALA E 286 91.99 27.09 -28.34
CA ALA E 286 92.64 27.41 -27.06
C ALA E 286 92.46 28.90 -26.70
N ALA E 287 92.70 29.79 -27.65
CA ALA E 287 92.54 31.22 -27.41
C ALA E 287 91.12 31.55 -26.94
N ILE E 288 90.14 30.96 -27.61
CA ILE E 288 88.73 31.18 -27.29
C ILE E 288 88.38 30.67 -25.89
N LEU E 289 88.75 29.43 -25.61
CA LEU E 289 88.36 28.74 -24.39
C LEU E 289 89.28 28.99 -23.21
N GLU E 290 90.58 28.99 -23.46
CA GLU E 290 91.55 29.09 -22.38
C GLU E 290 91.80 30.53 -21.98
N ARG E 291 91.73 31.43 -22.95
CA ARG E 291 92.11 32.83 -22.73
C ARG E 291 91.03 33.87 -22.98
N GLY E 292 89.80 33.43 -23.24
CA GLY E 292 88.68 34.35 -23.50
C GLY E 292 88.95 35.34 -24.61
N SER E 293 89.56 34.86 -25.69
CA SER E 293 90.00 35.70 -26.80
C SER E 293 88.95 35.81 -27.89
N SER E 294 89.07 36.86 -28.70
CA SER E 294 88.25 36.99 -29.90
C SER E 294 88.77 36.03 -30.96
N LEU E 295 87.87 35.60 -31.84
CA LEU E 295 88.25 34.77 -32.96
C LEU E 295 88.73 35.64 -34.11
N LEU E 296 89.95 35.39 -34.56
CA LEU E 296 90.48 36.02 -35.75
C LEU E 296 90.31 35.07 -36.95
N PRO E 297 90.06 35.62 -38.15
CA PRO E 297 89.90 34.78 -39.34
C PRO E 297 91.08 33.85 -39.60
N LYS E 298 92.31 34.31 -39.30
CA LYS E 298 93.53 33.47 -39.28
C LYS E 298 93.24 31.99 -38.96
N GLY E 299 92.52 31.77 -37.85
CA GLY E 299 92.25 30.41 -37.34
C GLY E 299 91.03 29.68 -37.88
N ILE E 300 90.24 30.32 -38.74
CA ILE E 300 89.06 29.69 -39.32
C ILE E 300 89.47 28.65 -40.37
N LYS E 301 89.03 27.41 -40.19
CA LYS E 301 89.36 26.31 -41.12
C LYS E 301 88.27 26.07 -42.15
N SER E 302 87.01 26.28 -41.77
CA SER E 302 85.89 26.14 -42.69
C SER E 302 84.66 26.89 -42.20
N VAL E 303 83.79 27.23 -43.15
CA VAL E 303 82.53 27.91 -42.87
C VAL E 303 81.38 27.14 -43.49
N THR E 304 80.23 27.14 -42.81
CA THR E 304 79.04 26.38 -43.23
C THR E 304 77.74 27.19 -43.12
N GLY E 305 76.98 27.22 -44.21
CA GLY E 305 75.68 27.89 -44.25
C GLY E 305 75.71 29.27 -44.87
N ASN E 306 74.54 29.86 -45.07
CA ASN E 306 74.42 31.22 -45.58
C ASN E 306 73.92 32.19 -44.52
N PHE E 307 74.83 32.96 -43.94
CA PHE E 307 74.45 33.90 -42.90
C PHE E 307 75.07 35.28 -43.12
N SER E 308 74.54 36.27 -42.41
CA SER E 308 74.96 37.66 -42.57
C SER E 308 75.75 38.12 -41.38
N ARG E 309 76.37 39.29 -41.51
CA ARG E 309 76.99 39.95 -40.36
C ARG E 309 75.88 40.28 -39.37
N GLY E 310 76.17 40.13 -38.09
CA GLY E 310 75.17 40.33 -37.05
C GLY E 310 74.31 39.13 -36.70
N GLU E 311 74.36 38.06 -37.49
CA GLU E 311 73.69 36.80 -37.14
C GLU E 311 74.57 36.03 -36.18
N VAL E 312 73.96 35.22 -35.32
CA VAL E 312 74.70 34.38 -34.36
C VAL E 312 75.08 33.06 -35.03
N ILE E 313 76.24 32.54 -34.68
CA ILE E 313 76.77 31.35 -35.34
C ILE E 313 77.46 30.47 -34.32
N ARG E 314 77.68 29.21 -34.70
CA ARG E 314 78.33 28.21 -33.86
C ARG E 314 79.81 28.16 -34.20
N ILE E 315 80.67 28.00 -33.19
CA ILE E 315 82.08 27.74 -33.43
C ILE E 315 82.37 26.33 -32.94
N CYS E 316 82.73 25.46 -33.87
CA CYS E 316 83.15 24.09 -33.56
C CYS E 316 84.67 24.00 -33.54
N ASN E 317 85.18 23.08 -32.73
CA ASN E 317 86.59 22.74 -32.76
C ASN E 317 86.81 21.65 -33.83
N LEU E 318 88.03 21.18 -33.97
CA LEU E 318 88.34 20.26 -35.06
C LEU E 318 87.66 18.89 -34.92
N GLU E 319 87.31 18.49 -33.70
CA GLU E 319 86.53 17.26 -33.50
C GLU E 319 85.06 17.42 -33.91
N GLY E 320 84.59 18.66 -34.01
CA GLY E 320 83.18 18.94 -34.25
C GLY E 320 82.41 19.18 -32.96
N ARG E 321 83.12 19.56 -31.90
CA ARG E 321 82.47 20.00 -30.66
C ARG E 321 82.14 21.49 -30.73
N ASP E 322 80.85 21.79 -30.68
CA ASP E 322 80.34 23.14 -30.41
C ASP E 322 81.03 23.74 -29.17
N ILE E 323 82.04 24.60 -29.37
CA ILE E 323 82.78 25.23 -28.27
C ILE E 323 82.33 26.66 -27.91
N ALA E 324 81.56 27.30 -28.80
CA ALA E 324 81.06 28.66 -28.55
C ALA E 324 79.95 29.09 -29.50
N HIS E 325 79.12 30.02 -29.03
CA HIS E 325 78.13 30.69 -29.88
C HIS E 325 78.43 32.19 -29.85
N GLY E 326 78.23 32.87 -30.97
CA GLY E 326 78.58 34.30 -31.07
C GLY E 326 78.15 35.00 -32.34
N VAL E 327 78.19 36.32 -32.32
CA VAL E 327 77.76 37.14 -33.44
C VAL E 327 78.89 37.28 -34.45
N SER E 328 78.58 37.00 -35.71
CA SER E 328 79.53 37.13 -36.80
C SER E 328 79.66 38.56 -37.29
N ARG E 329 80.91 39.02 -37.39
CA ARG E 329 81.21 40.37 -37.86
C ARG E 329 81.13 40.47 -39.38
N TYR E 330 81.18 39.32 -40.06
CA TYR E 330 81.16 39.24 -41.52
C TYR E 330 80.12 38.23 -42.00
N ASN E 331 79.62 38.42 -43.22
CA ASN E 331 78.76 37.42 -43.84
C ASN E 331 79.54 36.16 -44.18
N SER E 332 78.82 35.12 -44.58
CA SER E 332 79.40 33.79 -44.70
C SER E 332 80.29 33.63 -45.92
N ASP E 333 79.90 34.25 -47.04
CA ASP E 333 80.72 34.23 -48.26
C ASP E 333 82.07 34.89 -47.96
N ALA E 334 82.01 36.01 -47.23
CA ALA E 334 83.18 36.79 -46.85
C ALA E 334 84.11 36.00 -45.94
N LEU E 335 83.54 35.29 -44.96
CA LEU E 335 84.36 34.48 -44.05
C LEU E 335 85.12 33.37 -44.76
N ARG E 336 84.52 32.80 -45.81
CA ARG E 336 85.21 31.79 -46.59
C ARG E 336 86.40 32.36 -47.32
N ARG E 337 86.31 33.63 -47.72
CA ARG E 337 87.38 34.28 -48.49
C ARG E 337 88.53 34.83 -47.61
N ILE E 338 88.21 35.29 -46.40
CA ILE E 338 89.24 35.79 -45.47
C ILE E 338 89.70 34.73 -44.48
N ALA E 339 89.06 33.55 -44.47
CA ALA E 339 89.48 32.48 -43.57
C ALA E 339 90.89 32.09 -43.92
N GLY E 340 91.73 32.00 -42.90
CA GLY E 340 93.13 31.63 -43.07
C GLY E 340 94.05 32.79 -43.40
N HIS E 341 93.52 34.00 -43.46
CA HIS E 341 94.33 35.17 -43.77
C HIS E 341 94.47 36.05 -42.53
N HIS E 342 95.44 36.97 -42.59
CA HIS E 342 95.72 37.90 -41.51
C HIS E 342 94.76 39.10 -41.60
N SER E 343 94.69 39.91 -40.56
CA SER E 343 93.75 41.03 -40.54
C SER E 343 94.09 42.22 -41.45
N GLN E 344 95.37 42.44 -41.81
CA GLN E 344 95.69 43.49 -42.83
C GLN E 344 95.22 43.12 -44.23
N GLU E 345 94.84 41.86 -44.42
CA GLU E 345 94.48 41.33 -45.74
C GLU E 345 92.98 41.40 -46.00
N ILE E 346 92.18 41.85 -45.04
CA ILE E 346 90.73 41.82 -45.21
C ILE E 346 90.24 42.80 -46.25
N ASP E 347 90.58 44.07 -46.09
CA ASP E 347 90.16 45.10 -47.04
C ASP E 347 90.64 44.79 -48.44
N ALA E 348 91.84 44.22 -48.55
CA ALA E 348 92.36 43.74 -49.85
C ALA E 348 91.45 42.66 -50.46
N ILE E 349 91.22 41.58 -49.71
CA ILE E 349 90.48 40.42 -50.21
C ILE E 349 89.01 40.71 -50.54
N LEU E 350 88.36 41.58 -49.77
CA LEU E 350 86.91 41.78 -49.90
C LEU E 350 86.50 43.07 -50.60
N GLY E 351 87.29 44.14 -50.41
CA GLY E 351 86.89 45.47 -50.87
C GLY E 351 86.25 46.31 -49.78
N TYR E 352 85.91 45.69 -48.66
CA TYR E 352 85.39 46.38 -47.48
C TYR E 352 85.97 45.76 -46.22
N GLU E 353 85.69 46.34 -45.08
CA GLU E 353 86.34 45.95 -43.84
C GLU E 353 85.46 46.29 -42.64
N TYR E 354 85.07 45.27 -41.86
CA TYR E 354 84.34 45.48 -40.61
C TYR E 354 85.23 45.13 -39.40
N GLY E 355 86.43 45.68 -39.35
CA GLY E 355 87.36 45.43 -38.24
C GLY E 355 88.14 44.13 -38.39
N PRO E 356 89.11 43.91 -37.49
CA PRO E 356 90.03 42.77 -37.62
C PRO E 356 89.48 41.42 -37.15
N VAL E 357 88.32 41.42 -36.52
CA VAL E 357 87.85 40.26 -35.78
C VAL E 357 86.62 39.63 -36.42
N ALA E 358 86.64 38.31 -36.57
CA ALA E 358 85.52 37.55 -37.15
C ALA E 358 84.37 37.41 -36.17
N VAL E 359 84.69 37.04 -34.94
CA VAL E 359 83.71 36.99 -33.84
C VAL E 359 84.31 37.61 -32.57
N HIS E 360 83.67 38.65 -32.05
CA HIS E 360 84.19 39.39 -30.91
C HIS E 360 83.84 38.73 -29.57
N ARG E 361 84.82 38.66 -28.67
CA ARG E 361 84.62 38.07 -27.34
C ARG E 361 83.47 38.72 -26.55
N ASP E 362 83.27 40.02 -26.73
CA ASP E 362 82.16 40.74 -26.11
C ASP E 362 80.79 40.30 -26.63
N ASP E 363 80.72 39.78 -27.87
CA ASP E 363 79.49 39.23 -28.44
C ASP E 363 79.54 37.70 -28.56
N MET E 364 80.21 37.03 -27.61
CA MET E 364 80.41 35.57 -27.66
C MET E 364 80.02 34.94 -26.32
N ILE E 365 79.56 33.69 -26.37
CA ILE E 365 79.38 32.86 -25.17
C ILE E 365 80.12 31.53 -25.33
N THR E 366 80.98 31.24 -24.37
CA THR E 366 81.87 30.09 -24.38
C THR E 366 81.14 28.82 -23.97
N ARG E 367 81.79 27.67 -24.19
CA ARG E 367 81.26 26.33 -23.88
C ARG E 367 80.42 25.82 -25.02
N ASP F 3 33.18 18.14 -54.97
CA ASP F 3 32.04 18.27 -53.99
C ASP F 3 32.47 18.89 -52.66
N SER F 4 33.49 18.31 -52.02
CA SER F 4 34.03 18.83 -50.74
C SER F 4 35.05 19.98 -50.93
N GLN F 5 34.77 21.13 -50.31
CA GLN F 5 35.58 22.35 -50.49
C GLN F 5 36.29 22.78 -49.22
N THR F 6 37.20 23.75 -49.38
CA THR F 6 37.89 24.36 -48.25
C THR F 6 37.60 25.84 -48.22
N LEU F 7 37.23 26.31 -47.04
CA LEU F 7 36.79 27.68 -46.84
C LEU F 7 37.49 28.30 -45.64
N VAL F 8 38.11 29.46 -45.86
CA VAL F 8 38.75 30.22 -44.79
C VAL F 8 37.84 31.38 -44.39
N VAL F 9 37.30 31.33 -43.17
CA VAL F 9 36.40 32.38 -42.71
C VAL F 9 37.11 33.32 -41.75
N LYS F 10 37.27 34.58 -42.15
CA LYS F 10 37.93 35.59 -41.32
C LYS F 10 36.92 36.47 -40.60
N LEU F 11 37.04 36.53 -39.28
CA LEU F 11 36.13 37.27 -38.44
C LEU F 11 36.83 38.46 -37.85
N GLY F 12 36.44 39.64 -38.30
CA GLY F 12 36.98 40.87 -37.76
C GLY F 12 36.55 41.09 -36.32
N THR F 13 37.23 42.01 -35.64
CA THR F 13 36.96 42.27 -34.24
C THR F 13 35.56 42.80 -33.98
N SER F 14 35.03 43.62 -34.90
CA SER F 14 33.68 44.19 -34.72
C SER F 14 32.59 43.13 -34.90
N VAL F 15 32.82 42.15 -35.77
CA VAL F 15 31.90 41.03 -35.92
C VAL F 15 31.80 40.24 -34.62
N LEU F 16 32.97 39.94 -34.05
CA LEU F 16 33.10 39.18 -32.80
C LEU F 16 32.52 39.89 -31.57
N THR F 17 32.58 41.22 -31.56
CA THR F 17 32.04 42.02 -30.46
C THR F 17 30.66 42.56 -30.77
N GLY F 18 30.20 42.43 -32.01
CA GLY F 18 28.92 43.01 -32.41
C GLY F 18 28.97 44.53 -32.28
N GLY F 19 30.11 45.11 -32.62
CA GLY F 19 30.30 46.55 -32.59
C GLY F 19 30.58 47.15 -31.23
N SER F 20 30.58 46.32 -30.18
CA SER F 20 30.83 46.79 -28.82
C SER F 20 32.27 46.48 -28.40
N ARG F 21 32.59 46.66 -27.11
CA ARG F 21 33.95 46.38 -26.58
C ARG F 21 34.01 45.08 -25.75
N ARG F 22 32.87 44.39 -25.67
CA ARG F 22 32.78 43.06 -25.08
C ARG F 22 32.53 42.05 -26.19
N LEU F 23 33.08 40.86 -26.05
CA LEU F 23 32.83 39.78 -27.01
C LEU F 23 31.38 39.31 -26.89
N ASN F 24 30.73 39.10 -28.03
CA ASN F 24 29.32 38.72 -28.08
C ASN F 24 29.14 37.22 -28.34
N ARG F 25 29.06 36.45 -27.27
CA ARG F 25 29.07 35.00 -27.40
C ARG F 25 27.87 34.47 -28.18
N ALA F 26 26.82 35.27 -28.27
CA ALA F 26 25.67 34.93 -29.10
C ALA F 26 26.03 35.00 -30.58
N HIS F 27 26.56 36.15 -30.99
CA HIS F 27 27.00 36.38 -32.38
C HIS F 27 28.00 35.33 -32.85
N ILE F 28 28.98 35.04 -32.01
CA ILE F 28 30.03 34.09 -32.38
C ILE F 28 29.47 32.66 -32.53
N VAL F 29 28.63 32.21 -31.60
CA VAL F 29 28.07 30.85 -31.69
C VAL F 29 27.16 30.70 -32.91
N GLU F 30 26.53 31.79 -33.32
CA GLU F 30 25.69 31.79 -34.49
C GLU F 30 26.49 31.47 -35.75
N LEU F 31 27.71 31.99 -35.81
CA LEU F 31 28.65 31.73 -36.92
C LEU F 31 29.35 30.38 -36.78
N VAL F 32 29.62 29.98 -35.53
CA VAL F 32 30.13 28.64 -35.23
C VAL F 32 29.15 27.55 -35.70
N ARG F 33 27.86 27.79 -35.49
CA ARG F 33 26.81 26.87 -35.91
C ARG F 33 26.84 26.61 -37.41
N GLN F 34 27.03 27.68 -38.18
CA GLN F 34 27.08 27.61 -39.63
C GLN F 34 28.27 26.80 -40.13
N CYS F 35 29.39 26.91 -39.44
CA CYS F 35 30.58 26.13 -39.76
C CYS F 35 30.41 24.66 -39.41
N ALA F 36 29.70 24.38 -38.33
CA ALA F 36 29.45 23.01 -37.89
C ALA F 36 28.60 22.29 -38.90
N GLN F 37 27.68 23.01 -39.50
CA GLN F 37 26.83 22.49 -40.58
C GLN F 37 27.71 22.01 -41.73
N LEU F 38 28.56 22.91 -42.25
CA LEU F 38 29.42 22.61 -43.40
C LEU F 38 30.47 21.56 -43.06
N HIS F 39 30.94 21.56 -41.81
CA HIS F 39 31.86 20.54 -41.32
C HIS F 39 31.19 19.17 -41.33
N ALA F 40 29.96 19.11 -40.83
CA ALA F 40 29.19 17.89 -40.87
C ALA F 40 28.92 17.48 -42.33
N ALA F 41 28.75 18.47 -43.20
CA ALA F 41 28.58 18.20 -44.64
C ALA F 41 29.83 17.61 -45.33
N GLY F 42 31.01 17.77 -44.74
CA GLY F 42 32.24 17.21 -45.31
C GLY F 42 33.28 18.25 -45.72
N HIS F 43 32.96 19.53 -45.56
CA HIS F 43 33.87 20.64 -45.93
C HIS F 43 34.94 20.88 -44.89
N ARG F 44 36.04 21.48 -45.34
CA ARG F 44 37.19 21.77 -44.48
C ARG F 44 37.16 23.26 -44.14
N ILE F 45 36.99 23.58 -42.86
CA ILE F 45 36.83 24.97 -42.39
C ILE F 45 38.07 25.41 -41.60
N VAL F 46 38.50 26.64 -41.84
CA VAL F 46 39.64 27.25 -41.17
C VAL F 46 39.26 28.65 -40.69
N ILE F 47 39.41 28.89 -39.39
CA ILE F 47 39.01 30.15 -38.78
C ILE F 47 40.22 31.04 -38.64
N VAL F 48 40.19 32.22 -39.25
CA VAL F 48 41.14 33.25 -38.87
C VAL F 48 40.37 34.23 -38.02
N THR F 49 40.69 34.23 -36.72
CA THR F 49 40.00 35.07 -35.73
C THR F 49 40.84 36.30 -35.36
N SER F 50 40.14 37.42 -35.18
CA SER F 50 40.71 38.61 -34.56
C SER F 50 40.21 38.66 -33.10
N GLY F 51 40.17 39.86 -32.50
CA GLY F 51 39.59 40.05 -31.18
C GLY F 51 40.48 39.73 -29.97
N ALA F 52 41.73 39.36 -30.18
CA ALA F 52 42.58 38.95 -29.06
C ALA F 52 42.78 40.10 -28.07
N ILE F 53 43.26 41.24 -28.56
CA ILE F 53 43.52 42.40 -27.70
C ILE F 53 42.24 42.92 -27.02
N ALA F 54 41.12 42.84 -27.72
CA ALA F 54 39.82 43.21 -27.15
C ALA F 54 39.40 42.29 -26.01
N ALA F 55 39.55 40.98 -26.22
CA ALA F 55 39.26 39.96 -25.22
C ALA F 55 40.06 40.16 -23.95
N GLY F 56 41.32 40.56 -24.12
CA GLY F 56 42.19 40.91 -23.01
C GLY F 56 41.72 42.13 -22.21
N ARG F 57 41.38 43.22 -22.90
CA ARG F 57 40.84 44.43 -22.24
C ARG F 57 39.56 44.15 -21.45
N GLU F 58 38.70 43.30 -22.01
CA GLU F 58 37.48 42.90 -21.33
C GLU F 58 37.84 42.20 -20.04
N HIS F 59 38.61 41.12 -20.18
CA HIS F 59 38.97 40.20 -19.08
C HIS F 59 39.81 40.90 -18.00
N LEU F 60 40.58 41.91 -18.36
CA LEU F 60 41.41 42.63 -17.38
C LEU F 60 40.67 43.83 -16.77
N GLY F 61 39.38 43.95 -17.03
CA GLY F 61 38.55 45.01 -16.47
C GLY F 61 38.83 46.35 -17.07
N TYR F 62 39.34 46.35 -18.30
CA TYR F 62 39.70 47.57 -19.03
C TYR F 62 40.70 48.39 -18.23
N PRO F 63 41.92 47.85 -18.06
CA PRO F 63 42.90 48.45 -17.18
C PRO F 63 43.67 49.59 -17.83
N GLU F 64 44.14 50.53 -17.01
CA GLU F 64 45.01 51.59 -17.48
C GLU F 64 46.42 51.03 -17.68
N LEU F 65 46.89 51.02 -18.93
CA LEU F 65 48.24 50.55 -19.25
C LEU F 65 48.97 51.61 -20.08
N PRO F 66 50.30 51.76 -19.90
CA PRO F 66 51.01 52.77 -20.70
C PRO F 66 50.81 52.53 -22.19
N ALA F 67 50.86 53.58 -23.00
CA ALA F 67 50.65 53.46 -24.45
C ALA F 67 51.93 52.99 -25.12
N THR F 68 52.20 51.69 -24.99
CA THR F 68 53.44 51.09 -25.49
C THR F 68 53.12 49.76 -26.18
N ILE F 69 54.14 49.19 -26.81
CA ILE F 69 53.97 48.00 -27.62
C ILE F 69 53.76 46.87 -26.65
N ALA F 70 54.41 46.94 -25.49
CA ALA F 70 54.34 45.85 -24.51
C ALA F 70 52.96 45.72 -23.88
N SER F 71 52.21 46.82 -23.83
CA SER F 71 50.83 46.79 -23.38
C SER F 71 49.93 46.06 -24.39
N LYS F 72 50.01 46.44 -25.67
CA LYS F 72 49.26 45.74 -26.71
C LYS F 72 49.51 44.25 -26.71
N GLN F 73 50.76 43.86 -26.42
CA GLN F 73 51.16 42.44 -26.44
C GLN F 73 50.74 41.67 -25.19
N LEU F 74 50.70 42.33 -24.03
CA LEU F 74 50.21 41.68 -22.82
C LEU F 74 48.71 41.39 -22.97
N LEU F 75 47.94 42.38 -23.40
CA LEU F 75 46.52 42.17 -23.72
C LEU F 75 46.33 41.06 -24.74
N ALA F 76 47.25 40.96 -25.68
CA ALA F 76 47.17 39.89 -26.66
C ALA F 76 47.46 38.54 -26.02
N ALA F 77 48.39 38.52 -25.08
CA ALA F 77 48.72 37.28 -24.38
C ALA F 77 47.54 36.79 -23.55
N VAL F 78 46.89 37.72 -22.86
CA VAL F 78 45.76 37.41 -21.97
C VAL F 78 44.50 37.12 -22.77
N GLY F 79 44.25 37.98 -23.75
CA GLY F 79 43.10 37.87 -24.63
C GLY F 79 43.13 36.70 -25.58
N GLN F 80 44.31 36.25 -26.00
CA GLN F 80 44.42 35.07 -26.86
C GLN F 80 44.06 33.79 -26.09
N SER F 81 44.41 33.77 -24.81
CA SER F 81 44.02 32.69 -23.89
C SER F 81 42.49 32.67 -23.65
N ARG F 82 41.86 33.84 -23.67
CA ARG F 82 40.39 33.96 -23.61
C ARG F 82 39.72 33.42 -24.86
N LEU F 83 40.27 33.80 -26.01
CA LEU F 83 39.66 33.58 -27.30
C LEU F 83 39.60 32.12 -27.65
N ILE F 84 40.76 31.48 -27.63
CA ILE F 84 40.86 30.09 -28.01
C ILE F 84 39.99 29.19 -27.10
N GLN F 85 39.80 29.61 -25.85
CA GLN F 85 38.81 29.00 -24.94
C GLN F 85 37.40 29.03 -25.55
N LEU F 86 36.99 30.24 -25.93
CA LEU F 86 35.67 30.49 -26.51
C LEU F 86 35.42 29.59 -27.75
N TRP F 87 36.30 29.73 -28.73
CA TRP F 87 36.26 28.93 -29.93
C TRP F 87 36.21 27.45 -29.62
N GLU F 88 36.98 27.00 -28.63
CA GLU F 88 37.03 25.56 -28.34
C GLU F 88 35.71 25.05 -27.76
N GLN F 89 35.15 25.82 -26.83
CA GLN F 89 33.92 25.43 -26.13
C GLN F 89 32.71 25.49 -27.05
N LEU F 90 32.60 26.55 -27.83
CA LEU F 90 31.49 26.67 -28.79
C LEU F 90 31.51 25.56 -29.84
N PHE F 91 32.70 25.24 -30.37
CA PHE F 91 32.83 24.12 -31.32
C PHE F 91 32.69 22.78 -30.64
N SER F 92 33.05 22.68 -29.37
CA SER F 92 32.88 21.42 -28.66
C SER F 92 31.40 21.11 -28.50
N ILE F 93 30.56 22.14 -28.48
CA ILE F 93 29.10 21.96 -28.49
C ILE F 93 28.67 21.03 -29.63
N TYR F 94 29.25 21.23 -30.81
CA TYR F 94 28.90 20.50 -32.01
C TYR F 94 29.81 19.29 -32.24
N GLY F 95 30.64 18.97 -31.25
CA GLY F 95 31.50 17.78 -31.33
C GLY F 95 32.74 17.98 -32.18
N ILE F 96 33.13 19.24 -32.37
CA ILE F 96 34.22 19.61 -33.25
C ILE F 96 35.42 20.09 -32.44
N HIS F 97 36.59 19.56 -32.77
CA HIS F 97 37.84 19.90 -32.08
C HIS F 97 38.46 21.12 -32.74
N VAL F 98 39.24 21.89 -31.97
CA VAL F 98 40.02 22.96 -32.58
C VAL F 98 41.52 22.73 -32.37
N GLY F 99 42.32 23.53 -33.07
CA GLY F 99 43.76 23.54 -32.91
C GLY F 99 44.27 24.96 -33.12
N GLN F 100 45.07 25.44 -32.17
CA GLN F 100 45.52 26.81 -32.20
C GLN F 100 46.77 26.93 -33.06
N MET F 101 46.84 28.01 -33.84
CA MET F 101 47.99 28.28 -34.68
C MET F 101 48.31 29.77 -34.66
N LEU F 102 49.41 30.13 -34.01
CA LEU F 102 49.88 31.50 -33.98
C LEU F 102 51.09 31.65 -34.90
N LEU F 103 51.01 32.62 -35.80
CA LEU F 103 52.11 32.83 -36.73
C LEU F 103 52.29 34.28 -37.17
N THR F 104 53.48 34.52 -37.72
CA THR F 104 53.93 35.82 -38.17
C THR F 104 54.59 35.62 -39.52
N ARG F 105 55.04 36.69 -40.15
CA ARG F 105 55.78 36.59 -41.41
C ARG F 105 57.06 35.77 -41.26
N ALA F 106 57.62 35.75 -40.05
CA ALA F 106 58.80 34.94 -39.77
C ALA F 106 58.59 33.44 -40.04
N ASP F 107 57.33 32.98 -40.00
CA ASP F 107 57.02 31.57 -40.25
C ASP F 107 56.89 31.26 -41.75
N MET F 108 56.95 32.30 -42.57
CA MET F 108 56.83 32.17 -44.02
C MET F 108 58.01 32.88 -44.70
N GLU F 109 59.19 32.82 -44.06
CA GLU F 109 60.41 33.51 -44.53
C GLU F 109 61.31 32.60 -45.36
N ASP F 110 61.37 31.32 -44.99
CA ASP F 110 61.97 30.28 -45.81
C ASP F 110 60.87 29.69 -46.66
N ARG F 111 61.23 28.92 -47.67
CA ARG F 111 60.33 27.96 -48.27
C ARG F 111 60.06 26.91 -47.21
N GLU F 112 61.13 26.46 -46.55
CA GLU F 112 61.07 25.39 -45.54
C GLU F 112 60.08 25.64 -44.39
N ARG F 113 60.06 26.85 -43.86
CA ARG F 113 59.15 27.19 -42.77
C ARG F 113 57.70 27.35 -43.28
N PHE F 114 57.52 27.95 -44.45
CA PHE F 114 56.22 28.05 -45.10
C PHE F 114 55.58 26.68 -45.34
N LEU F 115 56.38 25.73 -45.82
CA LEU F 115 55.94 24.35 -46.06
C LEU F 115 55.69 23.54 -44.80
N ASN F 116 56.28 23.96 -43.69
CA ASN F 116 56.05 23.32 -42.39
C ASN F 116 54.67 23.72 -41.88
N ALA F 117 54.40 25.02 -41.90
CA ALA F 117 53.09 25.59 -41.56
C ALA F 117 51.99 24.98 -42.42
N ARG F 118 52.28 24.80 -43.71
CA ARG F 118 51.32 24.22 -44.64
C ARG F 118 50.99 22.77 -44.29
N ASP F 119 52.01 21.98 -43.96
CA ASP F 119 51.81 20.57 -43.63
C ASP F 119 50.94 20.39 -42.38
N THR F 120 51.15 21.26 -41.39
CA THR F 120 50.42 21.22 -40.13
C THR F 120 48.93 21.60 -40.31
N LEU F 121 48.70 22.57 -41.18
CA LEU F 121 47.35 23.08 -41.46
C LEU F 121 46.54 22.05 -42.24
N ARG F 122 47.15 21.43 -43.24
CA ARG F 122 46.54 20.33 -43.96
C ARG F 122 46.34 19.11 -43.04
N ALA F 123 47.27 18.88 -42.11
CA ALA F 123 47.16 17.73 -41.21
C ALA F 123 45.99 17.86 -40.26
N LEU F 124 45.71 19.09 -39.81
CA LEU F 124 44.55 19.35 -38.95
C LEU F 124 43.24 19.10 -39.68
N LEU F 125 43.14 19.63 -40.89
CA LEU F 125 41.96 19.45 -41.75
C LEU F 125 41.76 18.00 -42.13
N ASP F 126 42.85 17.30 -42.42
CA ASP F 126 42.82 15.88 -42.75
C ASP F 126 42.31 15.02 -41.61
N ASN F 127 42.46 15.51 -40.37
CA ASN F 127 41.93 14.86 -39.17
C ASN F 127 40.69 15.57 -38.60
N ASN F 128 40.07 16.39 -39.44
CA ASN F 128 38.78 17.04 -39.16
C ASN F 128 38.81 18.08 -38.04
N VAL F 129 40.01 18.44 -37.61
CA VAL F 129 40.16 19.52 -36.65
C VAL F 129 40.11 20.87 -37.37
N VAL F 130 39.25 21.76 -36.87
CA VAL F 130 39.20 23.16 -37.33
C VAL F 130 40.40 23.99 -36.77
N PRO F 131 41.29 24.45 -37.65
CA PRO F 131 42.37 25.31 -37.18
C PRO F 131 41.92 26.75 -36.93
N VAL F 132 42.17 27.25 -35.72
CA VAL F 132 41.87 28.63 -35.37
C VAL F 132 43.16 29.43 -35.34
N ILE F 133 43.33 30.31 -36.33
CA ILE F 133 44.59 30.93 -36.63
C ILE F 133 44.53 32.38 -36.22
N ASN F 134 45.68 32.94 -35.85
CA ASN F 134 45.79 34.36 -35.55
C ASN F 134 47.24 34.78 -35.64
N GLU F 135 47.47 36.08 -35.79
CA GLU F 135 48.78 36.65 -35.57
C GLU F 135 49.28 36.21 -34.20
N ASN F 136 50.58 35.94 -34.07
CA ASN F 136 51.17 35.77 -32.74
C ASN F 136 51.45 37.15 -32.14
N ASP F 137 50.38 37.88 -31.86
CA ASP F 137 50.43 39.24 -31.30
C ASP F 137 51.25 39.37 -30.03
N ALA F 138 51.35 38.31 -29.24
CA ALA F 138 51.97 38.39 -27.91
C ALA F 138 53.48 38.29 -27.98
N VAL F 139 53.98 37.66 -29.03
CA VAL F 139 55.41 37.43 -29.20
C VAL F 139 55.76 37.73 -30.64
N ALA F 140 56.13 38.98 -30.91
CA ALA F 140 56.47 39.44 -32.26
C ALA F 140 56.91 40.91 -32.27
N THR F 141 58.03 41.19 -32.92
CA THR F 141 58.43 42.55 -33.22
C THR F 141 57.65 43.04 -34.43
N ALA F 142 57.47 44.35 -34.54
CA ALA F 142 56.67 44.91 -35.63
C ALA F 142 57.18 44.40 -36.97
N GLU F 143 58.49 44.47 -37.14
CA GLU F 143 59.17 43.99 -38.36
C GLU F 143 58.56 42.71 -38.92
N ILE F 144 58.47 41.68 -38.08
CA ILE F 144 58.04 40.36 -38.55
C ILE F 144 56.54 40.18 -38.59
N LYS F 145 55.77 41.14 -38.09
CA LYS F 145 54.31 41.01 -38.09
C LYS F 145 53.72 41.11 -39.49
N VAL F 146 52.54 40.52 -39.68
CA VAL F 146 51.76 40.72 -40.90
C VAL F 146 51.09 42.08 -40.82
N GLY F 147 50.61 42.43 -39.64
CA GLY F 147 50.08 43.76 -39.38
C GLY F 147 48.57 43.81 -39.30
N ASP F 148 47.91 42.77 -39.82
CA ASP F 148 46.45 42.65 -39.77
C ASP F 148 46.01 41.26 -40.23
N ASN F 149 44.82 40.86 -39.81
CA ASN F 149 44.31 39.51 -40.06
C ASN F 149 43.58 39.35 -41.40
N ASP F 150 43.34 40.45 -42.11
CA ASP F 150 42.84 40.35 -43.48
C ASP F 150 43.94 39.76 -44.36
N ASN F 151 45.12 40.36 -44.30
CA ASN F 151 46.29 39.85 -45.01
C ASN F 151 46.71 38.45 -44.51
N LEU F 152 46.60 38.22 -43.22
CA LEU F 152 46.90 36.91 -42.66
C LEU F 152 45.96 35.84 -43.18
N SER F 153 44.67 36.19 -43.30
CA SER F 153 43.66 35.24 -43.78
C SER F 153 43.93 34.80 -45.22
N ALA F 154 44.54 35.69 -45.99
CA ALA F 154 44.91 35.39 -47.37
C ALA F 154 46.04 34.38 -47.41
N LEU F 155 47.01 34.57 -46.53
CA LEU F 155 48.15 33.66 -46.38
C LEU F 155 47.67 32.30 -45.85
N ALA F 156 46.79 32.35 -44.86
CA ALA F 156 46.11 31.15 -44.38
C ALA F 156 45.40 30.40 -45.51
N ALA F 157 44.76 31.14 -46.41
CA ALA F 157 44.04 30.53 -47.53
C ALA F 157 44.98 29.74 -48.43
N ILE F 158 46.09 30.39 -48.79
CA ILE F 158 47.15 29.78 -49.58
C ILE F 158 47.66 28.52 -48.88
N LEU F 159 48.06 28.67 -47.63
CA LEU F 159 48.56 27.56 -46.84
C LEU F 159 47.58 26.41 -46.79
N ALA F 160 46.30 26.71 -46.54
CA ALA F 160 45.26 25.69 -46.44
C ALA F 160 44.85 25.15 -47.82
N GLY F 161 45.27 25.86 -48.87
CA GLY F 161 44.90 25.54 -50.24
C GLY F 161 43.41 25.72 -50.42
N ALA F 162 42.90 26.88 -50.03
CA ALA F 162 41.46 27.09 -49.94
C ALA F 162 40.83 27.37 -51.30
N ASP F 163 39.50 27.15 -51.38
CA ASP F 163 38.72 27.43 -52.59
C ASP F 163 38.17 28.84 -52.54
N LYS F 164 37.60 29.21 -51.39
CA LYS F 164 37.10 30.55 -51.13
C LYS F 164 37.66 31.10 -49.82
N LEU F 165 37.74 32.43 -49.74
CA LEU F 165 38.14 33.13 -48.53
C LEU F 165 37.02 34.07 -48.20
N LEU F 166 36.45 33.94 -47.01
CA LEU F 166 35.33 34.78 -46.62
C LEU F 166 35.75 35.80 -45.55
N LEU F 167 35.78 37.08 -45.91
CA LEU F 167 36.08 38.16 -44.97
C LEU F 167 34.82 38.78 -44.38
N LEU F 168 34.34 38.20 -43.28
CA LEU F 168 33.14 38.68 -42.57
C LEU F 168 33.43 39.97 -41.82
N THR F 169 32.67 41.01 -42.15
CA THR F 169 32.91 42.34 -41.61
C THR F 169 31.60 42.99 -41.14
N ASP F 170 31.70 44.20 -40.59
CA ASP F 170 30.53 44.91 -40.04
C ASP F 170 29.77 45.78 -41.05
N GLN F 171 29.88 45.46 -42.34
CA GLN F 171 28.95 46.00 -43.32
C GLN F 171 28.90 45.08 -44.56
N LYS F 172 27.90 45.31 -45.42
CA LYS F 172 27.54 44.37 -46.47
C LYS F 172 28.60 44.14 -47.56
N GLY F 173 29.51 45.10 -47.72
CA GLY F 173 30.77 44.88 -48.42
C GLY F 173 30.97 45.75 -49.64
N LEU F 174 32.07 46.48 -49.69
CA LEU F 174 32.47 47.27 -50.87
C LEU F 174 31.33 47.89 -51.67
N TYR F 175 31.06 49.16 -51.39
CA TYR F 175 30.06 49.94 -52.12
C TYR F 175 30.71 50.87 -53.15
N THR F 176 29.89 51.33 -54.09
CA THR F 176 30.28 52.41 -55.02
C THR F 176 30.63 53.71 -54.30
N ALA F 177 30.00 53.91 -53.13
CA ALA F 177 30.21 55.10 -52.30
C ALA F 177 29.68 54.89 -50.87
N ASP F 178 28.36 54.77 -50.67
CA ASP F 178 27.55 54.99 -49.48
C ASP F 178 28.09 54.20 -48.31
N PRO F 179 28.79 54.89 -47.33
CA PRO F 179 28.92 54.29 -45.99
C PRO F 179 27.62 54.50 -45.18
N ARG F 180 27.11 55.73 -45.17
CA ARG F 180 25.97 56.08 -44.33
C ARG F 180 24.85 56.83 -45.05
N SER F 181 25.06 57.23 -46.32
CA SER F 181 24.02 57.94 -47.09
C SER F 181 24.09 57.68 -48.61
N ASN F 182 24.43 58.71 -49.41
CA ASN F 182 24.38 58.61 -50.88
C ASN F 182 23.20 57.75 -51.40
N PRO F 183 22.01 57.90 -50.77
CA PRO F 183 20.94 56.92 -50.59
C PRO F 183 20.99 55.61 -51.40
N GLN F 184 20.86 55.67 -52.72
CA GLN F 184 20.80 54.45 -53.56
C GLN F 184 22.17 54.06 -54.17
N ALA F 185 23.25 54.38 -53.46
CA ALA F 185 24.62 54.06 -53.89
C ALA F 185 24.91 52.59 -53.63
N GLU F 186 24.98 51.83 -54.71
CA GLU F 186 24.81 50.38 -54.65
C GLU F 186 26.03 49.60 -54.21
N LEU F 187 25.73 48.35 -53.84
CA LEU F 187 26.72 47.37 -53.43
C LEU F 187 27.37 46.78 -54.68
N ILE F 188 28.69 46.81 -54.73
CA ILE F 188 29.41 46.17 -55.83
C ILE F 188 29.38 44.66 -55.58
N LYS F 189 28.75 43.96 -56.51
CA LYS F 189 28.48 42.53 -56.39
C LYS F 189 29.68 41.68 -56.83
N ASP F 190 30.31 42.07 -57.92
CA ASP F 190 31.40 41.33 -58.54
C ASP F 190 32.54 42.28 -58.93
N VAL F 191 33.75 41.94 -58.49
CA VAL F 191 34.96 42.66 -58.87
C VAL F 191 35.83 41.68 -59.65
N TYR F 192 36.20 42.07 -60.86
CA TYR F 192 37.01 41.24 -61.76
C TYR F 192 38.42 41.78 -61.83
N GLY F 193 39.12 41.76 -60.70
CA GLY F 193 40.47 42.30 -60.62
C GLY F 193 40.53 43.67 -59.97
N ILE F 194 41.25 43.74 -58.85
CA ILE F 194 41.51 45.00 -58.14
C ILE F 194 42.36 45.90 -59.04
N ASP F 195 42.15 47.21 -58.92
CA ASP F 195 42.82 48.21 -59.76
C ASP F 195 42.59 49.61 -59.18
N ASP F 196 43.57 50.50 -59.37
CA ASP F 196 43.47 51.90 -58.90
C ASP F 196 42.24 52.65 -59.47
N ALA F 197 41.90 52.39 -60.73
CA ALA F 197 40.71 52.97 -61.38
C ALA F 197 39.38 52.54 -60.73
N LEU F 198 39.43 51.45 -59.95
CA LEU F 198 38.35 51.10 -59.02
C LEU F 198 38.67 51.72 -57.64
N ARG F 199 38.72 53.05 -57.63
CA ARG F 199 38.86 53.90 -56.43
C ARG F 199 38.81 55.44 -56.73
N ALA F 200 38.21 55.83 -57.87
CA ALA F 200 38.13 57.25 -58.30
C ALA F 200 36.66 57.64 -58.59
N ILE F 201 36.18 57.41 -59.81
CA ILE F 201 34.74 57.46 -60.10
C ILE F 201 34.00 56.45 -59.20
N ALA F 202 34.70 55.36 -58.83
CA ALA F 202 34.24 54.42 -57.80
C ALA F 202 34.47 54.98 -56.40
N MET F 214 38.74 49.02 -44.78
CA MET F 214 38.41 48.47 -46.10
C MET F 214 39.66 48.28 -47.02
N SER F 215 40.72 49.05 -46.76
CA SER F 215 41.97 48.98 -47.53
C SER F 215 42.72 47.65 -47.38
N THR F 216 42.92 47.17 -46.15
CA THR F 216 43.59 45.89 -45.95
C THR F 216 42.79 44.72 -46.52
N LYS F 217 41.48 44.87 -46.62
CA LYS F 217 40.63 43.86 -47.21
C LYS F 217 40.84 43.79 -48.71
N LEU F 218 41.01 44.93 -49.36
CA LEU F 218 41.35 44.96 -50.78
C LEU F 218 42.73 44.36 -51.08
N GLN F 219 43.65 44.44 -50.12
CA GLN F 219 44.99 43.88 -50.29
C GLN F 219 44.97 42.38 -50.17
N ALA F 220 44.18 41.89 -49.20
CA ALA F 220 43.95 40.47 -49.06
C ALA F 220 43.31 39.92 -50.32
N ALA F 221 42.29 40.62 -50.82
CA ALA F 221 41.59 40.18 -52.01
C ALA F 221 42.56 40.01 -53.18
N ASP F 222 43.40 41.02 -53.36
CA ASP F 222 44.39 41.00 -54.43
C ASP F 222 45.34 39.82 -54.26
N VAL F 223 45.84 39.62 -53.05
CA VAL F 223 46.75 38.52 -52.78
C VAL F 223 46.09 37.16 -53.05
N ALA F 224 44.90 36.95 -52.50
CA ALA F 224 44.24 35.65 -52.61
C ALA F 224 43.84 35.36 -54.06
N CYS F 225 43.38 36.38 -54.78
CA CYS F 225 42.93 36.18 -56.16
C CYS F 225 44.06 35.84 -57.12
N ARG F 226 45.23 36.42 -56.88
CA ARG F 226 46.41 36.11 -57.68
C ARG F 226 46.88 34.69 -57.43
N ALA F 227 46.63 34.21 -56.21
CA ALA F 227 46.86 32.81 -55.84
C ALA F 227 45.70 31.90 -56.25
N GLY F 228 44.66 32.49 -56.84
CA GLY F 228 43.59 31.72 -57.47
C GLY F 228 42.46 31.35 -56.54
N ILE F 229 42.24 32.17 -55.52
CA ILE F 229 41.25 31.90 -54.52
C ILE F 229 40.17 32.96 -54.58
N ASP F 230 38.97 32.58 -54.97
CA ASP F 230 37.80 33.48 -54.94
C ASP F 230 37.67 34.04 -53.51
N THR F 231 37.48 35.34 -53.38
CA THR F 231 37.35 35.95 -52.06
C THR F 231 36.13 36.87 -51.96
N ILE F 232 35.40 36.74 -50.85
CA ILE F 232 34.14 37.43 -50.62
C ILE F 232 34.25 38.34 -49.38
N ILE F 233 33.74 39.56 -49.48
CA ILE F 233 33.57 40.43 -48.32
C ILE F 233 32.09 40.51 -48.03
N ALA F 234 31.68 40.08 -46.84
CA ALA F 234 30.26 40.10 -46.48
C ALA F 234 30.02 40.49 -45.03
N ALA F 235 28.76 40.72 -44.70
CA ALA F 235 28.36 41.13 -43.36
C ALA F 235 28.25 39.90 -42.45
N GLY F 236 28.96 39.92 -41.33
CA GLY F 236 28.90 38.80 -40.40
C GLY F 236 27.50 38.53 -39.91
N SER F 237 26.79 39.61 -39.58
CA SER F 237 25.46 39.52 -38.98
C SER F 237 24.39 38.94 -39.93
N LYS F 238 24.62 39.03 -41.25
CA LYS F 238 23.66 38.51 -42.23
C LYS F 238 23.41 37.02 -41.97
N PRO F 239 22.13 36.66 -41.74
CA PRO F 239 21.82 35.24 -41.48
C PRO F 239 22.24 34.30 -42.62
N GLY F 240 22.84 33.16 -42.28
CA GLY F 240 23.15 32.10 -43.26
C GLY F 240 24.30 32.40 -44.21
N VAL F 241 25.04 33.46 -43.94
CA VAL F 241 26.00 34.01 -44.89
C VAL F 241 27.12 33.03 -45.23
N ILE F 242 27.50 32.18 -44.31
CA ILE F 242 28.64 31.29 -44.52
C ILE F 242 28.29 30.16 -45.48
N GLY F 243 27.12 29.56 -45.29
CA GLY F 243 26.66 28.50 -46.17
C GLY F 243 26.39 29.04 -47.56
N ASP F 244 25.76 30.19 -47.62
CA ASP F 244 25.45 30.82 -48.90
C ASP F 244 26.71 31.08 -49.72
N VAL F 245 27.79 31.52 -49.07
CA VAL F 245 29.05 31.73 -49.78
C VAL F 245 29.51 30.41 -50.37
N MET F 246 29.51 29.37 -49.55
CA MET F 246 29.97 28.03 -49.98
C MET F 246 29.12 27.50 -51.14
N GLU F 247 27.87 27.94 -51.18
CA GLU F 247 26.90 27.58 -52.24
C GLU F 247 27.05 28.39 -53.54
N GLY F 248 27.93 29.39 -53.53
CA GLY F 248 28.07 30.31 -54.66
C GLY F 248 27.04 31.42 -54.70
N ILE F 249 26.16 31.48 -53.70
CA ILE F 249 25.07 32.44 -53.70
C ILE F 249 25.56 33.85 -53.38
N SER F 250 25.10 34.83 -54.17
CA SER F 250 25.46 36.24 -53.98
C SER F 250 24.97 36.79 -52.65
N VAL F 251 25.89 37.40 -51.92
CA VAL F 251 25.72 37.69 -50.50
C VAL F 251 26.34 39.04 -50.13
N GLY F 252 27.57 39.27 -50.59
CA GLY F 252 28.22 40.56 -50.46
C GLY F 252 28.91 40.89 -51.77
N THR F 253 30.21 41.18 -51.70
CA THR F 253 31.03 41.47 -52.89
C THR F 253 31.96 40.29 -53.17
N LEU F 254 31.92 39.78 -54.39
CA LEU F 254 32.78 38.68 -54.81
C LEU F 254 33.95 39.17 -55.68
N PHE F 255 35.15 38.98 -55.16
CA PHE F 255 36.39 39.23 -55.92
C PHE F 255 36.79 37.93 -56.61
N HIS F 256 36.87 37.96 -57.93
CA HIS F 256 37.07 36.75 -58.72
C HIS F 256 38.54 36.33 -58.78
N ALA F 257 38.77 35.03 -58.68
CA ALA F 257 40.12 34.49 -58.76
C ALA F 257 40.68 34.69 -60.14
N GLN F 258 41.96 35.06 -60.19
CA GLN F 258 42.66 35.25 -61.45
C GLN F 258 42.59 34.01 -62.36
N ALA F 259 42.19 34.24 -63.61
CA ALA F 259 41.97 33.18 -64.60
C ALA F 259 43.11 32.19 -64.62
N THR F 260 44.32 32.73 -64.68
CA THR F 260 45.54 31.94 -64.73
C THR F 260 46.44 32.47 -63.61
N PRO F 261 46.42 31.81 -62.44
CA PRO F 261 47.00 32.37 -61.25
C PRO F 261 48.52 32.35 -61.22
N LEU F 262 49.08 32.86 -60.13
CA LEU F 262 50.51 32.88 -59.89
C LEU F 262 51.02 31.47 -59.67
N GLU F 263 52.10 31.08 -60.35
CA GLU F 263 52.72 29.78 -60.13
C GLU F 263 52.72 29.43 -58.65
N ASN F 264 52.01 28.37 -58.30
CA ASN F 264 52.02 27.82 -56.95
C ASN F 264 53.43 27.90 -56.34
N ARG F 265 54.40 27.42 -57.12
CA ARG F 265 55.83 27.42 -56.81
C ARG F 265 56.37 28.67 -56.06
N LYS F 266 55.79 29.85 -56.29
CA LYS F 266 56.27 31.09 -55.64
C LYS F 266 55.23 31.89 -54.82
N ARG F 267 54.15 31.23 -54.41
CA ARG F 267 53.13 31.87 -53.56
C ARG F 267 53.58 32.12 -52.12
N TRP F 268 54.60 31.41 -51.64
CA TRP F 268 55.16 31.65 -50.30
C TRP F 268 55.80 33.04 -50.18
N ILE F 269 56.28 33.58 -51.29
CA ILE F 269 56.92 34.90 -51.29
C ILE F 269 55.94 36.01 -50.88
N PHE F 270 54.64 35.79 -51.11
CA PHE F 270 53.62 36.67 -50.56
C PHE F 270 53.73 36.81 -49.04
N GLY F 271 54.14 35.75 -48.36
CA GLY F 271 54.17 35.73 -46.89
C GLY F 271 55.47 36.14 -46.18
N ALA F 272 56.56 36.27 -46.91
CA ALA F 272 57.86 36.55 -46.29
C ALA F 272 58.05 38.03 -45.96
N PRO F 273 58.79 38.33 -44.88
CA PRO F 273 59.03 39.72 -44.52
C PRO F 273 60.36 40.17 -45.14
N PRO F 274 60.34 41.17 -46.05
CA PRO F 274 61.59 41.54 -46.69
C PRO F 274 62.75 41.72 -45.72
N ALA F 275 63.90 41.16 -46.05
CA ALA F 275 65.07 41.12 -45.17
C ALA F 275 65.98 42.33 -45.34
N GLY F 276 65.59 43.24 -46.21
CA GLY F 276 66.46 44.31 -46.67
C GLY F 276 65.85 44.87 -47.94
N GLU F 277 66.49 45.88 -48.52
CA GLU F 277 65.87 46.51 -49.66
C GLU F 277 66.82 47.17 -50.64
N ILE F 278 66.32 47.25 -51.86
CA ILE F 278 67.11 47.59 -53.03
C ILE F 278 66.39 48.71 -53.75
N THR F 279 67.15 49.69 -54.22
CA THR F 279 66.57 50.74 -55.04
C THR F 279 67.09 50.50 -56.44
N VAL F 280 66.25 50.83 -57.42
CA VAL F 280 66.43 50.32 -58.76
C VAL F 280 66.18 51.42 -59.83
N ASP F 281 66.91 51.30 -60.95
CA ASP F 281 66.79 52.19 -62.11
C ASP F 281 65.37 52.45 -62.53
N GLU F 282 65.18 53.50 -63.32
CA GLU F 282 63.90 53.74 -64.00
C GLU F 282 63.69 52.66 -65.06
N GLY F 283 64.76 52.38 -65.81
CA GLY F 283 64.72 51.37 -66.86
C GLY F 283 64.53 49.95 -66.36
N ALA F 284 65.00 49.68 -65.15
CA ALA F 284 64.87 48.36 -64.53
C ALA F 284 63.52 48.19 -63.86
N THR F 285 62.96 49.30 -63.37
CA THR F 285 61.58 49.33 -62.91
C THR F 285 60.66 48.92 -64.07
N ALA F 286 60.93 49.50 -65.24
CA ALA F 286 60.18 49.21 -66.46
C ALA F 286 60.37 47.76 -66.93
N ALA F 287 61.57 47.21 -66.78
CA ALA F 287 61.85 45.84 -67.22
C ALA F 287 61.15 44.83 -66.33
N ILE F 288 61.08 45.12 -65.03
CA ILE F 288 60.50 44.23 -64.04
C ILE F 288 58.97 44.29 -64.09
N LEU F 289 58.44 45.50 -64.14
CA LEU F 289 57.00 45.71 -64.08
C LEU F 289 56.32 45.42 -65.43
N GLU F 290 56.76 46.13 -66.47
CA GLU F 290 56.14 45.97 -67.79
C GLU F 290 56.41 44.59 -68.38
N ARG F 291 57.68 44.26 -68.58
CA ARG F 291 58.06 43.03 -69.31
C ARG F 291 58.36 41.82 -68.43
N GLY F 292 57.98 41.86 -67.15
CA GLY F 292 58.19 40.74 -66.23
C GLY F 292 59.57 40.10 -66.37
N SER F 293 60.62 40.92 -66.27
CA SER F 293 62.00 40.47 -66.40
C SER F 293 62.65 40.22 -65.03
N SER F 294 63.82 39.59 -65.07
CA SER F 294 64.67 39.45 -63.88
C SER F 294 65.32 40.81 -63.59
N LEU F 295 66.04 40.91 -62.47
CA LEU F 295 66.74 42.14 -62.09
C LEU F 295 68.23 41.94 -62.21
N LEU F 296 68.84 42.59 -63.21
CA LEU F 296 70.29 42.59 -63.34
C LEU F 296 70.92 43.62 -62.40
N PRO F 297 72.12 43.33 -61.87
CA PRO F 297 72.78 44.29 -60.98
C PRO F 297 73.07 45.63 -61.67
N LYS F 298 73.24 45.57 -63.00
CA LYS F 298 73.25 46.73 -63.90
C LYS F 298 72.46 47.93 -63.37
N GLY F 299 71.18 47.72 -63.05
CA GLY F 299 70.26 48.81 -62.70
C GLY F 299 69.98 49.07 -61.23
N ILE F 300 70.74 48.43 -60.34
CA ILE F 300 70.59 48.66 -58.91
C ILE F 300 71.31 49.94 -58.52
N LYS F 301 70.64 50.76 -57.72
CA LYS F 301 71.15 52.07 -57.30
C LYS F 301 71.72 52.03 -55.88
N SER F 302 71.06 51.32 -54.98
CA SER F 302 71.53 51.19 -53.61
C SER F 302 70.94 49.96 -52.96
N VAL F 303 71.50 49.57 -51.82
CA VAL F 303 71.17 48.33 -51.15
C VAL F 303 71.19 48.53 -49.63
N THR F 304 70.01 48.55 -49.01
CA THR F 304 69.88 48.73 -47.54
C THR F 304 69.74 47.41 -46.77
N GLY F 305 70.39 47.35 -45.60
CA GLY F 305 70.23 46.23 -44.68
C GLY F 305 71.22 45.13 -44.92
N ASN F 306 71.32 44.20 -43.96
CA ASN F 306 72.23 43.05 -44.09
C ASN F 306 71.41 41.80 -44.32
N PHE F 307 71.69 41.08 -45.40
CA PHE F 307 70.94 39.87 -45.71
C PHE F 307 71.80 38.89 -46.51
N SER F 308 71.33 37.65 -46.59
CA SER F 308 72.06 36.56 -47.23
C SER F 308 71.47 36.21 -48.57
N ARG F 309 72.22 35.45 -49.36
CA ARG F 309 71.68 34.89 -50.58
C ARG F 309 70.59 33.89 -50.19
N GLY F 310 69.51 33.87 -50.96
CA GLY F 310 68.37 33.01 -50.69
C GLY F 310 67.26 33.69 -49.91
N GLU F 311 67.53 34.87 -49.34
CA GLU F 311 66.53 35.60 -48.55
C GLU F 311 65.63 36.47 -49.43
N VAL F 312 64.44 36.78 -48.92
CA VAL F 312 63.48 37.60 -49.65
C VAL F 312 63.71 39.08 -49.32
N ILE F 313 63.85 39.89 -50.36
CA ILE F 313 64.12 41.32 -50.19
C ILE F 313 63.08 42.17 -50.92
N ARG F 314 63.01 43.44 -50.53
CA ARG F 314 62.11 44.41 -51.14
C ARG F 314 62.83 45.12 -52.28
N ILE F 315 62.13 45.32 -53.38
CA ILE F 315 62.67 46.05 -54.53
C ILE F 315 61.91 47.36 -54.66
N CYS F 316 62.61 48.47 -54.53
CA CYS F 316 61.98 49.78 -54.59
C CYS F 316 62.34 50.48 -55.90
N ASN F 317 61.46 51.39 -56.34
CA ASN F 317 61.78 52.32 -57.43
C ASN F 317 62.46 53.57 -56.84
N LEU F 318 62.78 54.54 -57.68
CA LEU F 318 63.54 55.72 -57.23
C LEU F 318 62.81 56.61 -56.19
N GLU F 319 61.48 56.58 -56.19
CA GLU F 319 60.67 57.36 -55.23
C GLU F 319 60.67 56.72 -53.83
N GLY F 320 60.58 55.39 -53.81
CA GLY F 320 60.52 54.62 -52.57
C GLY F 320 59.32 53.68 -52.50
N ARG F 321 58.56 53.61 -53.60
CA ARG F 321 57.37 52.77 -53.67
C ARG F 321 57.80 51.33 -53.96
N ASP F 322 57.27 50.39 -53.19
CA ASP F 322 57.60 48.98 -53.31
C ASP F 322 57.03 48.44 -54.62
N ILE F 323 57.89 47.94 -55.50
CA ILE F 323 57.47 47.44 -56.82
C ILE F 323 57.59 45.93 -57.02
N ALA F 324 58.36 45.25 -56.16
CA ALA F 324 58.49 43.78 -56.20
C ALA F 324 59.11 43.22 -54.91
N HIS F 325 58.77 41.98 -54.61
CA HIS F 325 59.38 41.21 -53.53
C HIS F 325 59.99 39.96 -54.16
N GLY F 326 61.25 39.67 -53.88
CA GLY F 326 61.88 38.49 -54.45
C GLY F 326 63.17 38.03 -53.80
N VAL F 327 63.60 36.84 -54.20
CA VAL F 327 64.72 36.15 -53.57
C VAL F 327 66.03 36.64 -54.14
N SER F 328 66.89 37.12 -53.23
CA SER F 328 68.20 37.69 -53.56
C SER F 328 69.23 36.60 -53.84
N ARG F 329 69.90 36.70 -54.99
CA ARG F 329 70.91 35.71 -55.38
C ARG F 329 72.29 35.97 -54.74
N TYR F 330 72.52 37.17 -54.24
CA TYR F 330 73.79 37.54 -53.62
C TYR F 330 73.50 38.07 -52.25
N ASN F 331 74.52 38.16 -51.41
CA ASN F 331 74.35 38.83 -50.13
C ASN F 331 74.42 40.34 -50.32
N SER F 332 74.04 41.08 -49.29
CA SER F 332 73.94 42.54 -49.36
C SER F 332 75.28 43.25 -49.54
N ASP F 333 76.34 42.74 -48.88
CA ASP F 333 77.71 43.27 -49.05
C ASP F 333 78.18 43.10 -50.49
N ALA F 334 77.82 41.95 -51.06
CA ALA F 334 78.16 41.61 -52.44
C ALA F 334 77.37 42.43 -53.47
N LEU F 335 76.08 42.67 -53.21
CA LEU F 335 75.25 43.48 -54.10
C LEU F 335 75.72 44.93 -54.16
N ARG F 336 76.17 45.47 -53.03
CA ARG F 336 76.68 46.84 -53.02
C ARG F 336 77.87 47.04 -53.93
N ARG F 337 78.64 45.96 -54.13
CA ARG F 337 79.87 46.02 -54.92
C ARG F 337 79.64 45.80 -56.42
N ILE F 338 78.63 45.01 -56.77
CA ILE F 338 78.27 44.79 -58.18
C ILE F 338 77.13 45.69 -58.67
N ALA F 339 76.46 46.40 -57.77
CA ALA F 339 75.40 47.33 -58.16
C ALA F 339 75.94 48.30 -59.20
N GLY F 340 75.22 48.47 -60.30
CA GLY F 340 75.63 49.36 -61.37
C GLY F 340 76.70 48.81 -62.30
N HIS F 341 76.86 47.49 -62.34
CA HIS F 341 77.85 46.85 -63.21
C HIS F 341 77.21 45.78 -64.09
N HIS F 342 77.86 45.50 -65.23
CA HIS F 342 77.42 44.45 -66.15
C HIS F 342 77.70 43.08 -65.53
N SER F 343 77.09 42.04 -66.06
CA SER F 343 77.19 40.70 -65.43
C SER F 343 78.57 40.06 -65.57
N GLN F 344 79.26 40.27 -66.68
CA GLN F 344 80.62 39.72 -66.86
C GLN F 344 81.61 40.27 -65.84
N GLU F 345 81.28 41.37 -65.17
CA GLU F 345 82.13 41.96 -64.15
C GLU F 345 82.04 41.25 -62.79
N ILE F 346 80.93 40.56 -62.54
CA ILE F 346 80.63 39.99 -61.22
C ILE F 346 81.79 39.14 -60.68
N ASP F 347 82.30 38.25 -61.52
CA ASP F 347 83.39 37.34 -61.13
C ASP F 347 84.70 38.07 -60.81
N ALA F 348 85.02 39.07 -61.63
CA ALA F 348 86.21 39.89 -61.41
C ALA F 348 86.13 40.71 -60.11
N ILE F 349 84.92 41.17 -59.77
CA ILE F 349 84.72 42.04 -58.60
C ILE F 349 84.73 41.26 -57.27
N LEU F 350 83.94 40.19 -57.20
CA LEU F 350 83.73 39.43 -55.96
C LEU F 350 84.73 38.30 -55.72
N GLY F 351 85.21 37.68 -56.79
CA GLY F 351 85.92 36.40 -56.70
C GLY F 351 84.97 35.28 -57.07
N TYR F 352 83.81 35.26 -56.39
CA TYR F 352 82.74 34.29 -56.65
C TYR F 352 81.62 34.85 -57.54
N GLU F 353 80.74 33.93 -57.96
CA GLU F 353 79.70 34.25 -58.93
C GLU F 353 78.53 33.26 -58.75
N TYR F 354 77.31 33.80 -58.69
CA TYR F 354 76.09 33.00 -58.60
C TYR F 354 75.16 33.33 -59.78
N GLY F 355 75.73 33.62 -60.95
CA GLY F 355 74.94 33.91 -62.14
C GLY F 355 74.77 35.39 -62.45
N PRO F 356 74.12 35.72 -63.57
CA PRO F 356 74.07 37.09 -64.09
C PRO F 356 73.04 38.01 -63.43
N VAL F 357 72.19 37.46 -62.57
CA VAL F 357 70.94 38.11 -62.17
C VAL F 357 70.89 38.27 -60.66
N ALA F 358 70.55 39.47 -60.19
CA ALA F 358 70.43 39.76 -58.75
C ALA F 358 69.20 39.08 -58.12
N VAL F 359 68.05 39.22 -58.79
CA VAL F 359 66.81 38.57 -58.40
C VAL F 359 66.17 37.95 -59.64
N HIS F 360 66.01 36.62 -59.67
CA HIS F 360 65.39 35.94 -60.81
C HIS F 360 63.86 36.11 -60.75
N ARG F 361 63.23 36.29 -61.91
CA ARG F 361 61.76 36.46 -61.99
C ARG F 361 60.95 35.24 -61.48
N ASP F 362 61.55 34.06 -61.50
CA ASP F 362 60.90 32.85 -61.01
C ASP F 362 60.88 32.79 -59.48
N ASP F 363 61.59 33.72 -58.84
CA ASP F 363 61.54 33.92 -57.40
C ASP F 363 61.20 35.37 -57.07
N MET F 364 60.28 35.93 -57.86
CA MET F 364 59.84 37.31 -57.72
C MET F 364 58.31 37.35 -57.80
N ILE F 365 57.70 38.25 -57.03
CA ILE F 365 56.29 38.62 -57.18
C ILE F 365 56.22 40.12 -57.27
N THR F 366 55.48 40.62 -58.27
CA THR F 366 55.39 42.05 -58.58
C THR F 366 54.23 42.74 -57.81
N ARG F 367 54.33 44.07 -57.62
CA ARG F 367 53.44 44.86 -56.72
C ARG F 367 53.80 44.59 -55.26
N ASP G 3 37.03 2.44 10.74
CA ASP G 3 37.85 3.58 10.25
C ASP G 3 36.98 4.60 9.49
N SER G 4 36.40 4.18 8.37
CA SER G 4 35.62 5.08 7.52
C SER G 4 34.46 5.72 8.28
N GLN G 5 34.39 7.05 8.20
CA GLN G 5 33.41 7.84 8.93
C GLN G 5 32.54 8.68 8.00
N THR G 6 31.38 9.11 8.50
CA THR G 6 30.45 9.95 7.74
C THR G 6 30.32 11.33 8.38
N LEU G 7 30.62 12.36 7.60
CA LEU G 7 30.74 13.71 8.11
C LEU G 7 29.89 14.68 7.29
N VAL G 8 28.97 15.38 7.96
CA VAL G 8 28.14 16.40 7.30
C VAL G 8 28.81 17.73 7.55
N VAL G 9 29.10 18.46 6.49
CA VAL G 9 29.80 19.74 6.59
C VAL G 9 28.86 20.86 6.21
N LYS G 10 28.54 21.76 7.13
CA LYS G 10 27.63 22.87 6.83
C LYS G 10 28.40 24.16 6.55
N LEU G 11 28.18 24.69 5.34
CA LEU G 11 28.82 25.93 4.92
C LEU G 11 27.81 27.06 4.86
N GLY G 12 27.98 28.03 5.73
CA GLY G 12 27.14 29.21 5.71
C GLY G 12 27.58 30.16 4.61
N THR G 13 26.77 31.19 4.41
CA THR G 13 26.96 32.14 3.34
C THR G 13 28.22 32.98 3.55
N SER G 14 28.54 33.31 4.80
CA SER G 14 29.72 34.11 5.10
C SER G 14 31.00 33.38 4.76
N VAL G 15 31.00 32.06 4.93
CA VAL G 15 32.15 31.22 4.56
C VAL G 15 32.29 31.14 3.03
N LEU G 16 31.17 30.94 2.35
CA LEU G 16 31.17 30.85 0.89
C LEU G 16 31.58 32.16 0.22
N THR G 17 31.11 33.28 0.77
CA THR G 17 31.42 34.60 0.20
C THR G 17 32.65 35.26 0.81
N GLY G 18 33.13 34.73 1.95
CA GLY G 18 34.23 35.34 2.70
C GLY G 18 33.85 36.73 3.19
N GLY G 19 32.63 36.87 3.70
CA GLY G 19 32.13 38.14 4.23
C GLY G 19 31.49 39.06 3.20
N SER G 20 31.79 38.84 1.91
CA SER G 20 31.38 39.76 0.85
C SER G 20 29.97 39.45 0.30
N ARG G 21 29.63 40.11 -0.81
CA ARG G 21 28.37 39.89 -1.52
C ARG G 21 28.61 39.16 -2.84
N ARG G 22 29.75 38.48 -2.91
CA ARG G 22 30.15 37.71 -4.09
C ARG G 22 30.71 36.35 -3.63
N LEU G 23 30.30 35.28 -4.28
CA LEU G 23 30.83 33.95 -3.97
C LEU G 23 32.32 33.93 -4.20
N ASN G 24 33.06 33.32 -3.27
CA ASN G 24 34.53 33.26 -3.31
C ASN G 24 35.02 31.86 -3.63
N ARG G 25 35.43 31.65 -4.87
CA ARG G 25 35.76 30.31 -5.33
C ARG G 25 37.06 29.82 -4.74
N ALA G 26 37.94 30.75 -4.36
CA ALA G 26 39.17 30.38 -3.67
C ALA G 26 38.85 29.76 -2.30
N HIS G 27 38.08 30.49 -1.51
CA HIS G 27 37.68 30.02 -0.19
C HIS G 27 36.97 28.66 -0.27
N ILE G 28 36.02 28.53 -1.19
CA ILE G 28 35.26 27.31 -1.36
C ILE G 28 36.17 26.16 -1.80
N VAL G 29 37.02 26.41 -2.80
CA VAL G 29 37.92 25.35 -3.31
C VAL G 29 38.85 24.83 -2.20
N GLU G 30 39.36 25.75 -1.39
CA GLU G 30 40.17 25.40 -0.22
C GLU G 30 39.46 24.39 0.70
N LEU G 31 38.13 24.49 0.76
CA LEU G 31 37.30 23.58 1.54
C LEU G 31 36.99 22.31 0.75
N VAL G 32 36.68 22.44 -0.54
CA VAL G 32 36.48 21.27 -1.39
C VAL G 32 37.70 20.34 -1.25
N ARG G 33 38.87 20.94 -1.43
CA ARG G 33 40.15 20.24 -1.36
C ARG G 33 40.26 19.35 -0.14
N GLN G 34 39.82 19.87 1.00
CA GLN G 34 39.88 19.13 2.27
C GLN G 34 38.97 17.89 2.26
N CYS G 35 37.78 18.03 1.66
CA CYS G 35 36.85 16.91 1.50
C CYS G 35 37.39 15.84 0.56
N ALA G 36 38.04 16.28 -0.51
CA ALA G 36 38.60 15.36 -1.49
C ALA G 36 39.63 14.46 -0.83
N GLN G 37 40.46 15.04 0.02
CA GLN G 37 41.44 14.27 0.81
C GLN G 37 40.75 13.18 1.62
N LEU G 38 39.70 13.54 2.32
CA LEU G 38 38.97 12.60 3.18
C LEU G 38 38.20 11.55 2.36
N HIS G 39 37.66 11.98 1.23
CA HIS G 39 36.91 11.11 0.33
C HIS G 39 37.81 10.05 -0.29
N ALA G 40 39.04 10.45 -0.61
CA ALA G 40 40.06 9.54 -1.12
C ALA G 40 40.49 8.52 -0.06
N ALA G 41 40.61 9.01 1.19
CA ALA G 41 40.92 8.16 2.32
C ALA G 41 39.81 7.14 2.66
N GLY G 42 38.64 7.29 2.04
CA GLY G 42 37.54 6.34 2.21
C GLY G 42 36.42 6.85 3.08
N HIS G 43 36.40 8.15 3.35
CA HIS G 43 35.37 8.75 4.18
C HIS G 43 34.21 9.25 3.34
N ARG G 44 33.06 9.36 4.00
CA ARG G 44 31.82 9.77 3.40
C ARG G 44 31.55 11.23 3.80
N ILE G 45 31.40 12.08 2.80
CA ILE G 45 31.20 13.50 3.02
C ILE G 45 29.86 13.93 2.46
N VAL G 46 29.07 14.59 3.30
CA VAL G 46 27.82 15.19 2.91
C VAL G 46 27.98 16.70 3.04
N ILE G 47 27.74 17.40 1.95
CA ILE G 47 27.83 18.85 1.98
C ILE G 47 26.42 19.42 2.15
N VAL G 48 26.30 20.44 3.00
CA VAL G 48 25.12 21.28 3.09
C VAL G 48 25.62 22.69 2.84
N THR G 49 25.00 23.37 1.88
CA THR G 49 25.47 24.67 1.40
C THR G 49 24.35 25.70 1.47
N SER G 50 24.70 26.91 1.92
CA SER G 50 23.86 28.09 1.80
C SER G 50 24.33 28.82 0.56
N GLY G 51 24.02 30.10 0.44
CA GLY G 51 24.48 30.93 -0.66
C GLY G 51 23.62 30.90 -1.93
N ALA G 52 22.52 30.17 -1.91
CA ALA G 52 21.62 30.15 -3.07
C ALA G 52 21.10 31.56 -3.39
N ILE G 53 20.45 32.21 -2.43
CA ILE G 53 19.90 33.56 -2.66
C ILE G 53 21.00 34.60 -2.91
N ALA G 54 22.13 34.45 -2.21
CA ALA G 54 23.29 35.32 -2.40
C ALA G 54 23.86 35.26 -3.81
N ALA G 55 24.07 34.04 -4.30
CA ALA G 55 24.50 33.78 -5.68
C ALA G 55 23.45 34.19 -6.69
N GLY G 56 22.19 34.19 -6.28
CA GLY G 56 21.12 34.70 -7.10
C GLY G 56 21.29 36.17 -7.43
N ARG G 57 21.53 37.00 -6.42
CA ARG G 57 21.69 38.46 -6.60
C ARG G 57 22.95 38.80 -7.38
N GLU G 58 24.04 38.14 -7.03
CA GLU G 58 25.33 38.36 -7.70
C GLU G 58 25.18 38.11 -9.19
N HIS G 59 24.42 37.06 -9.53
CA HIS G 59 24.28 36.63 -10.91
C HIS G 59 23.27 37.48 -11.68
N LEU G 60 22.30 38.07 -10.99
CA LEU G 60 21.32 38.95 -11.62
C LEU G 60 21.72 40.43 -11.56
N GLY G 61 22.94 40.72 -11.12
CA GLY G 61 23.40 42.11 -10.99
C GLY G 61 22.67 42.89 -9.89
N TYR G 62 22.52 42.26 -8.73
CA TYR G 62 21.88 42.88 -7.57
C TYR G 62 20.63 43.69 -7.92
N PRO G 63 19.64 43.03 -8.54
CA PRO G 63 18.50 43.71 -9.11
C PRO G 63 17.53 44.21 -8.06
N GLU G 64 16.76 45.23 -8.43
CA GLU G 64 15.73 45.84 -7.59
C GLU G 64 14.45 44.99 -7.69
N LEU G 65 14.04 44.35 -6.60
CA LEU G 65 12.86 43.46 -6.65
C LEU G 65 11.91 43.66 -5.46
N PRO G 66 10.58 43.51 -5.70
CA PRO G 66 9.60 43.59 -4.62
C PRO G 66 10.03 42.90 -3.34
N ALA G 67 9.64 43.46 -2.20
CA ALA G 67 9.95 42.89 -0.89
C ALA G 67 8.95 41.78 -0.55
N THR G 68 8.79 40.85 -1.48
CA THR G 68 7.83 39.77 -1.37
C THR G 68 8.60 38.47 -1.21
N ILE G 69 7.88 37.36 -1.19
CA ILE G 69 8.48 36.04 -1.01
C ILE G 69 8.91 35.48 -2.37
N ALA G 70 8.10 35.72 -3.39
CA ALA G 70 8.44 35.33 -4.76
C ALA G 70 9.80 35.91 -5.19
N SER G 71 10.18 37.06 -4.63
CA SER G 71 11.51 37.63 -4.89
C SER G 71 12.57 36.66 -4.38
N LYS G 72 12.56 36.38 -3.10
CA LYS G 72 13.53 35.46 -2.52
C LYS G 72 13.53 34.12 -3.23
N GLN G 73 12.35 33.66 -3.64
CA GLN G 73 12.24 32.37 -4.31
C GLN G 73 12.88 32.38 -5.70
N LEU G 74 12.70 33.47 -6.44
CA LEU G 74 13.26 33.55 -7.79
C LEU G 74 14.80 33.65 -7.75
N LEU G 75 15.31 34.46 -6.83
CA LEU G 75 16.75 34.54 -6.60
C LEU G 75 17.28 33.16 -6.29
N ALA G 76 16.57 32.43 -5.43
CA ALA G 76 17.00 31.08 -5.06
C ALA G 76 17.04 30.16 -6.27
N ALA G 77 16.04 30.26 -7.14
CA ALA G 77 16.02 29.50 -8.39
C ALA G 77 17.24 29.79 -9.27
N VAL G 78 17.48 31.07 -9.54
CA VAL G 78 18.65 31.52 -10.32
C VAL G 78 19.96 31.15 -9.61
N GLY G 79 19.99 31.37 -8.30
CA GLY G 79 21.18 31.15 -7.51
C GLY G 79 21.49 29.71 -7.18
N GLN G 80 20.47 28.88 -7.05
CA GLN G 80 20.71 27.46 -6.79
C GLN G 80 21.24 26.79 -8.04
N SER G 81 20.75 27.23 -9.20
CA SER G 81 21.31 26.83 -10.49
C SER G 81 22.83 27.04 -10.52
N ARG G 82 23.27 28.23 -10.10
CA ARG G 82 24.70 28.58 -10.00
C ARG G 82 25.44 27.75 -8.97
N LEU G 83 24.96 27.75 -7.74
CA LEU G 83 25.59 27.00 -6.67
C LEU G 83 25.94 25.55 -7.04
N ILE G 84 25.00 24.82 -7.62
CA ILE G 84 25.22 23.41 -7.91
C ILE G 84 26.25 23.24 -9.05
N GLN G 85 26.24 24.16 -10.00
CA GLN G 85 27.29 24.23 -11.01
C GLN G 85 28.66 24.29 -10.36
N LEU G 86 28.83 25.29 -9.51
CA LEU G 86 30.10 25.59 -8.85
C LEU G 86 30.63 24.36 -8.14
N TRP G 87 29.79 23.78 -7.29
CA TRP G 87 30.14 22.60 -6.52
C TRP G 87 30.52 21.40 -7.41
N GLU G 88 29.69 21.11 -8.43
CA GLU G 88 29.95 20.01 -9.38
C GLU G 88 31.29 20.18 -10.07
N GLN G 89 31.63 21.42 -10.40
CA GLN G 89 32.86 21.73 -11.12
C GLN G 89 34.09 21.64 -10.21
N LEU G 90 34.01 22.24 -9.03
CA LEU G 90 35.14 22.20 -8.11
C LEU G 90 35.45 20.77 -7.63
N PHE G 91 34.44 19.93 -7.47
CA PHE G 91 34.64 18.53 -7.06
C PHE G 91 35.08 17.62 -8.20
N SER G 92 34.68 17.93 -9.43
CA SER G 92 35.20 17.18 -10.57
C SER G 92 36.70 17.41 -10.79
N ILE G 93 37.26 18.51 -10.28
CA ILE G 93 38.72 18.74 -10.32
C ILE G 93 39.44 17.62 -9.60
N TYR G 94 38.83 17.12 -8.54
CA TYR G 94 39.37 16.01 -7.78
C TYR G 94 38.74 14.67 -8.18
N GLY G 95 38.13 14.63 -9.36
CA GLY G 95 37.51 13.41 -9.85
C GLY G 95 36.48 12.84 -8.90
N ILE G 96 35.60 13.72 -8.42
CA ILE G 96 34.58 13.38 -7.45
C ILE G 96 33.24 13.94 -7.92
N HIS G 97 32.20 13.10 -7.97
CA HIS G 97 30.86 13.48 -8.41
C HIS G 97 29.96 13.99 -7.27
N VAL G 98 28.99 14.83 -7.62
CA VAL G 98 28.02 15.30 -6.63
C VAL G 98 26.58 14.93 -7.00
N GLY G 99 25.66 15.08 -6.06
CA GLY G 99 24.23 14.87 -6.31
C GLY G 99 23.40 15.93 -5.61
N GLN G 100 22.58 16.65 -6.36
CA GLN G 100 21.73 17.68 -5.80
C GLN G 100 20.56 17.04 -5.06
N MET G 101 20.37 17.44 -3.80
CA MET G 101 19.17 17.11 -3.04
C MET G 101 18.60 18.38 -2.43
N LEU G 102 17.46 18.83 -2.93
CA LEU G 102 16.78 19.97 -2.34
C LEU G 102 15.58 19.47 -1.57
N LEU G 103 15.47 19.87 -0.31
CA LEU G 103 14.35 19.40 0.51
C LEU G 103 13.85 20.38 1.56
N THR G 104 12.65 20.09 2.05
CA THR G 104 11.98 20.88 3.08
C THR G 104 11.46 19.93 4.16
N ARG G 105 10.80 20.48 5.18
CA ARG G 105 10.21 19.64 6.22
C ARG G 105 9.12 18.73 5.67
N ALA G 106 8.41 19.20 4.64
CA ALA G 106 7.42 18.39 3.93
C ALA G 106 8.00 17.04 3.53
N ASP G 107 9.28 17.02 3.14
CA ASP G 107 9.95 15.77 2.78
C ASP G 107 10.29 14.88 3.98
N MET G 108 10.09 15.39 5.20
CA MET G 108 10.19 14.54 6.41
C MET G 108 8.91 14.57 7.27
N GLU G 109 7.74 14.65 6.63
CA GLU G 109 6.46 14.69 7.35
C GLU G 109 5.93 13.29 7.71
N ASP G 110 6.08 12.33 6.80
CA ASP G 110 5.82 10.93 7.07
C ASP G 110 7.12 10.31 7.56
N ARG G 111 7.01 9.13 8.15
CA ARG G 111 8.15 8.25 8.32
C ARG G 111 8.56 7.73 6.94
N GLU G 112 7.57 7.44 6.10
CA GLU G 112 7.78 6.97 4.72
C GLU G 112 8.72 7.87 3.91
N ARG G 113 8.43 9.17 3.88
CA ARG G 113 9.20 10.13 3.09
C ARG G 113 10.58 10.40 3.68
N PHE G 114 10.63 10.43 5.01
CA PHE G 114 11.90 10.53 5.72
C PHE G 114 12.85 9.39 5.34
N LEU G 115 12.33 8.17 5.29
CA LEU G 115 13.13 7.02 4.90
C LEU G 115 13.52 7.12 3.42
N ASN G 116 12.64 7.65 2.59
CA ASN G 116 12.93 7.78 1.17
C ASN G 116 14.11 8.71 0.94
N ALA G 117 14.14 9.82 1.69
CA ALA G 117 15.26 10.77 1.64
C ALA G 117 16.57 10.13 2.14
N ARG G 118 16.44 9.27 3.14
CA ARG G 118 17.56 8.55 3.74
C ARG G 118 18.17 7.51 2.80
N ASP G 119 17.34 6.67 2.20
CA ASP G 119 17.85 5.65 1.28
C ASP G 119 18.61 6.27 0.11
N THR G 120 18.15 7.44 -0.33
CA THR G 120 18.73 8.15 -1.46
C THR G 120 20.10 8.70 -1.10
N LEU G 121 20.14 9.44 0.01
CA LEU G 121 21.38 9.95 0.57
C LEU G 121 22.38 8.81 0.76
N ARG G 122 21.95 7.71 1.38
CA ARG G 122 22.83 6.56 1.57
C ARG G 122 23.32 6.02 0.23
N ALA G 123 22.40 5.85 -0.71
CA ALA G 123 22.75 5.36 -2.04
C ALA G 123 23.87 6.22 -2.62
N LEU G 124 23.67 7.53 -2.65
CA LEU G 124 24.70 8.45 -3.11
C LEU G 124 26.06 8.15 -2.47
N LEU G 125 26.09 8.08 -1.14
CA LEU G 125 27.34 7.84 -0.40
C LEU G 125 27.93 6.47 -0.67
N ASP G 126 27.07 5.44 -0.75
CA ASP G 126 27.51 4.06 -1.01
C ASP G 126 28.27 3.98 -2.33
N ASN G 127 27.86 4.80 -3.29
CA ASN G 127 28.55 4.90 -4.58
C ASN G 127 29.58 6.03 -4.68
N ASN G 128 30.09 6.49 -3.55
CA ASN G 128 31.10 7.57 -3.52
C ASN G 128 30.71 8.91 -4.17
N VAL G 129 29.41 9.19 -4.27
CA VAL G 129 28.95 10.51 -4.71
C VAL G 129 28.82 11.39 -3.47
N VAL G 130 29.21 12.66 -3.60
CA VAL G 130 29.03 13.65 -2.53
C VAL G 130 27.69 14.41 -2.67
N PRO G 131 26.72 14.13 -1.79
CA PRO G 131 25.48 14.90 -1.83
C PRO G 131 25.73 16.37 -1.46
N VAL G 132 25.22 17.26 -2.31
CA VAL G 132 25.17 18.69 -2.01
C VAL G 132 23.71 18.96 -1.66
N ILE G 133 23.46 19.26 -0.39
CA ILE G 133 22.11 19.49 0.12
C ILE G 133 21.80 21.00 0.30
N ASN G 134 20.56 21.36 0.02
CA ASN G 134 20.08 22.67 0.39
C ASN G 134 18.58 22.62 0.60
N GLU G 135 18.09 23.60 1.35
CA GLU G 135 16.68 23.85 1.45
C GLU G 135 16.15 24.17 0.02
N ASN G 136 15.04 23.53 -0.35
CA ASN G 136 14.35 23.83 -1.61
C ASN G 136 13.64 25.20 -1.50
N ASP G 137 14.45 26.26 -1.53
CA ASP G 137 13.99 27.64 -1.33
C ASP G 137 13.10 28.17 -2.44
N ALA G 138 13.30 27.68 -3.67
CA ALA G 138 12.56 28.18 -4.81
C ALA G 138 11.12 27.71 -4.83
N VAL G 139 10.86 26.57 -4.17
CA VAL G 139 9.54 25.90 -4.23
C VAL G 139 9.09 25.47 -2.84
N ALA G 140 8.64 26.44 -2.04
CA ALA G 140 8.27 26.16 -0.65
C ALA G 140 7.47 27.30 -0.06
N THR G 141 6.46 26.94 0.73
CA THR G 141 5.80 27.94 1.56
C THR G 141 6.58 28.06 2.85
N ALA G 142 6.40 29.18 3.54
CA ALA G 142 7.05 29.40 4.82
C ALA G 142 6.73 28.29 5.81
N GLU G 143 5.50 27.79 5.77
CA GLU G 143 5.05 26.74 6.68
C GLU G 143 5.89 25.46 6.60
N ILE G 144 6.26 25.03 5.40
CA ILE G 144 6.97 23.76 5.24
C ILE G 144 8.50 23.89 5.25
N LYS G 145 9.01 25.13 5.21
CA LYS G 145 10.45 25.36 5.23
C LYS G 145 11.07 24.96 6.56
N VAL G 146 12.35 24.60 6.54
CA VAL G 146 13.10 24.32 7.76
C VAL G 146 13.42 25.63 8.46
N GLY G 147 13.76 26.66 7.68
CA GLY G 147 14.02 28.00 8.22
C GLY G 147 15.45 28.45 8.00
N ASP G 148 16.39 27.60 8.38
CA ASP G 148 17.82 27.86 8.22
C ASP G 148 18.57 26.57 7.90
N ASN G 149 19.74 26.70 7.30
CA ASN G 149 20.53 25.53 6.90
C ASN G 149 21.30 24.86 8.04
N ASP G 150 21.41 25.52 9.19
CA ASP G 150 22.02 24.91 10.39
C ASP G 150 21.14 23.75 10.84
N ASN G 151 19.90 24.06 11.16
CA ASN G 151 18.90 23.05 11.44
C ASN G 151 18.82 21.99 10.33
N LEU G 152 18.84 22.44 9.07
CA LEU G 152 18.74 21.50 7.96
C LEU G 152 19.91 20.52 7.95
N SER G 153 21.10 20.98 8.34
CA SER G 153 22.29 20.12 8.35
C SER G 153 22.19 19.06 9.46
N ALA G 154 21.54 19.44 10.56
CA ALA G 154 21.28 18.50 11.67
C ALA G 154 20.34 17.41 11.20
N LEU G 155 19.37 17.77 10.36
CA LEU G 155 18.46 16.79 9.78
C LEU G 155 19.18 15.90 8.78
N ALA G 156 20.11 16.47 8.03
CA ALA G 156 20.94 15.70 7.07
C ALA G 156 21.90 14.73 7.76
N ALA G 157 22.37 15.11 8.94
CA ALA G 157 23.23 14.26 9.75
C ALA G 157 22.48 13.03 10.25
N ILE G 158 21.29 13.27 10.79
CA ILE G 158 20.39 12.18 11.16
C ILE G 158 20.08 11.32 9.95
N LEU G 159 19.78 11.95 8.81
CA LEU G 159 19.50 11.21 7.58
C LEU G 159 20.68 10.36 7.15
N ALA G 160 21.84 10.99 7.11
CA ALA G 160 23.04 10.38 6.55
C ALA G 160 23.71 9.40 7.50
N GLY G 161 23.25 9.37 8.76
CA GLY G 161 23.87 8.53 9.79
C GLY G 161 25.21 9.06 10.21
N ALA G 162 25.33 10.38 10.26
CA ALA G 162 26.62 11.03 10.43
C ALA G 162 27.23 10.72 11.78
N ASP G 163 28.55 10.63 11.82
CA ASP G 163 29.28 10.48 13.07
C ASP G 163 29.56 11.86 13.65
N LYS G 164 29.70 12.85 12.77
CA LYS G 164 29.99 14.20 13.20
C LYS G 164 29.29 15.19 12.27
N LEU G 165 28.97 16.34 12.82
CA LEU G 165 28.38 17.45 12.07
C LEU G 165 29.24 18.70 12.28
N LEU G 166 29.71 19.30 11.19
CA LEU G 166 30.63 20.41 11.28
C LEU G 166 29.96 21.66 10.74
N LEU G 167 29.83 22.68 11.58
CA LEU G 167 29.19 23.94 11.21
C LEU G 167 30.22 25.02 10.98
N LEU G 168 30.66 25.18 9.74
CA LEU G 168 31.67 26.18 9.42
C LEU G 168 31.06 27.57 9.35
N THR G 169 31.57 28.48 10.16
CA THR G 169 31.06 29.83 10.16
C THR G 169 32.24 30.80 10.07
N ASP G 170 31.94 32.10 10.24
CA ASP G 170 32.94 33.16 10.07
C ASP G 170 33.60 33.57 11.38
N GLN G 171 33.61 32.68 12.36
CA GLN G 171 34.31 32.94 13.60
C GLN G 171 34.84 31.62 14.18
N LYS G 172 35.63 31.70 15.23
CA LYS G 172 36.33 30.53 15.75
C LYS G 172 35.41 29.50 16.35
N GLY G 173 34.28 29.97 16.91
CA GLY G 173 33.27 29.09 17.47
C GLY G 173 32.36 29.83 18.43
N LEU G 174 31.86 29.12 19.43
CA LEU G 174 30.95 29.68 20.41
C LEU G 174 31.78 30.34 21.49
N TYR G 175 31.49 31.60 21.79
CA TYR G 175 32.26 32.40 22.75
C TYR G 175 31.48 32.71 24.04
N THR G 176 32.20 33.00 25.11
CA THR G 176 31.58 33.31 26.39
C THR G 176 30.82 34.64 26.35
N ALA G 177 31.22 35.51 25.43
CA ALA G 177 30.61 36.83 25.26
C ALA G 177 30.93 37.27 23.86
N ASP G 178 30.50 38.48 23.48
CA ASP G 178 30.82 39.00 22.15
C ASP G 178 32.27 39.49 22.08
N PRO G 179 33.09 38.86 21.22
CA PRO G 179 34.50 39.19 21.08
C PRO G 179 34.79 40.40 20.16
N ARG G 180 34.07 41.49 20.37
CA ARG G 180 34.46 42.80 19.85
C ARG G 180 33.98 43.88 20.83
N SER G 181 32.76 43.69 21.34
CA SER G 181 32.29 44.33 22.56
C SER G 181 33.33 44.21 23.69
N ASN G 182 33.74 42.98 23.97
CA ASN G 182 34.37 42.62 25.22
C ASN G 182 35.70 41.88 24.98
N PRO G 183 36.83 42.52 25.33
CA PRO G 183 38.14 41.91 25.11
C PRO G 183 38.50 40.79 26.09
N GLN G 184 37.53 40.35 26.90
CA GLN G 184 37.74 39.30 27.90
C GLN G 184 37.00 38.01 27.53
N ALA G 185 36.35 38.03 26.35
CA ALA G 185 35.56 36.92 25.87
C ALA G 185 36.47 35.79 25.43
N GLU G 186 36.11 34.57 25.82
CA GLU G 186 36.88 33.37 25.51
C GLU G 186 36.11 32.47 24.58
N LEU G 187 36.84 31.73 23.76
CA LEU G 187 36.26 30.65 22.98
C LEU G 187 35.93 29.50 23.91
N ILE G 188 34.78 28.89 23.73
CA ILE G 188 34.41 27.72 24.51
C ILE G 188 34.88 26.47 23.78
N LYS G 189 35.72 25.68 24.45
CA LYS G 189 36.30 24.48 23.86
C LYS G 189 35.31 23.32 23.82
N ASP G 190 34.57 23.12 24.90
CA ASP G 190 33.67 21.96 25.02
C ASP G 190 32.34 22.35 25.63
N VAL G 191 31.29 21.64 25.23
CA VAL G 191 29.95 21.86 25.73
C VAL G 191 29.31 20.50 25.88
N TYR G 192 28.78 20.21 27.07
CA TYR G 192 28.16 18.93 27.35
C TYR G 192 26.67 19.12 27.57
N GLY G 193 25.92 19.11 26.49
CA GLY G 193 24.48 19.38 26.54
C GLY G 193 24.24 20.88 26.55
N ILE G 194 23.48 21.35 25.55
CA ILE G 194 23.30 22.80 25.30
C ILE G 194 22.92 23.66 26.55
N ASP G 195 22.34 23.05 27.58
CA ASP G 195 22.17 23.70 28.89
C ASP G 195 23.50 24.18 29.51
N ASP G 196 24.58 23.42 29.28
CA ASP G 196 25.96 23.76 29.69
C ASP G 196 26.45 25.06 29.02
N ALA G 197 25.98 25.31 27.81
CA ALA G 197 26.36 26.52 27.05
C ALA G 197 25.64 27.77 27.54
N LEU G 198 24.60 27.59 28.35
CA LEU G 198 23.71 28.71 28.71
C LEU G 198 24.22 29.59 29.85
N ARG G 199 25.50 29.49 30.18
CA ARG G 199 26.23 30.56 30.89
C ARG G 199 27.27 31.21 29.96
N ALA G 200 26.86 31.39 28.71
CA ALA G 200 27.73 31.91 27.69
C ALA G 200 26.93 32.38 26.48
N ILE G 201 25.92 33.22 26.75
CA ILE G 201 25.08 33.81 25.70
C ILE G 201 24.34 35.06 26.27
N ALA G 202 23.50 35.68 25.43
CA ALA G 202 22.68 36.87 25.79
C ALA G 202 23.01 37.51 27.14
N GLY G 212 24.54 36.94 18.07
CA GLY G 212 24.93 37.21 16.69
C GLY G 212 24.96 35.96 15.81
N GLY G 213 23.79 35.61 15.25
CA GLY G 213 23.63 34.51 14.29
C GLY G 213 23.76 33.08 14.83
N MET G 214 23.95 32.97 16.16
CA MET G 214 24.39 31.71 16.80
C MET G 214 23.21 30.83 17.20
N SER G 215 22.05 31.44 17.44
CA SER G 215 20.90 30.73 17.99
C SER G 215 20.53 29.46 17.18
N THR G 216 20.46 29.59 15.86
CA THR G 216 20.09 28.46 15.02
C THR G 216 21.17 27.38 15.02
N LYS G 217 22.41 27.80 15.28
CA LYS G 217 23.49 26.84 15.45
C LYS G 217 23.30 26.03 16.74
N LEU G 218 22.93 26.73 17.81
CA LEU G 218 22.67 26.06 19.09
C LEU G 218 21.54 25.03 19.01
N GLN G 219 20.46 25.37 18.30
CA GLN G 219 19.36 24.45 18.01
C GLN G 219 19.81 23.24 17.22
N ALA G 220 20.63 23.49 16.20
CA ALA G 220 21.18 22.43 15.37
C ALA G 220 22.01 21.48 16.19
N ALA G 221 22.83 22.07 17.06
CA ALA G 221 23.72 21.32 17.96
C ALA G 221 22.92 20.55 19.00
N ASP G 222 21.76 21.08 19.39
CA ASP G 222 20.88 20.35 20.30
C ASP G 222 20.27 19.12 19.65
N VAL G 223 19.65 19.32 18.49
CA VAL G 223 19.02 18.22 17.76
C VAL G 223 20.02 17.11 17.50
N ALA G 224 21.11 17.44 16.82
CA ALA G 224 22.09 16.44 16.43
C ALA G 224 22.64 15.71 17.65
N CYS G 225 22.91 16.46 18.72
CA CYS G 225 23.46 15.87 19.95
C CYS G 225 22.51 14.91 20.62
N ARG G 226 21.23 15.26 20.60
CA ARG G 226 20.18 14.39 21.10
C ARG G 226 20.09 13.13 20.25
N ALA G 227 20.40 13.28 18.96
CA ALA G 227 20.39 12.18 18.00
C ALA G 227 21.72 11.42 17.93
N GLY G 228 22.59 11.64 18.91
CA GLY G 228 23.82 10.87 19.06
C GLY G 228 25.00 11.35 18.22
N ILE G 229 24.94 12.60 17.74
CA ILE G 229 25.91 13.12 16.76
C ILE G 229 26.70 14.28 17.33
N ASP G 230 27.99 14.07 17.60
CA ASP G 230 28.90 15.14 18.02
C ASP G 230 28.81 16.24 16.99
N THR G 231 28.78 17.49 17.45
CA THR G 231 28.68 18.61 16.50
C THR G 231 29.64 19.75 16.88
N ILE G 232 30.19 20.40 15.85
CA ILE G 232 31.31 21.33 15.99
C ILE G 232 31.05 22.67 15.31
N ILE G 233 31.38 23.76 16.00
CA ILE G 233 31.31 25.09 15.40
C ILE G 233 32.72 25.60 15.26
N ALA G 234 33.12 25.97 14.05
CA ALA G 234 34.50 26.29 13.76
C ALA G 234 34.63 27.22 12.58
N ALA G 235 35.79 27.84 12.45
CA ALA G 235 36.03 28.76 11.36
C ALA G 235 36.25 28.00 10.06
N GLY G 236 35.48 28.37 9.05
CA GLY G 236 35.65 27.86 7.70
C GLY G 236 37.01 28.13 7.08
N SER G 237 37.67 29.22 7.50
CA SER G 237 39.00 29.56 6.98
C SER G 237 40.14 28.86 7.71
N LYS G 238 39.86 28.19 8.83
CA LYS G 238 40.92 27.54 9.58
C LYS G 238 41.53 26.42 8.73
N PRO G 239 42.84 26.49 8.47
CA PRO G 239 43.52 25.43 7.71
C PRO G 239 43.40 24.06 8.35
N GLY G 240 42.97 23.09 7.56
CA GLY G 240 42.89 21.71 8.03
C GLY G 240 41.72 21.42 8.93
N VAL G 241 40.73 22.32 8.96
CA VAL G 241 39.64 22.20 9.93
C VAL G 241 38.85 20.88 9.77
N ILE G 242 38.49 20.56 8.54
CA ILE G 242 37.61 19.43 8.25
C ILE G 242 38.27 18.12 8.63
N GLY G 243 39.56 18.00 8.35
CA GLY G 243 40.33 16.79 8.69
C GLY G 243 40.53 16.61 10.18
N ASP G 244 40.83 17.71 10.87
CA ASP G 244 40.97 17.71 12.34
C ASP G 244 39.70 17.24 13.04
N VAL G 245 38.56 17.71 12.56
CA VAL G 245 37.28 17.35 13.15
C VAL G 245 37.03 15.85 13.00
N MET G 246 37.25 15.35 11.79
CA MET G 246 37.19 13.92 11.49
C MET G 246 37.97 13.15 12.55
N GLU G 247 39.20 13.62 12.82
CA GLU G 247 40.13 12.95 13.74
C GLU G 247 39.88 13.18 15.24
N GLY G 248 38.93 14.05 15.57
CA GLY G 248 38.58 14.36 16.96
C GLY G 248 39.50 15.37 17.64
N ILE G 249 40.36 16.03 16.84
CA ILE G 249 41.27 17.05 17.33
C ILE G 249 40.52 18.35 17.59
N SER G 250 40.81 19.02 18.70
CA SER G 250 40.11 20.25 19.08
C SER G 250 40.41 21.35 18.09
N VAL G 251 39.36 21.89 17.48
CA VAL G 251 39.51 22.83 16.38
C VAL G 251 38.71 24.10 16.62
N GLY G 252 37.55 24.00 17.26
CA GLY G 252 36.68 25.15 17.54
C GLY G 252 35.92 24.99 18.84
N THR G 253 34.60 24.80 18.76
CA THR G 253 33.78 24.44 19.92
C THR G 253 33.11 23.10 19.63
N LEU G 254 33.32 22.13 20.52
CA LEU G 254 32.77 20.78 20.36
C LEU G 254 31.62 20.53 21.33
N PHE G 255 30.45 20.28 20.76
CA PHE G 255 29.29 19.94 21.54
C PHE G 255 29.28 18.42 21.62
N HIS G 256 29.58 17.89 22.80
CA HIS G 256 29.73 16.45 22.94
C HIS G 256 28.30 15.92 22.93
N ALA G 257 28.13 14.76 22.33
CA ALA G 257 26.82 14.17 22.09
C ALA G 257 26.32 13.37 23.27
N GLN G 258 25.00 13.20 23.31
CA GLN G 258 24.30 12.51 24.39
C GLN G 258 24.81 11.07 24.52
N ALA G 259 25.10 10.66 25.75
CA ALA G 259 25.61 9.32 26.03
C ALA G 259 24.66 8.25 25.52
N THR G 260 23.41 8.32 25.97
CA THR G 260 22.36 7.41 25.47
C THR G 260 21.38 8.24 24.65
N PRO G 261 21.57 8.28 23.32
CA PRO G 261 20.75 9.14 22.47
C PRO G 261 19.27 8.73 22.38
N LEU G 262 18.47 9.66 21.88
CA LEU G 262 17.06 9.43 21.59
C LEU G 262 16.92 8.32 20.54
N GLU G 263 15.98 7.41 20.74
CA GLU G 263 15.82 6.25 19.83
C GLU G 263 15.86 6.61 18.35
N ASN G 264 16.54 5.77 17.58
CA ASN G 264 16.59 5.89 16.12
C ASN G 264 15.18 5.80 15.54
N ARG G 265 14.41 4.88 16.10
CA ARG G 265 12.99 4.73 15.84
C ARG G 265 12.20 6.05 15.63
N LYS G 266 12.55 7.10 16.35
CA LYS G 266 11.74 8.32 16.33
C LYS G 266 12.51 9.62 16.12
N ARG G 267 13.69 9.55 15.51
CA ARG G 267 14.47 10.76 15.18
C ARG G 267 13.85 11.59 14.07
N TRP G 268 13.17 10.94 13.14
CA TRP G 268 12.52 11.61 12.02
C TRP G 268 11.58 12.75 12.44
N ILE G 269 11.07 12.67 13.68
CA ILE G 269 10.07 13.63 14.16
C ILE G 269 10.68 15.02 14.30
N PHE G 270 12.01 15.06 14.41
CA PHE G 270 12.75 16.33 14.38
C PHE G 270 12.51 17.06 13.05
N GLY G 271 12.33 16.28 11.99
CA GLY G 271 12.22 16.83 10.65
C GLY G 271 10.82 17.28 10.28
N ALA G 272 9.80 16.64 10.82
CA ALA G 272 8.43 16.90 10.40
C ALA G 272 8.00 18.31 10.78
N PRO G 273 7.16 18.95 9.96
CA PRO G 273 6.57 20.24 10.31
C PRO G 273 5.20 20.04 10.97
N PRO G 274 5.00 20.59 12.17
CA PRO G 274 3.71 20.33 12.83
C PRO G 274 2.52 20.66 11.93
N ALA G 275 1.53 19.77 11.91
CA ALA G 275 0.31 19.92 11.10
C ALA G 275 -0.78 20.71 11.81
N GLY G 276 -0.60 20.97 13.09
CA GLY G 276 -1.56 21.72 13.89
C GLY G 276 -1.05 21.79 15.32
N GLU G 277 -1.91 22.13 16.26
CA GLU G 277 -1.48 22.13 17.66
C GLU G 277 -2.51 21.78 18.72
N ILE G 278 -1.99 21.33 19.85
CA ILE G 278 -2.77 20.93 21.00
C ILE G 278 -2.24 21.72 22.18
N THR G 279 -3.13 22.47 22.82
CA THR G 279 -2.86 23.09 24.11
C THR G 279 -3.23 22.09 25.17
N VAL G 280 -2.50 22.10 26.28
CA VAL G 280 -2.58 21.05 27.27
C VAL G 280 -2.54 21.59 28.71
N ASP G 281 -3.25 20.89 29.61
CA ASP G 281 -3.18 21.08 31.08
C ASP G 281 -1.80 21.35 31.65
N GLU G 282 -1.78 21.85 32.87
CA GLU G 282 -0.56 21.88 33.68
C GLU G 282 -0.15 20.44 34.06
N GLY G 283 -1.11 19.66 34.54
CA GLY G 283 -0.85 18.26 34.88
C GLY G 283 -0.32 17.39 33.75
N ALA G 284 -0.86 17.59 32.55
CA ALA G 284 -0.40 16.91 31.33
C ALA G 284 0.92 17.49 30.80
N THR G 285 1.18 18.75 31.08
CA THR G 285 2.48 19.34 30.81
C THR G 285 3.54 18.72 31.73
N ALA G 286 3.21 18.58 33.00
CA ALA G 286 4.10 17.91 33.96
C ALA G 286 4.45 16.49 33.51
N ALA G 287 3.42 15.70 33.22
CA ALA G 287 3.60 14.32 32.79
C ALA G 287 4.56 14.16 31.60
N ILE G 288 4.36 14.98 30.57
CA ILE G 288 5.22 14.95 29.39
C ILE G 288 6.65 15.34 29.74
N LEU G 289 6.81 16.46 30.43
CA LEU G 289 8.14 16.98 30.74
C LEU G 289 8.83 16.28 31.91
N GLU G 290 8.14 16.10 33.03
CA GLU G 290 8.78 15.55 34.23
C GLU G 290 9.01 14.04 34.06
N ARG G 291 8.00 13.34 33.57
CA ARG G 291 7.96 11.88 33.63
C ARG G 291 8.02 11.16 32.27
N GLY G 292 8.00 11.92 31.18
CA GLY G 292 8.12 11.34 29.83
C GLY G 292 6.89 10.60 29.34
N SER G 293 5.75 10.83 30.01
CA SER G 293 4.50 10.10 29.74
C SER G 293 3.86 10.39 28.37
N SER G 294 2.84 9.59 28.07
CA SER G 294 2.01 9.80 26.91
C SER G 294 0.96 10.80 27.29
N LEU G 295 0.40 11.50 26.31
CA LEU G 295 -0.65 12.47 26.53
C LEU G 295 -2.04 11.83 26.43
N LEU G 296 -2.78 11.89 27.52
CA LEU G 296 -4.19 11.46 27.53
C LEU G 296 -5.11 12.64 27.20
N PRO G 297 -6.27 12.38 26.58
CA PRO G 297 -7.19 13.46 26.16
C PRO G 297 -7.86 14.17 27.34
N LYS G 298 -7.82 13.53 28.50
CA LYS G 298 -8.16 14.14 29.79
C LYS G 298 -7.71 15.61 29.83
N GLY G 299 -6.43 15.84 29.55
CA GLY G 299 -5.81 17.15 29.75
C GLY G 299 -5.63 18.03 28.52
N ILE G 300 -6.39 17.74 27.46
CA ILE G 300 -6.40 18.61 26.26
C ILE G 300 -7.32 19.82 26.49
N LYS G 301 -6.82 21.02 26.17
CA LYS G 301 -7.55 22.27 26.43
C LYS G 301 -7.99 22.98 25.15
N SER G 302 -7.31 22.72 24.05
CA SER G 302 -7.76 23.19 22.74
C SER G 302 -6.98 22.51 21.64
N VAL G 303 -7.56 22.50 20.45
CA VAL G 303 -6.96 21.91 19.27
C VAL G 303 -7.00 22.97 18.17
N THR G 304 -5.94 23.10 17.40
CA THR G 304 -5.93 24.12 16.35
C THR G 304 -5.57 23.54 14.97
N GLY G 305 -6.39 23.85 13.98
CA GLY G 305 -6.17 23.42 12.60
C GLY G 305 -6.88 22.12 12.29
N ASN G 306 -6.89 21.74 11.01
CA ASN G 306 -7.40 20.44 10.57
C ASN G 306 -6.29 19.43 10.29
N PHE G 307 -6.22 18.37 11.10
CA PHE G 307 -5.19 17.34 10.89
C PHE G 307 -5.70 15.94 11.18
N SER G 308 -4.95 14.96 10.68
CA SER G 308 -5.37 13.56 10.67
C SER G 308 -4.62 12.73 11.67
N ARG G 309 -5.13 11.53 11.94
CA ARG G 309 -4.37 10.59 12.73
C ARG G 309 -3.10 10.27 11.95
N GLY G 310 -2.05 9.90 12.65
CA GLY G 310 -0.77 9.58 12.01
C GLY G 310 0.12 10.77 11.70
N GLU G 311 -0.42 11.99 11.75
CA GLU G 311 0.35 13.20 11.49
C GLU G 311 1.01 13.70 12.76
N VAL G 312 2.08 14.47 12.57
CA VAL G 312 2.79 15.11 13.69
C VAL G 312 2.13 16.46 14.06
N ILE G 313 2.13 16.78 15.35
CA ILE G 313 1.52 18.01 15.85
C ILE G 313 2.40 18.63 16.90
N ARG G 314 2.21 19.92 17.12
CA ARG G 314 2.89 20.63 18.18
C ARG G 314 2.06 20.49 19.44
N ILE G 315 2.69 20.32 20.61
CA ILE G 315 1.98 20.31 21.88
C ILE G 315 2.41 21.52 22.70
N CYS G 316 1.44 22.28 23.18
CA CYS G 316 1.71 23.51 23.90
C CYS G 316 1.16 23.41 25.32
N ASN G 317 1.78 24.12 26.25
CA ASN G 317 1.16 24.36 27.56
C ASN G 317 0.29 25.60 27.44
N LEU G 318 -0.43 25.94 28.50
CA LEU G 318 -1.34 27.09 28.46
C LEU G 318 -0.66 28.47 28.39
N GLU G 319 0.66 28.46 28.41
CA GLU G 319 1.45 29.68 28.32
C GLU G 319 1.86 29.96 26.88
N GLY G 320 1.47 29.09 25.95
CA GLY G 320 1.90 29.20 24.55
C GLY G 320 3.28 28.64 24.24
N ARG G 321 3.93 28.06 25.24
CA ARG G 321 5.22 27.40 25.05
C ARG G 321 5.02 26.08 24.31
N ASP G 322 5.94 25.77 23.39
CA ASP G 322 5.98 24.48 22.68
C ASP G 322 6.72 23.42 23.52
N ILE G 323 6.03 22.40 24.01
CA ILE G 323 6.67 21.41 24.90
C ILE G 323 6.99 20.06 24.26
N ALA G 324 6.31 19.71 23.16
CA ALA G 324 6.61 18.47 22.42
C ALA G 324 5.99 18.45 21.03
N HIS G 325 6.56 17.61 20.17
CA HIS G 325 6.01 17.28 18.86
C HIS G 325 5.82 15.77 18.90
N GLY G 326 4.67 15.29 18.49
CA GLY G 326 4.41 13.85 18.50
C GLY G 326 3.42 13.48 17.44
N VAL G 327 3.25 12.18 17.22
CA VAL G 327 2.26 11.69 16.25
C VAL G 327 0.88 11.55 16.88
N SER G 328 -0.10 12.19 16.24
CA SER G 328 -1.46 12.24 16.73
C SER G 328 -2.20 10.95 16.37
N ARG G 329 -2.80 10.30 17.35
CA ARG G 329 -3.54 9.06 17.11
C ARG G 329 -5.00 9.28 16.73
N TYR G 330 -5.49 10.50 16.97
CA TYR G 330 -6.83 10.89 16.53
C TYR G 330 -6.74 12.12 15.65
N ASN G 331 -7.73 12.27 14.77
CA ASN G 331 -7.86 13.48 13.96
C ASN G 331 -8.32 14.63 14.83
N SER G 332 -8.21 15.85 14.30
CA SER G 332 -8.48 17.06 15.06
C SER G 332 -9.95 17.15 15.48
N ASP G 333 -10.87 16.84 14.58
CA ASP G 333 -12.30 16.87 14.90
C ASP G 333 -12.64 15.95 16.08
N ALA G 334 -11.99 14.79 16.15
CA ALA G 334 -12.22 13.83 17.25
C ALA G 334 -11.59 14.28 18.56
N LEU G 335 -10.41 14.89 18.48
CA LEU G 335 -9.71 15.36 19.68
C LEU G 335 -10.53 16.41 20.44
N ARG G 336 -11.16 17.31 19.70
CA ARG G 336 -12.04 18.32 20.30
C ARG G 336 -13.23 17.68 21.00
N ARG G 337 -13.70 16.57 20.46
CA ARG G 337 -14.81 15.84 21.08
C ARG G 337 -14.41 15.01 22.28
N ILE G 338 -13.16 14.57 22.36
CA ILE G 338 -12.73 13.76 23.51
C ILE G 338 -11.86 14.54 24.50
N ALA G 339 -11.63 15.82 24.25
CA ALA G 339 -10.86 16.65 25.19
C ALA G 339 -11.62 16.73 26.50
N GLY G 340 -10.93 16.44 27.60
CA GLY G 340 -11.52 16.55 28.92
C GLY G 340 -12.11 15.26 29.44
N HIS G 341 -12.32 14.29 28.55
CA HIS G 341 -12.94 13.02 28.92
C HIS G 341 -11.90 11.94 29.23
N HIS G 342 -12.34 10.91 29.94
CA HIS G 342 -11.50 9.78 30.29
C HIS G 342 -11.38 8.85 29.09
N SER G 343 -10.40 7.96 29.11
CA SER G 343 -10.14 7.08 27.97
C SER G 343 -11.24 6.03 27.71
N GLN G 344 -11.98 5.64 28.75
CA GLN G 344 -13.04 4.64 28.58
C GLN G 344 -14.22 5.23 27.83
N GLU G 345 -14.35 6.56 27.89
CA GLU G 345 -15.45 7.26 27.23
C GLU G 345 -15.26 7.39 25.71
N ILE G 346 -14.03 7.20 25.23
CA ILE G 346 -13.69 7.47 23.81
C ILE G 346 -14.61 6.74 22.82
N ASP G 347 -14.65 5.42 22.89
CA ASP G 347 -15.48 4.63 21.99
C ASP G 347 -16.94 5.11 21.99
N ALA G 348 -17.51 5.31 23.18
CA ALA G 348 -18.84 5.89 23.33
C ALA G 348 -19.00 7.21 22.57
N ILE G 349 -18.08 8.15 22.77
CA ILE G 349 -18.17 9.48 22.15
C ILE G 349 -18.01 9.41 20.63
N LEU G 350 -16.93 8.79 20.17
CA LEU G 350 -16.58 8.82 18.74
C LEU G 350 -17.29 7.75 17.89
N GLY G 351 -17.58 6.60 18.50
CA GLY G 351 -18.08 5.44 17.76
C GLY G 351 -16.94 4.63 17.15
N TYR G 352 -15.72 4.93 17.58
CA TYR G 352 -14.54 4.16 17.20
C TYR G 352 -13.46 4.44 18.23
N GLU G 353 -12.33 3.77 18.10
CA GLU G 353 -11.28 3.86 19.11
C GLU G 353 -9.89 3.56 18.54
N TYR G 354 -8.88 4.27 19.04
CA TYR G 354 -7.50 4.03 18.65
C TYR G 354 -6.63 4.04 19.90
N GLY G 355 -7.01 3.24 20.89
CA GLY G 355 -6.31 3.21 22.17
C GLY G 355 -6.70 4.36 23.07
N PRO G 356 -6.17 4.37 24.32
CA PRO G 356 -6.54 5.37 25.32
C PRO G 356 -5.87 6.75 25.16
N VAL G 357 -4.78 6.78 24.39
CA VAL G 357 -3.82 7.86 24.44
C VAL G 357 -3.88 8.70 23.17
N ALA G 358 -3.84 10.03 23.31
CA ALA G 358 -3.91 10.95 22.16
C ALA G 358 -2.57 11.06 21.41
N VAL G 359 -1.47 11.14 22.14
CA VAL G 359 -0.12 11.07 21.58
C VAL G 359 0.70 10.15 22.45
N HIS G 360 1.18 9.05 21.86
CA HIS G 360 1.92 8.05 22.62
C HIS G 360 3.40 8.43 22.71
N ARG G 361 4.00 8.17 23.88
CA ARG G 361 5.37 8.63 24.21
C ARG G 361 6.45 8.00 23.32
N ASP G 362 6.11 6.90 22.67
CA ASP G 362 7.00 6.28 21.69
C ASP G 362 6.97 6.99 20.34
N ASP G 363 5.98 7.88 20.15
CA ASP G 363 5.86 8.68 18.94
C ASP G 363 6.02 10.17 19.23
N MET G 364 6.77 10.50 20.27
CA MET G 364 6.87 11.88 20.77
C MET G 364 8.32 12.26 21.01
N ILE G 365 8.64 13.53 20.76
CA ILE G 365 9.93 14.09 21.18
C ILE G 365 9.68 15.30 22.06
N THR G 366 10.24 15.22 23.26
CA THR G 366 10.11 16.26 24.29
C THR G 366 10.86 17.55 23.92
N ARG G 367 10.50 18.63 24.62
CA ARG G 367 11.07 19.97 24.44
C ARG G 367 10.40 20.69 23.30
N ASP H 3 -0.14 40.41 -28.13
CA ASP H 3 1.19 40.42 -28.82
C ASP H 3 2.20 39.50 -28.11
N SER H 4 2.54 39.83 -26.86
CA SER H 4 3.41 38.98 -26.04
C SER H 4 2.65 37.73 -25.57
N GLN H 5 3.29 36.57 -25.68
CA GLN H 5 2.65 35.30 -25.33
C GLN H 5 3.50 34.53 -24.34
N THR H 6 2.92 33.46 -23.80
CA THR H 6 3.64 32.57 -22.91
C THR H 6 3.50 31.13 -23.37
N LEU H 7 4.65 30.50 -23.55
CA LEU H 7 4.74 29.16 -24.09
C LEU H 7 5.54 28.26 -23.14
N VAL H 8 5.00 27.08 -22.86
CA VAL H 8 5.70 26.05 -22.14
C VAL H 8 6.21 25.04 -23.15
N VAL H 9 7.49 24.69 -23.07
CA VAL H 9 8.10 23.76 -24.00
C VAL H 9 8.58 22.53 -23.26
N LYS H 10 7.94 21.39 -23.53
CA LYS H 10 8.33 20.14 -22.87
C LYS H 10 9.28 19.38 -23.76
N LEU H 11 10.45 19.02 -23.24
CA LEU H 11 11.49 18.37 -24.03
C LEU H 11 11.85 17.01 -23.44
N GLY H 12 11.42 15.96 -24.10
CA GLY H 12 11.67 14.61 -23.63
C GLY H 12 13.10 14.16 -23.83
N THR H 13 13.49 13.13 -23.07
CA THR H 13 14.81 12.55 -23.14
C THR H 13 15.24 12.13 -24.55
N SER H 14 14.30 11.66 -25.38
CA SER H 14 14.63 11.26 -26.75
C SER H 14 15.01 12.45 -27.61
N VAL H 15 14.46 13.62 -27.29
CA VAL H 15 14.84 14.88 -27.94
C VAL H 15 16.21 15.32 -27.43
N LEU H 16 16.38 15.29 -26.11
CA LEU H 16 17.60 15.77 -25.48
C LEU H 16 18.84 14.93 -25.81
N THR H 17 18.62 13.68 -26.20
CA THR H 17 19.72 12.77 -26.59
C THR H 17 19.75 12.45 -28.09
N GLY H 18 18.71 12.87 -28.81
CA GLY H 18 18.54 12.44 -30.18
C GLY H 18 18.44 10.93 -30.21
N GLY H 19 17.67 10.37 -29.28
CA GLY H 19 17.44 8.93 -29.21
C GLY H 19 18.65 8.08 -28.81
N SER H 20 19.66 8.70 -28.21
CA SER H 20 20.85 7.97 -27.77
C SER H 20 20.92 7.96 -26.24
N ARG H 21 21.94 7.32 -25.69
CA ARG H 21 22.11 7.26 -24.22
C ARG H 21 22.99 8.41 -23.69
N ARG H 22 23.30 9.37 -24.58
CA ARG H 22 24.15 10.53 -24.26
C ARG H 22 23.40 11.81 -24.63
N LEU H 23 23.46 12.83 -23.77
CA LEU H 23 22.82 14.12 -24.05
C LEU H 23 23.49 14.84 -25.24
N ASN H 24 22.67 15.26 -26.21
CA ASN H 24 23.14 15.83 -27.46
C ASN H 24 23.07 17.35 -27.43
N ARG H 25 24.20 17.98 -27.10
CA ARG H 25 24.26 19.43 -26.90
C ARG H 25 24.02 20.21 -28.19
N ALA H 26 24.31 19.58 -29.33
CA ALA H 26 24.00 20.14 -30.64
C ALA H 26 22.49 20.31 -30.81
N HIS H 27 21.74 19.24 -30.53
CA HIS H 27 20.27 19.25 -30.61
C HIS H 27 19.66 20.28 -29.68
N ILE H 28 20.13 20.30 -28.44
CA ILE H 28 19.56 21.16 -27.41
C ILE H 28 19.79 22.63 -27.73
N VAL H 29 21.02 22.98 -28.08
CA VAL H 29 21.36 24.36 -28.39
C VAL H 29 20.51 24.86 -29.57
N GLU H 30 20.17 23.94 -30.47
CA GLU H 30 19.31 24.26 -31.60
C GLU H 30 17.92 24.67 -31.14
N LEU H 31 17.49 24.10 -30.01
CA LEU H 31 16.22 24.47 -29.38
C LEU H 31 16.40 25.69 -28.49
N VAL H 32 17.50 25.73 -27.74
CA VAL H 32 17.79 26.88 -26.88
C VAL H 32 17.83 28.14 -27.74
N ARG H 33 18.47 28.04 -28.89
CA ARG H 33 18.56 29.10 -29.88
C ARG H 33 17.18 29.69 -30.23
N GLN H 34 16.20 28.79 -30.44
CA GLN H 34 14.85 29.20 -30.81
C GLN H 34 14.10 29.92 -29.69
N CYS H 35 14.46 29.63 -28.43
CA CYS H 35 13.85 30.31 -27.28
C CYS H 35 14.41 31.70 -27.08
N ALA H 36 15.72 31.83 -27.29
CA ALA H 36 16.40 33.13 -27.23
C ALA H 36 15.85 34.08 -28.30
N GLN H 37 15.41 33.49 -29.42
CA GLN H 37 14.81 34.24 -30.52
C GLN H 37 13.46 34.84 -30.09
N LEU H 38 12.65 34.02 -29.41
CA LEU H 38 11.34 34.42 -28.92
C LEU H 38 11.46 35.29 -27.66
N HIS H 39 12.38 34.92 -26.77
CA HIS H 39 12.66 35.70 -25.55
C HIS H 39 13.05 37.14 -25.90
N ALA H 40 13.88 37.29 -26.92
CA ALA H 40 14.31 38.62 -27.39
C ALA H 40 13.15 39.41 -27.95
N ALA H 41 12.20 38.72 -28.58
CA ALA H 41 11.01 39.33 -29.14
C ALA H 41 9.96 39.70 -28.08
N GLY H 42 10.22 39.40 -26.81
CA GLY H 42 9.36 39.81 -25.70
C GLY H 42 8.51 38.70 -25.14
N HIS H 43 8.61 37.51 -25.72
CA HIS H 43 7.83 36.37 -25.27
C HIS H 43 8.45 35.78 -24.01
N ARG H 44 7.62 35.02 -23.30
CA ARG H 44 7.96 34.50 -22.00
C ARG H 44 7.99 32.99 -22.11
N ILE H 45 9.19 32.43 -21.95
CA ILE H 45 9.45 31.01 -22.15
C ILE H 45 9.59 30.26 -20.83
N VAL H 46 9.00 29.06 -20.78
CA VAL H 46 9.13 28.16 -19.65
C VAL H 46 9.59 26.79 -20.15
N ILE H 47 10.74 26.33 -19.68
CA ILE H 47 11.26 25.04 -20.10
C ILE H 47 10.89 23.97 -19.09
N VAL H 48 10.33 22.86 -19.58
CA VAL H 48 10.11 21.65 -18.78
C VAL H 48 10.98 20.52 -19.36
N THR H 49 12.02 20.14 -18.62
CA THR H 49 13.05 19.24 -19.15
C THR H 49 13.05 17.85 -18.51
N SER H 50 13.16 16.82 -19.34
CA SER H 50 13.37 15.45 -18.86
C SER H 50 14.86 15.17 -18.89
N GLY H 51 15.22 13.88 -18.92
CA GLY H 51 16.61 13.48 -19.14
C GLY H 51 17.52 13.62 -17.94
N ALA H 52 16.96 13.85 -16.76
CA ALA H 52 17.76 13.96 -15.54
C ALA H 52 18.48 12.64 -15.28
N ILE H 53 17.71 11.56 -15.24
CA ILE H 53 18.28 10.24 -14.95
C ILE H 53 19.27 9.82 -16.04
N ALA H 54 18.99 10.11 -17.31
CA ALA H 54 19.92 9.79 -18.38
C ALA H 54 21.24 10.54 -18.20
N ALA H 55 21.15 11.87 -18.11
CA ALA H 55 22.30 12.72 -17.80
C ALA H 55 23.12 12.19 -16.62
N GLY H 56 22.44 11.61 -15.64
CA GLY H 56 23.07 10.99 -14.49
C GLY H 56 23.92 9.77 -14.79
N ARG H 57 23.33 8.76 -15.44
CA ARG H 57 24.10 7.53 -15.75
C ARG H 57 25.08 7.72 -16.91
N GLU H 58 24.91 8.76 -17.71
CA GLU H 58 25.97 9.18 -18.62
C GLU H 58 27.15 9.60 -17.76
N HIS H 59 26.95 10.63 -16.94
CA HIS H 59 28.00 11.18 -16.11
C HIS H 59 28.66 10.15 -15.21
N LEU H 60 27.88 9.20 -14.69
CA LEU H 60 28.42 8.18 -13.78
C LEU H 60 29.06 6.99 -14.50
N GLY H 61 29.10 7.00 -15.82
CA GLY H 61 29.76 5.94 -16.58
C GLY H 61 28.97 4.64 -16.59
N TYR H 62 27.64 4.75 -16.68
CA TYR H 62 26.75 3.60 -16.85
C TYR H 62 27.00 2.51 -15.80
N PRO H 63 26.87 2.89 -14.50
CA PRO H 63 27.22 2.01 -13.40
C PRO H 63 26.23 0.89 -13.12
N GLU H 64 26.75 -0.20 -12.58
CA GLU H 64 25.99 -1.37 -12.18
C GLU H 64 25.35 -1.11 -10.83
N LEU H 65 24.07 -0.77 -10.83
CA LEU H 65 23.36 -0.44 -9.59
C LEU H 65 22.26 -1.45 -9.27
N PRO H 66 21.91 -1.59 -7.97
CA PRO H 66 20.68 -2.33 -7.65
C PRO H 66 19.44 -1.74 -8.34
N ALA H 67 18.46 -2.58 -8.64
CA ALA H 67 17.24 -2.16 -9.34
C ALA H 67 16.21 -1.62 -8.37
N THR H 68 16.56 -0.53 -7.69
CA THR H 68 15.74 0.00 -6.60
C THR H 68 15.28 1.42 -6.89
N ILE H 69 14.47 1.94 -5.98
CA ILE H 69 13.95 3.29 -6.10
C ILE H 69 15.05 4.29 -5.77
N ALA H 70 15.93 3.94 -4.83
CA ALA H 70 17.07 4.79 -4.46
C ALA H 70 18.07 4.89 -5.61
N SER H 71 18.17 3.82 -6.40
CA SER H 71 19.06 3.82 -7.56
C SER H 71 18.63 4.85 -8.61
N LYS H 72 17.33 4.94 -8.88
CA LYS H 72 16.80 5.94 -9.80
C LYS H 72 16.95 7.35 -9.24
N GLN H 73 16.75 7.49 -7.94
CA GLN H 73 16.84 8.79 -7.29
C GLN H 73 18.28 9.30 -7.21
N LEU H 74 19.26 8.41 -7.01
CA LEU H 74 20.67 8.84 -6.98
C LEU H 74 21.14 9.30 -8.36
N LEU H 75 20.69 8.61 -9.41
CA LEU H 75 21.00 9.02 -10.78
C LEU H 75 20.39 10.38 -11.11
N ALA H 76 19.19 10.62 -10.60
CA ALA H 76 18.53 11.89 -10.78
C ALA H 76 19.19 13.02 -9.98
N ALA H 77 19.77 12.70 -8.82
CA ALA H 77 20.46 13.71 -8.02
C ALA H 77 21.70 14.19 -8.75
N VAL H 78 22.49 13.23 -9.23
CA VAL H 78 23.70 13.48 -10.02
C VAL H 78 23.37 14.12 -11.37
N GLY H 79 22.33 13.59 -12.00
CA GLY H 79 21.93 14.01 -13.35
C GLY H 79 21.22 15.34 -13.41
N GLN H 80 20.42 15.66 -12.38
CA GLN H 80 19.76 16.97 -12.33
C GLN H 80 20.80 18.09 -12.31
N SER H 81 21.85 17.89 -11.51
CA SER H 81 22.97 18.84 -11.43
C SER H 81 23.63 19.03 -12.79
N ARG H 82 24.01 17.92 -13.42
CA ARG H 82 24.55 17.92 -14.79
C ARG H 82 23.67 18.69 -15.76
N LEU H 83 22.36 18.51 -15.62
CA LEU H 83 21.38 19.03 -16.57
C LEU H 83 21.22 20.55 -16.48
N ILE H 84 21.01 21.04 -15.26
CA ILE H 84 20.82 22.46 -15.02
C ILE H 84 22.10 23.24 -15.33
N GLN H 85 23.26 22.61 -15.17
CA GLN H 85 24.53 23.19 -15.61
C GLN H 85 24.49 23.45 -17.10
N LEU H 86 23.97 22.47 -17.84
CA LEU H 86 23.89 22.51 -19.29
C LEU H 86 22.96 23.63 -19.75
N TRP H 87 21.72 23.61 -19.28
CA TRP H 87 20.74 24.63 -19.65
C TRP H 87 21.22 26.02 -19.27
N GLU H 88 21.83 26.14 -18.08
CA GLU H 88 22.38 27.43 -17.63
C GLU H 88 23.44 27.98 -18.61
N GLN H 89 24.40 27.12 -18.96
CA GLN H 89 25.51 27.53 -19.83
C GLN H 89 25.07 27.82 -21.25
N LEU H 90 24.15 27.01 -21.79
CA LEU H 90 23.68 27.21 -23.17
C LEU H 90 22.85 28.48 -23.31
N PHE H 91 22.06 28.81 -22.29
CA PHE H 91 21.23 30.00 -22.34
C PHE H 91 22.04 31.27 -22.13
N SER H 92 23.13 31.18 -21.36
CA SER H 92 23.96 32.37 -21.07
C SER H 92 24.73 32.81 -22.31
N ILE H 93 25.09 31.85 -23.15
CA ILE H 93 25.59 32.18 -24.50
C ILE H 93 24.68 33.22 -25.12
N TYR H 94 23.37 33.04 -24.93
CA TYR H 94 22.35 33.94 -25.47
C TYR H 94 21.92 35.09 -24.54
N GLY H 95 22.62 35.28 -23.44
CA GLY H 95 22.34 36.39 -22.51
C GLY H 95 21.10 36.22 -21.63
N ILE H 96 20.70 34.97 -21.44
CA ILE H 96 19.47 34.65 -20.73
C ILE H 96 19.81 33.85 -19.48
N HIS H 97 19.27 34.28 -18.35
CA HIS H 97 19.44 33.56 -17.10
C HIS H 97 18.36 32.49 -16.95
N VAL H 98 18.67 31.40 -16.26
CA VAL H 98 17.69 30.38 -15.94
C VAL H 98 17.49 30.30 -14.44
N GLY H 99 16.31 29.84 -14.05
CA GLY H 99 15.99 29.55 -12.66
C GLY H 99 15.51 28.12 -12.60
N GLN H 100 15.89 27.40 -11.54
CA GLN H 100 15.59 25.99 -11.41
C GLN H 100 14.47 25.76 -10.40
N MET H 101 13.33 25.25 -10.87
CA MET H 101 12.23 24.79 -10.00
C MET H 101 12.04 23.28 -10.15
N LEU H 102 12.21 22.56 -9.04
CA LEU H 102 11.92 21.13 -8.98
C LEU H 102 10.68 20.96 -8.12
N LEU H 103 9.66 20.27 -8.61
CA LEU H 103 8.43 20.08 -7.82
C LEU H 103 7.73 18.73 -7.98
N THR H 104 6.85 18.44 -7.05
CA THR H 104 6.04 17.23 -7.06
C THR H 104 4.58 17.62 -6.87
N ARG H 105 3.71 16.62 -6.73
CA ARG H 105 2.28 16.87 -6.49
C ARG H 105 2.05 17.48 -5.10
N ALA H 106 2.93 17.15 -4.15
CA ALA H 106 2.87 17.74 -2.83
C ALA H 106 2.95 19.27 -2.91
N ASP H 107 3.75 19.80 -3.82
CA ASP H 107 3.84 21.25 -3.99
C ASP H 107 2.57 21.88 -4.55
N MET H 108 1.60 21.04 -4.94
CA MET H 108 0.28 21.51 -5.39
C MET H 108 -0.88 20.80 -4.66
N GLU H 109 -0.70 20.46 -3.38
CA GLU H 109 -1.74 19.78 -2.60
C GLU H 109 -2.63 20.76 -1.84
N ASP H 110 -2.09 21.94 -1.56
CA ASP H 110 -2.84 23.07 -1.04
C ASP H 110 -3.10 24.06 -2.15
N ARG H 111 -4.06 24.92 -1.94
CA ARG H 111 -4.22 26.12 -2.72
C ARG H 111 -3.10 27.08 -2.34
N GLU H 112 -2.71 27.07 -1.07
CA GLU H 112 -1.61 27.92 -0.57
C GLU H 112 -0.27 27.58 -1.24
N ARG H 113 0.02 26.29 -1.36
CA ARG H 113 1.27 25.85 -1.99
C ARG H 113 1.21 25.98 -3.51
N PHE H 114 0.04 25.75 -4.09
CA PHE H 114 -0.13 25.87 -5.53
C PHE H 114 0.12 27.31 -6.00
N LEU H 115 -0.50 28.26 -5.30
CA LEU H 115 -0.32 29.67 -5.63
C LEU H 115 1.10 30.14 -5.33
N ASN H 116 1.76 29.49 -4.37
CA ASN H 116 3.18 29.77 -4.08
C ASN H 116 4.07 29.42 -5.29
N ALA H 117 3.91 28.21 -5.80
CA ALA H 117 4.63 27.77 -7.00
C ALA H 117 4.40 28.70 -8.18
N ARG H 118 3.16 29.17 -8.34
CA ARG H 118 2.79 30.09 -9.40
C ARG H 118 3.51 31.43 -9.25
N ASP H 119 3.36 32.08 -8.10
CA ASP H 119 3.92 33.42 -7.89
C ASP H 119 5.41 33.48 -8.23
N THR H 120 6.12 32.39 -7.92
CA THR H 120 7.54 32.24 -8.23
C THR H 120 7.74 32.14 -9.74
N LEU H 121 7.01 31.20 -10.34
CA LEU H 121 7.06 30.99 -11.78
C LEU H 121 6.69 32.28 -12.53
N ARG H 122 5.71 33.03 -12.04
CA ARG H 122 5.38 34.33 -12.63
C ARG H 122 6.49 35.33 -12.40
N ALA H 123 6.98 35.42 -11.16
CA ALA H 123 8.03 36.40 -10.81
C ALA H 123 9.31 36.17 -11.64
N LEU H 124 9.67 34.90 -11.82
CA LEU H 124 10.80 34.58 -12.68
C LEU H 124 10.55 35.19 -14.05
N LEU H 125 9.44 34.79 -14.68
CA LEU H 125 9.08 35.29 -16.02
C LEU H 125 9.06 36.81 -16.08
N ASP H 126 8.46 37.45 -15.07
CA ASP H 126 8.41 38.91 -14.95
C ASP H 126 9.78 39.59 -15.01
N ASN H 127 10.83 38.90 -14.57
CA ASN H 127 12.19 39.43 -14.69
C ASN H 127 13.00 38.72 -15.77
N ASN H 128 12.30 38.26 -16.81
CA ASN H 128 12.92 37.69 -18.02
C ASN H 128 13.86 36.53 -17.79
N VAL H 129 13.65 35.80 -16.70
CA VAL H 129 14.41 34.59 -16.40
C VAL H 129 13.60 33.43 -16.93
N VAL H 130 14.27 32.49 -17.57
CA VAL H 130 13.61 31.31 -18.13
C VAL H 130 13.56 30.19 -17.09
N PRO H 131 12.38 29.93 -16.51
CA PRO H 131 12.32 28.81 -15.57
C PRO H 131 12.56 27.47 -16.26
N VAL H 132 13.45 26.67 -15.68
CA VAL H 132 13.70 25.32 -16.14
C VAL H 132 13.10 24.41 -15.08
N ILE H 133 11.95 23.82 -15.40
CA ILE H 133 11.15 23.04 -14.43
C ILE H 133 11.37 21.54 -14.59
N ASN H 134 11.31 20.82 -13.48
CA ASN H 134 11.41 19.36 -13.53
C ASN H 134 10.77 18.69 -12.32
N GLU H 135 10.42 17.41 -12.49
CA GLU H 135 10.05 16.54 -11.37
C GLU H 135 11.19 16.55 -10.37
N ASN H 136 10.90 16.69 -9.08
CA ASN H 136 11.92 16.52 -8.06
C ASN H 136 12.19 15.02 -7.87
N ASP H 137 12.84 14.42 -8.87
CA ASP H 137 13.11 12.97 -8.88
C ASP H 137 14.06 12.53 -7.77
N ALA H 138 14.93 13.44 -7.33
CA ALA H 138 15.92 13.13 -6.30
C ALA H 138 15.29 12.97 -4.92
N VAL H 139 14.34 13.85 -4.57
CA VAL H 139 13.70 13.81 -3.25
C VAL H 139 12.19 13.73 -3.43
N ALA H 140 11.68 12.50 -3.57
CA ALA H 140 10.24 12.26 -3.71
C ALA H 140 9.93 10.78 -3.66
N THR H 141 8.82 10.44 -3.01
CA THR H 141 8.29 9.08 -2.98
C THR H 141 7.35 8.89 -4.16
N ALA H 142 7.20 7.64 -4.60
CA ALA H 142 6.26 7.30 -5.67
C ALA H 142 4.94 8.06 -5.48
N GLU H 143 4.35 7.92 -4.28
CA GLU H 143 3.07 8.56 -3.92
C GLU H 143 2.88 10.02 -4.38
N ILE H 144 3.92 10.83 -4.23
CA ILE H 144 3.80 12.25 -4.50
C ILE H 144 4.33 12.68 -5.87
N LYS H 145 5.02 11.77 -6.56
CA LYS H 145 5.54 12.04 -7.89
C LYS H 145 4.42 12.28 -8.89
N VAL H 146 4.67 13.16 -9.86
CA VAL H 146 3.74 13.40 -10.97
C VAL H 146 3.76 12.23 -11.92
N GLY H 147 4.94 11.64 -12.10
CA GLY H 147 5.08 10.38 -12.82
C GLY H 147 5.67 10.56 -14.20
N ASP H 148 5.29 11.65 -14.86
CA ASP H 148 5.83 11.93 -16.17
C ASP H 148 5.89 13.43 -16.40
N ASN H 149 6.88 13.86 -17.18
CA ASN H 149 7.05 15.27 -17.50
C ASN H 149 6.02 15.80 -18.49
N ASP H 150 5.25 14.90 -19.12
CA ASP H 150 4.13 15.30 -19.97
C ASP H 150 2.98 15.83 -19.12
N ASN H 151 2.64 15.10 -18.07
CA ASN H 151 1.65 15.57 -17.13
C ASN H 151 2.15 16.81 -16.41
N LEU H 152 3.41 16.75 -15.98
CA LEU H 152 4.05 17.88 -15.31
C LEU H 152 3.96 19.16 -16.15
N SER H 153 4.29 19.06 -17.43
CA SER H 153 4.26 20.23 -18.32
C SER H 153 2.85 20.83 -18.39
N ALA H 154 1.84 19.97 -18.34
CA ALA H 154 0.45 20.43 -18.33
C ALA H 154 0.15 21.22 -17.05
N LEU H 155 0.64 20.72 -15.92
CA LEU H 155 0.50 21.44 -14.64
C LEU H 155 1.28 22.75 -14.68
N ALA H 156 2.53 22.68 -15.13
CA ALA H 156 3.36 23.86 -15.31
C ALA H 156 2.66 24.93 -16.14
N ALA H 157 2.05 24.50 -17.24
CA ALA H 157 1.30 25.40 -18.12
C ALA H 157 0.16 26.11 -17.38
N ILE H 158 -0.51 25.38 -16.49
CA ILE H 158 -1.54 25.97 -15.65
C ILE H 158 -0.89 27.00 -14.71
N LEU H 159 0.12 26.56 -13.94
CA LEU H 159 0.90 27.45 -13.06
C LEU H 159 1.42 28.70 -13.76
N ALA H 160 1.88 28.55 -15.00
CA ALA H 160 2.54 29.64 -15.72
C ALA H 160 1.57 30.61 -16.41
N GLY H 161 0.30 30.23 -16.48
CA GLY H 161 -0.72 30.98 -17.21
C GLY H 161 -0.44 30.96 -18.70
N ALA H 162 -0.17 29.76 -19.23
CA ALA H 162 0.35 29.59 -20.58
C ALA H 162 -0.72 29.68 -21.65
N ASP H 163 -0.36 30.33 -22.75
CA ASP H 163 -1.22 30.41 -23.94
C ASP H 163 -1.15 29.10 -24.69
N LYS H 164 0.05 28.52 -24.74
CA LYS H 164 0.24 27.28 -25.46
C LYS H 164 1.16 26.37 -24.69
N LEU H 165 1.06 25.07 -24.97
CA LEU H 165 1.99 24.06 -24.44
C LEU H 165 2.51 23.23 -25.59
N LEU H 166 3.83 23.20 -25.76
CA LEU H 166 4.44 22.46 -26.84
C LEU H 166 5.16 21.22 -26.33
N LEU H 167 4.69 20.04 -26.74
CA LEU H 167 5.26 18.74 -26.30
C LEU H 167 6.16 18.13 -27.39
N LEU H 168 7.45 18.42 -27.31
CA LEU H 168 8.40 17.99 -28.34
C LEU H 168 8.83 16.56 -28.14
N THR H 169 8.64 15.73 -29.17
CA THR H 169 8.89 14.29 -29.07
C THR H 169 9.65 13.75 -30.30
N ASP H 170 9.89 12.43 -30.32
CA ASP H 170 10.73 11.80 -31.36
C ASP H 170 10.00 11.47 -32.68
N GLN H 171 8.79 11.96 -32.85
CA GLN H 171 8.07 11.79 -34.11
C GLN H 171 7.17 12.99 -34.40
N LYS H 172 6.84 13.15 -35.68
CA LYS H 172 5.94 14.21 -36.16
C LYS H 172 4.74 14.45 -35.23
N GLY H 173 4.12 13.36 -34.75
CA GLY H 173 3.14 13.44 -33.67
C GLY H 173 1.78 12.79 -33.87
N LEU H 174 1.59 11.61 -33.28
CA LEU H 174 0.28 10.93 -33.19
C LEU H 174 -0.43 10.70 -34.53
N TYR H 175 -0.31 9.47 -35.03
CA TYR H 175 -0.94 9.07 -36.30
C TYR H 175 -2.25 8.34 -36.04
N GLU H 186 -1.56 8.55 -42.04
CA GLU H 186 -1.49 9.98 -42.27
C GLU H 186 -1.55 10.75 -40.95
N LEU H 187 -0.63 11.70 -40.78
CA LEU H 187 -0.46 12.48 -39.55
C LEU H 187 -1.68 13.33 -39.20
N ILE H 188 -2.17 13.17 -37.97
CA ILE H 188 -3.38 13.87 -37.53
C ILE H 188 -3.05 15.33 -37.21
N LYS H 189 -3.61 16.24 -38.02
CA LYS H 189 -3.31 17.67 -37.93
C LYS H 189 -4.06 18.37 -36.80
N ASP H 190 -5.32 17.98 -36.58
CA ASP H 190 -6.15 18.63 -35.57
C ASP H 190 -7.01 17.65 -34.77
N VAL H 191 -7.07 17.89 -33.46
CA VAL H 191 -7.94 17.16 -32.53
C VAL H 191 -8.77 18.18 -31.75
N TYR H 192 -10.07 17.92 -31.60
CA TYR H 192 -10.94 18.70 -30.73
C TYR H 192 -11.42 17.77 -29.65
N GLY H 193 -10.76 17.80 -28.50
CA GLY H 193 -11.11 16.94 -27.38
C GLY H 193 -10.66 15.49 -27.51
N ILE H 194 -10.13 14.97 -26.41
CA ILE H 194 -9.82 13.55 -26.26
C ILE H 194 -11.16 12.82 -25.97
N ASP H 195 -11.27 11.56 -26.36
CA ASP H 195 -12.54 10.82 -26.23
C ASP H 195 -12.34 9.38 -25.74
N MET H 214 3.28 8.55 -25.66
CA MET H 214 2.04 8.93 -26.35
C MET H 214 0.78 8.72 -25.49
N SER H 215 0.84 7.80 -24.52
CA SER H 215 -0.23 7.62 -23.54
C SER H 215 -0.34 8.84 -22.61
N THR H 216 0.77 9.23 -22.00
CA THR H 216 0.80 10.40 -21.10
C THR H 216 0.59 11.71 -21.84
N LYS H 217 1.05 11.78 -23.10
CA LYS H 217 0.87 12.98 -23.91
C LYS H 217 -0.61 13.27 -24.14
N LEU H 218 -1.42 12.21 -24.23
CA LEU H 218 -2.86 12.37 -24.35
C LEU H 218 -3.50 12.87 -23.06
N GLN H 219 -3.04 12.39 -21.92
CA GLN H 219 -3.54 12.89 -20.63
C GLN H 219 -3.16 14.36 -20.47
N ALA H 220 -1.85 14.63 -20.57
CA ALA H 220 -1.32 15.99 -20.53
C ALA H 220 -2.16 16.93 -21.38
N ALA H 221 -2.40 16.51 -22.62
CA ALA H 221 -3.23 17.25 -23.57
C ALA H 221 -4.63 17.44 -23.02
N ASP H 222 -5.21 16.34 -22.55
CA ASP H 222 -6.54 16.37 -21.94
C ASP H 222 -6.62 17.40 -20.79
N VAL H 223 -5.66 17.35 -19.88
CA VAL H 223 -5.60 18.29 -18.76
C VAL H 223 -5.45 19.73 -19.22
N ALA H 224 -4.43 19.99 -20.02
CA ALA H 224 -4.14 21.35 -20.49
C ALA H 224 -5.33 21.92 -21.27
N CYS H 225 -5.96 21.08 -22.10
CA CYS H 225 -7.07 21.52 -22.93
C CYS H 225 -8.28 21.92 -22.10
N ARG H 226 -8.60 21.13 -21.07
CA ARG H 226 -9.71 21.45 -20.17
C ARG H 226 -9.42 22.77 -19.45
N ALA H 227 -8.16 22.99 -19.08
CA ALA H 227 -7.72 24.25 -18.49
C ALA H 227 -7.69 25.44 -19.48
N GLY H 228 -8.15 25.20 -20.71
CA GLY H 228 -8.18 26.23 -21.74
C GLY H 228 -6.82 26.59 -22.30
N ILE H 229 -5.97 25.58 -22.50
CA ILE H 229 -4.63 25.80 -23.05
C ILE H 229 -4.44 24.94 -24.30
N ASP H 230 -4.11 25.59 -25.42
CA ASP H 230 -3.81 24.86 -26.66
C ASP H 230 -2.50 24.11 -26.53
N THR H 231 -2.53 22.81 -26.82
CA THR H 231 -1.35 21.97 -26.66
C THR H 231 -1.00 21.28 -27.98
N ILE H 232 0.30 21.29 -28.32
CA ILE H 232 0.80 20.81 -29.60
C ILE H 232 1.75 19.65 -29.38
N ILE H 233 1.66 18.63 -30.22
CA ILE H 233 2.66 17.56 -30.25
C ILE H 233 3.40 17.62 -31.59
N ALA H 234 4.73 17.71 -31.53
CA ALA H 234 5.60 17.89 -32.71
C ALA H 234 7.00 17.29 -32.48
N ALA H 235 7.73 17.08 -33.58
CA ALA H 235 9.10 16.56 -33.50
C ALA H 235 10.09 17.67 -33.15
N GLY H 236 10.84 17.46 -32.07
CA GLY H 236 11.82 18.43 -31.59
C GLY H 236 12.88 18.80 -32.61
N SER H 237 13.30 17.81 -33.40
CA SER H 237 14.33 18.02 -34.42
C SER H 237 13.86 18.93 -35.54
N LYS H 238 12.55 19.00 -35.77
CA LYS H 238 12.00 19.83 -36.84
C LYS H 238 12.48 21.29 -36.71
N PRO H 239 13.20 21.80 -37.72
CA PRO H 239 13.64 23.20 -37.69
C PRO H 239 12.49 24.21 -37.55
N GLY H 240 12.75 25.30 -36.82
CA GLY H 240 11.79 26.40 -36.66
C GLY H 240 10.56 26.11 -35.84
N VAL H 241 10.48 24.91 -35.26
CA VAL H 241 9.22 24.38 -34.71
C VAL H 241 8.62 25.24 -33.60
N ILE H 242 9.48 25.81 -32.75
CA ILE H 242 9.00 26.59 -31.60
C ILE H 242 8.41 27.92 -32.07
N GLY H 243 9.10 28.60 -32.98
CA GLY H 243 8.59 29.84 -33.56
C GLY H 243 7.33 29.63 -34.36
N ASP H 244 7.26 28.51 -35.08
CA ASP H 244 6.09 28.17 -35.89
C ASP H 244 4.86 27.82 -35.05
N VAL H 245 5.08 27.27 -33.86
CA VAL H 245 3.98 26.99 -32.93
C VAL H 245 3.51 28.30 -32.30
N MET H 246 4.45 29.15 -31.90
CA MET H 246 4.08 30.47 -31.41
C MET H 246 3.15 31.14 -32.41
N GLU H 247 3.56 31.17 -33.69
CA GLU H 247 2.76 31.78 -34.78
C GLU H 247 1.44 31.07 -35.09
N GLY H 248 1.28 29.84 -34.61
CA GLY H 248 0.09 29.03 -34.90
C GLY H 248 0.13 28.37 -36.28
N ILE H 249 1.32 28.25 -36.85
CA ILE H 249 1.47 27.55 -38.12
C ILE H 249 1.42 26.05 -37.86
N SER H 250 0.52 25.35 -38.55
CA SER H 250 0.41 23.91 -38.41
C SER H 250 1.80 23.29 -38.50
N VAL H 251 2.14 22.43 -37.53
CA VAL H 251 3.50 21.86 -37.46
C VAL H 251 3.56 20.41 -36.92
N GLY H 252 2.52 19.97 -36.21
CA GLY H 252 2.40 18.58 -35.73
C GLY H 252 0.93 18.23 -35.56
N THR H 253 0.56 17.71 -34.38
CA THR H 253 -0.85 17.55 -34.01
C THR H 253 -1.26 18.68 -33.07
N LEU H 254 -2.23 19.50 -33.46
CA LEU H 254 -2.75 20.53 -32.56
C LEU H 254 -4.00 20.02 -31.83
N PHE H 255 -3.93 19.95 -30.50
CA PHE H 255 -5.09 19.64 -29.65
C PHE H 255 -5.73 20.96 -29.24
N HIS H 256 -6.97 21.17 -29.65
CA HIS H 256 -7.65 22.42 -29.41
C HIS H 256 -8.12 22.52 -27.96
N ALA H 257 -7.94 23.69 -27.38
CA ALA H 257 -8.39 23.94 -26.01
C ALA H 257 -9.90 23.81 -25.94
N GLN H 258 -10.43 23.81 -24.74
CA GLN H 258 -11.86 23.60 -24.53
C GLN H 258 -12.68 24.86 -24.84
N ALA H 259 -13.82 24.66 -25.49
CA ALA H 259 -14.71 25.77 -25.84
C ALA H 259 -14.88 26.69 -24.64
N THR H 260 -15.53 26.15 -23.61
CA THR H 260 -15.64 26.83 -22.33
C THR H 260 -14.69 26.11 -21.36
N PRO H 261 -13.55 26.75 -21.01
CA PRO H 261 -12.61 26.01 -20.16
C PRO H 261 -13.10 25.79 -18.72
N LEU H 262 -12.49 24.84 -18.03
CA LEU H 262 -12.81 24.51 -16.64
C LEU H 262 -12.43 25.66 -15.67
N GLU H 263 -13.33 25.99 -14.76
CA GLU H 263 -13.14 27.11 -13.84
C GLU H 263 -11.72 27.26 -13.35
N ASN H 264 -11.15 28.45 -13.55
CA ASN H 264 -9.84 28.79 -13.00
C ASN H 264 -9.79 28.55 -11.48
N ARG H 265 -10.81 29.07 -10.80
CA ARG H 265 -11.10 28.82 -9.39
C ARG H 265 -10.60 27.46 -8.84
N LYS H 266 -10.69 26.40 -9.65
CA LYS H 266 -10.38 25.04 -9.17
C LYS H 266 -9.40 24.22 -10.04
N ARG H 267 -8.56 24.89 -10.84
CA ARG H 267 -7.59 24.20 -11.69
C ARG H 267 -6.44 23.57 -10.92
N TRP H 268 -6.11 24.15 -9.77
CA TRP H 268 -5.07 23.63 -8.88
C TRP H 268 -5.26 22.16 -8.51
N ILE H 269 -6.50 21.66 -8.61
CA ILE H 269 -6.85 20.31 -8.21
C ILE H 269 -6.19 19.23 -9.06
N PHE H 270 -5.95 19.53 -10.34
CA PHE H 270 -5.26 18.63 -11.26
C PHE H 270 -3.89 18.20 -10.72
N GLY H 271 -3.24 19.11 -10.01
CA GLY H 271 -1.93 18.84 -9.44
C GLY H 271 -1.92 18.04 -8.15
N ALA H 272 -2.97 18.16 -7.34
CA ALA H 272 -2.98 17.56 -5.99
C ALA H 272 -2.84 16.04 -6.01
N PRO H 273 -2.13 15.47 -5.01
CA PRO H 273 -2.13 14.02 -4.85
C PRO H 273 -3.25 13.58 -3.91
N PRO H 274 -4.07 12.60 -4.32
CA PRO H 274 -5.18 12.19 -3.46
C PRO H 274 -4.71 11.77 -2.08
N ALA H 275 -5.41 12.24 -1.05
CA ALA H 275 -5.07 11.88 0.34
C ALA H 275 -5.56 10.48 0.68
N GLY H 276 -6.74 10.14 0.19
CA GLY H 276 -7.36 8.83 0.43
C GLY H 276 -8.33 8.53 -0.70
N GLU H 277 -9.07 7.43 -0.57
CA GLU H 277 -9.96 6.96 -1.63
C GLU H 277 -11.37 6.74 -1.09
N ILE H 278 -12.37 7.02 -1.93
CA ILE H 278 -13.77 6.80 -1.59
C ILE H 278 -14.43 5.93 -2.66
N THR H 279 -15.10 4.85 -2.24
CA THR H 279 -15.89 4.05 -3.18
C THR H 279 -17.37 4.38 -3.01
N VAL H 280 -18.05 4.52 -4.15
CA VAL H 280 -19.31 5.23 -4.23
C VAL H 280 -20.35 4.37 -4.99
N ASP H 281 -21.63 4.68 -4.78
CA ASP H 281 -22.76 4.04 -5.49
C ASP H 281 -22.71 4.13 -7.01
N GLU H 282 -23.52 3.26 -7.63
CA GLU H 282 -23.92 3.40 -9.05
C GLU H 282 -24.72 4.69 -9.24
N GLY H 283 -25.73 4.88 -8.38
CA GLY H 283 -26.58 6.07 -8.43
C GLY H 283 -25.87 7.38 -8.14
N ALA H 284 -24.81 7.31 -7.32
CA ALA H 284 -23.97 8.47 -7.03
C ALA H 284 -22.89 8.66 -8.10
N THR H 285 -22.38 7.55 -8.64
CA THR H 285 -21.51 7.62 -9.83
C THR H 285 -22.27 8.30 -10.99
N ALA H 286 -23.53 7.95 -11.16
CA ALA H 286 -24.39 8.59 -12.17
C ALA H 286 -24.56 10.08 -11.88
N ALA H 287 -24.81 10.43 -10.62
CA ALA H 287 -25.02 11.83 -10.23
C ALA H 287 -23.78 12.72 -10.43
N ILE H 288 -22.60 12.14 -10.22
CA ILE H 288 -21.34 12.87 -10.37
C ILE H 288 -20.99 13.11 -11.83
N LEU H 289 -21.22 12.09 -12.66
CA LEU H 289 -20.79 12.13 -14.06
C LEU H 289 -21.86 12.75 -14.98
N GLU H 290 -23.06 12.18 -14.97
CA GLU H 290 -24.15 12.71 -15.80
C GLU H 290 -24.54 14.13 -15.37
N ARG H 291 -25.13 14.26 -14.18
CA ARG H 291 -25.67 15.54 -13.70
C ARG H 291 -24.70 16.36 -12.84
N GLY H 292 -23.40 16.20 -13.07
CA GLY H 292 -22.36 17.02 -12.41
C GLY H 292 -22.65 17.44 -10.99
N SER H 293 -23.13 16.50 -10.18
CA SER H 293 -23.64 16.80 -8.84
C SER H 293 -22.58 16.61 -7.73
N SER H 294 -22.95 17.05 -6.53
CA SER H 294 -22.09 16.92 -5.34
C SER H 294 -22.32 15.57 -4.65
N LEU H 295 -21.25 15.00 -4.10
CA LEU H 295 -21.30 13.67 -3.48
C LEU H 295 -21.87 13.72 -2.06
N LEU H 296 -23.07 13.17 -1.88
CA LEU H 296 -23.66 13.03 -0.56
C LEU H 296 -23.17 11.73 0.09
N PRO H 297 -23.12 11.69 1.44
CA PRO H 297 -22.67 10.49 2.14
C PRO H 297 -23.58 9.29 1.85
N LYS H 298 -24.85 9.57 1.59
CA LYS H 298 -25.81 8.60 1.04
C LYS H 298 -25.16 7.51 0.19
N GLY H 299 -24.36 7.94 -0.79
CA GLY H 299 -23.82 7.04 -1.81
C GLY H 299 -22.49 6.40 -1.49
N ILE H 300 -21.82 6.89 -0.45
CA ILE H 300 -20.51 6.36 -0.09
C ILE H 300 -20.65 4.93 0.48
N LYS H 301 -20.02 3.97 -0.22
CA LYS H 301 -19.98 2.55 0.18
C LYS H 301 -18.77 2.21 1.07
N SER H 302 -17.64 2.86 0.82
CA SER H 302 -16.46 2.74 1.67
C SER H 302 -15.49 3.91 1.52
N VAL H 303 -14.59 4.02 2.49
CA VAL H 303 -13.58 5.08 2.54
C VAL H 303 -12.24 4.47 2.95
N THR H 304 -11.17 4.92 2.30
CA THR H 304 -9.80 4.42 2.53
C THR H 304 -8.83 5.56 2.84
N GLY H 305 -8.08 5.39 3.92
CA GLY H 305 -7.01 6.32 4.29
C GLY H 305 -7.29 7.10 5.56
N ASN H 306 -6.30 7.86 5.99
CA ASN H 306 -6.48 8.78 7.08
C ASN H 306 -6.24 10.16 6.55
N PHE H 307 -7.31 10.91 6.35
CA PHE H 307 -7.21 12.25 5.78
C PHE H 307 -8.19 13.22 6.46
N SER H 308 -7.86 14.49 6.42
CA SER H 308 -8.61 15.54 7.09
C SER H 308 -9.52 16.26 6.13
N ARG H 309 -10.36 17.13 6.67
CA ARG H 309 -11.17 17.99 5.84
C ARG H 309 -10.23 19.02 5.26
N GLY H 310 -10.43 19.32 3.98
CA GLY H 310 -9.56 20.22 3.24
C GLY H 310 -8.68 19.50 2.23
N GLU H 311 -8.33 18.25 2.52
CA GLU H 311 -7.46 17.47 1.64
C GLU H 311 -8.20 16.95 0.42
N VAL H 312 -7.54 17.00 -0.72
CA VAL H 312 -8.06 16.45 -1.97
C VAL H 312 -8.06 14.92 -1.90
N ILE H 313 -9.11 14.30 -2.44
CA ILE H 313 -9.27 12.84 -2.39
C ILE H 313 -9.70 12.27 -3.73
N ARG H 314 -9.55 10.95 -3.87
CA ARG H 314 -9.99 10.23 -5.05
C ARG H 314 -11.35 9.58 -4.79
N ILE H 315 -12.13 9.46 -5.87
CA ILE H 315 -13.44 8.84 -5.82
C ILE H 315 -13.45 7.69 -6.82
N CYS H 316 -13.39 6.47 -6.30
CA CYS H 316 -13.48 5.27 -7.12
C CYS H 316 -14.94 4.84 -7.27
N ASN H 317 -15.28 4.29 -8.42
CA ASN H 317 -16.58 3.64 -8.62
C ASN H 317 -16.52 2.20 -8.08
N LEU H 318 -17.62 1.46 -8.21
CA LEU H 318 -17.68 0.10 -7.67
C LEU H 318 -16.62 -0.84 -8.26
N GLU H 319 -16.43 -0.79 -9.59
CA GLU H 319 -15.35 -1.54 -10.25
C GLU H 319 -14.00 -1.30 -9.56
N GLY H 320 -13.70 -0.04 -9.31
CA GLY H 320 -12.37 0.40 -8.87
C GLY H 320 -11.81 1.56 -9.70
N ARG H 321 -12.56 1.98 -10.73
CA ARG H 321 -12.12 3.04 -11.63
C ARG H 321 -12.26 4.43 -11.00
N ASP H 322 -11.18 5.20 -11.06
CA ASP H 322 -11.12 6.58 -10.58
C ASP H 322 -12.00 7.48 -11.46
N ILE H 323 -13.13 7.94 -10.92
CA ILE H 323 -14.08 8.78 -11.67
C ILE H 323 -13.98 10.29 -11.42
N ALA H 324 -13.39 10.67 -10.28
CA ALA H 324 -13.27 12.10 -9.93
C ALA H 324 -12.36 12.36 -8.71
N HIS H 325 -11.76 13.54 -8.68
CA HIS H 325 -10.93 14.01 -7.59
C HIS H 325 -11.52 15.29 -6.99
N GLY H 326 -11.62 15.36 -5.66
CA GLY H 326 -12.21 16.54 -5.02
C GLY H 326 -11.73 16.81 -3.61
N VAL H 327 -12.08 17.99 -3.11
CA VAL H 327 -11.76 18.41 -1.74
C VAL H 327 -12.78 17.85 -0.75
N SER H 328 -12.29 17.04 0.20
CA SER H 328 -13.14 16.40 1.21
C SER H 328 -13.59 17.38 2.31
N ARG H 329 -14.90 17.44 2.55
CA ARG H 329 -15.51 18.32 3.56
C ARG H 329 -15.38 17.79 4.99
N TYR H 330 -15.25 16.47 5.13
CA TYR H 330 -15.10 15.82 6.44
C TYR H 330 -13.79 15.07 6.49
N ASN H 331 -13.38 14.67 7.69
CA ASN H 331 -12.28 13.73 7.83
C ASN H 331 -12.72 12.30 7.48
N SER H 332 -11.73 11.45 7.25
CA SER H 332 -11.95 10.06 6.82
C SER H 332 -12.79 9.28 7.82
N ASP H 333 -12.51 9.49 9.10
CA ASP H 333 -13.22 8.79 10.17
C ASP H 333 -14.66 9.26 10.31
N ALA H 334 -14.90 10.54 10.05
CA ALA H 334 -16.26 11.07 10.07
C ALA H 334 -17.12 10.45 8.95
N LEU H 335 -16.55 10.35 7.75
CA LEU H 335 -17.24 9.78 6.58
C LEU H 335 -17.61 8.30 6.76
N ARG H 336 -16.70 7.52 7.33
CA ARG H 336 -16.99 6.12 7.69
C ARG H 336 -18.19 5.96 8.63
N ARG H 337 -18.48 7.00 9.41
CA ARG H 337 -19.62 6.97 10.31
C ARG H 337 -20.87 7.50 9.65
N ILE H 338 -20.73 8.58 8.86
CA ILE H 338 -21.90 9.14 8.19
C ILE H 338 -22.18 8.49 6.83
N ALA H 339 -21.28 7.63 6.36
CA ALA H 339 -21.49 6.92 5.09
C ALA H 339 -22.76 6.06 5.15
N GLY H 340 -23.53 6.08 4.06
CA GLY H 340 -24.79 5.36 3.97
C GLY H 340 -25.89 5.97 4.83
N HIS H 341 -25.76 7.25 5.14
CA HIS H 341 -26.76 7.98 5.93
C HIS H 341 -27.18 9.30 5.26
N HIS H 342 -28.36 9.77 5.65
CA HIS H 342 -28.98 11.00 5.10
C HIS H 342 -28.42 12.25 5.76
N SER H 343 -28.55 13.40 5.09
CA SER H 343 -27.87 14.63 5.50
C SER H 343 -28.25 15.22 6.88
N GLN H 344 -29.50 15.06 7.28
CA GLN H 344 -29.93 15.52 8.62
C GLN H 344 -29.34 14.66 9.73
N GLU H 345 -29.01 13.40 9.41
CA GLU H 345 -28.46 12.46 10.39
C GLU H 345 -27.04 12.81 10.81
N ILE H 346 -26.37 13.68 10.06
CA ILE H 346 -24.94 13.95 10.25
C ILE H 346 -24.60 14.49 11.64
N ASP H 347 -25.36 15.50 12.10
CA ASP H 347 -25.06 16.15 13.38
C ASP H 347 -25.31 15.22 14.55
N ALA H 348 -26.43 14.49 14.48
CA ALA H 348 -26.76 13.46 15.46
C ALA H 348 -25.70 12.36 15.53
N ILE H 349 -25.06 12.07 14.40
CA ILE H 349 -24.04 11.02 14.34
C ILE H 349 -22.69 11.53 14.84
N LEU H 350 -22.18 12.61 14.25
CA LEU H 350 -20.84 13.11 14.59
C LEU H 350 -20.79 14.00 15.84
N GLY H 351 -21.84 14.79 16.06
CA GLY H 351 -21.82 15.85 17.06
C GLY H 351 -21.67 17.20 16.39
N TYR H 352 -20.76 17.27 15.43
CA TYR H 352 -20.56 18.47 14.60
C TYR H 352 -21.17 18.23 13.23
N GLU H 353 -20.97 19.19 12.33
CA GLU H 353 -21.54 19.17 10.99
C GLU H 353 -20.79 20.17 10.08
N TYR H 354 -20.62 19.83 8.80
CA TYR H 354 -19.94 20.72 7.85
C TYR H 354 -20.71 20.81 6.53
N GLY H 355 -22.00 21.10 6.62
CA GLY H 355 -22.88 21.11 5.46
C GLY H 355 -23.36 19.70 5.15
N PRO H 356 -24.24 19.56 4.14
CA PRO H 356 -24.89 18.28 3.82
C PRO H 356 -24.08 17.39 2.86
N VAL H 357 -22.99 17.93 2.32
CA VAL H 357 -22.25 17.30 1.23
C VAL H 357 -20.87 16.83 1.70
N ALA H 358 -20.45 15.68 1.18
CA ALA H 358 -19.13 15.10 1.47
C ALA H 358 -18.02 15.71 0.59
N VAL H 359 -18.29 15.85 -0.71
CA VAL H 359 -17.40 16.55 -1.63
C VAL H 359 -18.25 17.49 -2.47
N HIS H 360 -18.04 18.79 -2.33
CA HIS H 360 -18.81 19.75 -3.13
C HIS H 360 -18.31 19.76 -4.56
N ARG H 361 -19.20 20.06 -5.52
CA ARG H 361 -18.86 20.04 -6.94
C ARG H 361 -17.92 21.17 -7.32
N ASP H 362 -18.07 22.32 -6.66
CA ASP H 362 -17.15 23.46 -6.84
C ASP H 362 -15.66 23.12 -6.60
N ASP H 363 -15.42 22.13 -5.74
CA ASP H 363 -14.06 21.66 -5.41
C ASP H 363 -13.82 20.24 -5.95
N MET H 364 -14.53 19.86 -7.02
CA MET H 364 -14.43 18.51 -7.60
C MET H 364 -14.07 18.62 -9.08
N ILE H 365 -13.27 17.68 -9.57
CA ILE H 365 -12.97 17.58 -11.00
C ILE H 365 -13.38 16.17 -11.44
N THR H 366 -14.10 16.10 -12.57
CA THR H 366 -14.68 14.84 -13.02
C THR H 366 -13.72 14.07 -13.96
N ARG H 367 -14.16 12.89 -14.41
CA ARG H 367 -13.33 11.94 -15.18
C ARG H 367 -12.18 11.41 -14.35
#